data_8FIS
#
_entry.id   8FIS
#
_cell.length_a   1.00
_cell.length_b   1.00
_cell.length_c   1.00
_cell.angle_alpha   90.00
_cell.angle_beta   90.00
_cell.angle_gamma   90.00
#
_symmetry.space_group_name_H-M   'P 1'
#
loop_
_entity.id
_entity.type
_entity.pdbx_description
1 polymer 'Envelope glycoprotein gp41'
2 polymer 'Envelope glycoprotein gp120'
3 polymer 'J3-VRC26.25 Light'
4 polymer 'VRC26.25 Heavy'
5 branched beta-D-mannopyranose-(1-4)-2-acetamido-2-deoxy-beta-D-glucopyranose-(1-4)-2-acetamido-2-deoxy-beta-D-glucopyranose
6 branched 2-acetamido-2-deoxy-beta-D-glucopyranose-(1-4)-2-acetamido-2-deoxy-beta-D-glucopyranose
7 branched alpha-D-mannopyranose-(1-3)-beta-D-mannopyranose-(1-4)-2-acetamido-2-deoxy-beta-D-glucopyranose-(1-4)-2-acetamido-2-deoxy-beta-D-glucopyranose
8 branched alpha-D-mannopyranose-(1-6)-beta-D-mannopyranose-(1-4)-2-acetamido-2-deoxy-beta-D-glucopyranose-(1-4)-2-acetamido-2-deoxy-beta-D-glucopyranose
9 branched alpha-D-mannopyranose-(1-3)-[alpha-D-mannopyranose-(1-6)]beta-D-mannopyranose-(1-4)-2-acetamido-2-deoxy-beta-D-glucopyranose-(1-4)-2-acetamido-2-deoxy-beta-D-glucopyranose
10 non-polymer 2-acetamido-2-deoxy-beta-D-glucopyranose
#
loop_
_entity_poly.entity_id
_entity_poly.type
_entity_poly.pdbx_seq_one_letter_code
_entity_poly.pdbx_strand_id
1 'polypeptide(L)'
;AVGIGAVFLGFLGAAGSTMGAASMTLTVQARNLLSGIVQQQSNLLRAPEAQQHLLKLTVWGIKQLQARVLAVERYLRDQQ
LLGIWGCSGKLICCTNVPWNSSWSNRNLSEIWDNMTWLQWDKEISNYTQIIYGLLEESQNQQEKNEQDLLALD
;
A,B,E
2 'polypeptide(L)'
;AENLWVTVYYGVPVWKDAETTLFCASDAKAYETEKHNVWATHACVPTDPNPQEIHLENVTEEFNMWKNNMVEQMHTDIIS
LWDQSLKPCVKLTPLCVTLQCTNVTNNITDDMRGELKNCSFNMTTELRDKKQKVYSLFYRLDVVQINENQGNRSNNSNKE
YRLINCNTSACTQACPKVSFEPIPIHYCAPAGFAILKCKDKKFNGTGPCPSVSTVQCTHGIKPVVSTQLLLNGSLAEEEV
MIRSENITNNAKNILVQFNTPVQINCTRPNNNTRKSIRIGPGQAFYATGDIIGDIRQAHCNVSKATWNETLGKVVKQLRK
HFGNNTIIRFANSSGGDLEVTTHSFNCGGEFFYCNTSGLFNSTWISNTSVQGSNSTGSNDSITLPCRIKQIINMWQRIGQ
CMYAPPIQGVIRCVSNITGLILTRDGGSTNSTTETFRPGGGDMRDNWRSELYKYKVVKIEPLGVAPTRCKRRVVGRRRRR
R
;
C,F,G
3 'polypeptide(L)'
;EVQLVESGGGLVQAGGFLELSCELRGSIFNQYAMAWFRQAPGKEREFVAGMGAVPHYGEFVKGRFTISRDNAKSTVYLQM
SSLEPEDTAIYFCARSKSTYISYNSNGYDYWGQGTQVTVSSGGSGGGGSGGGGSGGQSVLTQPPSVSAAPGQKVTISCSG
NTSNIGNNFVSWYQQRPGRAPQLLIYETDKRPSGIPDRFSASKSGTSGTLAITGLQTGDEADYYCATWAASLSSARVFGT
GTQVIVLGQPKVNPTVTLFPPSSEELQANKATLVCLISDFYPGAVTVAWKADSSPVKAGVETTTPSKQSNNKYAASSYLS
LTPEQWKSHRSYSCQVTHEGSTVEKTVAPTECS
;
J,I,L
4 'polypeptide(L)'
;QVQLVESGGGVVQPGTSLRLSCAASQFRFDGYGMHWVRQAPGKGLEWVASISHDGIKKYHAEKVWGRFTISRDNSKNTLY
LQMNSLRPEDTALYYCAKDLREDECEEWWSD(TYS)(TYS)DFGAQLPCAKSRGGLVGIADNWGQGTMVTVSSASTKGPS
VFPLAPSSKSTSGGTAALGCLVKDYFPEPVTVSWNSGALTSGVHTFPAVLQSSGLYSLSSVVTVPSSSLGTQTYICNVNH
KPSNTKVDKKVEPKS
;
H
#
loop_
_chem_comp.id
_chem_comp.type
_chem_comp.name
_chem_comp.formula
BMA D-saccharide, beta linking beta-D-mannopyranose 'C6 H12 O6'
MAN D-saccharide, alpha linking alpha-D-mannopyranose 'C6 H12 O6'
NAG D-saccharide, beta linking 2-acetamido-2-deoxy-beta-D-glucopyranose 'C8 H15 N O6'
#
# COMPACT_ATOMS: atom_id res chain seq x y z
N LEU A 9 -36.37 -28.26 12.18
CA LEU A 9 -37.15 -28.03 10.96
C LEU A 9 -36.34 -27.24 9.93
N GLY A 10 -35.45 -26.38 10.41
CA GLY A 10 -34.64 -25.54 9.57
C GLY A 10 -33.23 -26.07 9.38
N PHE A 11 -32.31 -25.16 9.08
CA PHE A 11 -30.92 -25.53 8.86
C PHE A 11 -30.33 -26.13 10.14
N LEU A 12 -29.88 -27.38 10.05
CA LEU A 12 -29.32 -28.14 11.16
C LEU A 12 -30.31 -28.34 12.30
N GLY A 13 -31.60 -28.13 12.05
CA GLY A 13 -32.58 -28.26 13.13
C GLY A 13 -32.63 -29.66 13.70
N ALA A 14 -32.44 -30.66 12.84
CA ALA A 14 -32.42 -32.06 13.25
C ALA A 14 -31.04 -32.51 13.71
N ALA A 15 -30.18 -31.58 14.11
CA ALA A 15 -28.83 -31.94 14.53
C ALA A 15 -28.87 -32.81 15.79
N GLY A 16 -29.72 -32.46 16.76
CA GLY A 16 -29.81 -33.21 17.99
C GLY A 16 -30.67 -34.45 17.94
N SER A 17 -31.38 -34.67 16.83
CA SER A 17 -32.24 -35.82 16.68
C SER A 17 -31.46 -37.02 16.15
N THR A 18 -32.08 -38.19 16.24
CA THR A 18 -31.42 -39.42 15.84
C THR A 18 -31.19 -39.45 14.33
N MET A 19 -30.45 -40.47 13.88
CA MET A 19 -30.13 -40.59 12.47
C MET A 19 -31.40 -40.73 11.63
N GLY A 20 -32.35 -41.55 12.09
CA GLY A 20 -33.55 -41.78 11.31
C GLY A 20 -34.33 -40.50 11.03
N ALA A 21 -34.38 -39.60 12.01
CA ALA A 21 -35.00 -38.30 11.80
C ALA A 21 -34.12 -37.37 10.99
N ALA A 22 -32.80 -37.47 11.18
CA ALA A 22 -31.89 -36.61 10.43
C ALA A 22 -31.97 -36.88 8.94
N SER A 23 -32.06 -38.16 8.56
CA SER A 23 -32.13 -38.51 7.14
C SER A 23 -33.42 -38.03 6.49
N MET A 24 -34.46 -37.73 7.27
CA MET A 24 -35.70 -37.22 6.69
C MET A 24 -35.47 -35.87 6.02
N THR A 25 -34.68 -35.01 6.65
CA THR A 25 -34.38 -33.67 6.14
C THR A 25 -32.89 -33.62 5.82
N LEU A 26 -32.55 -34.00 4.59
CA LEU A 26 -31.18 -33.88 4.10
C LEU A 26 -31.02 -32.77 3.08
N THR A 27 -32.09 -32.37 2.41
CA THR A 27 -32.01 -31.29 1.44
C THR A 27 -31.90 -29.92 2.12
N VAL A 28 -32.36 -29.80 3.36
CA VAL A 28 -32.29 -28.52 4.06
C VAL A 28 -30.83 -28.11 4.25
N GLN A 29 -29.95 -29.08 4.54
CA GLN A 29 -28.53 -28.78 4.64
C GLN A 29 -27.87 -28.66 3.28
N ALA A 30 -28.34 -29.42 2.29
CA ALA A 30 -27.73 -29.39 0.97
C ALA A 30 -27.87 -28.02 0.34
N ARG A 31 -29.03 -27.39 0.50
CA ARG A 31 -29.25 -26.07 -0.11
C ARG A 31 -28.29 -25.04 0.46
N ASN A 32 -28.06 -25.06 1.77
CA ASN A 32 -27.29 -24.03 2.45
C ASN A 32 -25.79 -24.33 2.48
N LEU A 33 -25.29 -25.15 1.55
CA LEU A 33 -23.87 -25.41 1.41
C LEU A 33 -23.23 -24.58 0.30
N LEU A 34 -24.02 -23.81 -0.44
CA LEU A 34 -23.52 -23.08 -1.61
C LEU A 34 -23.92 -21.61 -1.55
N SER A 35 -25.06 -21.32 -0.92
CA SER A 35 -25.58 -19.96 -0.84
C SER A 35 -24.56 -19.01 -0.22
N LEU A 57 -10.52 -3.34 -3.41
CA LEU A 57 -10.44 -1.92 -3.16
C LEU A 57 -10.72 -1.59 -1.70
N THR A 58 -11.48 -2.47 -1.03
CA THR A 58 -11.79 -2.34 0.38
C THR A 58 -11.54 -3.67 1.06
N VAL A 59 -11.37 -3.62 2.38
CA VAL A 59 -10.96 -4.78 3.16
C VAL A 59 -12.14 -5.57 3.71
N TRP A 60 -13.38 -5.15 3.44
CA TRP A 60 -14.56 -5.94 3.77
C TRP A 60 -15.03 -6.79 2.61
N GLY A 61 -15.05 -6.22 1.40
CA GLY A 61 -15.48 -7.01 0.24
C GLY A 61 -14.51 -8.13 -0.09
N ILE A 62 -13.21 -7.85 -0.06
CA ILE A 62 -12.22 -8.87 -0.39
C ILE A 62 -12.31 -10.02 0.60
N LYS A 63 -12.67 -9.74 1.85
CA LYS A 63 -12.93 -10.82 2.79
C LYS A 63 -14.08 -11.69 2.33
N GLN A 64 -15.04 -11.11 1.58
CA GLN A 64 -16.13 -11.89 1.03
C GLN A 64 -15.67 -12.69 -0.19
N LEU A 65 -14.75 -12.14 -0.99
CA LEU A 65 -14.30 -12.84 -2.19
C LEU A 65 -13.62 -14.16 -1.81
N GLN A 66 -12.77 -14.14 -0.79
CA GLN A 66 -12.16 -15.37 -0.32
C GLN A 66 -13.23 -16.35 0.17
N ALA A 67 -14.25 -15.82 0.84
CA ALA A 67 -15.35 -16.67 1.31
C ALA A 67 -16.14 -17.26 0.15
N ARG A 68 -16.36 -16.48 -0.92
CA ARG A 68 -17.17 -16.96 -2.03
C ARG A 68 -16.43 -17.98 -2.88
N VAL A 69 -15.11 -17.81 -3.04
CA VAL A 69 -14.33 -18.82 -3.77
C VAL A 69 -14.23 -20.10 -2.96
N LEU A 70 -14.10 -19.98 -1.63
CA LEU A 70 -13.97 -21.17 -0.80
C LEU A 70 -15.23 -22.02 -0.84
N ALA A 71 -16.41 -21.39 -0.87
CA ALA A 71 -17.65 -22.14 -0.82
C ALA A 71 -17.77 -23.10 -1.99
N VAL A 72 -17.46 -22.63 -3.20
CA VAL A 72 -17.53 -23.49 -4.37
C VAL A 72 -16.44 -24.55 -4.32
N GLU A 73 -15.25 -24.19 -3.82
CA GLU A 73 -14.16 -25.16 -3.78
C GLU A 73 -14.49 -26.33 -2.85
N ARG A 74 -15.05 -26.04 -1.67
CA ARG A 74 -15.45 -27.10 -0.77
C ARG A 74 -16.61 -27.90 -1.36
N TYR A 75 -17.58 -27.22 -1.96
CA TYR A 75 -18.73 -27.92 -2.52
C TYR A 75 -18.33 -28.84 -3.65
N LEU A 76 -17.41 -28.41 -4.51
CA LEU A 76 -17.02 -29.21 -5.66
C LEU A 76 -16.14 -30.39 -5.24
N ARG A 77 -15.36 -30.25 -4.17
CA ARG A 77 -14.57 -31.38 -3.69
C ARG A 77 -15.48 -32.51 -3.23
N ASP A 78 -16.56 -32.19 -2.53
CA ASP A 78 -17.49 -33.21 -2.08
C ASP A 78 -18.21 -33.86 -3.26
N GLN A 79 -18.64 -33.06 -4.23
CA GLN A 79 -19.37 -33.61 -5.37
C GLN A 79 -18.48 -34.50 -6.22
N GLN A 80 -17.23 -34.10 -6.43
CA GLN A 80 -16.29 -34.94 -7.18
C GLN A 80 -16.09 -36.27 -6.47
N LEU A 81 -15.99 -36.24 -5.15
CA LEU A 81 -15.83 -37.47 -4.39
C LEU A 81 -17.04 -38.39 -4.56
N LEU A 82 -18.25 -37.82 -4.57
CA LEU A 82 -19.44 -38.62 -4.82
C LEU A 82 -19.41 -39.24 -6.21
N GLY A 83 -19.00 -38.45 -7.21
CA GLY A 83 -19.06 -38.94 -8.59
C GLY A 83 -18.22 -40.17 -8.82
N ILE A 84 -16.99 -40.19 -8.29
CA ILE A 84 -16.14 -41.35 -8.45
C ILE A 84 -16.67 -42.57 -7.72
N TRP A 85 -17.58 -42.38 -6.77
CA TRP A 85 -18.35 -43.48 -6.19
C TRP A 85 -19.56 -43.74 -7.11
N GLY A 86 -20.45 -44.62 -6.68
CA GLY A 86 -21.55 -45.01 -7.55
C GLY A 86 -22.78 -44.13 -7.44
N CYS A 87 -22.57 -42.82 -7.28
CA CYS A 87 -23.67 -41.90 -7.07
C CYS A 87 -23.26 -40.45 -7.25
N SER A 88 -23.99 -39.72 -8.10
CA SER A 88 -23.65 -38.35 -8.45
C SER A 88 -24.52 -37.33 -7.73
N GLY A 89 -25.84 -37.46 -7.82
CA GLY A 89 -26.75 -36.54 -7.17
C GLY A 89 -27.90 -37.25 -6.48
N LYS A 90 -27.61 -38.42 -5.91
CA LYS A 90 -28.66 -39.25 -5.34
C LYS A 90 -29.19 -38.68 -4.02
N LEU A 91 -28.29 -38.24 -3.13
CA LEU A 91 -28.54 -37.82 -1.76
C LEU A 91 -28.75 -39.02 -0.83
N ILE A 92 -28.92 -40.23 -1.35
CA ILE A 92 -28.76 -41.48 -0.61
C ILE A 92 -28.10 -42.46 -1.56
N CYS A 93 -27.12 -43.20 -1.06
CA CYS A 93 -26.24 -43.94 -1.96
C CYS A 93 -25.63 -45.10 -1.17
N CYS A 94 -26.08 -46.32 -1.46
CA CYS A 94 -25.50 -47.51 -0.86
C CYS A 94 -24.71 -48.29 -1.88
N THR A 95 -23.68 -48.98 -1.39
CA THR A 95 -22.64 -49.58 -2.20
C THR A 95 -22.64 -51.09 -1.99
N ASN A 96 -21.88 -51.80 -2.84
CA ASN A 96 -21.74 -53.24 -2.74
C ASN A 96 -20.43 -53.65 -2.06
N VAL A 97 -19.84 -52.76 -1.28
CA VAL A 97 -18.70 -53.09 -0.43
C VAL A 97 -19.24 -53.52 0.93
N PRO A 98 -18.82 -54.67 1.48
CA PRO A 98 -19.43 -55.14 2.72
C PRO A 98 -18.92 -54.36 3.93
N TRP A 99 -19.85 -54.04 4.84
CA TRP A 99 -19.49 -53.30 6.04
C TRP A 99 -18.69 -54.20 6.98
N ASN A 100 -17.50 -53.76 7.34
CA ASN A 100 -16.69 -54.49 8.30
C ASN A 100 -17.26 -54.28 9.70
N SER A 101 -17.64 -55.38 10.37
CA SER A 101 -18.25 -55.27 11.68
C SER A 101 -17.35 -54.56 12.67
N SER A 102 -16.03 -54.69 12.51
CA SER A 102 -15.09 -54.13 13.48
C SER A 102 -15.26 -52.62 13.61
N TRP A 103 -15.75 -51.96 12.57
CA TRP A 103 -15.88 -50.50 12.62
C TRP A 103 -16.88 -50.06 13.68
N SER A 104 -18.04 -50.72 13.75
CA SER A 104 -19.12 -50.31 14.63
C SER A 104 -19.41 -51.31 15.74
N ASN A 105 -19.67 -52.58 15.38
CA ASN A 105 -19.94 -53.64 16.37
C ASN A 105 -21.14 -53.30 17.24
N ARG A 106 -22.30 -53.14 16.62
CA ARG A 106 -23.52 -52.89 17.38
C ARG A 106 -24.73 -53.06 16.45
N ASN A 107 -25.92 -52.95 17.05
CA ASN A 107 -27.16 -53.27 16.36
C ASN A 107 -27.61 -52.13 15.46
N LEU A 108 -28.15 -52.50 14.29
CA LEU A 108 -28.71 -51.52 13.38
C LEU A 108 -29.91 -50.82 14.01
N SER A 109 -30.76 -51.57 14.71
CA SER A 109 -32.04 -51.05 15.17
C SER A 109 -31.89 -49.95 16.22
N GLU A 110 -30.71 -49.82 16.84
CA GLU A 110 -30.52 -48.82 17.89
C GLU A 110 -29.72 -47.61 17.43
N ILE A 111 -28.81 -47.78 16.45
CA ILE A 111 -28.06 -46.63 15.96
C ILE A 111 -28.95 -45.70 15.16
N TRP A 112 -29.97 -46.24 14.47
CA TRP A 112 -30.88 -45.43 13.68
C TRP A 112 -32.07 -44.90 14.47
N ASP A 113 -32.29 -45.40 15.70
CA ASP A 113 -33.38 -44.94 16.54
C ASP A 113 -32.94 -44.27 17.83
N ASN A 114 -31.65 -44.31 18.18
CA ASN A 114 -31.18 -43.72 19.42
C ASN A 114 -29.89 -42.92 19.29
N MET A 115 -29.16 -43.00 18.19
CA MET A 115 -27.90 -42.30 18.02
C MET A 115 -28.07 -41.17 17.01
N THR A 116 -27.31 -40.09 17.22
CA THR A 116 -27.28 -38.95 16.31
C THR A 116 -25.99 -38.98 15.49
N TRP A 117 -26.01 -38.22 14.40
CA TRP A 117 -24.87 -38.24 13.48
C TRP A 117 -23.61 -37.69 14.12
N LEU A 118 -23.75 -36.67 14.98
CA LEU A 118 -22.57 -36.09 15.62
C LEU A 118 -21.84 -37.13 16.47
N GLN A 119 -22.58 -37.96 17.21
CA GLN A 119 -21.95 -39.02 17.97
C GLN A 119 -21.27 -40.02 17.05
N TRP A 120 -21.91 -40.35 15.94
CA TRP A 120 -21.40 -41.39 15.06
C TRP A 120 -20.07 -40.99 14.43
N ASP A 121 -19.87 -39.71 14.12
CA ASP A 121 -18.65 -39.29 13.45
C ASP A 121 -17.43 -39.57 14.30
N LYS A 122 -17.51 -39.32 15.61
CA LYS A 122 -16.35 -39.49 16.48
C LYS A 122 -15.88 -40.94 16.50
N GLU A 123 -16.83 -41.88 16.52
CA GLU A 123 -16.45 -43.29 16.61
C GLU A 123 -15.84 -43.77 15.30
N ILE A 124 -16.44 -43.40 14.17
CA ILE A 124 -16.00 -43.89 12.87
C ILE A 124 -14.92 -43.02 12.24
N SER A 125 -14.50 -41.94 12.91
CA SER A 125 -13.50 -41.06 12.32
C SER A 125 -12.20 -41.82 12.04
N ASN A 126 -11.76 -42.65 12.98
CA ASN A 126 -10.54 -43.43 12.78
C ASN A 126 -10.71 -44.40 11.61
N TYR A 127 -11.89 -45.00 11.48
CA TYR A 127 -12.18 -45.92 10.39
C TYR A 127 -12.79 -45.17 9.21
N THR A 128 -12.05 -44.16 8.75
CA THR A 128 -12.45 -43.36 7.60
C THR A 128 -11.18 -42.95 6.85
N GLN A 129 -11.36 -42.65 5.57
CA GLN A 129 -10.32 -42.42 4.57
C GLN A 129 -9.73 -43.75 4.10
N ILE A 130 -10.12 -44.88 4.68
CA ILE A 130 -9.77 -46.20 4.17
C ILE A 130 -11.04 -46.75 3.53
N ILE A 131 -12.19 -46.42 4.12
CA ILE A 131 -13.46 -46.74 3.49
C ILE A 131 -13.59 -46.02 2.17
N TYR A 132 -13.09 -44.78 2.09
CA TYR A 132 -13.19 -44.02 0.85
C TYR A 132 -12.46 -44.73 -0.28
N GLY A 133 -11.29 -45.31 0.01
CA GLY A 133 -10.59 -46.08 -1.01
C GLY A 133 -11.38 -47.30 -1.45
N LEU A 134 -12.09 -47.93 -0.52
CA LEU A 134 -12.94 -49.06 -0.89
C LEU A 134 -14.05 -48.62 -1.84
N LEU A 135 -14.60 -47.44 -1.61
CA LEU A 135 -15.63 -46.92 -2.51
C LEU A 135 -15.05 -46.52 -3.85
N GLU A 136 -13.82 -46.01 -3.87
CA GLU A 136 -13.20 -45.62 -5.13
C GLU A 136 -12.99 -46.81 -6.04
N GLU A 137 -12.51 -47.94 -5.50
CA GLU A 137 -12.21 -49.09 -6.33
C GLU A 137 -13.47 -49.77 -6.84
N SER A 138 -14.52 -49.83 -6.02
CA SER A 138 -15.72 -50.57 -6.39
C SER A 138 -16.39 -49.97 -7.62
N GLN A 139 -16.30 -48.65 -7.79
CA GLN A 139 -16.97 -48.01 -8.92
C GLN A 139 -16.22 -48.23 -10.22
N ASN A 140 -14.89 -48.20 -10.17
CA ASN A 140 -14.11 -48.36 -11.39
C ASN A 140 -14.34 -49.72 -12.03
N GLN A 141 -14.36 -50.78 -11.21
CA GLN A 141 -14.58 -52.12 -11.76
C GLN A 141 -15.96 -52.23 -12.39
N GLN A 142 -16.98 -51.63 -11.79
CA GLN A 142 -18.30 -51.62 -12.42
C GLN A 142 -18.26 -50.95 -13.78
N GLU A 143 -17.53 -49.83 -13.88
CA GLU A 143 -17.44 -49.13 -15.17
C GLU A 143 -16.83 -50.01 -16.23
N LYS A 144 -15.82 -50.80 -15.87
CA LYS A 144 -15.23 -51.72 -16.83
C LYS A 144 -16.14 -52.92 -17.09
N ASN A 145 -16.78 -53.44 -16.04
CA ASN A 145 -17.70 -54.55 -16.23
C ASN A 145 -18.85 -54.15 -17.15
N GLU A 146 -19.37 -52.93 -16.97
CA GLU A 146 -20.37 -52.41 -17.90
C GLU A 146 -19.78 -52.27 -19.30
N GLN A 147 -18.54 -51.79 -19.39
CA GLN A 147 -17.85 -51.76 -20.67
C GLN A 147 -17.71 -53.17 -21.23
N ASP A 148 -17.40 -54.14 -20.38
CA ASP A 148 -17.27 -55.52 -20.83
C ASP A 148 -18.64 -56.13 -21.17
N LEU A 149 -19.65 -55.87 -20.34
CA LEU A 149 -20.95 -56.50 -20.53
C LEU A 149 -21.59 -56.07 -21.85
N LEU A 150 -21.46 -54.79 -22.19
CA LEU A 150 -22.07 -54.27 -23.41
C LEU A 150 -21.29 -54.61 -24.66
N ALA A 151 -20.17 -55.33 -24.55
CA ALA A 151 -19.37 -55.72 -25.69
C ALA A 151 -19.65 -57.13 -26.18
N LEU A 152 -20.14 -58.02 -25.31
CA LEU A 152 -20.35 -59.41 -25.67
C LEU A 152 -21.70 -59.67 -26.33
N ASP A 153 -22.55 -58.66 -26.45
CA ASP A 153 -23.86 -58.83 -27.08
C ASP A 153 -23.71 -59.21 -28.54
N LEU B 9 3.17 -45.17 -9.35
CA LEU B 9 2.18 -44.58 -10.24
C LEU B 9 1.14 -43.80 -9.44
N GLY B 10 1.41 -42.51 -9.23
CA GLY B 10 0.58 -41.67 -8.40
C GLY B 10 -0.20 -40.62 -9.18
N PHE B 11 0.34 -40.20 -10.33
CA PHE B 11 -0.34 -39.24 -11.18
C PHE B 11 0.36 -39.18 -12.53
N LEU B 12 -0.40 -39.39 -13.62
CA LEU B 12 0.12 -39.44 -14.98
C LEU B 12 1.13 -40.57 -15.18
N GLY B 13 1.27 -41.48 -14.22
CA GLY B 13 2.26 -42.53 -14.32
C GLY B 13 2.01 -43.51 -15.45
N ALA B 14 0.77 -43.62 -15.90
CA ALA B 14 0.41 -44.52 -16.99
C ALA B 14 0.52 -43.85 -18.35
N ALA B 15 1.19 -42.70 -18.44
CA ALA B 15 1.29 -42.01 -19.73
C ALA B 15 2.00 -42.86 -20.77
N GLY B 16 3.09 -43.52 -20.37
CA GLY B 16 3.81 -44.38 -21.29
C GLY B 16 3.25 -45.77 -21.44
N SER B 17 2.41 -46.20 -20.51
CA SER B 17 1.76 -47.49 -20.64
C SER B 17 0.66 -47.41 -21.70
N THR B 18 0.17 -48.57 -22.09
CA THR B 18 -0.75 -48.65 -23.22
C THR B 18 -2.11 -48.04 -22.87
N MET B 19 -2.83 -47.62 -23.91
CA MET B 19 -4.17 -47.06 -23.72
C MET B 19 -5.05 -48.01 -22.91
N GLY B 20 -4.97 -49.31 -23.19
CA GLY B 20 -5.69 -50.27 -22.37
C GLY B 20 -5.22 -50.28 -20.93
N ALA B 21 -3.90 -50.30 -20.74
CA ALA B 21 -3.36 -50.28 -19.38
C ALA B 21 -3.68 -48.96 -18.68
N ALA B 22 -3.55 -47.84 -19.39
CA ALA B 22 -3.79 -46.54 -18.78
C ALA B 22 -5.26 -46.39 -18.39
N SER B 23 -6.17 -46.88 -19.23
CA SER B 23 -7.60 -46.75 -18.96
C SER B 23 -8.05 -47.56 -17.75
N MET B 24 -7.21 -48.46 -17.22
CA MET B 24 -7.63 -49.25 -16.06
C MET B 24 -7.61 -48.41 -14.79
N THR B 25 -6.75 -47.39 -14.73
CA THR B 25 -6.65 -46.51 -13.57
C THR B 25 -6.84 -45.07 -14.03
N LEU B 26 -8.10 -44.64 -14.10
CA LEU B 26 -8.43 -43.28 -14.48
C LEU B 26 -8.74 -42.39 -13.29
N THR B 27 -9.28 -42.94 -12.21
CA THR B 27 -9.65 -42.13 -11.05
C THR B 27 -8.44 -41.44 -10.44
N VAL B 28 -7.24 -41.98 -10.64
CA VAL B 28 -6.03 -41.30 -10.18
C VAL B 28 -5.88 -39.96 -10.88
N GLN B 29 -6.14 -39.91 -12.18
CA GLN B 29 -6.08 -38.64 -12.90
C GLN B 29 -7.24 -37.74 -12.54
N ALA B 30 -8.42 -38.31 -12.29
CA ALA B 30 -9.59 -37.49 -11.99
C ALA B 30 -9.42 -36.71 -10.69
N ARG B 31 -8.87 -37.35 -9.67
CA ARG B 31 -8.81 -36.71 -8.35
C ARG B 31 -7.91 -35.48 -8.37
N ASN B 32 -6.77 -35.56 -9.06
CA ASN B 32 -5.83 -34.44 -9.10
C ASN B 32 -6.24 -33.45 -10.20
N LEU B 33 -7.44 -32.89 -10.03
CA LEU B 33 -7.95 -31.86 -10.93
C LEU B 33 -8.63 -30.71 -10.19
N LEU B 34 -8.74 -30.76 -8.87
CA LEU B 34 -9.30 -29.66 -8.08
C LEU B 34 -8.46 -29.30 -6.86
N SER B 35 -7.51 -30.14 -6.45
CA SER B 35 -6.68 -29.85 -5.29
C SER B 35 -5.88 -28.56 -5.50
N LYS B 56 -2.18 -6.96 4.25
CA LYS B 56 -1.71 -6.31 3.04
C LYS B 56 -1.67 -7.30 1.88
N LEU B 57 -2.00 -6.83 0.68
CA LEU B 57 -1.98 -7.67 -0.51
C LEU B 57 -0.55 -7.87 -0.98
N THR B 58 -0.15 -9.13 -1.13
CA THR B 58 1.20 -9.51 -1.54
C THR B 58 1.15 -10.17 -2.90
N VAL B 59 2.32 -10.21 -3.56
CA VAL B 59 2.39 -10.70 -4.93
C VAL B 59 1.84 -12.12 -5.02
N TRP B 60 2.24 -12.98 -4.08
CA TRP B 60 1.73 -14.35 -4.06
C TRP B 60 0.25 -14.41 -3.73
N GLY B 61 -0.34 -13.33 -3.21
CA GLY B 61 -1.75 -13.36 -2.90
C GLY B 61 -2.63 -13.46 -4.14
N ILE B 62 -2.32 -12.66 -5.16
CA ILE B 62 -3.12 -12.72 -6.39
C ILE B 62 -2.80 -14.00 -7.15
N LYS B 63 -1.53 -14.39 -7.21
CA LYS B 63 -1.15 -15.58 -7.96
C LYS B 63 -1.81 -16.83 -7.39
N GLN B 64 -2.04 -16.86 -6.08
CA GLN B 64 -2.74 -18.00 -5.48
C GLN B 64 -4.21 -18.01 -5.89
N LEU B 65 -4.87 -16.87 -5.78
CA LEU B 65 -6.30 -16.80 -6.10
C LEU B 65 -6.54 -17.07 -7.58
N GLN B 66 -5.70 -16.52 -8.46
CA GLN B 66 -5.86 -16.77 -9.88
C GLN B 66 -5.68 -18.25 -10.20
N ALA B 67 -4.87 -18.95 -9.40
CA ALA B 67 -4.74 -20.39 -9.55
C ALA B 67 -6.02 -21.11 -9.14
N ARG B 68 -6.57 -20.74 -7.98
CA ARG B 68 -7.74 -21.46 -7.46
C ARG B 68 -8.95 -21.28 -8.38
N VAL B 69 -9.17 -20.05 -8.87
CA VAL B 69 -10.32 -19.81 -9.74
C VAL B 69 -10.14 -20.53 -11.07
N LEU B 70 -8.91 -20.54 -11.60
CA LEU B 70 -8.68 -21.15 -12.89
C LEU B 70 -8.97 -22.64 -12.87
N ALA B 71 -8.61 -23.32 -11.78
CA ALA B 71 -8.86 -24.75 -11.69
C ALA B 71 -10.36 -25.06 -11.72
N VAL B 72 -11.16 -24.22 -11.05
CA VAL B 72 -12.59 -24.46 -10.99
C VAL B 72 -13.21 -24.34 -12.37
N GLU B 73 -12.81 -23.32 -13.14
CA GLU B 73 -13.38 -23.12 -14.47
C GLU B 73 -13.05 -24.29 -15.39
N ARG B 74 -11.80 -24.75 -15.38
CA ARG B 74 -11.42 -25.84 -16.27
C ARG B 74 -12.09 -27.15 -15.88
N TYR B 75 -12.25 -27.39 -14.57
CA TYR B 75 -12.92 -28.61 -14.14
C TYR B 75 -14.39 -28.61 -14.53
N LEU B 76 -15.07 -27.47 -14.38
CA LEU B 76 -16.51 -27.42 -14.64
C LEU B 76 -16.84 -27.43 -16.12
N ARG B 77 -15.90 -27.05 -16.99
CA ARG B 77 -16.16 -27.12 -18.42
C ARG B 77 -16.12 -28.55 -18.92
N ASP B 78 -15.24 -29.39 -18.35
CA ASP B 78 -15.20 -30.79 -18.73
C ASP B 78 -16.43 -31.54 -18.23
N GLN B 79 -16.88 -31.23 -17.01
CA GLN B 79 -18.10 -31.85 -16.50
C GLN B 79 -19.31 -31.42 -17.32
N GLN B 80 -19.39 -30.13 -17.65
CA GLN B 80 -20.51 -29.64 -18.46
C GLN B 80 -20.49 -30.30 -19.84
N LEU B 81 -19.31 -30.41 -20.45
CA LEU B 81 -19.20 -31.03 -21.75
C LEU B 81 -19.59 -32.50 -21.71
N LEU B 82 -19.21 -33.20 -20.64
CA LEU B 82 -19.69 -34.57 -20.45
C LEU B 82 -21.20 -34.60 -20.21
N GLY B 83 -21.71 -33.62 -19.47
CA GLY B 83 -23.13 -33.63 -19.16
C GLY B 83 -24.01 -33.50 -20.38
N ILE B 84 -23.61 -32.65 -21.34
CA ILE B 84 -24.39 -32.49 -22.56
C ILE B 84 -24.29 -33.69 -23.49
N TRP B 85 -23.38 -34.62 -23.20
CA TRP B 85 -23.41 -35.96 -23.76
C TRP B 85 -24.15 -36.86 -22.77
N GLY B 86 -24.39 -38.10 -23.18
CA GLY B 86 -25.24 -38.97 -22.38
C GLY B 86 -24.56 -39.60 -21.18
N CYS B 87 -23.68 -38.85 -20.52
CA CYS B 87 -22.89 -39.41 -19.44
C CYS B 87 -22.26 -38.30 -18.59
N SER B 88 -22.63 -38.23 -17.31
CA SER B 88 -22.25 -37.12 -16.45
C SER B 88 -21.10 -37.47 -15.51
N GLY B 89 -21.23 -38.57 -14.76
CA GLY B 89 -20.20 -39.01 -13.84
C GLY B 89 -19.86 -40.46 -14.08
N LYS B 90 -19.87 -40.86 -15.36
CA LYS B 90 -19.69 -42.27 -15.69
C LYS B 90 -18.22 -42.66 -15.77
N LEU B 91 -17.38 -41.78 -16.35
CA LEU B 91 -15.92 -41.96 -16.43
C LEU B 91 -15.50 -43.00 -17.45
N ILE B 92 -16.44 -43.80 -17.97
CA ILE B 92 -16.27 -44.60 -19.17
C ILE B 92 -17.65 -44.62 -19.82
N CYS B 93 -17.73 -44.16 -21.05
CA CYS B 93 -18.98 -43.60 -21.57
C CYS B 93 -19.16 -44.00 -23.03
N CYS B 94 -20.11 -44.90 -23.26
CA CYS B 94 -20.46 -45.35 -24.61
C CYS B 94 -21.56 -44.48 -25.19
N THR B 95 -21.58 -44.38 -26.52
CA THR B 95 -22.50 -43.49 -27.22
C THR B 95 -23.15 -44.24 -28.37
N ASN B 96 -24.03 -43.54 -29.08
CA ASN B 96 -24.78 -44.08 -30.21
C ASN B 96 -24.26 -43.60 -31.56
N VAL B 97 -23.20 -42.82 -31.60
CA VAL B 97 -22.70 -42.21 -32.83
C VAL B 97 -21.62 -43.12 -33.42
N PRO B 98 -21.66 -43.45 -34.71
CA PRO B 98 -20.72 -44.43 -35.25
C PRO B 98 -19.33 -43.83 -35.44
N TRP B 99 -18.35 -44.72 -35.48
CA TRP B 99 -16.96 -44.33 -35.73
C TRP B 99 -16.75 -44.20 -37.23
N ASN B 100 -16.77 -42.96 -37.73
CA ASN B 100 -16.48 -42.73 -39.13
C ASN B 100 -15.09 -43.26 -39.46
N SER B 101 -15.00 -44.01 -40.57
CA SER B 101 -13.77 -44.74 -40.87
C SER B 101 -12.60 -43.79 -41.09
N SER B 102 -12.84 -42.65 -41.74
CA SER B 102 -11.73 -41.79 -42.16
C SER B 102 -10.90 -41.31 -40.97
N TRP B 103 -11.48 -41.27 -39.77
CA TRP B 103 -10.77 -40.70 -38.63
C TRP B 103 -9.53 -41.51 -38.28
N SER B 104 -9.66 -42.84 -38.15
CA SER B 104 -8.53 -43.68 -37.78
C SER B 104 -8.34 -44.93 -38.64
N ASN B 105 -9.38 -45.48 -39.26
CA ASN B 105 -9.32 -46.59 -40.24
C ASN B 105 -8.22 -47.60 -39.91
N ARG B 106 -8.22 -48.08 -38.67
CA ARG B 106 -7.25 -49.06 -38.21
C ARG B 106 -7.88 -49.99 -37.18
N ASN B 107 -7.43 -51.24 -37.15
CA ASN B 107 -8.10 -52.28 -36.38
C ASN B 107 -8.01 -51.99 -34.88
N LEU B 108 -8.99 -52.54 -34.15
CA LEU B 108 -9.22 -52.14 -32.76
C LEU B 108 -8.08 -52.56 -31.85
N SER B 109 -7.68 -53.82 -31.90
CA SER B 109 -6.71 -54.32 -30.93
C SER B 109 -5.37 -53.61 -31.05
N GLU B 110 -5.06 -53.06 -32.23
CA GLU B 110 -3.81 -52.34 -32.40
C GLU B 110 -3.78 -51.09 -31.52
N ILE B 111 -4.90 -50.39 -31.41
CA ILE B 111 -4.94 -49.08 -30.75
C ILE B 111 -5.21 -49.23 -29.25
N TRP B 112 -5.25 -50.47 -28.76
CA TRP B 112 -5.53 -50.73 -27.35
C TRP B 112 -4.45 -51.56 -26.66
N ASP B 113 -3.63 -52.30 -27.41
CA ASP B 113 -2.56 -53.11 -26.86
C ASP B 113 -1.19 -52.70 -27.37
N ASN B 114 -1.09 -51.67 -28.22
CA ASN B 114 0.19 -51.26 -28.78
C ASN B 114 0.40 -49.75 -28.85
N MET B 115 -0.55 -48.92 -28.41
CA MET B 115 -0.42 -47.47 -28.51
C MET B 115 -0.86 -46.82 -27.22
N THR B 116 -0.22 -45.69 -26.90
CA THR B 116 -0.51 -44.92 -25.70
C THR B 116 -1.38 -43.71 -26.03
N TRP B 117 -1.94 -43.10 -25.00
CA TRP B 117 -2.90 -42.01 -25.19
C TRP B 117 -2.24 -40.81 -25.84
N LEU B 118 -1.00 -40.50 -25.46
CA LEU B 118 -0.33 -39.32 -25.98
C LEU B 118 -0.18 -39.41 -27.50
N GLN B 119 0.20 -40.58 -28.01
CA GLN B 119 0.27 -40.74 -29.47
C GLN B 119 -1.12 -40.67 -30.09
N TRP B 120 -2.12 -41.22 -29.41
CA TRP B 120 -3.45 -41.30 -29.98
C TRP B 120 -4.09 -39.92 -30.10
N ASP B 121 -3.79 -39.01 -29.17
CA ASP B 121 -4.33 -37.66 -29.25
C ASP B 121 -3.83 -36.92 -30.49
N LYS B 122 -2.68 -37.32 -31.03
CA LYS B 122 -2.15 -36.66 -32.22
C LYS B 122 -2.91 -37.08 -33.48
N GLU B 123 -3.32 -38.35 -33.54
CA GLU B 123 -3.93 -38.88 -34.75
C GLU B 123 -5.26 -38.19 -35.06
N ILE B 124 -6.07 -37.92 -34.04
CA ILE B 124 -7.42 -37.40 -34.22
C ILE B 124 -7.53 -35.96 -33.72
N SER B 125 -6.41 -35.26 -33.59
CA SER B 125 -6.44 -33.92 -33.00
C SER B 125 -7.31 -32.98 -33.83
N ASN B 126 -7.22 -33.07 -35.15
CA ASN B 126 -8.04 -32.22 -36.01
C ASN B 126 -9.51 -32.55 -35.92
N TYR B 127 -9.86 -33.78 -35.51
CA TYR B 127 -11.24 -34.28 -35.59
C TYR B 127 -11.94 -34.32 -34.24
N THR B 128 -11.42 -33.61 -33.24
CA THR B 128 -12.07 -33.62 -31.94
C THR B 128 -13.35 -32.79 -31.94
N GLN B 129 -13.31 -31.60 -32.53
CA GLN B 129 -14.46 -30.70 -32.48
C GLN B 129 -15.64 -31.27 -33.26
N ILE B 130 -15.38 -31.91 -34.40
CA ILE B 130 -16.48 -32.43 -35.21
C ILE B 130 -17.18 -33.56 -34.48
N ILE B 131 -16.43 -34.39 -33.76
CA ILE B 131 -17.04 -35.47 -32.98
C ILE B 131 -17.87 -34.88 -31.84
N TYR B 132 -17.38 -33.81 -31.22
CA TYR B 132 -18.09 -33.22 -30.08
C TYR B 132 -19.46 -32.71 -30.48
N GLY B 133 -19.57 -32.07 -31.65
CA GLY B 133 -20.87 -31.64 -32.12
C GLY B 133 -21.81 -32.80 -32.41
N LEU B 134 -21.26 -33.91 -32.92
CA LEU B 134 -22.08 -35.09 -33.17
C LEU B 134 -22.64 -35.65 -31.87
N LEU B 135 -21.81 -35.69 -30.82
CA LEU B 135 -22.28 -36.19 -29.52
C LEU B 135 -23.42 -35.33 -28.99
N GLU B 136 -23.35 -34.02 -29.21
CA GLU B 136 -24.46 -33.15 -28.82
C GLU B 136 -25.72 -33.48 -29.59
N GLU B 137 -25.59 -33.77 -30.89
CA GLU B 137 -26.76 -34.09 -31.70
C GLU B 137 -27.43 -35.36 -31.21
N SER B 138 -26.64 -36.40 -30.90
CA SER B 138 -27.22 -37.68 -30.52
C SER B 138 -27.84 -37.65 -29.12
N GLN B 139 -27.32 -36.82 -28.23
CA GLN B 139 -27.89 -36.76 -26.88
C GLN B 139 -29.24 -36.04 -26.88
N ASN B 140 -29.34 -34.91 -27.57
CA ASN B 140 -30.61 -34.20 -27.63
C ASN B 140 -31.67 -35.06 -28.32
N GLN B 141 -31.28 -35.77 -29.37
CA GLN B 141 -32.22 -36.69 -30.02
C GLN B 141 -32.67 -37.78 -29.05
N GLN B 142 -31.74 -38.31 -28.27
CA GLN B 142 -32.08 -39.41 -27.35
C GLN B 142 -33.01 -38.96 -26.25
N GLU B 143 -32.96 -37.68 -25.87
CA GLU B 143 -33.74 -37.23 -24.73
C GLU B 143 -35.24 -37.21 -25.05
N LYS B 144 -35.62 -36.64 -26.21
CA LYS B 144 -37.03 -36.58 -26.55
C LYS B 144 -37.62 -37.97 -26.76
N ASN B 145 -36.86 -38.86 -27.39
CA ASN B 145 -37.34 -40.23 -27.55
C ASN B 145 -37.64 -40.86 -26.20
N GLU B 146 -36.80 -40.59 -25.20
CA GLU B 146 -37.12 -41.01 -23.84
C GLU B 146 -38.38 -40.32 -23.34
N GLN B 147 -38.52 -39.02 -23.64
CA GLN B 147 -39.70 -38.29 -23.21
C GLN B 147 -40.96 -38.86 -23.84
N ASP B 148 -40.93 -39.10 -25.15
CA ASP B 148 -42.13 -39.57 -25.85
C ASP B 148 -42.55 -40.95 -25.37
N LEU B 149 -41.60 -41.84 -25.12
CA LEU B 149 -41.92 -43.18 -24.67
C LEU B 149 -42.57 -43.19 -23.28
N LEU B 150 -42.48 -42.09 -22.55
CA LEU B 150 -43.14 -41.96 -21.24
C LEU B 150 -44.51 -41.31 -21.34
N ALA B 151 -44.95 -40.92 -22.54
CA ALA B 151 -46.23 -40.26 -22.72
C ALA B 151 -47.30 -41.13 -23.37
N LEU B 152 -46.90 -42.04 -24.26
CA LEU B 152 -47.89 -42.88 -24.95
C LEU B 152 -48.64 -43.77 -23.97
N ASP B 153 -47.92 -44.35 -23.00
CA ASP B 153 -48.55 -45.22 -22.02
C ASP B 153 -49.50 -44.43 -21.13
N GLU C 2 -26.84 -62.57 8.12
CA GLU C 2 -27.07 -61.14 8.29
C GLU C 2 -25.80 -60.35 7.98
N ASN C 3 -25.89 -59.48 6.98
CA ASN C 3 -24.77 -58.65 6.56
C ASN C 3 -25.25 -57.24 6.27
N LEU C 4 -24.46 -56.26 6.70
CA LEU C 4 -24.73 -54.85 6.46
C LEU C 4 -23.75 -54.32 5.41
N TRP C 5 -24.05 -53.13 4.90
CA TRP C 5 -23.28 -52.55 3.79
C TRP C 5 -23.02 -51.08 4.07
N VAL C 6 -21.97 -50.56 3.43
CA VAL C 6 -21.61 -49.16 3.54
C VAL C 6 -22.62 -48.35 2.74
N THR C 7 -23.27 -47.39 3.39
CA THR C 7 -24.23 -46.51 2.74
C THR C 7 -23.81 -45.07 2.95
N VAL C 8 -23.76 -44.30 1.87
CA VAL C 8 -23.32 -42.92 1.88
C VAL C 8 -24.54 -42.02 2.00
N TYR C 9 -24.50 -41.10 2.95
CA TYR C 9 -25.52 -40.09 3.13
C TYR C 9 -24.91 -38.71 2.90
N TYR C 10 -25.68 -37.81 2.31
CA TYR C 10 -25.23 -36.46 2.01
C TYR C 10 -26.24 -35.46 2.57
N GLY C 11 -25.73 -34.41 3.19
CA GLY C 11 -26.56 -33.44 3.88
C GLY C 11 -26.77 -33.71 5.35
N VAL C 12 -26.02 -34.64 5.93
CA VAL C 12 -26.23 -34.98 7.35
C VAL C 12 -25.76 -33.83 8.22
N PRO C 13 -26.43 -33.53 9.35
CA PRO C 13 -25.97 -32.43 10.21
C PRO C 13 -24.87 -32.88 11.16
N VAL C 14 -23.64 -32.46 10.88
CA VAL C 14 -22.52 -32.61 11.80
C VAL C 14 -21.55 -31.47 11.51
N TRP C 15 -20.70 -31.17 12.49
CA TRP C 15 -19.79 -30.05 12.35
C TRP C 15 -18.56 -30.28 13.22
N LYS C 16 -17.48 -29.60 12.85
CA LYS C 16 -16.23 -29.58 13.59
C LYS C 16 -15.87 -28.15 13.94
N ASP C 17 -15.10 -27.98 15.01
CA ASP C 17 -14.54 -26.67 15.32
C ASP C 17 -13.60 -26.25 14.20
N ALA C 18 -13.71 -24.98 13.78
CA ALA C 18 -12.97 -24.50 12.64
C ALA C 18 -12.68 -23.02 12.79
N GLU C 19 -11.76 -22.53 11.95
CA GLU C 19 -11.44 -21.11 11.86
C GLU C 19 -11.52 -20.70 10.40
N THR C 20 -12.22 -19.60 10.14
CA THR C 20 -12.41 -19.11 8.79
C THR C 20 -12.53 -17.60 8.84
N THR C 21 -12.64 -16.98 7.67
CA THR C 21 -12.79 -15.54 7.55
C THR C 21 -14.26 -15.18 7.55
N LEU C 22 -14.64 -14.22 8.40
CA LEU C 22 -16.01 -13.79 8.55
C LEU C 22 -16.18 -12.40 7.95
N PHE C 23 -17.33 -12.17 7.31
CA PHE C 23 -17.60 -10.93 6.61
C PHE C 23 -18.69 -10.15 7.33
N CYS C 24 -18.73 -8.85 7.06
CA CYS C 24 -19.59 -7.93 7.78
C CYS C 24 -20.97 -7.83 7.14
N ALA C 25 -21.97 -7.67 8.00
CA ALA C 25 -23.33 -7.36 7.57
C ALA C 25 -23.88 -6.24 8.45
N SER C 26 -24.77 -5.43 7.88
CA SER C 26 -25.27 -4.23 8.53
C SER C 26 -26.78 -4.17 8.43
N ASP C 27 -27.38 -3.25 9.18
CA ASP C 27 -28.82 -3.08 9.21
C ASP C 27 -29.25 -2.19 8.04
N ALA C 28 -30.53 -1.81 8.02
CA ALA C 28 -31.09 -1.07 6.89
C ALA C 28 -30.60 0.37 6.82
N LYS C 29 -29.93 0.87 7.85
CA LYS C 29 -29.47 2.27 7.86
C LYS C 29 -28.27 2.40 6.94
N ALA C 30 -28.55 2.39 5.63
CA ALA C 30 -27.49 2.48 4.64
C ALA C 30 -26.77 3.84 4.73
N TYR C 31 -27.53 4.92 4.88
CA TYR C 31 -26.99 6.26 4.94
C TYR C 31 -27.56 6.97 6.16
N GLU C 32 -26.72 7.76 6.84
CA GLU C 32 -27.13 8.55 7.99
C GLU C 32 -26.53 9.95 7.92
N THR C 33 -26.45 10.51 6.71
CA THR C 33 -26.04 11.87 6.39
C THR C 33 -24.52 12.06 6.42
N GLU C 34 -23.72 11.06 6.82
CA GLU C 34 -22.27 11.22 6.78
C GLU C 34 -21.66 10.70 5.48
N LYS C 35 -22.21 9.63 4.91
CA LYS C 35 -21.75 8.98 3.68
C LYS C 35 -20.39 8.32 3.84
N HIS C 36 -19.75 8.40 5.01
CA HIS C 36 -18.46 7.76 5.24
C HIS C 36 -18.14 7.86 6.71
N ASN C 37 -17.47 6.84 7.23
CA ASN C 37 -17.09 6.80 8.64
C ASN C 37 -15.98 5.76 8.79
N VAL C 38 -15.37 5.74 9.98
CA VAL C 38 -14.44 4.65 10.28
C VAL C 38 -15.21 3.34 10.17
N TRP C 39 -14.51 2.27 9.81
CA TRP C 39 -15.16 1.05 9.34
C TRP C 39 -15.92 1.41 8.06
N ALA C 40 -16.76 0.50 7.56
CA ALA C 40 -17.42 0.74 6.28
C ALA C 40 -18.93 0.92 6.44
N THR C 41 -19.64 -0.09 6.96
CA THR C 41 -21.09 -0.10 7.11
C THR C 41 -21.82 -0.06 5.76
N HIS C 42 -21.10 -0.01 4.64
CA HIS C 42 -21.73 0.02 3.32
C HIS C 42 -21.19 -1.11 2.46
N ALA C 43 -19.91 -1.46 2.66
CA ALA C 43 -19.37 -2.68 2.07
C ALA C 43 -19.94 -3.93 2.73
N CYS C 44 -20.57 -3.79 3.89
CA CYS C 44 -21.23 -4.91 4.53
C CYS C 44 -22.49 -5.30 3.77
N VAL C 45 -22.65 -6.58 3.52
CA VAL C 45 -23.87 -7.07 2.87
C VAL C 45 -25.06 -6.82 3.79
N PRO C 46 -26.20 -6.30 3.29
CA PRO C 46 -27.30 -5.99 4.20
C PRO C 46 -27.76 -7.21 4.98
N THR C 47 -28.00 -7.00 6.27
CA THR C 47 -28.34 -8.10 7.16
C THR C 47 -29.78 -8.55 6.91
N ASP C 48 -30.04 -9.83 7.15
CA ASP C 48 -31.35 -10.39 6.94
C ASP C 48 -32.32 -9.87 7.99
N PRO C 49 -33.43 -9.21 7.62
CA PRO C 49 -34.42 -8.85 8.64
C PRO C 49 -35.01 -10.10 9.28
N ASN C 50 -35.40 -9.96 10.55
CA ASN C 50 -35.81 -11.06 11.43
C ASN C 50 -35.00 -12.32 11.13
N PRO C 51 -33.69 -12.29 11.36
CA PRO C 51 -32.84 -13.39 10.92
C PRO C 51 -33.26 -14.71 11.54
N GLN C 52 -33.12 -15.78 10.75
CA GLN C 52 -33.61 -17.10 11.14
C GLN C 52 -32.68 -17.69 12.19
N GLU C 53 -32.91 -17.30 13.44
CA GLU C 53 -32.23 -17.89 14.59
C GLU C 53 -32.98 -19.16 14.94
N ILE C 54 -32.48 -20.29 14.45
CA ILE C 54 -33.16 -21.58 14.57
C ILE C 54 -32.61 -22.29 15.79
N HIS C 55 -33.47 -22.58 16.75
CA HIS C 55 -33.05 -23.23 17.98
C HIS C 55 -32.72 -24.69 17.72
N LEU C 56 -31.57 -25.13 18.23
CA LEU C 56 -31.13 -26.52 18.12
C LEU C 56 -31.42 -27.21 19.44
N GLU C 57 -32.33 -28.18 19.41
CA GLU C 57 -32.83 -28.82 20.61
C GLU C 57 -32.17 -30.17 20.83
N ASN C 58 -32.05 -30.57 22.09
CA ASN C 58 -31.51 -31.87 22.47
C ASN C 58 -30.10 -32.08 21.90
N VAL C 59 -29.29 -31.02 21.92
CA VAL C 59 -27.89 -31.09 21.52
C VAL C 59 -27.06 -30.22 22.44
N THR C 60 -25.93 -30.73 22.90
CA THR C 60 -25.00 -30.01 23.75
C THR C 60 -23.75 -29.66 22.95
N GLU C 61 -23.17 -28.49 23.28
CA GLU C 61 -21.99 -28.01 22.58
C GLU C 61 -21.05 -27.36 23.59
N GLU C 62 -19.75 -27.52 23.34
CA GLU C 62 -18.73 -26.95 24.20
C GLU C 62 -18.26 -25.60 23.65
N PHE C 63 -18.04 -24.65 24.55
CA PHE C 63 -17.58 -23.31 24.21
C PHE C 63 -16.34 -22.97 25.01
N ASN C 64 -15.58 -22.00 24.50
CA ASN C 64 -14.43 -21.47 25.23
C ASN C 64 -14.15 -20.09 24.68
N MET C 65 -14.46 -19.04 25.45
CA MET C 65 -14.30 -17.67 24.98
C MET C 65 -12.87 -17.17 25.08
N TRP C 66 -11.98 -17.89 25.76
CA TRP C 66 -10.63 -17.39 26.01
C TRP C 66 -9.67 -17.77 24.89
N LYS C 67 -9.69 -19.03 24.46
CA LYS C 67 -8.94 -19.46 23.28
C LYS C 67 -9.76 -19.33 22.01
N ASN C 68 -10.86 -18.57 22.05
CA ASN C 68 -11.69 -18.37 20.89
C ASN C 68 -10.96 -17.57 19.82
N ASN C 69 -11.15 -17.96 18.57
CA ASN C 69 -10.79 -17.11 17.44
C ASN C 69 -11.92 -16.11 17.26
N MET C 70 -11.94 -15.39 16.14
CA MET C 70 -13.00 -14.45 15.76
C MET C 70 -13.15 -13.30 16.75
N VAL C 71 -12.29 -13.20 17.75
CA VAL C 71 -12.00 -11.95 18.43
C VAL C 71 -10.65 -11.39 17.99
N GLU C 72 -9.69 -12.29 17.74
CA GLU C 72 -8.46 -11.91 17.08
C GLU C 72 -8.73 -11.44 15.66
N GLN C 73 -9.76 -11.97 15.02
CA GLN C 73 -10.14 -11.49 13.70
C GLN C 73 -10.80 -10.12 13.79
N MET C 74 -11.64 -9.91 14.81
CA MET C 74 -12.23 -8.59 15.01
C MET C 74 -11.16 -7.57 15.38
N HIS C 75 -10.18 -7.97 16.19
CA HIS C 75 -9.08 -7.06 16.52
C HIS C 75 -8.32 -6.66 15.26
N THR C 76 -8.00 -7.63 14.40
CA THR C 76 -7.29 -7.31 13.18
C THR C 76 -8.17 -6.52 12.22
N ASP C 77 -9.47 -6.75 12.23
CA ASP C 77 -10.37 -5.97 11.39
C ASP C 77 -10.35 -4.50 11.80
N ILE C 78 -10.59 -4.23 13.09
CA ILE C 78 -10.69 -2.85 13.55
C ILE C 78 -9.40 -2.10 13.29
N ILE C 79 -8.25 -2.77 13.45
CA ILE C 79 -6.98 -2.14 13.14
C ILE C 79 -6.92 -1.77 11.66
N SER C 80 -7.32 -2.71 10.79
CA SER C 80 -7.25 -2.45 9.35
C SER C 80 -8.30 -1.43 8.92
N LEU C 81 -9.49 -1.48 9.52
CA LEU C 81 -10.52 -0.51 9.19
C LEU C 81 -10.15 0.90 9.61
N TRP C 82 -9.40 1.05 10.71
CA TRP C 82 -8.86 2.36 11.07
C TRP C 82 -7.74 2.79 10.14
N ASP C 83 -6.94 1.83 9.66
CA ASP C 83 -5.79 2.16 8.83
C ASP C 83 -6.23 2.82 7.52
N GLN C 84 -7.25 2.27 6.87
CA GLN C 84 -7.71 2.84 5.61
C GLN C 84 -8.58 4.07 5.81
N SER C 85 -9.14 4.25 7.01
CA SER C 85 -9.91 5.46 7.27
C SER C 85 -9.01 6.68 7.38
N LEU C 86 -7.76 6.50 7.82
CA LEU C 86 -6.82 7.59 7.99
C LEU C 86 -5.89 7.78 6.80
N LYS C 87 -5.99 6.93 5.77
CA LYS C 87 -5.15 7.11 4.58
C LYS C 87 -5.45 8.41 3.85
N PRO C 88 -6.70 8.77 3.55
CA PRO C 88 -6.94 10.02 2.81
C PRO C 88 -6.81 11.26 3.67
N CYS C 89 -6.74 11.12 4.99
CA CYS C 89 -6.65 12.28 5.85
C CYS C 89 -5.32 13.01 5.65
N VAL C 90 -5.28 14.28 6.08
CA VAL C 90 -4.07 15.09 5.96
C VAL C 90 -3.16 14.87 7.16
N LYS C 91 -1.85 14.91 6.91
CA LYS C 91 -0.85 14.75 7.97
C LYS C 91 -0.54 16.12 8.59
N LEU C 92 0.15 16.12 9.74
CA LEU C 92 0.45 17.36 10.45
C LEU C 92 1.96 17.56 10.59
N THR C 93 2.74 17.12 9.62
CA THR C 93 4.18 17.35 9.64
C THR C 93 4.54 18.82 9.69
N PRO C 94 3.91 19.72 8.92
CA PRO C 94 4.30 21.13 8.98
C PRO C 94 4.09 21.78 10.33
N LEU C 95 3.24 21.23 11.19
CA LEU C 95 2.94 21.86 12.47
C LEU C 95 4.09 21.81 13.46
N CYS C 96 5.16 21.07 13.17
CA CYS C 96 6.30 20.97 14.08
C CYS C 96 7.15 22.23 13.94
N VAL C 97 6.75 23.27 14.66
CA VAL C 97 7.45 24.55 14.65
C VAL C 97 7.57 25.03 16.10
N THR C 98 8.45 26.00 16.31
CA THR C 98 8.71 26.49 17.66
C THR C 98 7.52 27.30 18.17
N LEU C 99 6.62 26.65 18.90
CA LEU C 99 5.45 27.33 19.44
C LEU C 99 5.86 28.36 20.48
N GLN C 100 5.05 29.39 20.63
CA GLN C 100 5.28 30.49 21.56
C GLN C 100 4.02 30.61 22.41
N CYS C 101 4.00 29.90 23.54
CA CYS C 101 2.78 29.70 24.32
C CYS C 101 2.79 30.55 25.58
N THR C 102 1.58 30.90 26.03
CA THR C 102 1.38 31.67 27.25
C THR C 102 0.13 31.15 27.94
N ASN C 103 0.07 31.35 29.25
CA ASN C 103 -1.08 30.89 30.02
C ASN C 103 -2.35 31.57 29.55
N VAL C 104 -3.44 30.83 29.55
CA VAL C 104 -4.78 31.39 29.37
C VAL C 104 -5.31 31.78 30.74
N THR C 105 -5.83 33.01 30.86
CA THR C 105 -6.36 33.50 32.12
C THR C 105 -7.65 34.28 31.88
N ASN C 106 -8.47 33.79 30.96
CA ASN C 106 -9.76 34.42 30.65
C ASN C 106 -10.80 33.96 31.67
N ASN C 107 -10.61 34.43 32.91
CA ASN C 107 -11.42 34.06 34.08
C ASN C 107 -11.75 32.57 34.08
N ILE C 108 -10.69 31.77 34.16
CA ILE C 108 -10.83 30.31 34.25
C ILE C 108 -10.98 29.92 35.71
N THR C 109 -11.41 28.69 35.97
CA THR C 109 -11.57 28.20 37.37
C THR C 109 -10.20 27.92 37.94
N ASP C 110 -10.12 27.54 39.21
CA ASP C 110 -8.83 27.36 39.89
C ASP C 110 -8.34 25.94 39.66
N ASP C 111 -9.07 25.19 38.87
CA ASP C 111 -8.71 23.77 38.68
C ASP C 111 -8.31 23.58 37.22
N MET C 112 -8.66 24.55 36.41
CA MET C 112 -8.38 24.47 34.98
C MET C 112 -7.20 25.40 34.78
N ARG C 113 -6.61 25.83 35.88
CA ARG C 113 -5.44 26.72 35.82
C ARG C 113 -4.29 25.93 35.23
N GLY C 114 -3.83 26.32 34.04
CA GLY C 114 -2.70 25.65 33.38
C GLY C 114 -3.09 24.38 32.65
N GLU C 115 -4.30 24.30 32.15
CA GLU C 115 -4.75 23.14 31.38
C GLU C 115 -4.79 23.50 29.90
N LEU C 116 -4.91 24.79 29.57
CA LEU C 116 -5.00 25.28 28.19
C LEU C 116 -3.86 26.25 27.97
N LYS C 117 -3.23 26.25 26.80
CA LYS C 117 -2.17 27.18 26.44
C LYS C 117 -2.55 27.93 25.18
N ASN C 118 -2.23 29.23 25.16
CA ASN C 118 -2.45 30.08 24.01
C ASN C 118 -1.13 30.18 23.25
N CYS C 119 -1.03 29.46 22.14
CA CYS C 119 0.22 29.26 21.42
C CYS C 119 0.18 29.96 20.07
N SER C 120 1.19 30.77 19.81
CA SER C 120 1.35 31.46 18.53
C SER C 120 2.55 30.89 17.79
N PHE C 121 2.43 30.82 16.47
CA PHE C 121 3.47 30.25 15.64
C PHE C 121 3.36 30.81 14.24
N ASN C 122 4.49 30.86 13.53
CA ASN C 122 4.44 31.17 12.11
C ASN C 122 3.84 29.99 11.35
N MET C 123 3.33 30.28 10.15
CA MET C 123 2.84 29.21 9.29
C MET C 123 2.85 29.68 7.85
N THR C 124 2.85 28.73 6.93
CA THR C 124 2.93 29.01 5.51
C THR C 124 1.53 29.20 4.93
N THR C 125 1.37 30.22 4.10
CA THR C 125 0.10 30.52 3.47
C THR C 125 -0.11 29.56 2.29
N GLU C 126 -1.09 29.85 1.44
CA GLU C 126 -1.26 29.06 0.23
C GLU C 126 -0.03 29.14 -0.66
N LEU C 127 0.71 30.24 -0.60
CA LEU C 127 1.96 30.37 -1.33
C LEU C 127 3.13 29.96 -0.45
N ARG C 128 4.13 29.33 -1.07
CA ARG C 128 5.28 28.85 -0.30
C ARG C 128 6.13 30.01 0.21
N ASP C 129 6.26 31.08 -0.59
CA ASP C 129 7.13 32.19 -0.22
C ASP C 129 6.66 32.84 1.07
N LYS C 130 5.38 33.21 1.14
CA LYS C 130 4.88 34.03 2.22
C LYS C 130 4.55 33.17 3.43
N LYS C 131 4.67 33.77 4.61
CA LYS C 131 4.43 33.09 5.87
C LYS C 131 3.52 33.96 6.73
N GLN C 132 2.72 33.32 7.56
CA GLN C 132 1.69 34.00 8.34
C GLN C 132 1.89 33.69 9.82
N LYS C 133 1.42 34.61 10.66
CA LYS C 133 1.45 34.45 12.10
C LYS C 133 0.04 34.09 12.57
N VAL C 134 -0.09 32.90 13.16
CA VAL C 134 -1.37 32.37 13.60
C VAL C 134 -1.23 31.90 15.04
N TYR C 135 -2.38 31.65 15.67
CA TYR C 135 -2.42 31.21 17.05
C TYR C 135 -3.52 30.17 17.21
N SER C 136 -3.38 29.34 18.25
CA SER C 136 -4.35 28.29 18.53
C SER C 136 -4.27 27.93 20.00
N LEU C 137 -5.34 27.28 20.48
CA LEU C 137 -5.41 26.79 21.85
C LEU C 137 -5.04 25.31 21.87
N PHE C 138 -4.14 24.94 22.79
CA PHE C 138 -3.73 23.56 22.97
C PHE C 138 -3.83 23.21 24.45
N TYR C 139 -4.19 21.97 24.72
CA TYR C 139 -4.16 21.49 26.11
C TYR C 139 -2.72 21.30 26.55
N ARG C 140 -2.52 21.33 27.86
CA ARG C 140 -1.18 21.19 28.41
C ARG C 140 -0.56 19.84 28.05
N LEU C 141 -1.40 18.82 27.83
CA LEU C 141 -0.89 17.47 27.60
C LEU C 141 -0.36 17.26 26.19
N ASP C 142 -0.69 18.13 25.24
CA ASP C 142 -0.21 18.01 23.87
C ASP C 142 0.98 18.91 23.56
N VAL C 143 1.55 19.59 24.56
CA VAL C 143 2.71 20.45 24.36
C VAL C 143 3.76 20.12 25.41
N VAL C 144 5.01 20.46 25.09
CA VAL C 144 6.15 20.18 25.96
C VAL C 144 7.15 21.32 25.83
N GLN C 145 7.71 21.75 26.95
CA GLN C 145 8.74 22.79 26.92
C GLN C 145 9.98 22.29 26.21
N ILE C 146 10.56 23.15 25.39
CA ILE C 146 11.83 22.87 24.73
C ILE C 146 12.90 23.76 25.35
N ASN C 147 14.14 23.36 25.17
CA ASN C 147 15.34 24.05 25.71
C ASN C 147 15.08 24.42 27.17
N GLU C 148 15.70 25.49 27.64
CA GLU C 148 15.55 25.93 29.02
C GLU C 148 14.21 26.64 29.23
N ASN C 158 12.05 30.50 27.98
CA ASN C 158 11.34 29.68 28.97
C ASN C 158 9.86 29.56 28.64
N LYS C 159 9.47 29.98 27.42
CA LYS C 159 8.08 29.91 26.99
C LYS C 159 7.98 29.46 25.53
N GLU C 160 8.91 28.61 25.09
CA GLU C 160 8.86 27.99 23.77
C GLU C 160 8.45 26.54 23.94
N TYR C 161 7.46 26.12 23.16
CA TYR C 161 6.88 24.78 23.25
C TYR C 161 6.94 24.11 21.89
N ARG C 162 6.49 22.84 21.87
CA ARG C 162 6.33 22.10 20.63
C ARG C 162 5.27 21.04 20.85
N LEU C 163 4.69 20.55 19.76
CA LEU C 163 3.74 19.46 19.86
C LEU C 163 4.45 18.22 20.37
N ILE C 164 3.80 17.50 21.27
CA ILE C 164 4.49 16.47 22.06
C ILE C 164 4.96 15.33 21.17
N ASN C 165 4.09 14.81 20.33
CA ASN C 165 4.38 13.60 19.55
C ASN C 165 4.77 13.98 18.12
N CYS C 166 5.88 14.71 17.99
CA CYS C 166 6.49 14.76 16.66
C CYS C 166 8.03 14.84 16.70
N ASN C 167 8.65 14.48 17.81
CA ASN C 167 10.04 14.03 17.79
C ASN C 167 10.14 12.52 17.80
N THR C 168 9.01 11.82 17.77
CA THR C 168 8.94 10.38 17.61
C THR C 168 8.39 10.02 16.23
N SER C 169 7.22 10.52 15.89
CA SER C 169 6.66 10.34 14.54
C SER C 169 5.54 11.36 14.34
N ALA C 170 5.69 12.24 13.35
CA ALA C 170 4.59 13.11 12.97
C ALA C 170 3.47 12.27 12.38
N CYS C 171 2.24 12.58 12.78
CA CYS C 171 1.11 11.71 12.50
C CYS C 171 -0.07 12.56 12.00
N THR C 172 -1.23 11.94 11.92
CA THR C 172 -2.30 12.35 11.03
C THR C 172 -3.41 13.10 11.77
N GLN C 173 -4.04 14.03 11.05
CA GLN C 173 -5.25 14.69 11.52
C GLN C 173 -6.45 13.90 11.01
N ALA C 174 -7.32 13.48 11.92
CA ALA C 174 -8.47 12.67 11.52
C ALA C 174 -9.32 13.41 10.50
N CYS C 175 -9.81 12.68 9.50
CA CYS C 175 -10.66 13.29 8.48
C CYS C 175 -11.90 13.88 9.14
N PRO C 176 -12.23 15.15 8.89
CA PRO C 176 -13.44 15.73 9.49
C PRO C 176 -14.73 15.06 9.05
N LYS C 177 -14.70 14.21 8.02
CA LYS C 177 -15.94 13.61 7.53
C LYS C 177 -16.30 12.35 8.30
N VAL C 178 -15.31 11.52 8.61
CA VAL C 178 -15.57 10.22 9.21
C VAL C 178 -15.97 10.39 10.67
N SER C 179 -16.98 9.62 11.09
CA SER C 179 -17.49 9.66 12.45
C SER C 179 -16.96 8.47 13.25
N PHE C 180 -16.62 8.72 14.51
CA PHE C 180 -16.09 7.68 15.39
C PHE C 180 -17.16 6.99 16.21
N GLU C 181 -18.43 7.36 16.06
CA GLU C 181 -19.48 6.72 16.82
C GLU C 181 -19.57 5.25 16.39
N PRO C 182 -19.50 4.30 17.33
CA PRO C 182 -19.65 2.90 16.93
C PRO C 182 -21.01 2.64 16.31
N ILE C 183 -21.01 1.83 15.25
CA ILE C 183 -22.22 1.39 14.58
C ILE C 183 -22.32 -0.13 14.77
N PRO C 184 -23.50 -0.69 15.02
CA PRO C 184 -23.59 -2.15 15.17
C PRO C 184 -23.05 -2.85 13.93
N ILE C 185 -22.28 -3.91 14.17
CA ILE C 185 -21.65 -4.71 13.12
C ILE C 185 -22.03 -6.16 13.35
N HIS C 186 -22.46 -6.83 12.29
CA HIS C 186 -22.81 -8.25 12.32
C HIS C 186 -21.74 -9.05 11.60
N TYR C 187 -21.33 -10.16 12.20
CA TYR C 187 -20.32 -11.04 11.63
C TYR C 187 -21.00 -12.32 11.15
N CYS C 188 -20.87 -12.61 9.86
CA CYS C 188 -21.59 -13.70 9.21
C CYS C 188 -20.61 -14.74 8.68
N ALA C 189 -21.02 -16.00 8.69
CA ALA C 189 -20.16 -17.09 8.26
C ALA C 189 -20.40 -17.41 6.78
N PRO C 190 -19.37 -17.78 6.02
CA PRO C 190 -19.60 -18.22 4.64
C PRO C 190 -20.49 -19.45 4.57
N ALA C 191 -20.87 -19.80 3.34
CA ALA C 191 -21.58 -21.04 3.11
C ALA C 191 -20.68 -22.23 3.45
N GLY C 192 -21.28 -23.27 4.01
CA GLY C 192 -20.52 -24.39 4.54
C GLY C 192 -20.01 -24.19 5.94
N PHE C 193 -20.20 -23.00 6.51
CA PHE C 193 -19.86 -22.70 7.89
C PHE C 193 -21.08 -22.12 8.59
N ALA C 194 -21.15 -22.32 9.90
CA ALA C 194 -22.26 -21.81 10.70
C ALA C 194 -21.72 -21.22 11.99
N ILE C 195 -22.52 -20.32 12.57
CA ILE C 195 -22.21 -19.72 13.86
C ILE C 195 -23.19 -20.30 14.88
N LEU C 196 -22.66 -20.89 15.94
CA LEU C 196 -23.46 -21.41 17.04
C LEU C 196 -23.50 -20.38 18.16
N LYS C 197 -24.66 -20.23 18.78
CA LYS C 197 -24.86 -19.27 19.87
C LYS C 197 -25.27 -20.04 21.13
N CYS C 198 -24.63 -19.70 22.25
CA CYS C 198 -24.94 -20.31 23.53
C CYS C 198 -25.92 -19.41 24.27
N LYS C 199 -27.11 -19.94 24.56
CA LYS C 199 -28.16 -19.18 25.23
C LYS C 199 -28.27 -19.52 26.71
N ASP C 200 -27.34 -20.30 27.25
CA ASP C 200 -27.35 -20.58 28.67
C ASP C 200 -27.13 -19.31 29.48
N LYS C 201 -27.96 -19.10 30.50
CA LYS C 201 -27.84 -17.91 31.32
C LYS C 201 -26.59 -17.98 32.19
N LYS C 202 -26.37 -19.11 32.85
CA LYS C 202 -25.26 -19.27 33.80
C LYS C 202 -24.07 -19.92 33.10
N PHE C 203 -23.58 -19.25 32.06
CA PHE C 203 -22.43 -19.70 31.30
C PHE C 203 -21.23 -18.86 31.71
N ASN C 204 -20.17 -19.53 32.17
CA ASN C 204 -18.99 -18.86 32.69
C ASN C 204 -17.83 -18.85 31.70
N GLY C 205 -18.13 -18.93 30.39
CA GLY C 205 -17.13 -18.77 29.36
C GLY C 205 -16.43 -20.05 28.93
N THR C 206 -16.60 -21.14 29.65
CA THR C 206 -15.94 -22.40 29.30
C THR C 206 -16.82 -23.56 29.77
N GLY C 207 -17.00 -24.55 28.90
CA GLY C 207 -17.74 -25.74 29.23
C GLY C 207 -18.93 -25.97 28.32
N PRO C 208 -19.75 -26.99 28.65
CA PRO C 208 -20.92 -27.29 27.82
C PRO C 208 -21.93 -26.15 27.76
N CYS C 209 -22.95 -26.33 26.93
CA CYS C 209 -24.03 -25.35 26.79
C CYS C 209 -25.28 -26.06 26.30
N PRO C 210 -26.16 -26.53 27.20
CA PRO C 210 -27.28 -27.36 26.74
C PRO C 210 -28.23 -26.65 25.78
N SER C 211 -28.45 -25.35 25.96
CA SER C 211 -29.39 -24.59 25.13
C SER C 211 -28.58 -23.82 24.09
N VAL C 212 -28.37 -24.45 22.94
CA VAL C 212 -27.57 -23.90 21.85
C VAL C 212 -28.44 -23.78 20.62
N SER C 213 -28.13 -22.78 19.80
CA SER C 213 -28.83 -22.57 18.52
C SER C 213 -27.83 -22.27 17.42
N THR C 214 -28.33 -21.95 16.23
CA THR C 214 -27.49 -21.56 15.10
C THR C 214 -28.11 -20.35 14.44
N VAL C 215 -27.27 -19.41 14.02
CA VAL C 215 -27.73 -18.17 13.41
C VAL C 215 -26.78 -17.80 12.28
N GLN C 216 -27.32 -17.11 11.27
CA GLN C 216 -26.50 -16.74 10.13
C GLN C 216 -25.47 -15.67 10.50
N CYS C 217 -25.92 -14.63 11.21
CA CYS C 217 -25.07 -13.49 11.54
C CYS C 217 -25.23 -13.16 13.02
N THR C 218 -24.15 -12.71 13.65
CA THR C 218 -24.22 -12.28 15.03
C THR C 218 -25.08 -11.03 15.14
N HIS C 219 -25.34 -10.62 16.38
CA HIS C 219 -26.16 -9.43 16.63
C HIS C 219 -25.34 -8.19 16.30
N GLY C 220 -25.94 -7.02 16.54
CA GLY C 220 -25.29 -5.78 16.18
C GLY C 220 -24.27 -5.32 17.21
N ILE C 221 -23.09 -5.94 17.20
CA ILE C 221 -22.06 -5.58 18.15
C ILE C 221 -21.49 -4.21 17.79
N LYS C 222 -21.54 -3.28 18.74
CA LYS C 222 -20.95 -1.95 18.55
C LYS C 222 -19.51 -2.00 19.02
N PRO C 223 -18.52 -1.72 18.17
CA PRO C 223 -17.13 -1.74 18.65
C PRO C 223 -16.80 -0.47 19.43
N VAL C 224 -16.76 -0.59 20.75
CA VAL C 224 -16.56 0.55 21.65
C VAL C 224 -15.21 0.36 22.32
N VAL C 225 -14.35 1.36 22.22
CA VAL C 225 -13.00 1.32 22.77
C VAL C 225 -13.01 2.09 24.08
N SER C 226 -12.76 1.38 25.17
CA SER C 226 -12.62 1.98 26.49
C SER C 226 -11.86 1.00 27.37
N THR C 227 -11.20 1.53 28.40
CA THR C 227 -10.31 0.71 29.22
C THR C 227 -11.03 0.14 30.44
N GLN C 228 -11.50 1.01 31.33
CA GLN C 228 -12.29 0.59 32.48
C GLN C 228 -13.73 1.03 32.26
N LEU C 229 -14.66 0.29 32.85
CA LEU C 229 -16.09 0.57 32.70
C LEU C 229 -16.49 0.51 31.22
N LEU C 230 -16.35 -0.68 30.64
CA LEU C 230 -16.74 -0.86 29.25
C LEU C 230 -18.22 -0.53 29.06
N LEU C 231 -18.51 0.24 28.01
CA LEU C 231 -19.76 0.98 27.88
C LEU C 231 -20.58 0.48 26.71
N ASN C 232 -21.90 0.72 26.79
CA ASN C 232 -22.84 0.51 25.69
C ASN C 232 -22.82 -0.90 25.16
N GLY C 233 -22.34 -1.86 25.95
CA GLY C 233 -22.23 -3.25 25.52
C GLY C 233 -23.50 -4.04 25.79
N SER C 234 -23.38 -5.36 25.63
CA SER C 234 -24.48 -6.24 25.94
C SER C 234 -24.76 -6.23 27.44
N LEU C 235 -25.79 -6.96 27.83
CA LEU C 235 -26.29 -6.90 29.20
C LEU C 235 -26.65 -8.32 29.66
N ALA C 236 -26.24 -8.67 30.87
CA ALA C 236 -26.59 -9.96 31.43
C ALA C 236 -28.09 -10.02 31.70
N GLU C 237 -28.58 -11.23 31.96
CA GLU C 237 -30.01 -11.49 31.99
C GLU C 237 -30.59 -11.38 33.39
N GLU C 238 -30.10 -12.18 34.34
CA GLU C 238 -30.65 -12.21 35.69
C GLU C 238 -29.63 -12.03 36.80
N GLU C 239 -28.36 -12.39 36.59
CA GLU C 239 -27.35 -12.30 37.63
C GLU C 239 -26.07 -11.74 37.05
N VAL C 240 -25.25 -11.16 37.93
CA VAL C 240 -23.95 -10.64 37.51
C VAL C 240 -23.00 -11.80 37.28
N MET C 241 -22.21 -11.72 36.21
CA MET C 241 -21.31 -12.79 35.80
C MET C 241 -19.88 -12.37 36.07
N ILE C 242 -19.09 -13.28 36.65
CA ILE C 242 -17.68 -13.07 36.93
C ILE C 242 -16.91 -14.10 36.11
N ARG C 243 -16.43 -13.69 34.94
CA ARG C 243 -15.75 -14.58 34.00
C ARG C 243 -14.25 -14.31 34.02
N SER C 244 -13.47 -15.36 34.18
CA SER C 244 -12.02 -15.26 34.13
C SER C 244 -11.46 -16.58 33.61
N GLU C 245 -10.37 -16.48 32.84
CA GLU C 245 -9.76 -17.69 32.29
C GLU C 245 -9.23 -18.58 33.40
N ASN C 246 -8.61 -17.99 34.42
CA ASN C 246 -8.04 -18.73 35.55
C ASN C 246 -8.19 -17.82 36.78
N ILE C 247 -9.27 -18.04 37.53
CA ILE C 247 -9.62 -17.14 38.61
C ILE C 247 -8.54 -17.11 39.68
N THR C 248 -7.82 -18.22 39.86
CA THR C 248 -6.75 -18.27 40.84
C THR C 248 -5.48 -17.55 40.37
N ASN C 249 -5.39 -17.20 39.09
CA ASN C 249 -4.23 -16.48 38.56
C ASN C 249 -4.53 -14.99 38.62
N ASN C 250 -3.80 -14.27 39.47
CA ASN C 250 -3.97 -12.83 39.57
C ASN C 250 -3.49 -12.09 38.34
N ALA C 251 -2.75 -12.75 37.45
CA ALA C 251 -2.26 -12.14 36.23
C ALA C 251 -3.27 -12.19 35.09
N LYS C 252 -4.48 -12.67 35.34
CA LYS C 252 -5.53 -12.76 34.34
C LYS C 252 -6.66 -11.80 34.69
N ASN C 253 -7.14 -11.07 33.69
CA ASN C 253 -8.20 -10.10 33.91
C ASN C 253 -9.50 -10.78 34.26
N ILE C 254 -10.30 -10.12 35.09
CA ILE C 254 -11.62 -10.57 35.49
C ILE C 254 -12.64 -9.67 34.80
N LEU C 255 -13.45 -10.26 33.93
CA LEU C 255 -14.47 -9.53 33.19
C LEU C 255 -15.80 -9.66 33.92
N VAL C 256 -16.47 -8.54 34.15
CA VAL C 256 -17.74 -8.50 34.88
C VAL C 256 -18.82 -8.00 33.94
N GLN C 257 -20.04 -8.49 34.14
CA GLN C 257 -21.22 -8.06 33.40
C GLN C 257 -22.41 -8.21 34.33
N PHE C 258 -23.17 -7.14 34.52
CA PHE C 258 -24.24 -7.12 35.49
C PHE C 258 -25.58 -6.85 34.83
N ASN C 259 -26.65 -6.97 35.63
CA ASN C 259 -28.01 -7.03 35.11
C ASN C 259 -28.51 -5.66 34.63
N THR C 260 -28.60 -4.70 35.53
CA THR C 260 -29.11 -3.39 35.13
C THR C 260 -27.94 -2.49 34.72
N PRO C 261 -28.09 -1.65 33.70
CA PRO C 261 -27.00 -0.73 33.34
C PRO C 261 -27.05 0.52 34.19
N VAL C 262 -25.94 0.84 34.85
CA VAL C 262 -25.83 2.07 35.62
C VAL C 262 -25.36 3.17 34.69
N GLN C 263 -26.07 4.30 34.74
CA GLN C 263 -25.94 5.36 33.74
C GLN C 263 -24.83 6.34 34.14
N ILE C 264 -24.12 6.84 33.14
CA ILE C 264 -23.06 7.83 33.34
C ILE C 264 -23.23 8.95 32.32
N ASN C 265 -23.13 10.19 32.79
CA ASN C 265 -23.31 11.39 31.97
C ASN C 265 -22.01 12.16 31.93
N CYS C 266 -21.37 12.22 30.76
CA CYS C 266 -20.09 12.91 30.58
C CYS C 266 -20.29 14.10 29.65
N THR C 267 -19.78 15.27 30.06
CA THR C 267 -19.90 16.49 29.27
C THR C 267 -18.63 17.31 29.38
N ARG C 268 -18.30 18.02 28.29
CA ARG C 268 -17.32 19.08 28.33
C ARG C 268 -18.07 20.41 28.36
N PRO C 269 -18.00 21.19 29.43
CA PRO C 269 -18.82 22.40 29.52
C PRO C 269 -18.33 23.58 28.72
N ASN C 270 -17.36 23.39 27.82
CA ASN C 270 -16.78 24.49 27.07
C ASN C 270 -17.47 24.63 25.72
N ASN C 271 -17.65 25.88 25.29
CA ASN C 271 -18.27 26.20 24.01
C ASN C 271 -17.18 26.47 22.98
N ASN C 272 -16.46 25.40 22.63
CA ASN C 272 -15.31 25.51 21.75
C ASN C 272 -15.74 25.93 20.35
N THR C 273 -14.85 26.66 19.68
CA THR C 273 -15.05 27.12 18.31
C THR C 273 -13.90 26.63 17.43
N ARG C 274 -14.25 26.20 16.22
CA ARG C 274 -13.28 25.65 15.28
C ARG C 274 -12.91 26.71 14.25
N LYS C 275 -11.60 26.90 14.07
CA LYS C 275 -11.07 27.82 13.07
C LYS C 275 -10.07 27.09 12.21
N SER C 276 -9.98 27.50 10.95
CA SER C 276 -9.15 26.84 9.95
C SER C 276 -7.92 27.69 9.63
N ILE C 277 -6.76 27.05 9.60
CA ILE C 277 -5.51 27.68 9.20
C ILE C 277 -5.00 26.92 7.98
N ARG C 278 -4.80 27.63 6.88
CA ARG C 278 -4.33 27.00 5.65
C ARG C 278 -2.86 26.62 5.81
N ILE C 279 -2.60 25.32 5.91
CA ILE C 279 -1.21 24.85 6.00
C ILE C 279 -0.49 25.10 4.68
N GLY C 280 -1.16 24.80 3.57
CA GLY C 280 -0.57 24.89 2.26
C GLY C 280 -1.65 24.89 1.19
N PRO C 281 -1.34 24.37 -0.01
CA PRO C 281 -2.35 24.34 -1.08
C PRO C 281 -3.34 23.20 -0.87
N GLY C 282 -4.56 23.55 -0.46
CA GLY C 282 -5.59 22.58 -0.23
C GLY C 282 -5.52 21.86 1.11
N GLN C 283 -4.55 22.20 1.95
CA GLN C 283 -4.37 21.57 3.24
C GLN C 283 -4.84 22.53 4.33
N ALA C 284 -5.77 22.06 5.17
CA ALA C 284 -6.33 22.86 6.25
C ALA C 284 -6.08 22.16 7.58
N PHE C 285 -5.65 22.94 8.56
CA PHE C 285 -5.48 22.48 9.93
C PHE C 285 -6.58 23.11 10.77
N TYR C 286 -7.43 22.26 11.36
CA TYR C 286 -8.57 22.72 12.14
C TYR C 286 -8.14 22.94 13.57
N ALA C 287 -7.94 24.20 13.94
CA ALA C 287 -7.46 24.59 15.25
C ALA C 287 -8.62 24.97 16.16
N THR C 288 -8.29 25.41 17.37
CA THR C 288 -9.26 25.85 18.35
C THR C 288 -9.09 27.34 18.57
N GLY C 289 -10.18 28.09 18.39
CA GLY C 289 -10.18 29.52 18.65
C GLY C 289 -10.58 29.83 20.07
N ASP C 290 -10.88 31.10 20.31
CA ASP C 290 -11.29 31.52 21.64
C ASP C 290 -12.55 30.79 22.06
N ILE C 291 -12.57 30.36 23.32
CA ILE C 291 -13.69 29.59 23.87
C ILE C 291 -14.71 30.57 24.41
N ILE C 292 -15.96 30.41 23.99
CA ILE C 292 -17.03 31.36 24.29
C ILE C 292 -17.44 31.19 25.74
N GLY C 293 -17.11 32.18 26.56
CA GLY C 293 -17.42 32.15 27.98
C GLY C 293 -16.24 31.70 28.82
N ASP C 294 -16.53 31.48 30.10
CA ASP C 294 -15.50 31.05 31.02
C ASP C 294 -15.19 29.56 30.85
N ILE C 295 -14.13 29.11 31.51
CA ILE C 295 -13.53 27.80 31.29
C ILE C 295 -13.84 26.91 32.50
N ARG C 296 -14.31 25.70 32.23
CA ARG C 296 -14.61 24.70 33.25
C ARG C 296 -14.01 23.37 32.83
N GLN C 297 -13.97 22.43 33.77
CA GLN C 297 -13.37 21.11 33.56
C GLN C 297 -14.43 20.07 33.23
N ALA C 298 -14.09 19.18 32.30
CA ALA C 298 -14.97 18.09 31.96
C ALA C 298 -15.12 17.14 33.15
N HIS C 299 -16.28 16.48 33.22
CA HIS C 299 -16.56 15.57 34.33
C HIS C 299 -17.63 14.60 33.88
N CYS C 300 -17.78 13.52 34.65
CA CYS C 300 -18.86 12.56 34.48
C CYS C 300 -19.59 12.38 35.80
N ASN C 301 -20.88 12.07 35.71
CA ASN C 301 -21.74 11.88 36.87
C ASN C 301 -22.30 10.47 36.88
N VAL C 302 -22.21 9.82 38.04
CA VAL C 302 -22.78 8.49 38.25
C VAL C 302 -23.62 8.54 39.52
N SER C 303 -24.83 7.99 39.44
CA SER C 303 -25.72 7.98 40.58
C SER C 303 -25.08 7.22 41.74
N LYS C 304 -24.93 7.89 42.88
CA LYS C 304 -24.26 7.29 44.02
C LYS C 304 -25.01 6.05 44.51
N ALA C 305 -26.34 6.14 44.60
CA ALA C 305 -27.12 5.00 45.06
C ALA C 305 -27.03 3.83 44.10
N THR C 306 -27.13 4.09 42.79
CA THR C 306 -27.13 3.02 41.81
C THR C 306 -25.77 2.31 41.76
N TRP C 307 -24.68 3.06 41.89
CA TRP C 307 -23.37 2.44 41.88
C TRP C 307 -23.13 1.63 43.15
N ASN C 308 -23.62 2.13 44.29
CA ASN C 308 -23.41 1.42 45.55
C ASN C 308 -24.12 0.07 45.56
N GLU C 309 -25.33 0.00 45.02
CA GLU C 309 -26.05 -1.27 45.00
C GLU C 309 -25.49 -2.23 43.97
N THR C 310 -24.99 -1.71 42.84
CA THR C 310 -24.38 -2.59 41.84
C THR C 310 -23.12 -3.25 42.40
N LEU C 311 -22.31 -2.51 43.15
CA LEU C 311 -21.15 -3.12 43.79
C LEU C 311 -21.56 -4.17 44.82
N GLY C 312 -22.75 -4.01 45.41
CA GLY C 312 -23.24 -5.01 46.34
C GLY C 312 -23.63 -6.30 45.65
N LYS C 313 -24.03 -6.23 44.38
CA LYS C 313 -24.24 -7.44 43.60
C LYS C 313 -22.92 -8.07 43.20
N VAL C 314 -21.95 -7.24 42.81
CA VAL C 314 -20.66 -7.76 42.35
C VAL C 314 -19.94 -8.50 43.48
N VAL C 315 -20.01 -7.97 44.70
CA VAL C 315 -19.31 -8.59 45.81
C VAL C 315 -19.90 -9.96 46.13
N LYS C 316 -21.22 -10.13 45.95
CA LYS C 316 -21.82 -11.44 46.16
C LYS C 316 -21.21 -12.48 45.24
N GLN C 317 -21.10 -12.16 43.94
CA GLN C 317 -20.58 -13.14 42.99
C GLN C 317 -19.08 -13.32 43.12
N LEU C 318 -18.37 -12.32 43.62
CA LEU C 318 -16.93 -12.49 43.87
C LEU C 318 -16.69 -13.41 45.05
N ARG C 319 -17.60 -13.42 46.03
CA ARG C 319 -17.44 -14.28 47.19
C ARG C 319 -17.63 -15.75 46.88
N LYS C 320 -18.21 -16.09 45.72
CA LYS C 320 -18.38 -17.48 45.36
C LYS C 320 -17.05 -18.15 44.99
N HIS C 321 -16.05 -17.37 44.59
CA HIS C 321 -14.77 -17.92 44.16
C HIS C 321 -13.65 -17.72 45.16
N PHE C 322 -13.68 -16.65 45.95
CA PHE C 322 -12.57 -16.32 46.85
C PHE C 322 -12.89 -16.55 48.32
N GLY C 323 -14.05 -17.09 48.64
CA GLY C 323 -14.43 -17.36 50.01
C GLY C 323 -15.56 -16.44 50.44
N ASN C 324 -16.48 -17.00 51.23
CA ASN C 324 -17.67 -16.27 51.65
C ASN C 324 -17.44 -15.44 52.91
N ASN C 325 -16.55 -15.87 53.79
CA ASN C 325 -16.19 -15.10 54.99
C ASN C 325 -14.93 -14.28 54.76
N THR C 326 -14.90 -13.46 53.72
CA THR C 326 -13.70 -12.72 53.32
C THR C 326 -14.05 -11.26 53.10
N ILE C 327 -13.08 -10.40 53.39
CA ILE C 327 -13.21 -8.96 53.20
C ILE C 327 -12.78 -8.61 51.79
N ILE C 328 -13.66 -7.93 51.05
CA ILE C 328 -13.39 -7.51 49.69
C ILE C 328 -13.37 -5.99 49.67
N ARG C 329 -12.26 -5.42 49.21
CA ARG C 329 -12.08 -3.98 49.11
C ARG C 329 -11.74 -3.59 47.68
N PHE C 330 -11.99 -2.32 47.37
CA PHE C 330 -11.67 -1.75 46.06
C PHE C 330 -10.73 -0.56 46.25
N ALA C 331 -9.63 -0.56 45.51
CA ALA C 331 -8.67 0.54 45.48
C ALA C 331 -8.70 1.20 44.12
N ASN C 332 -8.15 2.41 44.03
CA ASN C 332 -8.39 3.22 42.84
C ASN C 332 -7.64 2.68 41.63
N SER C 333 -6.32 2.56 41.71
CA SER C 333 -5.56 2.03 40.59
C SER C 333 -4.11 1.85 41.03
N SER C 334 -3.34 1.16 40.19
CA SER C 334 -1.95 0.84 40.47
C SER C 334 -0.96 1.84 39.87
N GLY C 335 -1.43 2.78 39.07
CA GLY C 335 -0.55 3.75 38.46
C GLY C 335 0.09 3.24 37.18
N GLY C 336 0.61 4.18 36.39
CA GLY C 336 1.25 3.85 35.14
C GLY C 336 0.81 4.75 34.00
N ASP C 337 0.59 4.17 32.82
CA ASP C 337 0.18 4.94 31.67
C ASP C 337 -1.20 5.55 31.89
N LEU C 338 -1.38 6.77 31.38
CA LEU C 338 -2.63 7.50 31.63
C LEU C 338 -3.84 6.76 31.07
N GLU C 339 -3.65 5.98 30.00
CA GLU C 339 -4.78 5.30 29.38
C GLU C 339 -5.34 4.18 30.26
N VAL C 340 -4.52 3.63 31.17
CA VAL C 340 -4.95 2.52 32.01
C VAL C 340 -5.23 2.94 33.44
N THR C 341 -4.79 4.12 33.87
CA THR C 341 -5.10 4.59 35.21
C THR C 341 -6.49 5.21 35.27
N THR C 342 -6.70 6.29 34.52
CA THR C 342 -8.04 6.80 34.28
C THR C 342 -8.76 5.88 33.31
N HIS C 343 -10.10 5.93 33.30
CA HIS C 343 -10.86 5.18 32.32
C HIS C 343 -11.11 6.11 31.15
N SER C 344 -10.69 5.68 29.97
CA SER C 344 -10.67 6.52 28.78
C SER C 344 -11.72 6.05 27.80
N PHE C 345 -12.30 7.00 27.07
CA PHE C 345 -13.35 6.70 26.12
C PHE C 345 -13.42 7.84 25.12
N ASN C 346 -14.20 7.63 24.06
CA ASN C 346 -14.45 8.64 23.05
C ASN C 346 -15.91 9.05 23.12
N CYS C 347 -16.14 10.36 23.26
CA CYS C 347 -17.48 10.92 23.37
C CYS C 347 -17.61 12.02 22.32
N GLY C 348 -18.26 11.70 21.20
CA GLY C 348 -18.51 12.69 20.18
C GLY C 348 -17.26 13.26 19.54
N GLY C 349 -16.26 12.42 19.28
CA GLY C 349 -15.06 12.84 18.58
C GLY C 349 -13.95 13.35 19.46
N GLU C 350 -14.22 13.60 20.74
CA GLU C 350 -13.21 14.05 21.69
C GLU C 350 -12.91 12.92 22.67
N PHE C 351 -11.64 12.82 23.06
CA PHE C 351 -11.16 11.73 23.88
C PHE C 351 -11.06 12.18 25.33
N PHE C 352 -11.69 11.41 26.22
CA PHE C 352 -11.79 11.72 27.64
C PHE C 352 -10.88 10.81 28.44
N TYR C 353 -10.34 11.34 29.53
CA TYR C 353 -9.51 10.58 30.46
C TYR C 353 -9.96 10.94 31.87
N CYS C 354 -10.78 10.07 32.46
CA CYS C 354 -11.58 10.41 33.64
C CYS C 354 -11.11 9.63 34.85
N ASN C 355 -10.98 10.31 35.97
CA ASN C 355 -10.38 9.76 37.19
C ASN C 355 -11.47 9.08 38.00
N THR C 356 -11.43 7.74 38.02
CA THR C 356 -12.47 6.92 38.66
C THR C 356 -12.06 6.48 40.07
N SER C 357 -11.30 7.32 40.78
CA SER C 357 -10.92 6.98 42.14
C SER C 357 -12.09 7.08 43.12
N GLY C 358 -13.18 7.72 42.74
CA GLY C 358 -14.34 7.84 43.61
C GLY C 358 -15.28 6.65 43.51
N LEU C 359 -15.15 5.87 42.43
CA LEU C 359 -15.98 4.69 42.25
C LEU C 359 -15.41 3.50 43.02
N PHE C 360 -14.12 3.23 42.84
CA PHE C 360 -13.48 2.06 43.46
C PHE C 360 -12.79 2.49 44.75
N ASN C 361 -13.61 2.80 45.75
CA ASN C 361 -13.12 3.27 47.04
C ASN C 361 -14.12 2.81 48.11
N SER C 362 -13.85 1.64 48.69
CA SER C 362 -14.78 1.04 49.64
C SER C 362 -14.18 -0.27 50.15
N THR C 363 -14.69 -0.73 51.29
CA THR C 363 -14.34 -2.00 51.88
C THR C 363 -15.61 -2.72 52.29
N TRP C 364 -15.70 -4.00 51.96
CA TRP C 364 -16.90 -4.79 52.20
C TRP C 364 -16.57 -5.95 53.13
N ILE C 365 -17.34 -6.08 54.21
CA ILE C 365 -17.11 -7.09 55.23
C ILE C 365 -18.20 -8.15 55.10
N SER C 366 -17.87 -9.36 55.57
CA SER C 366 -18.79 -10.49 55.52
C SER C 366 -19.70 -10.58 56.74
N ASN C 367 -19.94 -9.46 57.41
CA ASN C 367 -20.84 -9.45 58.57
C ASN C 367 -22.27 -9.71 58.12
N ASN C 379 -30.87 11.65 44.24
CA ASN C 379 -30.08 12.10 45.39
C ASN C 379 -28.69 12.52 44.91
N ASP C 380 -27.69 12.37 45.78
CA ASP C 380 -26.32 12.75 45.43
C ASP C 380 -25.83 11.95 44.23
N SER C 381 -24.72 12.42 43.66
CA SER C 381 -24.08 11.74 42.55
C SER C 381 -22.57 11.86 42.71
N ILE C 382 -21.85 10.93 42.09
CA ILE C 382 -20.39 10.90 42.16
C ILE C 382 -19.88 11.66 40.93
N THR C 383 -19.47 12.91 41.14
CA THR C 383 -18.83 13.69 40.09
C THR C 383 -17.34 13.38 40.10
N LEU C 384 -16.81 13.00 38.94
CA LEU C 384 -15.41 12.64 38.81
C LEU C 384 -14.77 13.48 37.70
N PRO C 385 -13.56 14.00 37.89
CA PRO C 385 -13.00 14.91 36.88
C PRO C 385 -12.43 14.16 35.69
N CYS C 386 -12.31 14.89 34.58
CA CYS C 386 -11.79 14.36 33.33
C CYS C 386 -10.81 15.34 32.70
N ARG C 387 -9.88 14.79 31.92
CA ARG C 387 -8.93 15.56 31.15
C ARG C 387 -9.09 15.20 29.67
N ILE C 388 -8.84 16.16 28.81
CA ILE C 388 -9.05 16.02 27.37
C ILE C 388 -7.73 16.20 26.65
N LYS C 389 -7.51 15.38 25.62
CA LYS C 389 -6.28 15.38 24.84
C LYS C 389 -6.62 15.47 23.37
N GLN C 390 -5.82 16.22 22.62
CA GLN C 390 -6.02 16.38 21.18
C GLN C 390 -5.10 15.49 20.36
N ILE C 391 -3.95 15.10 20.90
CA ILE C 391 -3.04 14.14 20.27
C ILE C 391 -3.08 12.87 21.10
N ILE C 392 -3.34 11.74 20.44
CA ILE C 392 -3.48 10.46 21.11
C ILE C 392 -2.55 9.44 20.46
N ASN C 393 -1.97 8.58 21.28
CA ASN C 393 -1.21 7.43 20.78
C ASN C 393 -2.19 6.31 20.46
N MET C 394 -2.21 5.88 19.20
CA MET C 394 -3.14 4.83 18.79
C MET C 394 -2.82 3.53 19.51
N TRP C 395 -3.86 2.89 20.05
CA TRP C 395 -3.71 1.56 20.61
C TRP C 395 -3.49 0.51 19.52
N GLN C 396 -3.75 0.84 18.26
CA GLN C 396 -3.52 -0.09 17.17
C GLN C 396 -2.04 -0.30 16.88
N ARG C 397 -1.19 0.66 17.23
CA ARG C 397 0.22 0.57 16.90
C ARG C 397 1.02 1.42 17.88
N ILE C 398 2.22 0.97 18.21
CA ILE C 398 3.12 1.73 19.06
C ILE C 398 3.76 2.91 18.33
N GLY C 399 3.51 3.04 17.04
CA GLY C 399 4.08 4.06 16.20
C GLY C 399 3.10 5.19 16.00
N GLN C 400 2.35 5.16 14.89
CA GLN C 400 1.46 6.25 14.49
C GLN C 400 0.60 6.74 15.65
N CYS C 401 0.31 8.05 15.62
CA CYS C 401 -0.65 8.70 16.49
C CYS C 401 -1.72 9.34 15.60
N MET C 402 -2.61 10.14 16.20
CA MET C 402 -3.56 10.90 15.42
C MET C 402 -3.96 12.15 16.19
N TYR C 403 -4.47 13.13 15.47
CA TYR C 403 -4.92 14.40 16.04
C TYR C 403 -6.44 14.50 15.89
N ALA C 404 -7.10 14.82 16.98
CA ALA C 404 -8.56 14.95 16.98
C ALA C 404 -8.94 16.39 16.66
N PRO C 405 -9.64 16.68 15.57
CA PRO C 405 -10.08 18.04 15.33
C PRO C 405 -11.01 18.49 16.44
N PRO C 406 -10.99 19.78 16.80
CA PRO C 406 -11.92 20.25 17.83
C PRO C 406 -13.36 20.13 17.35
N ILE C 407 -14.26 19.91 18.31
CA ILE C 407 -15.69 19.79 18.06
C ILE C 407 -16.35 21.08 18.53
N GLN C 408 -17.04 21.75 17.61
CA GLN C 408 -17.68 23.01 17.94
C GLN C 408 -18.85 22.80 18.91
N GLY C 409 -19.02 23.76 19.82
CA GLY C 409 -20.14 23.74 20.73
C GLY C 409 -19.86 23.02 22.03
N VAL C 410 -20.86 22.34 22.56
CA VAL C 410 -20.78 21.64 23.83
C VAL C 410 -21.13 20.18 23.59
N ILE C 411 -20.32 19.27 24.12
CA ILE C 411 -20.51 17.84 23.97
C ILE C 411 -21.20 17.31 25.21
N ARG C 412 -22.08 16.33 25.02
CA ARG C 412 -22.69 15.60 26.12
C ARG C 412 -22.90 14.15 25.68
N CYS C 413 -22.69 13.22 26.61
CA CYS C 413 -22.86 11.80 26.33
C CYS C 413 -23.63 11.17 27.48
N VAL C 414 -24.50 10.22 27.15
CA VAL C 414 -25.26 9.45 28.12
C VAL C 414 -25.13 7.99 27.74
N SER C 415 -24.31 7.25 28.48
CA SER C 415 -23.95 5.89 28.12
C SER C 415 -24.32 4.94 29.25
N ASN C 416 -24.37 3.65 28.90
CA ASN C 416 -24.61 2.58 29.86
C ASN C 416 -23.27 1.97 30.26
N ILE C 417 -23.05 1.86 31.57
CA ILE C 417 -21.97 1.02 32.08
C ILE C 417 -22.52 -0.39 32.19
N THR C 418 -21.88 -1.33 31.49
CA THR C 418 -22.39 -2.69 31.38
C THR C 418 -21.50 -3.73 32.03
N GLY C 419 -20.35 -3.34 32.57
CA GLY C 419 -19.47 -4.31 33.17
C GLY C 419 -18.23 -3.64 33.74
N LEU C 420 -17.28 -4.48 34.13
CA LEU C 420 -16.02 -4.02 34.69
C LEU C 420 -14.88 -4.89 34.17
N ILE C 421 -13.67 -4.37 34.30
CA ILE C 421 -12.44 -5.13 34.07
C ILE C 421 -11.58 -4.94 35.30
N LEU C 422 -11.28 -6.04 36.00
CA LEU C 422 -10.66 -5.98 37.32
C LEU C 422 -9.40 -6.83 37.34
N THR C 423 -8.52 -6.51 38.28
CA THR C 423 -7.24 -7.19 38.45
C THR C 423 -6.98 -7.38 39.94
N ARG C 424 -7.15 -8.61 40.42
CA ARG C 424 -6.91 -8.92 41.82
C ARG C 424 -5.41 -8.90 42.11
N ASP C 425 -5.06 -8.47 43.31
CA ASP C 425 -3.67 -8.29 43.71
C ASP C 425 -3.10 -9.57 44.30
N GLY C 426 -1.98 -10.03 43.76
CA GLY C 426 -1.28 -11.16 44.34
C GLY C 426 -0.78 -10.85 45.73
N GLY C 427 -1.09 -11.72 46.69
CA GLY C 427 -0.65 -11.51 48.06
C GLY C 427 -0.43 -12.84 48.76
N SER C 428 0.38 -12.79 49.81
CA SER C 428 0.66 -13.98 50.59
C SER C 428 -0.61 -14.46 51.28
N THR C 429 -0.72 -15.78 51.44
CA THR C 429 -1.90 -16.39 52.04
C THR C 429 -1.84 -16.29 53.57
N ASN C 430 -1.77 -15.04 54.04
CA ASN C 430 -1.73 -14.76 55.48
C ASN C 430 -2.80 -13.73 55.83
N SER C 431 -3.09 -12.81 54.92
CA SER C 431 -4.10 -11.78 55.12
C SER C 431 -5.39 -12.18 54.42
N THR C 432 -6.50 -12.11 55.15
CA THR C 432 -7.80 -12.56 54.65
C THR C 432 -8.54 -11.39 54.00
N THR C 433 -7.99 -10.94 52.87
CA THR C 433 -8.58 -9.86 52.11
C THR C 433 -8.19 -10.00 50.65
N GLU C 434 -9.07 -9.53 49.76
CA GLU C 434 -8.81 -9.51 48.33
C GLU C 434 -9.07 -8.10 47.83
N THR C 435 -8.06 -7.49 47.23
CA THR C 435 -8.15 -6.13 46.71
C THR C 435 -8.27 -6.18 45.21
N PHE C 436 -9.37 -5.65 44.69
CA PHE C 436 -9.64 -5.60 43.26
C PHE C 436 -9.46 -4.18 42.76
N ARG C 437 -8.71 -4.02 41.68
CA ARG C 437 -8.45 -2.73 41.08
C ARG C 437 -8.87 -2.74 39.62
N PRO C 438 -9.23 -1.58 39.06
CA PRO C 438 -9.61 -1.53 37.64
C PRO C 438 -8.41 -1.40 36.72
N GLY C 439 -8.50 -2.06 35.57
CA GLY C 439 -7.54 -1.86 34.51
C GLY C 439 -7.99 -2.52 33.22
N GLY C 440 -7.98 -1.75 32.13
CA GLY C 440 -8.42 -2.27 30.85
C GLY C 440 -7.31 -2.91 30.04
N GLY C 441 -6.29 -2.13 29.71
CA GLY C 441 -5.20 -2.62 28.90
C GLY C 441 -5.64 -3.12 27.53
N ASP C 442 -5.65 -4.45 27.38
CA ASP C 442 -5.92 -5.05 26.08
C ASP C 442 -7.34 -4.73 25.61
N MET C 443 -7.45 -4.38 24.33
CA MET C 443 -8.74 -4.12 23.72
C MET C 443 -9.42 -5.38 23.21
N ARG C 444 -8.72 -6.51 23.18
CA ARG C 444 -9.38 -7.77 22.84
C ARG C 444 -10.40 -8.15 23.90
N ASP C 445 -10.17 -7.75 25.16
CA ASP C 445 -11.15 -8.00 26.20
C ASP C 445 -12.41 -7.16 26.04
N ASN C 446 -12.35 -6.09 25.24
CA ASN C 446 -13.53 -5.29 24.98
C ASN C 446 -14.51 -6.02 24.07
N TRP C 447 -13.98 -6.75 23.08
CA TRP C 447 -14.80 -7.52 22.17
C TRP C 447 -14.99 -8.96 22.62
N ARG C 448 -14.10 -9.46 23.47
CA ARG C 448 -14.36 -10.72 24.16
C ARG C 448 -15.61 -10.60 25.03
N SER C 449 -15.93 -9.39 25.48
CA SER C 449 -17.14 -9.17 26.25
C SER C 449 -18.38 -9.46 25.41
N GLU C 450 -18.34 -9.13 24.12
CA GLU C 450 -19.51 -9.26 23.26
C GLU C 450 -19.55 -10.58 22.50
N LEU C 451 -18.39 -11.20 22.26
CA LEU C 451 -18.29 -12.40 21.43
C LEU C 451 -18.05 -13.65 22.26
N TYR C 452 -18.56 -13.68 23.49
CA TYR C 452 -18.39 -14.86 24.32
C TYR C 452 -19.42 -15.95 24.03
N LYS C 453 -20.57 -15.57 23.47
CA LYS C 453 -21.63 -16.53 23.18
C LYS C 453 -21.43 -17.30 21.88
N TYR C 454 -20.56 -16.83 21.00
CA TYR C 454 -20.50 -17.31 19.63
C TYR C 454 -19.29 -18.19 19.40
N LYS C 455 -19.39 -19.03 18.36
CA LYS C 455 -18.26 -19.80 17.87
C LYS C 455 -18.53 -20.17 16.43
N VAL C 456 -17.47 -20.56 15.72
CA VAL C 456 -17.52 -20.88 14.30
C VAL C 456 -17.33 -22.38 14.14
N VAL C 457 -18.17 -22.99 13.31
CA VAL C 457 -18.11 -24.43 13.05
C VAL C 457 -18.19 -24.66 11.55
N LYS C 458 -17.62 -25.78 11.12
CA LYS C 458 -17.59 -26.18 9.72
C LYS C 458 -18.49 -27.39 9.52
N ILE C 459 -19.53 -27.23 8.70
CA ILE C 459 -20.43 -28.32 8.42
C ILE C 459 -19.71 -29.37 7.58
N GLU C 460 -19.82 -30.63 7.99
CA GLU C 460 -19.08 -31.74 7.38
C GLU C 460 -20.06 -32.80 6.89
N PRO C 461 -20.62 -32.64 5.69
CA PRO C 461 -21.52 -33.67 5.16
C PRO C 461 -20.75 -34.91 4.72
N LEU C 462 -21.42 -35.82 4.01
CA LEU C 462 -20.82 -37.07 3.55
C LEU C 462 -20.42 -37.97 4.70
N GLY C 463 -21.41 -38.42 5.49
CA GLY C 463 -21.20 -39.47 6.45
C GLY C 463 -21.52 -40.84 5.88
N VAL C 464 -20.96 -41.88 6.51
CA VAL C 464 -21.15 -43.26 6.09
C VAL C 464 -21.59 -44.08 7.30
N ALA C 465 -22.62 -44.89 7.13
CA ALA C 465 -23.18 -45.71 8.19
C ALA C 465 -23.57 -47.06 7.63
N PRO C 466 -23.69 -48.09 8.48
CA PRO C 466 -24.12 -49.40 7.98
C PRO C 466 -25.61 -49.45 7.71
N THR C 467 -25.97 -50.08 6.60
CA THR C 467 -27.37 -50.27 6.24
C THR C 467 -27.45 -51.42 5.25
N ARG C 468 -28.66 -51.98 5.11
CA ARG C 468 -28.87 -53.09 4.19
C ARG C 468 -29.13 -52.58 2.79
N CYS C 469 -28.34 -53.06 1.84
CA CYS C 469 -28.50 -52.72 0.43
C CYS C 469 -27.79 -53.78 -0.42
N LYS C 470 -28.25 -53.89 -1.67
CA LYS C 470 -27.55 -54.70 -2.67
C LYS C 470 -27.85 -54.05 -4.03
N ARG C 471 -26.92 -53.23 -4.50
CA ARG C 471 -27.13 -52.50 -5.74
C ARG C 471 -27.29 -53.47 -6.91
N ARG C 472 -28.39 -53.32 -7.64
CA ARG C 472 -28.63 -54.15 -8.81
C ARG C 472 -27.61 -53.83 -9.91
N VAL C 473 -27.24 -54.87 -10.65
CA VAL C 473 -26.26 -54.74 -11.72
C VAL C 473 -26.96 -54.42 -13.03
N LEU D 9 -29.58 -18.39 -35.49
CA LEU D 9 -29.74 -19.44 -34.49
C LEU D 9 -28.37 -19.94 -34.03
N GLY D 10 -27.65 -19.10 -33.30
CA GLY D 10 -26.36 -19.50 -32.76
C GLY D 10 -26.30 -19.51 -31.24
N PHE D 11 -26.98 -18.57 -30.59
CA PHE D 11 -27.06 -18.54 -29.14
C PHE D 11 -28.48 -18.54 -28.62
N LEU D 12 -29.33 -17.61 -29.07
CA LEU D 12 -30.69 -17.49 -28.59
C LEU D 12 -31.68 -17.28 -29.73
N GLY D 13 -31.33 -17.70 -30.95
CA GLY D 13 -32.16 -17.40 -32.10
C GLY D 13 -33.56 -17.95 -31.99
N ALA D 14 -33.75 -19.02 -31.23
CA ALA D 14 -35.07 -19.59 -30.98
C ALA D 14 -35.83 -18.82 -29.90
N ALA D 15 -35.38 -17.63 -29.52
CA ALA D 15 -36.06 -16.87 -28.49
C ALA D 15 -37.49 -16.54 -28.91
N GLY D 16 -37.69 -16.17 -30.16
CA GLY D 16 -39.01 -15.87 -30.68
C GLY D 16 -39.72 -17.01 -31.36
N SER D 17 -39.07 -18.15 -31.53
CA SER D 17 -39.73 -19.32 -32.09
C SER D 17 -40.63 -19.96 -31.04
N THR D 18 -41.58 -20.76 -31.52
CA THR D 18 -42.54 -21.41 -30.63
C THR D 18 -41.82 -22.21 -29.55
N MET D 19 -42.53 -22.43 -28.44
CA MET D 19 -41.96 -23.22 -27.34
C MET D 19 -41.52 -24.59 -27.82
N GLY D 20 -42.37 -25.27 -28.59
CA GLY D 20 -42.00 -26.57 -29.11
C GLY D 20 -40.77 -26.51 -30.01
N ALA D 21 -40.68 -25.46 -30.84
CA ALA D 21 -39.52 -25.33 -31.71
C ALA D 21 -38.26 -25.00 -30.92
N ALA D 22 -38.40 -24.29 -29.80
CA ALA D 22 -37.24 -23.87 -29.03
C ALA D 22 -36.58 -25.01 -28.28
N SER D 23 -37.33 -26.08 -27.98
CA SER D 23 -36.76 -27.21 -27.24
C SER D 23 -35.82 -28.06 -28.08
N MET D 24 -35.80 -27.87 -29.41
CA MET D 24 -34.81 -28.57 -30.23
C MET D 24 -33.41 -28.04 -29.96
N THR D 25 -33.30 -26.74 -29.67
CA THR D 25 -32.02 -26.08 -29.45
C THR D 25 -31.92 -25.72 -27.97
N LEU D 26 -31.45 -26.69 -27.18
CA LEU D 26 -31.26 -26.54 -25.74
C LEU D 26 -29.80 -26.60 -25.35
N THR D 27 -29.02 -27.49 -25.96
CA THR D 27 -27.58 -27.51 -25.72
C THR D 27 -26.91 -26.22 -26.17
N VAL D 28 -27.52 -25.48 -27.09
CA VAL D 28 -26.90 -24.26 -27.60
C VAL D 28 -26.79 -23.22 -26.50
N GLN D 29 -27.85 -23.02 -25.72
CA GLN D 29 -27.78 -22.11 -24.59
C GLN D 29 -26.96 -22.69 -23.45
N ALA D 30 -26.91 -24.02 -23.35
CA ALA D 30 -26.24 -24.66 -22.22
C ALA D 30 -24.74 -24.38 -22.23
N ARG D 31 -24.09 -24.60 -23.37
CA ARG D 31 -22.63 -24.47 -23.43
C ARG D 31 -22.19 -23.02 -23.30
N ASN D 32 -23.09 -22.06 -23.47
CA ASN D 32 -22.76 -20.64 -23.40
C ASN D 32 -22.95 -20.05 -22.00
N LEU D 33 -23.42 -20.84 -21.04
CA LEU D 33 -23.67 -20.34 -19.69
C LEU D 33 -22.44 -20.39 -18.79
N LEU D 34 -21.32 -20.92 -19.28
CA LEU D 34 -20.12 -21.07 -18.48
C LEU D 34 -18.85 -20.56 -19.14
N SER D 35 -18.82 -20.44 -20.46
CA SER D 35 -17.65 -19.91 -21.15
C SER D 35 -17.40 -18.46 -20.75
N THR D 58 -5.27 -1.40 -12.17
CA THR D 58 -5.97 -2.57 -12.67
C THR D 58 -7.48 -2.41 -12.54
N VAL D 59 -8.05 -1.45 -13.26
CA VAL D 59 -9.49 -1.25 -13.23
C VAL D 59 -10.19 -2.47 -13.81
N TRP D 60 -9.67 -3.02 -14.90
CA TRP D 60 -10.21 -4.22 -15.51
C TRP D 60 -9.68 -5.50 -14.88
N GLY D 61 -8.67 -5.40 -14.01
CA GLY D 61 -8.15 -6.61 -13.38
C GLY D 61 -9.14 -7.26 -12.43
N ILE D 62 -9.80 -6.45 -11.60
CA ILE D 62 -10.79 -6.99 -10.69
C ILE D 62 -12.16 -7.12 -11.36
N LYS D 63 -12.49 -6.20 -12.26
CA LYS D 63 -13.76 -6.30 -12.98
C LYS D 63 -13.83 -7.60 -13.79
N GLN D 64 -12.68 -8.08 -14.28
CA GLN D 64 -12.64 -9.38 -14.91
C GLN D 64 -12.67 -10.51 -13.90
N LEU D 65 -12.02 -10.33 -12.74
CA LEU D 65 -11.99 -11.38 -11.74
C LEU D 65 -13.37 -11.63 -11.16
N GLN D 66 -14.05 -10.57 -10.71
CA GLN D 66 -15.36 -10.73 -10.10
C GLN D 66 -16.40 -11.28 -11.06
N ALA D 67 -16.25 -10.99 -12.36
CA ALA D 67 -17.21 -11.47 -13.34
C ALA D 67 -17.13 -12.98 -13.50
N ARG D 68 -15.93 -13.56 -13.37
CA ARG D 68 -15.77 -14.99 -13.59
C ARG D 68 -16.29 -15.81 -12.42
N VAL D 69 -16.15 -15.31 -11.19
CA VAL D 69 -16.66 -16.06 -10.05
C VAL D 69 -18.18 -16.08 -10.05
N LEU D 70 -18.80 -14.95 -10.43
CA LEU D 70 -20.26 -14.88 -10.44
C LEU D 70 -20.84 -15.89 -11.42
N ALA D 71 -20.21 -16.06 -12.58
CA ALA D 71 -20.69 -17.03 -13.56
C ALA D 71 -20.64 -18.44 -12.99
N VAL D 72 -19.58 -18.78 -12.26
CA VAL D 72 -19.45 -20.12 -11.70
C VAL D 72 -20.56 -20.39 -10.68
N GLU D 73 -20.80 -19.42 -9.79
CA GLU D 73 -21.80 -19.63 -8.74
C GLU D 73 -23.20 -19.81 -9.32
N ARG D 74 -23.55 -19.02 -10.34
CA ARG D 74 -24.87 -19.16 -10.94
C ARG D 74 -25.01 -20.49 -11.67
N TYR D 75 -23.94 -20.98 -12.28
CA TYR D 75 -23.99 -22.29 -12.92
C TYR D 75 -24.27 -23.39 -11.90
N LEU D 76 -23.60 -23.34 -10.74
CA LEU D 76 -23.77 -24.38 -9.75
C LEU D 76 -25.10 -24.28 -9.02
N ARG D 77 -25.66 -23.07 -8.92
CA ARG D 77 -26.95 -22.91 -8.27
C ARG D 77 -28.03 -23.67 -9.01
N ASP D 78 -28.10 -23.51 -10.33
CA ASP D 78 -29.09 -24.24 -11.11
C ASP D 78 -28.71 -25.70 -11.28
N GLN D 79 -27.40 -26.01 -11.25
CA GLN D 79 -26.98 -27.40 -11.34
C GLN D 79 -27.34 -28.15 -10.07
N GLN D 80 -27.05 -27.56 -8.91
CA GLN D 80 -27.42 -28.19 -7.65
C GLN D 80 -28.93 -28.25 -7.49
N LEU D 81 -29.64 -27.21 -7.94
CA LEU D 81 -31.10 -27.20 -7.84
C LEU D 81 -31.70 -28.36 -8.63
N LEU D 82 -31.13 -28.66 -9.80
CA LEU D 82 -31.53 -29.85 -10.53
C LEU D 82 -31.15 -31.12 -9.76
N GLY D 83 -29.99 -31.11 -9.11
CA GLY D 83 -29.51 -32.30 -8.44
C GLY D 83 -30.41 -32.75 -7.31
N ILE D 84 -30.96 -31.80 -6.54
CA ILE D 84 -31.86 -32.17 -5.46
C ILE D 84 -33.12 -32.82 -5.99
N TRP D 85 -33.51 -32.52 -7.23
CA TRP D 85 -34.53 -33.30 -7.92
C TRP D 85 -33.85 -34.49 -8.59
N GLY D 86 -34.64 -35.39 -9.16
CA GLY D 86 -34.09 -36.64 -9.65
C GLY D 86 -33.54 -36.56 -11.06
N CYS D 87 -32.88 -35.46 -11.41
CA CYS D 87 -32.29 -35.31 -12.72
C CYS D 87 -31.21 -34.24 -12.74
N SER D 88 -29.96 -34.63 -12.94
CA SER D 88 -28.82 -33.73 -12.88
C SER D 88 -28.19 -33.45 -14.24
N GLY D 89 -28.02 -34.48 -15.07
CA GLY D 89 -27.39 -34.32 -16.37
C GLY D 89 -28.30 -34.73 -17.51
N LYS D 90 -29.58 -34.38 -17.41
CA LYS D 90 -30.60 -34.85 -18.34
C LYS D 90 -30.94 -33.85 -19.43
N LEU D 91 -31.13 -32.57 -19.06
CA LEU D 91 -31.51 -31.49 -19.97
C LEU D 91 -32.98 -31.54 -20.38
N ILE D 92 -33.65 -32.66 -20.10
CA ILE D 92 -35.11 -32.79 -20.16
C ILE D 92 -35.46 -33.88 -19.16
N CYS D 93 -36.36 -33.58 -18.24
CA CYS D 93 -36.54 -34.42 -17.06
C CYS D 93 -38.01 -34.49 -16.68
N CYS D 94 -38.57 -35.69 -16.73
CA CYS D 94 -39.93 -35.92 -16.28
C CYS D 94 -39.95 -36.03 -14.75
N THR D 95 -41.15 -35.97 -14.17
CA THR D 95 -41.27 -35.96 -12.72
C THR D 95 -42.63 -36.52 -12.32
N ASN D 96 -42.70 -36.96 -11.07
CA ASN D 96 -43.95 -37.47 -10.48
C ASN D 96 -44.61 -36.36 -9.66
N VAL D 97 -45.13 -35.36 -10.38
CA VAL D 97 -45.80 -34.23 -9.75
C VAL D 97 -46.98 -33.82 -10.62
N PRO D 98 -48.22 -34.11 -10.23
CA PRO D 98 -49.37 -33.65 -11.04
C PRO D 98 -49.36 -32.15 -11.21
N TRP D 99 -49.77 -31.71 -12.40
CA TRP D 99 -49.78 -30.30 -12.76
C TRP D 99 -51.13 -29.71 -12.38
N ASN D 100 -51.13 -28.82 -11.38
CA ASN D 100 -52.36 -28.16 -10.97
C ASN D 100 -52.93 -27.37 -12.14
N SER D 101 -54.23 -27.57 -12.40
CA SER D 101 -54.87 -26.88 -13.52
C SER D 101 -55.02 -25.39 -13.28
N SER D 102 -54.89 -24.94 -12.03
CA SER D 102 -55.02 -23.52 -11.74
C SER D 102 -53.92 -22.70 -12.41
N TRP D 103 -52.70 -23.25 -12.44
CA TRP D 103 -51.57 -22.49 -12.96
C TRP D 103 -51.74 -22.14 -14.43
N SER D 104 -52.22 -23.10 -15.23
CA SER D 104 -52.27 -22.95 -16.68
C SER D 104 -53.69 -22.82 -17.23
N ASN D 105 -54.57 -23.76 -16.89
CA ASN D 105 -55.95 -23.83 -17.36
C ASN D 105 -56.09 -23.46 -18.84
N ARG D 106 -55.15 -23.91 -19.67
CA ARG D 106 -55.17 -23.64 -21.09
C ARG D 106 -54.86 -24.92 -21.86
N ASN D 107 -55.31 -24.94 -23.11
CA ASN D 107 -55.13 -26.12 -23.95
C ASN D 107 -53.64 -26.40 -24.13
N LEU D 108 -53.29 -27.69 -24.12
CA LEU D 108 -51.91 -28.08 -24.30
C LEU D 108 -51.43 -27.82 -25.73
N SER D 109 -52.35 -27.83 -26.69
CA SER D 109 -51.96 -27.67 -28.09
C SER D 109 -51.36 -26.29 -28.33
N GLU D 110 -52.02 -25.24 -27.83
CA GLU D 110 -51.56 -23.88 -28.12
C GLU D 110 -50.29 -23.52 -27.38
N ILE D 111 -49.94 -24.24 -26.31
CA ILE D 111 -48.74 -23.90 -25.55
C ILE D 111 -47.49 -24.18 -26.38
N TRP D 112 -47.43 -25.33 -27.04
CA TRP D 112 -46.26 -25.75 -27.80
C TRP D 112 -46.37 -25.43 -29.29
N ASP D 113 -47.51 -24.92 -29.76
CA ASP D 113 -47.74 -24.72 -31.19
C ASP D 113 -47.89 -23.27 -31.59
N ASN D 114 -48.13 -22.36 -30.66
CA ASN D 114 -48.34 -20.94 -30.99
C ASN D 114 -47.47 -20.04 -30.13
N MET D 115 -47.12 -20.48 -28.93
CA MET D 115 -46.64 -19.61 -27.86
C MET D 115 -45.22 -19.99 -27.47
N THR D 116 -44.51 -19.02 -26.88
CA THR D 116 -43.06 -19.05 -26.77
C THR D 116 -42.64 -19.07 -25.30
N TRP D 117 -41.40 -19.53 -25.07
CA TRP D 117 -40.84 -19.58 -23.72
C TRP D 117 -40.81 -18.19 -23.09
N LEU D 118 -40.56 -17.14 -23.88
CA LEU D 118 -40.60 -15.79 -23.35
C LEU D 118 -41.98 -15.47 -22.78
N GLN D 119 -43.03 -15.71 -23.56
CA GLN D 119 -44.38 -15.43 -23.09
C GLN D 119 -44.76 -16.32 -21.91
N TRP D 120 -44.29 -17.57 -21.91
CA TRP D 120 -44.65 -18.50 -20.86
C TRP D 120 -44.03 -18.16 -19.51
N ASP D 121 -42.75 -17.77 -19.49
CA ASP D 121 -42.12 -17.43 -18.22
C ASP D 121 -42.84 -16.30 -17.51
N LYS D 122 -43.48 -15.40 -18.26
CA LYS D 122 -44.25 -14.32 -17.64
C LYS D 122 -45.56 -14.85 -17.07
N GLU D 123 -46.23 -15.74 -17.81
CA GLU D 123 -47.52 -16.25 -17.35
C GLU D 123 -47.37 -17.11 -16.10
N ILE D 124 -46.38 -18.00 -16.08
CA ILE D 124 -46.16 -18.85 -14.92
C ILE D 124 -45.43 -18.11 -13.81
N SER D 125 -44.99 -16.87 -14.06
CA SER D 125 -44.14 -16.15 -13.13
C SER D 125 -44.73 -16.11 -11.73
N ASN D 126 -46.06 -15.98 -11.63
CA ASN D 126 -46.68 -15.90 -10.31
C ASN D 126 -46.59 -17.23 -9.57
N TYR D 127 -47.10 -18.29 -10.19
CA TYR D 127 -47.11 -19.61 -9.57
C TYR D 127 -45.95 -20.45 -10.13
N THR D 128 -44.74 -20.12 -9.68
CA THR D 128 -43.55 -20.84 -10.11
C THR D 128 -42.74 -21.31 -8.91
N GLN D 129 -42.64 -20.48 -7.87
CA GLN D 129 -41.87 -20.86 -6.69
C GLN D 129 -42.58 -21.95 -5.89
N ILE D 130 -43.89 -22.07 -6.05
CA ILE D 130 -44.60 -23.20 -5.46
C ILE D 130 -44.16 -24.49 -6.13
N ILE D 131 -43.98 -24.46 -7.45
CA ILE D 131 -43.66 -25.68 -8.20
C ILE D 131 -42.29 -26.20 -7.81
N TYR D 132 -41.33 -25.30 -7.59
CA TYR D 132 -39.99 -25.72 -7.19
C TYR D 132 -40.02 -26.47 -5.88
N GLY D 133 -40.82 -26.01 -4.92
CA GLY D 133 -40.93 -26.71 -3.66
C GLY D 133 -41.55 -28.09 -3.79
N LEU D 134 -42.64 -28.19 -4.55
CA LEU D 134 -43.27 -29.49 -4.78
C LEU D 134 -42.32 -30.43 -5.50
N LEU D 135 -41.58 -29.90 -6.49
CA LEU D 135 -40.68 -30.75 -7.27
C LEU D 135 -39.61 -31.36 -6.37
N GLU D 136 -39.24 -30.67 -5.29
CA GLU D 136 -38.36 -31.26 -4.29
C GLU D 136 -39.09 -32.31 -3.45
N GLU D 137 -40.40 -32.13 -3.24
CA GLU D 137 -41.15 -33.09 -2.44
C GLU D 137 -41.22 -34.44 -3.13
N SER D 138 -41.41 -34.46 -4.45
CA SER D 138 -41.52 -35.73 -5.16
C SER D 138 -40.24 -36.55 -5.02
N GLN D 139 -39.07 -35.90 -5.17
CA GLN D 139 -37.82 -36.58 -4.87
C GLN D 139 -37.67 -36.83 -3.37
N ASN D 140 -38.34 -36.04 -2.53
CA ASN D 140 -38.43 -36.38 -1.12
C ASN D 140 -39.38 -37.55 -0.91
N GLN D 141 -40.43 -37.64 -1.71
CA GLN D 141 -41.32 -38.81 -1.64
C GLN D 141 -40.60 -40.05 -2.17
N GLN D 142 -39.76 -39.88 -3.19
CA GLN D 142 -38.88 -40.96 -3.60
C GLN D 142 -37.83 -41.23 -2.55
N GLU D 143 -37.41 -40.20 -1.81
CA GLU D 143 -36.49 -40.40 -0.69
C GLU D 143 -37.15 -41.25 0.38
N LYS D 144 -38.47 -41.15 0.52
CA LYS D 144 -39.23 -42.02 1.41
C LYS D 144 -39.32 -43.44 0.88
N ASN D 145 -38.87 -43.69 -0.36
CA ASN D 145 -39.11 -44.96 -1.04
C ASN D 145 -37.81 -45.52 -1.61
N GLU D 146 -36.78 -44.70 -1.83
CA GLU D 146 -35.60 -45.19 -2.54
C GLU D 146 -34.97 -46.38 -1.80
N GLN D 147 -34.41 -46.12 -0.62
CA GLN D 147 -33.58 -47.11 0.07
C GLN D 147 -34.40 -47.93 1.06
N ASP D 148 -35.45 -48.59 0.56
CA ASP D 148 -36.13 -49.62 1.33
C ASP D 148 -36.31 -50.87 0.47
N LEU D 149 -36.58 -50.67 -0.82
CA LEU D 149 -36.73 -51.80 -1.73
C LEU D 149 -35.45 -52.63 -1.80
N LEU D 150 -34.30 -51.97 -1.89
CA LEU D 150 -33.04 -52.70 -1.89
C LEU D 150 -32.75 -53.32 -0.53
N ALA D 151 -33.34 -52.77 0.54
CA ALA D 151 -33.07 -53.31 1.87
C ALA D 151 -33.82 -54.61 2.11
N LEU D 152 -35.05 -54.72 1.60
CA LEU D 152 -35.88 -55.89 1.84
C LEU D 152 -35.70 -56.99 0.81
N ASP D 153 -34.81 -56.81 -0.16
CA ASP D 153 -34.60 -57.82 -1.20
C ASP D 153 -34.08 -59.12 -0.60
N GLU E 2 -56.52 -35.66 -19.33
CA GLU E 2 -56.03 -34.32 -19.01
C GLU E 2 -55.07 -34.35 -17.82
N ASN E 3 -54.53 -35.54 -17.53
CA ASN E 3 -53.56 -35.71 -16.45
C ASN E 3 -52.19 -35.26 -16.94
N LEU E 4 -51.92 -33.96 -16.79
CA LEU E 4 -50.62 -33.40 -17.13
C LEU E 4 -49.69 -33.46 -15.93
N TRP E 5 -48.40 -33.39 -16.22
CA TRP E 5 -47.34 -33.43 -15.22
C TRP E 5 -46.40 -32.26 -15.46
N VAL E 6 -45.46 -32.08 -14.53
CA VAL E 6 -44.47 -31.01 -14.60
C VAL E 6 -43.18 -31.60 -15.16
N THR E 7 -42.60 -30.91 -16.14
CA THR E 7 -41.39 -31.36 -16.83
C THR E 7 -40.44 -30.18 -16.93
N VAL E 8 -39.26 -30.30 -16.33
CA VAL E 8 -38.30 -29.20 -16.32
C VAL E 8 -37.40 -29.31 -17.55
N TYR E 9 -37.22 -28.18 -18.23
CA TYR E 9 -36.31 -28.06 -19.36
C TYR E 9 -35.14 -27.19 -18.95
N TYR E 10 -33.92 -27.64 -19.25
CA TYR E 10 -32.72 -26.88 -18.99
C TYR E 10 -32.13 -26.39 -20.31
N GLY E 11 -31.74 -25.12 -20.35
CA GLY E 11 -31.30 -24.49 -21.57
C GLY E 11 -32.38 -23.72 -22.29
N VAL E 12 -33.38 -23.24 -21.57
CA VAL E 12 -34.51 -22.51 -22.14
C VAL E 12 -34.06 -21.08 -22.48
N PRO E 13 -34.35 -20.55 -23.68
CA PRO E 13 -34.01 -19.15 -23.94
C PRO E 13 -35.04 -18.18 -23.35
N VAL E 14 -34.70 -17.56 -22.22
CA VAL E 14 -35.50 -16.51 -21.61
C VAL E 14 -34.56 -15.63 -20.81
N TRP E 15 -34.87 -14.34 -20.75
CA TRP E 15 -33.98 -13.37 -20.11
C TRP E 15 -34.80 -12.35 -19.34
N LYS E 16 -34.16 -11.75 -18.34
CA LYS E 16 -34.73 -10.67 -17.55
C LYS E 16 -33.73 -9.53 -17.46
N ASP E 17 -34.26 -8.31 -17.37
CA ASP E 17 -33.40 -7.15 -17.16
C ASP E 17 -32.61 -7.32 -15.88
N ALA E 18 -31.31 -7.03 -15.94
CA ALA E 18 -30.45 -7.21 -14.78
C ALA E 18 -29.26 -6.27 -14.89
N GLU E 19 -28.64 -6.02 -13.74
CA GLU E 19 -27.46 -5.17 -13.63
C GLU E 19 -26.28 -6.02 -13.21
N THR E 20 -25.15 -5.82 -13.88
CA THR E 20 -23.92 -6.55 -13.58
C THR E 20 -22.74 -5.66 -13.91
N THR E 21 -21.55 -6.25 -13.94
CA THR E 21 -20.32 -5.53 -14.28
C THR E 21 -19.82 -6.04 -15.62
N LEU E 22 -19.75 -5.13 -16.60
CA LEU E 22 -19.24 -5.46 -17.92
C LEU E 22 -17.75 -5.13 -17.98
N PHE E 23 -16.98 -6.03 -18.58
CA PHE E 23 -15.54 -5.85 -18.72
C PHE E 23 -15.20 -5.33 -20.11
N CYS E 24 -13.97 -4.85 -20.26
CA CYS E 24 -13.53 -4.15 -21.45
C CYS E 24 -12.79 -5.08 -22.39
N ALA E 25 -12.97 -4.86 -23.69
CA ALA E 25 -12.17 -5.50 -24.72
C ALA E 25 -11.75 -4.43 -25.72
N SER E 26 -10.57 -4.60 -26.29
CA SER E 26 -10.04 -3.66 -27.27
C SER E 26 -9.35 -4.43 -28.39
N ASP E 27 -9.38 -3.84 -29.58
CA ASP E 27 -8.66 -4.41 -30.72
C ASP E 27 -7.18 -4.46 -30.42
N ALA E 28 -6.54 -5.57 -30.81
CA ALA E 28 -5.13 -5.76 -30.51
C ALA E 28 -4.22 -4.88 -31.36
N LYS E 29 -4.72 -4.36 -32.48
CA LYS E 29 -3.88 -3.53 -33.35
C LYS E 29 -3.49 -2.23 -32.68
N ALA E 30 -4.33 -1.67 -31.82
CA ALA E 30 -4.02 -0.42 -31.13
C ALA E 30 -3.23 -0.63 -29.85
N TYR E 31 -2.95 -1.88 -29.48
CA TYR E 31 -2.19 -2.13 -28.25
C TYR E 31 -0.79 -1.55 -28.35
N GLU E 32 -0.07 -1.89 -29.42
CA GLU E 32 1.29 -1.38 -29.61
C GLU E 32 1.32 0.06 -30.08
N THR E 33 0.24 0.54 -30.70
CA THR E 33 0.23 1.92 -31.20
C THR E 33 0.24 2.93 -30.05
N GLU E 34 -0.51 2.65 -28.97
CA GLU E 34 -0.70 3.62 -27.91
C GLU E 34 0.39 3.55 -26.85
N LYS E 35 0.90 2.36 -26.53
CA LYS E 35 1.87 2.17 -25.45
C LYS E 35 1.29 2.59 -24.11
N HIS E 36 0.97 3.87 -23.96
CA HIS E 36 0.32 4.39 -22.75
C HIS E 36 -0.88 5.24 -23.15
N ASN E 37 -1.92 5.19 -22.34
CA ASN E 37 -3.16 5.92 -22.60
C ASN E 37 -3.87 6.14 -21.28
N VAL E 38 -4.96 6.88 -21.31
CA VAL E 38 -5.80 7.05 -20.13
C VAL E 38 -6.69 5.83 -19.90
N TRP E 39 -7.38 5.39 -20.95
CA TRP E 39 -8.22 4.20 -20.90
C TRP E 39 -7.32 3.02 -21.23
N ALA E 40 -6.78 2.39 -20.19
CA ALA E 40 -5.82 1.30 -20.37
C ALA E 40 -6.45 0.16 -21.17
N THR E 41 -5.98 -0.03 -22.40
CA THR E 41 -6.44 -1.11 -23.27
C THR E 41 -5.57 -2.35 -23.17
N HIS E 42 -4.49 -2.30 -22.39
CA HIS E 42 -3.66 -3.49 -22.20
C HIS E 42 -4.34 -4.51 -21.30
N ALA E 43 -5.01 -4.04 -20.25
CA ALA E 43 -5.77 -4.92 -19.38
C ALA E 43 -7.07 -5.39 -20.01
N CYS E 44 -7.51 -4.75 -21.09
CA CYS E 44 -8.69 -5.18 -21.81
C CYS E 44 -8.36 -6.43 -22.62
N VAL E 45 -9.19 -7.46 -22.49
CA VAL E 45 -8.92 -8.71 -23.22
C VAL E 45 -9.07 -8.45 -24.72
N PRO E 46 -8.26 -9.06 -25.58
CA PRO E 46 -8.43 -8.84 -27.02
C PRO E 46 -9.82 -9.27 -27.47
N THR E 47 -10.38 -8.51 -28.41
CA THR E 47 -11.72 -8.80 -28.90
C THR E 47 -11.68 -9.90 -29.95
N ASP E 48 -12.65 -10.80 -29.88
CA ASP E 48 -12.72 -11.87 -30.86
C ASP E 48 -13.01 -11.29 -32.24
N PRO E 49 -12.38 -11.81 -33.30
CA PRO E 49 -12.71 -11.32 -34.65
C PRO E 49 -14.15 -11.67 -35.00
N ASN E 50 -14.65 -10.98 -36.04
CA ASN E 50 -16.00 -11.10 -36.60
C ASN E 50 -17.01 -11.46 -35.53
N PRO E 51 -17.27 -10.57 -34.57
CA PRO E 51 -18.07 -10.94 -33.40
C PRO E 51 -19.46 -11.43 -33.79
N GLN E 52 -19.95 -12.41 -33.03
CA GLN E 52 -21.18 -13.11 -33.35
C GLN E 52 -22.37 -12.21 -33.07
N GLU E 53 -22.97 -11.68 -34.13
CA GLU E 53 -24.26 -10.99 -34.07
C GLU E 53 -25.28 -11.84 -34.80
N ILE E 54 -26.39 -12.15 -34.12
CA ILE E 54 -27.39 -13.06 -34.64
C ILE E 54 -28.76 -12.43 -34.42
N HIS E 55 -29.57 -12.38 -35.47
CA HIS E 55 -30.91 -11.82 -35.37
C HIS E 55 -31.82 -12.74 -34.57
N LEU E 56 -32.65 -12.14 -33.72
CA LEU E 56 -33.67 -12.86 -32.96
C LEU E 56 -35.02 -12.50 -33.55
N GLU E 57 -35.56 -13.39 -34.39
CA GLU E 57 -36.80 -13.13 -35.08
C GLU E 57 -37.99 -13.26 -34.13
N ASN E 58 -39.05 -12.52 -34.43
CA ASN E 58 -40.34 -12.60 -33.75
C ASN E 58 -40.25 -12.22 -32.27
N VAL E 59 -39.23 -11.47 -31.86
CA VAL E 59 -39.07 -11.06 -30.48
C VAL E 59 -39.01 -9.54 -30.43
N THR E 60 -39.78 -8.95 -29.52
CA THR E 60 -39.82 -7.52 -29.31
C THR E 60 -39.35 -7.23 -27.88
N GLU E 61 -38.42 -6.30 -27.74
CA GLU E 61 -37.81 -5.98 -26.46
C GLU E 61 -38.00 -4.50 -26.15
N GLU E 62 -38.51 -4.21 -24.96
CA GLU E 62 -38.60 -2.82 -24.51
C GLU E 62 -37.22 -2.28 -24.19
N PHE E 63 -37.01 -1.01 -24.52
CA PHE E 63 -35.74 -0.33 -24.29
C PHE E 63 -36.00 1.00 -23.59
N ASN E 64 -34.98 1.48 -22.88
CA ASN E 64 -35.05 2.79 -22.23
C ASN E 64 -33.62 3.31 -22.11
N MET E 65 -33.23 4.21 -23.04
CA MET E 65 -31.89 4.76 -23.01
C MET E 65 -31.69 5.73 -21.84
N TRP E 66 -32.76 6.14 -21.17
CA TRP E 66 -32.67 7.16 -20.13
C TRP E 66 -32.43 6.57 -18.75
N LYS E 67 -33.17 5.52 -18.40
CA LYS E 67 -32.94 4.76 -17.18
C LYS E 67 -32.00 3.59 -17.42
N ASN E 68 -31.39 3.51 -18.60
CA ASN E 68 -30.42 2.46 -18.90
C ASN E 68 -29.31 2.46 -17.86
N ASN E 69 -28.95 1.27 -17.39
CA ASN E 69 -27.70 1.09 -16.66
C ASN E 69 -26.59 1.04 -17.69
N MET E 70 -25.40 0.60 -17.29
CA MET E 70 -24.24 0.50 -18.18
C MET E 70 -23.92 1.82 -18.86
N VAL E 71 -24.49 2.93 -18.35
CA VAL E 71 -24.17 4.27 -18.79
C VAL E 71 -23.63 5.10 -17.63
N GLU E 72 -24.24 4.97 -16.45
CA GLU E 72 -23.58 5.42 -15.23
C GLU E 72 -22.52 4.44 -14.77
N GLN E 73 -22.58 3.19 -15.21
CA GLN E 73 -21.47 2.28 -14.96
C GLN E 73 -20.28 2.63 -15.82
N MET E 74 -20.50 2.89 -17.11
CA MET E 74 -19.42 3.39 -17.96
C MET E 74 -18.90 4.72 -17.44
N HIS E 75 -19.76 5.53 -16.81
CA HIS E 75 -19.32 6.79 -16.25
C HIS E 75 -18.19 6.59 -15.26
N THR E 76 -18.37 5.65 -14.32
CA THR E 76 -17.41 5.51 -13.22
C THR E 76 -16.09 4.89 -13.67
N ASP E 77 -16.09 4.02 -14.68
CA ASP E 77 -14.81 3.52 -15.20
C ASP E 77 -13.98 4.65 -15.80
N ILE E 78 -14.62 5.60 -16.48
CA ILE E 78 -13.87 6.74 -16.99
C ILE E 78 -13.29 7.54 -15.84
N ILE E 79 -14.04 7.68 -14.75
CA ILE E 79 -13.50 8.33 -13.55
C ILE E 79 -12.32 7.54 -13.02
N SER E 80 -12.48 6.23 -12.87
CA SER E 80 -11.44 5.40 -12.27
C SER E 80 -10.20 5.36 -13.14
N LEU E 81 -10.38 5.21 -14.46
CA LEU E 81 -9.22 5.16 -15.36
C LEU E 81 -8.44 6.47 -15.31
N TRP E 82 -9.14 7.60 -15.25
CA TRP E 82 -8.46 8.88 -15.12
C TRP E 82 -7.74 8.99 -13.78
N ASP E 83 -8.35 8.47 -12.72
CA ASP E 83 -7.71 8.52 -11.41
C ASP E 83 -6.39 7.77 -11.40
N GLN E 84 -6.39 6.54 -11.94
CA GLN E 84 -5.20 5.70 -11.87
C GLN E 84 -4.10 6.13 -12.83
N SER E 85 -4.44 6.90 -13.86
CA SER E 85 -3.45 7.40 -14.80
C SER E 85 -2.75 8.66 -14.31
N LEU E 86 -3.21 9.24 -13.19
CA LEU E 86 -2.65 10.48 -12.67
C LEU E 86 -1.92 10.32 -11.34
N LYS E 87 -2.01 9.16 -10.70
CA LYS E 87 -1.25 8.94 -9.48
C LYS E 87 0.26 8.99 -9.72
N PRO E 88 0.83 8.29 -10.71
CA PRO E 88 2.28 8.40 -10.91
C PRO E 88 2.75 9.79 -11.28
N CYS E 89 1.85 10.66 -11.73
CA CYS E 89 2.25 11.98 -12.21
C CYS E 89 2.82 12.82 -11.07
N VAL E 90 3.65 13.81 -11.44
CA VAL E 90 4.25 14.70 -10.47
C VAL E 90 3.24 15.75 -10.01
N LYS E 91 3.32 16.10 -8.73
CA LYS E 91 2.50 17.14 -8.14
C LYS E 91 3.17 18.50 -8.30
N LEU E 92 2.38 19.51 -8.65
CA LEU E 92 2.89 20.86 -8.89
C LEU E 92 2.69 21.76 -7.68
N THR E 93 2.82 21.21 -6.48
CA THR E 93 2.77 22.05 -5.28
C THR E 93 3.95 23.02 -5.20
N PRO E 94 5.14 22.73 -5.75
CA PRO E 94 6.20 23.75 -5.74
C PRO E 94 5.86 24.95 -6.59
N LEU E 95 4.93 24.83 -7.53
CA LEU E 95 4.59 25.93 -8.43
C LEU E 95 3.71 26.99 -7.79
N CYS E 96 3.22 26.76 -6.58
CA CYS E 96 2.39 27.75 -5.89
C CYS E 96 3.31 28.73 -5.19
N VAL E 97 3.83 29.67 -5.98
CA VAL E 97 4.79 30.66 -5.53
C VAL E 97 4.47 31.98 -6.21
N THR E 98 5.03 33.06 -5.69
CA THR E 98 4.78 34.37 -6.26
C THR E 98 5.42 34.49 -7.63
N LEU E 99 4.73 35.20 -8.54
CA LEU E 99 5.16 35.36 -9.92
C LEU E 99 5.24 36.84 -10.27
N GLN E 100 6.34 37.23 -10.91
CA GLN E 100 6.49 38.56 -11.50
C GLN E 100 6.16 38.44 -12.98
N CYS E 101 5.04 39.02 -13.40
CA CYS E 101 4.50 38.79 -14.73
C CYS E 101 4.39 40.09 -15.52
N THR E 102 4.60 39.99 -16.83
CA THR E 102 4.45 41.10 -17.76
C THR E 102 3.76 40.58 -19.01
N ASN E 103 3.05 41.47 -19.70
CA ASN E 103 2.39 41.10 -20.94
C ASN E 103 3.42 40.82 -22.03
N VAL E 104 3.16 39.78 -22.82
CA VAL E 104 3.99 39.46 -23.98
C VAL E 104 3.45 40.23 -25.17
N THR E 105 4.34 40.91 -25.89
CA THR E 105 3.94 41.75 -27.02
C THR E 105 5.06 41.74 -28.04
N ASN E 106 4.93 40.87 -29.05
CA ASN E 106 5.87 40.78 -30.17
C ASN E 106 5.05 40.88 -31.44
N ASN E 107 4.82 42.12 -31.89
CA ASN E 107 3.86 42.44 -32.96
C ASN E 107 2.63 41.54 -32.87
N ILE E 108 2.05 41.51 -31.66
CA ILE E 108 0.94 40.61 -31.38
C ILE E 108 -0.32 41.09 -32.07
N THR E 109 -1.15 40.14 -32.50
CA THR E 109 -2.40 40.47 -33.16
C THR E 109 -3.37 41.11 -32.17
N ASP E 110 -4.30 41.90 -32.72
CA ASP E 110 -5.19 42.70 -31.88
C ASP E 110 -6.09 41.82 -31.01
N ASP E 111 -6.45 40.63 -31.50
CA ASP E 111 -7.32 39.75 -30.71
C ASP E 111 -6.63 39.23 -29.45
N MET E 112 -5.30 39.33 -29.38
CA MET E 112 -4.52 38.78 -28.27
C MET E 112 -3.81 39.89 -27.50
N ARG E 113 -4.54 40.96 -27.19
CA ARG E 113 -3.93 42.11 -26.51
C ARG E 113 -3.31 41.70 -25.18
N GLY E 114 -4.04 40.95 -24.36
CA GLY E 114 -3.57 40.58 -23.05
C GLY E 114 -3.88 39.14 -22.68
N GLU E 115 -3.88 38.24 -23.68
CA GLU E 115 -4.19 36.85 -23.42
C GLU E 115 -3.05 36.10 -22.75
N LEU E 116 -1.80 36.50 -23.00
CA LEU E 116 -0.63 35.79 -22.51
C LEU E 116 0.16 36.66 -21.56
N LYS E 117 0.81 36.02 -20.59
CA LYS E 117 1.64 36.68 -19.60
C LYS E 117 3.01 36.01 -19.55
N ASN E 118 4.05 36.81 -19.37
CA ASN E 118 5.43 36.34 -19.24
C ASN E 118 5.81 36.44 -17.77
N CYS E 119 5.76 35.30 -17.08
CA CYS E 119 5.91 35.25 -15.63
C CYS E 119 7.27 34.66 -15.25
N SER E 120 7.91 35.30 -14.27
CA SER E 120 9.19 34.84 -13.75
C SER E 120 9.07 34.61 -12.25
N PHE E 121 9.81 33.62 -11.75
CA PHE E 121 9.69 33.22 -10.36
C PHE E 121 10.90 32.40 -9.96
N ASN E 122 11.31 32.53 -8.70
CA ASN E 122 12.27 31.60 -8.13
C ASN E 122 11.72 30.18 -8.24
N MET E 123 12.62 29.20 -8.18
CA MET E 123 12.20 27.81 -8.16
C MET E 123 13.31 26.97 -7.53
N THR E 124 12.91 25.85 -6.93
CA THR E 124 13.83 24.95 -6.27
C THR E 124 14.48 24.02 -7.29
N THR E 125 15.78 23.78 -7.11
CA THR E 125 16.54 22.91 -7.99
C THR E 125 16.53 21.49 -7.44
N GLU E 126 17.38 20.62 -7.98
CA GLU E 126 17.54 19.28 -7.44
C GLU E 126 18.29 19.27 -6.11
N LEU E 127 19.02 20.34 -5.81
CA LEU E 127 19.63 20.53 -4.49
C LEU E 127 18.75 21.47 -3.67
N ARG E 128 18.45 21.05 -2.44
CA ARG E 128 17.49 21.81 -1.62
C ARG E 128 17.99 23.21 -1.31
N ASP E 129 19.29 23.34 -1.00
CA ASP E 129 19.85 24.62 -0.57
C ASP E 129 20.29 25.48 -1.75
N LYS E 130 19.79 25.22 -2.96
CA LYS E 130 20.04 26.06 -4.12
C LYS E 130 18.70 26.42 -4.76
N LYS E 131 18.57 27.67 -5.17
CA LYS E 131 17.39 28.15 -5.87
C LYS E 131 17.76 28.56 -7.30
N GLN E 132 16.75 28.75 -8.14
CA GLN E 132 16.96 29.13 -9.52
C GLN E 132 15.84 30.06 -9.96
N LYS E 133 16.19 31.04 -10.80
CA LYS E 133 15.21 31.94 -11.40
C LYS E 133 14.85 31.45 -12.80
N VAL E 134 13.56 31.20 -13.01
CA VAL E 134 13.04 30.70 -14.27
C VAL E 134 11.85 31.54 -14.69
N TYR E 135 11.41 31.34 -15.92
CA TYR E 135 10.27 32.05 -16.46
C TYR E 135 9.42 31.08 -17.28
N SER E 136 8.15 31.42 -17.43
CA SER E 136 7.23 30.64 -18.24
C SER E 136 6.16 31.55 -18.79
N LEU E 137 5.52 31.13 -19.88
CA LEU E 137 4.37 31.83 -20.43
C LEU E 137 3.10 31.18 -19.93
N PHE E 138 2.17 32.01 -19.45
CA PHE E 138 0.92 31.55 -18.88
C PHE E 138 -0.23 32.29 -19.53
N TYR E 139 -1.32 31.56 -19.79
CA TYR E 139 -2.53 32.19 -20.27
C TYR E 139 -3.19 32.97 -19.15
N ARG E 140 -3.85 34.07 -19.53
CA ARG E 140 -4.46 34.95 -18.53
C ARG E 140 -5.48 34.21 -17.67
N LEU E 141 -6.16 33.21 -18.24
CA LEU E 141 -7.16 32.46 -17.49
C LEU E 141 -6.56 31.59 -16.40
N ASP E 142 -5.24 31.39 -16.39
CA ASP E 142 -4.57 30.51 -15.44
C ASP E 142 -3.77 31.26 -14.39
N VAL E 143 -3.84 32.58 -14.36
CA VAL E 143 -3.14 33.38 -13.36
C VAL E 143 -4.11 34.42 -12.81
N VAL E 144 -3.96 34.74 -11.53
CA VAL E 144 -4.81 35.71 -10.85
C VAL E 144 -3.91 36.73 -10.16
N GLN E 145 -4.16 38.01 -10.40
CA GLN E 145 -3.38 39.06 -9.78
C GLN E 145 -3.69 39.15 -8.29
N ILE E 146 -2.65 39.34 -7.48
CA ILE E 146 -2.77 39.45 -6.05
C ILE E 146 -2.08 40.73 -5.59
N ASN E 147 -2.72 41.43 -4.67
CA ASN E 147 -2.16 42.68 -4.14
C ASN E 147 -2.70 42.97 -2.75
N ASN E 158 1.36 47.48 -9.64
CA ASN E 158 2.01 46.26 -9.18
C ASN E 158 1.67 45.09 -10.09
N LYS E 159 2.65 44.20 -10.29
CA LYS E 159 2.52 43.05 -11.18
C LYS E 159 2.96 41.80 -10.42
N GLU E 160 2.02 41.21 -9.67
CA GLU E 160 2.27 39.99 -8.92
C GLU E 160 1.06 39.08 -9.05
N TYR E 161 1.29 37.83 -9.45
CA TYR E 161 0.24 36.91 -9.81
C TYR E 161 0.46 35.58 -9.11
N ARG E 162 -0.48 34.66 -9.29
CA ARG E 162 -0.35 33.29 -8.82
C ARG E 162 -1.29 32.42 -9.64
N LEU E 163 -1.01 31.12 -9.66
CA LEU E 163 -1.89 30.19 -10.34
C LEU E 163 -3.24 30.15 -9.65
N ILE E 164 -4.31 30.19 -10.44
CA ILE E 164 -5.65 30.37 -9.89
C ILE E 164 -6.11 29.19 -9.05
N ASN E 165 -5.41 28.06 -9.12
CA ASN E 165 -5.79 26.87 -8.37
C ASN E 165 -5.12 26.79 -7.00
N CYS E 166 -4.24 27.74 -6.66
CA CYS E 166 -3.38 27.56 -5.51
C CYS E 166 -4.16 27.54 -4.19
N ASN E 167 -5.12 28.46 -4.03
CA ASN E 167 -5.84 28.52 -2.76
C ASN E 167 -6.80 27.35 -2.60
N THR E 168 -7.24 26.75 -3.71
CA THR E 168 -8.16 25.61 -3.62
C THR E 168 -7.39 24.31 -3.37
N SER E 169 -6.52 23.92 -4.30
CA SER E 169 -5.74 22.71 -4.13
C SER E 169 -4.68 22.62 -5.21
N ALA E 170 -3.47 22.23 -4.82
CA ALA E 170 -2.43 21.91 -5.80
C ALA E 170 -2.76 20.59 -6.47
N CYS E 171 -2.51 20.50 -7.78
CA CYS E 171 -2.90 19.34 -8.55
C CYS E 171 -1.77 18.89 -9.46
N THR E 172 -1.90 17.67 -9.96
CA THR E 172 -0.84 16.99 -10.67
C THR E 172 -0.65 17.56 -12.07
N GLN E 173 0.53 17.31 -12.62
CA GLN E 173 0.83 17.57 -14.02
C GLN E 173 0.63 16.29 -14.81
N ALA E 174 -0.18 16.37 -15.87
CA ALA E 174 -0.47 15.19 -16.68
C ALA E 174 0.82 14.55 -17.16
N CYS E 175 0.93 13.24 -16.96
CA CYS E 175 2.13 12.51 -17.35
C CYS E 175 2.28 12.60 -18.86
N PRO E 176 3.41 13.08 -19.39
CA PRO E 176 3.55 13.14 -20.86
C PRO E 176 3.49 11.80 -21.54
N LYS E 177 3.76 10.70 -20.82
CA LYS E 177 3.75 9.39 -21.43
C LYS E 177 2.36 9.02 -21.93
N VAL E 178 1.33 9.29 -21.14
CA VAL E 178 -0.03 8.89 -21.51
C VAL E 178 -0.62 9.89 -22.49
N SER E 179 -1.63 9.43 -23.23
CA SER E 179 -2.29 10.23 -24.26
C SER E 179 -3.78 10.32 -23.95
N PHE E 180 -4.35 11.51 -24.14
CA PHE E 180 -5.77 11.74 -23.90
C PHE E 180 -6.65 11.34 -25.06
N GLU E 181 -6.07 10.94 -26.19
CA GLU E 181 -6.87 10.65 -27.38
C GLU E 181 -7.78 9.46 -27.12
N PRO E 182 -9.09 9.57 -27.35
CA PRO E 182 -9.97 8.42 -27.15
C PRO E 182 -9.56 7.22 -27.99
N ILE E 183 -9.68 6.04 -27.39
CA ILE E 183 -9.49 4.77 -28.08
C ILE E 183 -10.80 4.02 -27.98
N PRO E 184 -11.29 3.36 -29.03
CA PRO E 184 -12.57 2.64 -28.93
C PRO E 184 -12.53 1.57 -27.85
N ILE E 185 -13.67 1.38 -27.21
CA ILE E 185 -13.82 0.44 -26.10
C ILE E 185 -15.01 -0.46 -26.39
N HIS E 186 -14.83 -1.77 -26.19
CA HIS E 186 -15.88 -2.76 -26.36
C HIS E 186 -16.29 -3.25 -24.98
N TYR E 187 -17.53 -2.98 -24.59
CA TYR E 187 -18.06 -3.38 -23.29
C TYR E 187 -18.76 -4.72 -23.45
N CYS E 188 -18.15 -5.79 -22.93
CA CYS E 188 -18.62 -7.15 -23.13
C CYS E 188 -19.07 -7.74 -21.81
N ALA E 189 -20.27 -8.35 -21.81
CA ALA E 189 -20.86 -8.94 -20.63
C ALA E 189 -20.30 -10.33 -20.38
N PRO E 190 -20.35 -10.81 -19.14
CA PRO E 190 -19.80 -12.13 -18.82
C PRO E 190 -20.80 -13.24 -19.13
N ALA E 191 -20.39 -14.48 -18.81
CA ALA E 191 -21.24 -15.63 -19.03
C ALA E 191 -22.49 -15.55 -18.15
N GLY E 192 -23.58 -16.10 -18.67
CA GLY E 192 -24.88 -15.98 -18.02
C GLY E 192 -25.59 -14.68 -18.29
N PHE E 193 -24.96 -13.76 -19.03
CA PHE E 193 -25.56 -12.49 -19.42
C PHE E 193 -25.36 -12.30 -20.91
N ALA E 194 -26.25 -11.50 -21.50
CA ALA E 194 -26.19 -11.21 -22.92
C ALA E 194 -26.58 -9.75 -23.14
N ILE E 195 -26.10 -9.20 -24.26
CA ILE E 195 -26.37 -7.82 -24.65
C ILE E 195 -27.26 -7.84 -25.88
N LEU E 196 -28.36 -7.10 -25.82
CA LEU E 196 -29.30 -6.98 -26.92
C LEU E 196 -29.15 -5.61 -27.57
N LYS E 197 -29.05 -5.59 -28.89
CA LYS E 197 -28.90 -4.36 -29.66
C LYS E 197 -30.16 -4.12 -30.48
N CYS E 198 -30.74 -2.93 -30.33
CA CYS E 198 -31.91 -2.56 -31.11
C CYS E 198 -31.48 -2.05 -32.48
N LYS E 199 -32.03 -2.65 -33.53
CA LYS E 199 -31.71 -2.27 -34.90
C LYS E 199 -32.84 -1.51 -35.57
N ASP E 200 -33.88 -1.13 -34.83
CA ASP E 200 -34.95 -0.32 -35.40
C ASP E 200 -34.41 1.04 -35.79
N LYS E 201 -34.49 1.37 -37.08
CA LYS E 201 -33.91 2.61 -37.57
C LYS E 201 -34.61 3.83 -36.98
N LYS E 202 -35.92 3.77 -36.80
CA LYS E 202 -36.69 4.89 -36.27
C LYS E 202 -36.77 4.88 -34.74
N PHE E 203 -35.91 4.11 -34.08
CA PHE E 203 -35.95 3.99 -32.64
C PHE E 203 -35.72 5.34 -31.99
N ASN E 204 -36.64 5.76 -31.13
CA ASN E 204 -36.55 7.05 -30.46
C ASN E 204 -36.11 6.92 -29.00
N GLY E 205 -35.39 5.85 -28.66
CA GLY E 205 -34.78 5.71 -27.36
C GLY E 205 -35.64 5.04 -26.31
N THR E 206 -36.94 4.87 -26.55
CA THR E 206 -37.82 4.30 -25.56
C THR E 206 -38.98 3.61 -26.26
N GLY E 207 -39.50 2.57 -25.61
CA GLY E 207 -40.61 1.82 -26.14
C GLY E 207 -40.16 0.53 -26.80
N PRO E 208 -41.12 -0.26 -27.28
CA PRO E 208 -40.76 -1.53 -27.94
C PRO E 208 -39.89 -1.30 -29.16
N CYS E 209 -38.96 -2.23 -29.38
CA CYS E 209 -38.07 -2.22 -30.54
C CYS E 209 -38.30 -3.49 -31.34
N PRO E 210 -39.07 -3.44 -32.44
CA PRO E 210 -39.40 -4.69 -33.15
C PRO E 210 -38.19 -5.45 -33.68
N SER E 211 -37.15 -4.75 -34.10
CA SER E 211 -35.96 -5.37 -34.69
C SER E 211 -34.84 -5.35 -33.64
N VAL E 212 -34.66 -6.49 -32.97
CA VAL E 212 -33.68 -6.62 -31.90
C VAL E 212 -32.82 -7.84 -32.18
N SER E 213 -31.53 -7.73 -31.88
CA SER E 213 -30.59 -8.83 -32.04
C SER E 213 -29.65 -8.85 -30.84
N THR E 214 -29.11 -10.02 -30.55
CA THR E 214 -28.14 -10.19 -29.48
C THR E 214 -26.74 -10.21 -30.08
N VAL E 215 -25.87 -9.36 -29.56
CA VAL E 215 -24.52 -9.18 -30.07
C VAL E 215 -23.54 -9.71 -29.04
N GLN E 216 -22.37 -10.16 -29.50
CA GLN E 216 -21.36 -10.65 -28.58
C GLN E 216 -20.97 -9.56 -27.59
N CYS E 217 -20.68 -8.36 -28.10
CA CYS E 217 -20.60 -7.17 -27.25
C CYS E 217 -20.51 -5.94 -28.15
N THR E 218 -20.46 -4.78 -27.51
CA THR E 218 -20.72 -3.51 -28.19
C THR E 218 -19.61 -3.18 -29.17
N HIS E 219 -19.94 -2.32 -30.13
CA HIS E 219 -18.97 -1.81 -31.08
C HIS E 219 -18.02 -0.84 -30.36
N GLY E 220 -16.92 -0.51 -31.05
CA GLY E 220 -15.94 0.39 -30.48
C GLY E 220 -16.50 1.76 -30.21
N ILE E 221 -16.60 2.13 -28.93
CA ILE E 221 -17.15 3.41 -28.50
C ILE E 221 -16.00 4.27 -28.02
N LYS E 222 -15.81 5.43 -28.64
CA LYS E 222 -14.75 6.35 -28.27
C LYS E 222 -15.25 7.29 -27.18
N PRO E 223 -14.64 7.32 -25.99
CA PRO E 223 -15.06 8.31 -24.99
C PRO E 223 -14.54 9.70 -25.31
N VAL E 224 -15.41 10.56 -25.82
CA VAL E 224 -15.05 11.92 -26.21
C VAL E 224 -15.74 12.88 -25.27
N VAL E 225 -14.94 13.61 -24.48
CA VAL E 225 -15.48 14.58 -23.54
C VAL E 225 -15.72 15.89 -24.30
N SER E 226 -16.96 16.36 -24.26
CA SER E 226 -17.34 17.60 -24.93
C SER E 226 -18.74 17.97 -24.47
N THR E 227 -19.02 19.28 -24.46
CA THR E 227 -20.28 19.78 -23.91
C THR E 227 -21.32 20.06 -25.00
N GLN E 228 -21.01 20.95 -25.94
CA GLN E 228 -21.87 21.18 -27.08
C GLN E 228 -21.21 20.60 -28.32
N LEU E 229 -22.03 20.12 -29.25
CA LEU E 229 -21.53 19.52 -30.50
C LEU E 229 -20.63 18.32 -30.18
N LEU E 230 -21.23 17.31 -29.58
CA LEU E 230 -20.49 16.09 -29.29
C LEU E 230 -19.96 15.47 -30.58
N LEU E 231 -18.67 15.15 -30.60
CA LEU E 231 -17.92 14.90 -31.83
C LEU E 231 -17.55 13.44 -31.96
N ASN E 232 -17.11 13.09 -33.17
CA ASN E 232 -16.48 11.79 -33.45
C ASN E 232 -17.34 10.63 -32.96
N GLY E 233 -18.65 10.75 -33.17
CA GLY E 233 -19.61 9.77 -32.69
C GLY E 233 -20.28 9.00 -33.81
N SER E 234 -21.27 8.22 -33.41
CA SER E 234 -22.05 7.44 -34.36
C SER E 234 -22.90 8.38 -35.21
N LEU E 235 -23.60 7.80 -36.19
CA LEU E 235 -24.45 8.55 -37.10
C LEU E 235 -25.78 7.84 -37.25
N ALA E 236 -26.82 8.61 -37.56
CA ALA E 236 -28.11 8.03 -37.85
C ALA E 236 -28.08 7.35 -39.21
N GLU E 237 -29.20 6.71 -39.57
CA GLU E 237 -29.26 5.90 -40.78
C GLU E 237 -29.82 6.66 -41.96
N GLU E 238 -31.03 7.22 -41.83
CA GLU E 238 -31.63 8.00 -42.91
C GLU E 238 -32.25 9.32 -42.48
N GLU E 239 -32.60 9.52 -41.21
CA GLU E 239 -33.24 10.74 -40.76
C GLU E 239 -32.61 11.20 -39.45
N VAL E 240 -32.59 12.52 -39.25
CA VAL E 240 -32.10 13.08 -37.99
C VAL E 240 -33.03 12.69 -36.86
N MET E 241 -32.45 12.28 -35.73
CA MET E 241 -33.19 11.72 -34.61
C MET E 241 -33.22 12.72 -33.48
N ILE E 242 -34.42 13.09 -33.03
CA ILE E 242 -34.63 13.92 -31.86
C ILE E 242 -35.04 13.00 -30.73
N ARG E 243 -34.20 12.90 -29.70
CA ARG E 243 -34.42 12.00 -28.57
C ARG E 243 -34.43 12.81 -27.29
N SER E 244 -35.52 12.69 -26.52
CA SER E 244 -35.65 13.39 -25.26
C SER E 244 -36.43 12.51 -24.29
N GLU E 245 -36.04 12.54 -23.02
CA GLU E 245 -36.74 11.76 -22.02
C GLU E 245 -38.19 12.23 -21.86
N ASN E 246 -38.39 13.55 -21.88
CA ASN E 246 -39.73 14.12 -21.78
C ASN E 246 -39.70 15.43 -22.57
N ILE E 247 -40.21 15.39 -23.80
CA ILE E 247 -40.05 16.53 -24.71
C ILE E 247 -40.74 17.77 -24.18
N THR E 248 -41.81 17.63 -23.39
CA THR E 248 -42.52 18.77 -22.86
C THR E 248 -41.89 19.34 -21.59
N ASN E 249 -41.00 18.60 -20.94
CA ASN E 249 -40.28 19.11 -19.76
C ASN E 249 -39.02 19.80 -20.25
N ASN E 250 -39.05 21.13 -20.29
CA ASN E 250 -37.90 21.88 -20.78
C ASN E 250 -36.66 21.64 -19.93
N ALA E 251 -36.83 21.18 -18.69
CA ALA E 251 -35.69 20.86 -17.83
C ALA E 251 -34.93 19.63 -18.30
N LYS E 252 -35.45 18.88 -19.26
CA LYS E 252 -34.81 17.68 -19.78
C LYS E 252 -34.12 18.01 -21.10
N ASN E 253 -32.83 17.70 -21.18
CA ASN E 253 -32.04 18.02 -22.36
C ASN E 253 -32.51 17.18 -23.55
N ILE E 254 -32.22 17.69 -24.74
CA ILE E 254 -32.57 17.03 -26.00
C ILE E 254 -31.28 16.64 -26.71
N LEU E 255 -31.20 15.37 -27.10
CA LEU E 255 -30.07 14.87 -27.88
C LEU E 255 -30.45 14.81 -29.34
N VAL E 256 -29.62 15.40 -30.20
CA VAL E 256 -29.81 15.41 -31.64
C VAL E 256 -28.74 14.53 -32.27
N GLN E 257 -29.16 13.71 -33.24
CA GLN E 257 -28.25 12.85 -33.98
C GLN E 257 -28.66 12.91 -35.44
N PHE E 258 -27.80 13.44 -36.29
CA PHE E 258 -28.14 13.65 -37.69
C PHE E 258 -27.31 12.74 -38.59
N ASN E 259 -27.74 12.67 -39.86
CA ASN E 259 -27.25 11.64 -40.77
C ASN E 259 -25.82 11.94 -41.22
N THR E 260 -25.62 13.06 -41.91
CA THR E 260 -24.34 13.38 -42.51
C THR E 260 -23.52 14.23 -41.54
N PRO E 261 -22.31 13.82 -41.17
CA PRO E 261 -21.51 14.67 -40.27
C PRO E 261 -21.07 15.94 -40.97
N VAL E 262 -20.93 17.00 -40.18
CA VAL E 262 -20.43 18.29 -40.64
C VAL E 262 -19.05 18.50 -40.04
N GLN E 263 -18.09 18.88 -40.88
CA GLN E 263 -16.68 18.88 -40.52
C GLN E 263 -16.32 20.18 -39.82
N ILE E 264 -15.44 20.08 -38.82
CA ILE E 264 -14.95 21.23 -38.07
C ILE E 264 -13.43 21.13 -37.99
N ASN E 265 -12.74 22.21 -38.38
CA ASN E 265 -11.29 22.26 -38.42
C ASN E 265 -10.80 23.22 -37.35
N CYS E 266 -10.16 22.67 -36.31
CA CYS E 266 -9.68 23.45 -35.17
C CYS E 266 -8.16 23.46 -35.15
N THR E 267 -7.57 24.64 -34.96
CA THR E 267 -6.13 24.81 -34.99
C THR E 267 -5.68 25.84 -33.96
N ARG E 268 -4.45 25.69 -33.48
CA ARG E 268 -3.78 26.71 -32.69
C ARG E 268 -2.58 27.21 -33.49
N PRO E 269 -2.64 28.40 -34.11
CA PRO E 269 -1.60 28.78 -35.08
C PRO E 269 -0.21 28.95 -34.48
N ASN E 270 -0.10 29.15 -33.16
CA ASN E 270 1.20 29.46 -32.58
C ASN E 270 2.16 28.28 -32.70
N ASN E 271 3.43 28.58 -32.95
CA ASN E 271 4.50 27.59 -32.95
C ASN E 271 5.10 27.57 -31.55
N ASN E 272 4.59 26.69 -30.69
CA ASN E 272 4.93 26.65 -29.28
C ASN E 272 6.17 25.80 -29.05
N THR E 273 7.05 26.27 -28.17
CA THR E 273 8.26 25.55 -27.79
C THR E 273 8.16 25.16 -26.32
N ARG E 274 8.44 23.90 -26.03
CA ARG E 274 8.36 23.39 -24.67
C ARG E 274 9.70 23.55 -23.96
N LYS E 275 9.65 23.99 -22.71
CA LYS E 275 10.82 24.17 -21.88
C LYS E 275 10.70 23.27 -20.65
N SER E 276 11.79 22.61 -20.28
CA SER E 276 11.81 21.71 -19.15
C SER E 276 12.52 22.38 -17.98
N ILE E 277 11.89 22.35 -16.81
CA ILE E 277 12.44 22.89 -15.58
C ILE E 277 12.49 21.77 -14.55
N ARG E 278 13.63 21.61 -13.89
CA ARG E 278 13.82 20.52 -12.94
C ARG E 278 13.33 20.97 -11.57
N ILE E 279 12.11 20.55 -11.22
CA ILE E 279 11.55 20.87 -9.91
C ILE E 279 12.42 20.27 -8.81
N GLY E 280 12.81 19.01 -8.98
CA GLY E 280 13.54 18.29 -7.97
C GLY E 280 14.05 16.97 -8.48
N PRO E 281 14.46 16.08 -7.57
CA PRO E 281 14.99 14.77 -8.02
C PRO E 281 13.93 13.94 -8.73
N GLY E 282 14.13 13.72 -10.03
CA GLY E 282 13.14 13.00 -10.81
C GLY E 282 11.87 13.77 -11.08
N GLN E 283 11.85 15.06 -10.81
CA GLN E 283 10.68 15.92 -11.01
C GLN E 283 11.02 16.96 -12.06
N ALA E 284 10.19 17.07 -13.09
CA ALA E 284 10.37 18.03 -14.16
C ALA E 284 9.08 18.77 -14.42
N PHE E 285 9.18 20.08 -14.56
CA PHE E 285 8.05 20.94 -14.91
C PHE E 285 8.20 21.36 -16.36
N TYR E 286 7.16 21.14 -17.15
CA TYR E 286 7.18 21.44 -18.58
C TYR E 286 6.55 22.80 -18.78
N ALA E 287 7.38 23.83 -18.86
CA ALA E 287 6.93 25.20 -19.01
C ALA E 287 6.79 25.54 -20.49
N THR E 288 6.47 26.80 -20.76
CA THR E 288 6.35 27.32 -22.12
C THR E 288 7.44 28.35 -22.35
N GLY E 289 8.20 28.16 -23.43
CA GLY E 289 9.26 29.09 -23.77
C GLY E 289 8.73 30.30 -24.50
N ASP E 290 9.37 30.65 -25.61
CA ASP E 290 8.94 31.77 -26.44
C ASP E 290 8.13 31.26 -27.62
N ILE E 291 7.27 32.12 -28.15
CA ILE E 291 6.44 31.78 -29.30
C ILE E 291 7.26 32.07 -30.55
N ILE E 292 7.62 31.01 -31.28
CA ILE E 292 8.41 31.15 -32.49
C ILE E 292 7.52 31.70 -33.59
N GLY E 293 7.82 32.91 -34.06
CA GLY E 293 6.98 33.59 -35.03
C GLY E 293 6.00 34.53 -34.36
N ASP E 294 4.85 34.77 -34.98
CA ASP E 294 3.84 35.65 -34.43
C ASP E 294 2.79 34.86 -33.66
N ILE E 295 2.06 35.57 -32.82
CA ILE E 295 1.05 34.99 -31.93
C ILE E 295 -0.32 35.30 -32.50
N ARG E 296 -1.13 34.25 -32.70
CA ARG E 296 -2.45 34.40 -33.29
C ARG E 296 -3.44 33.56 -32.50
N GLN E 297 -4.71 33.95 -32.56
CA GLN E 297 -5.76 33.30 -31.78
C GLN E 297 -6.16 31.98 -32.42
N ALA E 298 -6.45 31.00 -31.57
CA ALA E 298 -6.95 29.70 -32.03
C ALA E 298 -8.42 29.82 -32.43
N HIS E 299 -8.84 28.96 -33.35
CA HIS E 299 -10.20 29.04 -33.87
C HIS E 299 -10.59 27.68 -34.44
N CYS E 300 -11.87 27.57 -34.80
CA CYS E 300 -12.41 26.40 -35.48
C CYS E 300 -13.22 26.86 -36.69
N ASN E 301 -13.15 26.10 -37.77
CA ASN E 301 -13.77 26.45 -39.04
C ASN E 301 -14.81 25.40 -39.41
N VAL E 302 -16.02 25.84 -39.73
CA VAL E 302 -17.10 24.98 -40.19
C VAL E 302 -17.72 25.62 -41.43
N SER E 303 -17.99 24.81 -42.44
CA SER E 303 -18.55 25.34 -43.68
C SER E 303 -19.90 26.00 -43.44
N LYS E 304 -20.10 27.16 -44.05
CA LYS E 304 -21.30 27.95 -43.80
C LYS E 304 -22.54 27.25 -44.38
N ALA E 305 -22.46 26.79 -45.62
CA ALA E 305 -23.62 26.18 -46.26
C ALA E 305 -23.90 24.78 -45.73
N THR E 306 -22.86 24.02 -45.39
CA THR E 306 -23.07 22.69 -44.84
C THR E 306 -23.78 22.75 -43.50
N TRP E 307 -23.41 23.71 -42.64
CA TRP E 307 -24.07 23.84 -41.34
C TRP E 307 -25.50 24.31 -41.50
N ASN E 308 -25.76 25.25 -42.41
CA ASN E 308 -27.12 25.72 -42.62
C ASN E 308 -28.01 24.60 -43.14
N GLU E 309 -27.49 23.77 -44.03
CA GLU E 309 -28.29 22.66 -44.56
C GLU E 309 -28.67 21.69 -43.46
N THR E 310 -27.73 21.38 -42.56
CA THR E 310 -28.04 20.47 -41.46
C THR E 310 -29.05 21.10 -40.49
N LEU E 311 -28.95 22.40 -40.27
CA LEU E 311 -29.91 23.08 -39.39
C LEU E 311 -31.33 22.96 -39.94
N GLY E 312 -31.48 23.07 -41.27
CA GLY E 312 -32.79 22.90 -41.86
C GLY E 312 -33.37 21.52 -41.65
N LYS E 313 -32.50 20.50 -41.60
CA LYS E 313 -32.94 19.15 -41.33
C LYS E 313 -33.32 18.95 -39.87
N VAL E 314 -32.65 19.65 -38.95
CA VAL E 314 -33.02 19.57 -37.54
C VAL E 314 -34.35 20.27 -37.30
N VAL E 315 -34.58 21.40 -37.95
CA VAL E 315 -35.83 22.14 -37.76
C VAL E 315 -37.01 21.31 -38.25
N LYS E 316 -36.82 20.56 -39.35
CA LYS E 316 -37.90 19.76 -39.90
C LYS E 316 -38.35 18.69 -38.91
N GLN E 317 -37.40 18.04 -38.23
CA GLN E 317 -37.75 17.01 -37.27
C GLN E 317 -38.30 17.60 -35.97
N LEU E 318 -37.87 18.79 -35.59
CA LEU E 318 -38.37 19.41 -34.37
C LEU E 318 -39.86 19.71 -34.48
N ARG E 319 -40.30 20.19 -35.64
CA ARG E 319 -41.71 20.56 -35.82
C ARG E 319 -42.65 19.39 -35.58
N LYS E 320 -42.17 18.16 -35.71
CA LYS E 320 -43.00 17.00 -35.40
C LYS E 320 -43.41 16.96 -33.94
N HIS E 321 -42.70 17.67 -33.07
CA HIS E 321 -42.99 17.69 -31.63
C HIS E 321 -43.59 19.01 -31.16
N PHE E 322 -43.56 20.06 -31.97
CA PHE E 322 -43.97 21.39 -31.54
C PHE E 322 -44.96 22.05 -32.50
N GLY E 323 -45.44 21.33 -33.51
CA GLY E 323 -46.40 21.91 -34.44
C GLY E 323 -45.75 22.50 -35.67
N ASN E 324 -46.47 22.44 -36.78
CA ASN E 324 -45.93 22.92 -38.05
C ASN E 324 -45.87 24.43 -38.08
N ASN E 325 -46.92 25.11 -37.62
CA ASN E 325 -46.97 26.57 -37.63
C ASN E 325 -46.33 27.16 -36.38
N THR E 326 -45.09 26.76 -36.12
CA THR E 326 -44.31 27.24 -35.00
C THR E 326 -43.00 27.82 -35.50
N ILE E 327 -42.59 28.94 -34.93
CA ILE E 327 -41.32 29.56 -35.28
C ILE E 327 -40.24 28.97 -34.39
N ILE E 328 -39.17 28.47 -35.02
CA ILE E 328 -38.04 27.89 -34.31
C ILE E 328 -36.85 28.84 -34.52
N ARG E 329 -36.28 29.32 -33.43
CA ARG E 329 -35.09 30.15 -33.48
C ARG E 329 -34.01 29.58 -32.57
N PHE E 330 -32.77 29.74 -32.99
CA PHE E 330 -31.61 29.29 -32.23
C PHE E 330 -30.91 30.50 -31.63
N ALA E 331 -30.64 30.45 -30.33
CA ALA E 331 -29.94 31.50 -29.63
C ALA E 331 -28.72 30.91 -28.93
N ASN E 332 -27.71 31.73 -28.74
CA ASN E 332 -26.48 31.25 -28.12
C ASN E 332 -26.75 30.91 -26.66
N SER E 333 -25.71 30.40 -25.99
CA SER E 333 -25.88 29.83 -24.66
C SER E 333 -26.40 30.88 -23.68
N SER E 334 -26.89 30.41 -22.54
CA SER E 334 -27.56 31.25 -21.56
C SER E 334 -26.61 31.91 -20.59
N GLY E 335 -25.33 31.59 -20.62
CA GLY E 335 -24.38 32.20 -19.71
C GLY E 335 -24.20 31.37 -18.44
N GLY E 336 -23.01 31.49 -17.86
CA GLY E 336 -22.67 30.72 -16.68
C GLY E 336 -21.21 30.33 -16.64
N ASP E 337 -20.93 29.04 -16.49
CA ASP E 337 -19.57 28.56 -16.44
C ASP E 337 -18.95 28.57 -17.83
N LEU E 338 -17.62 28.70 -17.87
CA LEU E 338 -16.93 28.75 -19.15
C LEU E 338 -17.09 27.45 -19.92
N GLU E 339 -16.98 26.32 -19.23
CA GLU E 339 -17.02 25.02 -19.90
C GLU E 339 -18.42 24.63 -20.36
N VAL E 340 -19.45 25.30 -19.88
CA VAL E 340 -20.83 25.00 -20.28
C VAL E 340 -21.43 26.05 -21.20
N THR E 341 -20.77 27.21 -21.36
CA THR E 341 -21.23 28.23 -22.29
C THR E 341 -20.58 28.06 -23.66
N THR E 342 -19.25 27.99 -23.70
CA THR E 342 -18.53 27.60 -24.90
C THR E 342 -18.59 26.08 -25.05
N HIS E 343 -18.29 25.60 -26.26
CA HIS E 343 -18.17 24.17 -26.50
C HIS E 343 -16.71 23.81 -26.33
N SER E 344 -16.44 22.93 -25.36
CA SER E 344 -15.09 22.62 -24.95
C SER E 344 -14.76 21.18 -25.32
N PHE E 345 -13.54 20.98 -25.83
CA PHE E 345 -13.10 19.66 -26.24
C PHE E 345 -11.60 19.59 -26.03
N ASN E 346 -11.02 18.47 -26.46
CA ASN E 346 -9.58 18.23 -26.35
C ASN E 346 -9.07 17.70 -27.68
N CYS E 347 -7.96 18.26 -28.16
CA CYS E 347 -7.30 17.75 -29.35
C CYS E 347 -5.81 18.02 -29.24
N GLY E 348 -5.01 16.96 -29.38
CA GLY E 348 -3.57 17.10 -29.29
C GLY E 348 -3.04 17.32 -27.91
N GLY E 349 -3.87 17.15 -26.87
CA GLY E 349 -3.48 17.41 -25.51
C GLY E 349 -3.77 18.82 -25.03
N GLU E 350 -4.19 19.72 -25.91
CA GLU E 350 -4.58 21.07 -25.53
C GLU E 350 -6.09 21.14 -25.40
N PHE E 351 -6.55 21.94 -24.44
CA PHE E 351 -7.97 22.07 -24.13
C PHE E 351 -8.50 23.38 -24.72
N PHE E 352 -9.56 23.27 -25.52
CA PHE E 352 -10.13 24.39 -26.23
C PHE E 352 -11.43 24.83 -25.58
N TYR E 353 -11.77 26.10 -25.75
CA TYR E 353 -13.02 26.68 -25.22
C TYR E 353 -13.53 27.67 -26.27
N CYS E 354 -14.41 27.19 -27.14
CA CYS E 354 -14.73 27.88 -28.39
C CYS E 354 -16.10 28.53 -28.30
N ASN E 355 -16.14 29.83 -28.57
CA ASN E 355 -17.40 30.57 -28.69
C ASN E 355 -18.21 30.00 -29.84
N THR E 356 -19.50 29.74 -29.60
CA THR E 356 -20.39 29.15 -30.58
C THR E 356 -21.57 30.06 -30.92
N SER E 357 -21.42 31.36 -30.70
CA SER E 357 -22.53 32.28 -30.98
C SER E 357 -22.83 32.40 -32.47
N GLY E 358 -21.87 32.09 -33.34
CA GLY E 358 -22.11 32.18 -34.76
C GLY E 358 -22.89 31.01 -35.33
N LEU E 359 -22.74 29.81 -34.75
CA LEU E 359 -23.48 28.66 -35.25
C LEU E 359 -24.96 28.75 -34.91
N PHE E 360 -25.28 29.08 -33.65
CA PHE E 360 -26.66 29.11 -33.17
C PHE E 360 -27.14 30.56 -33.15
N ASN E 361 -27.44 31.07 -34.34
CA ASN E 361 -27.90 32.45 -34.51
C ASN E 361 -28.82 32.45 -35.73
N SER E 362 -30.11 32.26 -35.49
CA SER E 362 -31.04 32.05 -36.58
C SER E 362 -32.47 32.17 -36.07
N THR E 363 -33.40 32.35 -37.01
CA THR E 363 -34.83 32.34 -36.70
C THR E 363 -35.53 31.74 -37.92
N TRP E 364 -36.19 30.60 -37.74
CA TRP E 364 -36.78 29.85 -38.84
C TRP E 364 -38.28 30.01 -38.83
N ILE E 365 -38.82 30.62 -39.87
CA ILE E 365 -40.25 30.80 -40.04
C ILE E 365 -40.79 29.54 -40.72
N SER E 366 -42.07 29.25 -40.47
CA SER E 366 -42.70 28.03 -40.98
C SER E 366 -43.36 28.24 -42.34
N ASN E 367 -42.87 29.18 -43.14
CA ASN E 367 -43.46 29.46 -44.45
C ASN E 367 -43.11 28.37 -45.45
N ASN E 379 -17.51 27.24 -50.48
CA ASN E 379 -17.49 28.71 -50.51
C ASN E 379 -17.01 29.23 -49.16
N ASP E 380 -17.66 30.27 -48.63
CA ASP E 380 -17.25 30.85 -47.37
C ASP E 380 -17.46 29.85 -46.23
N SER E 381 -16.87 30.16 -45.09
CA SER E 381 -16.93 29.33 -43.90
C SER E 381 -17.24 30.19 -42.69
N ILE E 382 -17.72 29.55 -41.62
CA ILE E 382 -18.03 30.22 -40.37
C ILE E 382 -16.85 30.02 -39.43
N THR E 383 -16.14 31.10 -39.13
CA THR E 383 -15.08 31.08 -38.14
C THR E 383 -15.67 31.34 -36.76
N LEU E 384 -15.03 30.77 -35.73
CA LEU E 384 -15.46 31.01 -34.38
C LEU E 384 -14.25 30.93 -33.45
N PRO E 385 -14.08 31.91 -32.56
CA PRO E 385 -12.84 31.98 -31.78
C PRO E 385 -12.80 30.93 -30.67
N CYS E 386 -11.59 30.75 -30.12
CA CYS E 386 -11.37 29.80 -29.03
C CYS E 386 -10.31 30.36 -28.09
N ARG E 387 -10.36 29.89 -26.84
CA ARG E 387 -9.40 30.27 -25.81
C ARG E 387 -8.82 29.01 -25.18
N ILE E 388 -7.59 29.12 -24.68
CA ILE E 388 -6.84 27.96 -24.21
C ILE E 388 -6.61 28.09 -22.71
N LYS E 389 -6.55 26.94 -22.03
CA LYS E 389 -6.22 26.87 -20.61
C LYS E 389 -5.18 25.78 -20.40
N GLN E 390 -4.36 25.96 -19.38
CA GLN E 390 -3.33 24.99 -19.00
C GLN E 390 -3.70 24.19 -17.76
N ILE E 391 -4.33 24.82 -16.77
CA ILE E 391 -4.86 24.15 -15.59
C ILE E 391 -6.38 24.15 -15.68
N ILE E 392 -6.97 22.97 -15.58
CA ILE E 392 -8.39 22.75 -15.84
C ILE E 392 -9.04 22.12 -14.62
N ASN E 393 -10.23 22.60 -14.29
CA ASN E 393 -11.05 21.98 -13.26
C ASN E 393 -11.73 20.77 -13.87
N MET E 394 -11.27 19.58 -13.50
CA MET E 394 -11.63 18.37 -14.20
C MET E 394 -13.02 17.90 -13.80
N TRP E 395 -13.83 17.55 -14.79
CA TRP E 395 -15.23 17.21 -14.57
C TRP E 395 -15.41 16.01 -13.66
N GLN E 396 -14.40 15.16 -13.51
CA GLN E 396 -14.56 13.93 -12.73
C GLN E 396 -14.85 14.24 -11.27
N ARG E 397 -14.14 15.21 -10.69
CA ARG E 397 -14.33 15.59 -9.30
C ARG E 397 -14.24 17.10 -9.19
N ILE E 398 -14.94 17.66 -8.21
CA ILE E 398 -14.95 19.10 -8.04
C ILE E 398 -13.73 19.60 -7.26
N GLY E 399 -13.11 18.74 -6.45
CA GLY E 399 -12.05 19.17 -5.56
C GLY E 399 -10.65 19.14 -6.10
N GLN E 400 -10.45 18.83 -7.39
CA GLN E 400 -9.09 18.71 -7.92
C GLN E 400 -9.03 19.23 -9.35
N CYS E 401 -7.82 19.62 -9.75
CA CYS E 401 -7.55 20.15 -11.09
C CYS E 401 -6.47 19.31 -11.77
N MET E 402 -6.00 19.77 -12.93
CA MET E 402 -4.97 19.06 -13.68
C MET E 402 -4.26 20.06 -14.58
N TYR E 403 -2.93 19.92 -14.70
CA TYR E 403 -2.12 20.80 -15.54
C TYR E 403 -1.78 20.09 -16.84
N ALA E 404 -2.02 20.76 -17.95
CA ALA E 404 -1.74 20.22 -19.27
C ALA E 404 -0.42 20.75 -19.77
N PRO E 405 0.60 19.91 -20.00
CA PRO E 405 1.86 20.44 -20.51
C PRO E 405 1.68 21.00 -21.90
N PRO E 406 2.50 21.97 -22.30
CA PRO E 406 2.40 22.50 -23.67
C PRO E 406 2.76 21.47 -24.72
N ILE E 407 2.28 21.70 -25.93
CA ILE E 407 2.55 20.84 -27.07
C ILE E 407 3.55 21.54 -27.97
N GLN E 408 4.35 20.74 -28.68
CA GLN E 408 5.40 21.26 -29.54
C GLN E 408 4.80 21.79 -30.84
N GLY E 409 4.82 23.11 -31.00
CA GLY E 409 4.51 23.72 -32.27
C GLY E 409 3.04 23.78 -32.60
N VAL E 410 2.77 24.05 -33.88
CA VAL E 410 1.41 24.18 -34.37
C VAL E 410 0.73 22.82 -34.34
N ILE E 411 -0.59 22.84 -34.09
CA ILE E 411 -1.41 21.63 -34.14
C ILE E 411 -2.68 21.96 -34.89
N ARG E 412 -3.20 20.95 -35.59
CA ARG E 412 -4.43 21.05 -36.35
C ARG E 412 -5.31 19.87 -35.99
N CYS E 413 -6.63 20.09 -36.07
CA CYS E 413 -7.60 19.08 -35.68
C CYS E 413 -8.71 19.00 -36.71
N VAL E 414 -9.07 17.78 -37.08
CA VAL E 414 -10.19 17.50 -37.98
C VAL E 414 -11.10 16.51 -37.28
N SER E 415 -12.38 16.85 -37.18
CA SER E 415 -13.32 16.04 -36.42
C SER E 415 -14.70 16.17 -37.03
N ASN E 416 -15.56 15.20 -36.71
CA ASN E 416 -16.94 15.18 -37.15
C ASN E 416 -17.84 15.71 -36.06
N ILE E 417 -18.78 16.57 -36.42
CA ILE E 417 -19.90 16.91 -35.55
C ILE E 417 -21.05 16.00 -35.96
N THR E 418 -21.53 15.20 -35.00
CA THR E 418 -22.55 14.19 -35.26
C THR E 418 -23.81 14.39 -34.42
N GLY E 419 -23.89 15.47 -33.66
CA GLY E 419 -25.07 15.68 -32.84
C GLY E 419 -24.95 16.97 -32.06
N LEU E 420 -26.02 17.27 -31.31
CA LEU E 420 -26.11 18.46 -30.49
C LEU E 420 -26.71 18.09 -29.15
N ILE E 421 -26.55 18.99 -28.18
CA ILE E 421 -27.29 18.94 -26.92
C ILE E 421 -27.95 20.30 -26.75
N LEU E 422 -29.28 20.32 -26.76
CA LEU E 422 -30.04 21.56 -26.77
C LEU E 422 -30.95 21.63 -25.55
N THR E 423 -31.17 22.86 -25.08
CA THR E 423 -32.08 23.13 -23.97
C THR E 423 -33.16 24.08 -24.46
N ARG E 424 -34.42 23.72 -24.24
CA ARG E 424 -35.55 24.55 -24.61
C ARG E 424 -35.85 25.53 -23.48
N ASP E 425 -36.28 26.74 -23.87
CA ASP E 425 -36.53 27.79 -22.91
C ASP E 425 -37.89 27.61 -22.25
N GLY E 426 -38.13 28.42 -21.21
CA GLY E 426 -39.39 28.36 -20.48
C GLY E 426 -40.44 29.27 -21.04
N GLY E 427 -40.47 29.43 -22.37
CA GLY E 427 -41.54 30.19 -23.00
C GLY E 427 -42.81 29.35 -23.10
N SER E 428 -43.94 29.99 -22.82
CA SER E 428 -45.21 29.30 -22.77
C SER E 428 -46.33 30.33 -22.95
N THR E 429 -47.57 29.90 -22.74
CA THR E 429 -48.74 30.77 -22.86
C THR E 429 -48.93 31.15 -24.33
N ASN E 430 -49.14 32.43 -24.63
CA ASN E 430 -49.41 32.87 -26.01
C ASN E 430 -48.10 33.22 -26.72
N SER E 431 -47.29 32.20 -26.94
CA SER E 431 -46.01 32.33 -27.63
C SER E 431 -45.99 31.34 -28.80
N THR E 432 -45.77 31.87 -30.00
CA THR E 432 -45.65 31.05 -31.20
C THR E 432 -44.20 30.76 -31.58
N THR E 433 -43.24 31.20 -30.77
CA THR E 433 -41.82 31.01 -31.03
C THR E 433 -41.24 30.08 -29.97
N GLU E 434 -40.53 29.06 -30.41
CA GLU E 434 -39.83 28.13 -29.51
C GLU E 434 -38.33 28.34 -29.68
N THR E 435 -37.66 28.69 -28.60
CA THR E 435 -36.24 29.01 -28.61
C THR E 435 -35.44 27.85 -28.01
N PHE E 436 -34.36 27.48 -28.69
CA PHE E 436 -33.45 26.44 -28.23
C PHE E 436 -32.06 27.02 -28.07
N ARG E 437 -31.35 26.56 -27.04
CA ARG E 437 -29.98 26.98 -26.78
C ARG E 437 -29.09 25.76 -26.58
N PRO E 438 -27.79 25.88 -26.85
CA PRO E 438 -26.90 24.73 -26.66
C PRO E 438 -26.34 24.68 -25.24
N GLY E 439 -26.47 23.52 -24.59
CA GLY E 439 -25.84 23.34 -23.29
C GLY E 439 -25.49 21.89 -23.03
N GLY E 440 -24.22 21.62 -22.73
CA GLY E 440 -23.78 20.27 -22.51
C GLY E 440 -23.91 19.80 -21.07
N GLY E 441 -23.21 20.47 -20.16
CA GLY E 441 -23.26 20.11 -18.76
C GLY E 441 -22.85 18.68 -18.50
N ASP E 442 -23.84 17.83 -18.19
CA ASP E 442 -23.57 16.47 -17.76
C ASP E 442 -22.89 15.66 -18.86
N MET E 443 -21.84 14.93 -18.47
CA MET E 443 -21.11 14.08 -19.41
C MET E 443 -21.78 12.74 -19.62
N ARG E 444 -22.74 12.35 -18.78
CA ARG E 444 -23.44 11.09 -18.99
C ARG E 444 -24.26 11.12 -20.28
N ASP E 445 -24.68 12.31 -20.71
CA ASP E 445 -25.42 12.43 -21.96
C ASP E 445 -24.51 12.21 -23.17
N ASN E 446 -23.21 12.48 -23.03
CA ASN E 446 -22.28 12.22 -24.13
C ASN E 446 -22.30 10.75 -24.52
N TRP E 447 -22.31 9.85 -23.53
CA TRP E 447 -22.28 8.43 -23.77
C TRP E 447 -23.67 7.80 -23.86
N ARG E 448 -24.73 8.56 -23.59
CA ARG E 448 -26.06 8.10 -23.97
C ARG E 448 -26.24 8.10 -25.48
N SER E 449 -25.52 8.98 -26.18
CA SER E 449 -25.56 9.01 -27.62
C SER E 449 -24.91 7.79 -28.26
N GLU E 450 -24.17 6.99 -27.49
CA GLU E 450 -23.49 5.82 -28.00
C GLU E 450 -24.07 4.51 -27.49
N LEU E 451 -24.73 4.51 -26.34
CA LEU E 451 -25.24 3.30 -25.71
C LEU E 451 -26.76 3.22 -25.75
N TYR E 452 -27.41 4.04 -26.56
CA TYR E 452 -28.86 4.01 -26.64
C TYR E 452 -29.37 2.69 -27.23
N LYS E 453 -28.59 2.07 -28.11
CA LYS E 453 -29.02 0.84 -28.76
C LYS E 453 -28.97 -0.35 -27.81
N TYR E 454 -28.09 -0.31 -26.81
CA TYR E 454 -27.69 -1.50 -26.08
C TYR E 454 -28.42 -1.61 -24.74
N LYS E 455 -28.60 -2.86 -24.30
CA LYS E 455 -29.10 -3.16 -22.97
C LYS E 455 -28.50 -4.48 -22.52
N VAL E 456 -28.58 -4.73 -21.22
CA VAL E 456 -28.00 -5.93 -20.60
C VAL E 456 -29.12 -6.72 -19.96
N VAL E 457 -29.14 -8.04 -20.19
CA VAL E 457 -30.15 -8.92 -19.63
C VAL E 457 -29.47 -10.13 -19.00
N LYS E 458 -30.20 -10.78 -18.10
CA LYS E 458 -29.73 -11.96 -17.39
C LYS E 458 -30.48 -13.18 -17.90
N ILE E 459 -29.74 -14.20 -18.32
CA ILE E 459 -30.32 -15.39 -18.94
C ILE E 459 -30.77 -16.35 -17.85
N GLU E 460 -32.03 -16.76 -17.91
CA GLU E 460 -32.64 -17.63 -16.91
C GLU E 460 -32.97 -18.98 -17.52
N PRO E 461 -32.04 -19.94 -17.53
CA PRO E 461 -32.39 -21.29 -17.98
C PRO E 461 -33.29 -21.99 -16.96
N LEU E 462 -33.53 -23.28 -17.15
CA LEU E 462 -34.35 -24.03 -16.19
C LEU E 462 -35.78 -23.52 -16.13
N GLY E 463 -36.50 -23.62 -17.26
CA GLY E 463 -37.91 -23.33 -17.28
C GLY E 463 -38.76 -24.55 -16.98
N VAL E 464 -40.03 -24.32 -16.67
CA VAL E 464 -40.97 -25.35 -16.26
C VAL E 464 -42.22 -25.24 -17.11
N ALA E 465 -42.63 -26.36 -17.71
CA ALA E 465 -43.80 -26.39 -18.57
C ALA E 465 -44.53 -27.71 -18.36
N PRO E 466 -45.82 -27.77 -18.66
CA PRO E 466 -46.55 -29.03 -18.50
C PRO E 466 -46.35 -29.96 -19.69
N THR E 467 -46.33 -31.26 -19.41
CA THR E 467 -46.18 -32.27 -20.45
C THR E 467 -46.96 -33.51 -20.05
N ARG E 468 -47.38 -34.27 -21.06
CA ARG E 468 -48.16 -35.50 -20.88
C ARG E 468 -47.33 -36.64 -20.32
N CYS E 469 -46.01 -36.52 -20.28
CA CYS E 469 -45.11 -37.61 -19.92
C CYS E 469 -44.86 -37.63 -18.42
N LYS E 470 -44.74 -38.83 -17.86
CA LYS E 470 -44.53 -39.04 -16.44
C LYS E 470 -43.39 -40.02 -16.24
N ARG E 471 -42.62 -39.82 -15.17
CA ARG E 471 -41.48 -40.68 -14.89
C ARG E 471 -41.94 -42.11 -14.62
N ARG E 472 -40.97 -43.02 -14.58
CA ARG E 472 -41.21 -44.42 -14.26
C ARG E 472 -40.82 -44.66 -12.81
N VAL E 473 -41.79 -45.04 -11.99
CA VAL E 473 -41.56 -45.29 -10.58
C VAL E 473 -40.62 -46.47 -10.40
N GLU F 2 -19.62 -55.83 -38.55
CA GLU F 2 -18.58 -55.06 -37.88
C GLU F 2 -18.96 -53.58 -37.86
N ASN F 3 -19.38 -53.10 -36.68
CA ASN F 3 -19.72 -51.70 -36.49
C ASN F 3 -18.97 -51.18 -35.27
N LEU F 4 -18.69 -49.88 -35.29
CA LEU F 4 -17.86 -49.24 -34.27
C LEU F 4 -18.39 -47.87 -33.96
N TRP F 5 -18.38 -47.51 -32.68
CA TRP F 5 -18.92 -46.24 -32.20
C TRP F 5 -17.92 -45.59 -31.26
N VAL F 6 -17.99 -44.25 -31.18
CA VAL F 6 -17.03 -43.51 -30.36
C VAL F 6 -17.30 -43.80 -28.89
N THR F 7 -16.25 -43.78 -28.08
CA THR F 7 -16.34 -43.93 -26.64
C THR F 7 -15.56 -42.81 -25.97
N VAL F 8 -16.11 -42.29 -24.87
CA VAL F 8 -15.52 -41.17 -24.15
C VAL F 8 -14.83 -41.70 -22.91
N TYR F 9 -13.58 -41.30 -22.71
CA TYR F 9 -12.80 -41.65 -21.52
C TYR F 9 -12.38 -40.37 -20.81
N TYR F 10 -12.67 -40.29 -19.53
CA TYR F 10 -12.31 -39.15 -18.70
C TYR F 10 -11.20 -39.57 -17.73
N GLY F 11 -10.44 -38.59 -17.27
CA GLY F 11 -9.26 -38.89 -16.47
C GLY F 11 -8.20 -39.61 -17.28
N VAL F 12 -7.94 -39.15 -18.50
CA VAL F 12 -7.02 -39.79 -19.42
C VAL F 12 -5.68 -39.07 -19.38
N PRO F 13 -4.52 -39.77 -19.31
CA PRO F 13 -3.25 -39.05 -19.27
C PRO F 13 -2.80 -38.53 -20.64
N VAL F 14 -2.99 -37.23 -20.85
CA VAL F 14 -2.46 -36.51 -22.00
C VAL F 14 -2.21 -35.08 -21.55
N TRP F 15 -1.20 -34.44 -22.14
CA TRP F 15 -0.85 -33.08 -21.79
C TRP F 15 -0.48 -32.30 -23.04
N LYS F 16 -0.30 -31.00 -22.85
CA LYS F 16 0.09 -30.10 -23.93
C LYS F 16 0.79 -28.90 -23.33
N ASP F 17 1.84 -28.43 -24.00
CA ASP F 17 2.59 -27.28 -23.50
C ASP F 17 1.67 -26.07 -23.43
N ALA F 18 1.72 -25.36 -22.30
CA ALA F 18 0.79 -24.28 -22.01
C ALA F 18 1.48 -23.18 -21.24
N GLU F 19 0.83 -22.02 -21.19
CA GLU F 19 1.28 -20.86 -20.43
C GLU F 19 0.30 -20.64 -19.30
N THR F 20 0.82 -20.43 -18.08
CA THR F 20 -0.05 -20.28 -16.92
C THR F 20 0.71 -19.51 -15.84
N THR F 21 -0.01 -19.17 -14.79
CA THR F 21 0.55 -18.48 -13.63
C THR F 21 0.91 -19.52 -12.56
N LEU F 22 2.13 -19.43 -12.06
CA LEU F 22 2.63 -20.34 -11.04
C LEU F 22 2.74 -19.59 -9.70
N PHE F 23 2.34 -20.27 -8.63
CA PHE F 23 2.38 -19.70 -7.29
C PHE F 23 3.58 -20.26 -6.53
N CYS F 24 3.83 -19.70 -5.36
CA CYS F 24 4.99 -20.02 -4.56
C CYS F 24 4.68 -21.10 -3.54
N ALA F 25 5.68 -21.91 -3.22
CA ALA F 25 5.65 -22.79 -2.06
C ALA F 25 7.02 -22.74 -1.39
N SER F 26 7.02 -22.59 -0.06
CA SER F 26 8.25 -22.43 0.71
C SER F 26 8.24 -23.38 1.89
N ASP F 27 9.43 -23.85 2.26
CA ASP F 27 9.56 -24.72 3.43
C ASP F 27 9.21 -23.96 4.69
N ALA F 28 8.68 -24.71 5.67
CA ALA F 28 8.26 -24.13 6.94
C ALA F 28 9.41 -23.94 7.92
N LYS F 29 10.63 -24.37 7.56
CA LYS F 29 11.76 -24.20 8.48
C LYS F 29 12.02 -22.73 8.78
N ALA F 30 11.72 -21.85 7.84
CA ALA F 30 11.90 -20.41 8.02
C ALA F 30 10.65 -19.71 8.51
N TYR F 31 9.55 -20.44 8.72
CA TYR F 31 8.33 -19.81 9.23
C TYR F 31 8.56 -19.23 10.62
N GLU F 32 9.23 -19.99 11.49
CA GLU F 32 9.62 -19.46 12.78
C GLU F 32 10.68 -18.37 12.61
N THR F 33 10.75 -17.47 13.57
CA THR F 33 11.60 -16.28 13.47
C THR F 33 11.21 -15.48 12.23
N GLU F 34 9.98 -14.95 12.28
CA GLU F 34 9.33 -14.36 11.11
C GLU F 34 10.25 -13.41 10.36
N LYS F 35 10.67 -12.32 11.02
CA LYS F 35 11.41 -11.26 10.35
C LYS F 35 10.63 -10.82 9.13
N HIS F 36 11.33 -10.37 8.08
CA HIS F 36 10.69 -10.07 6.81
C HIS F 36 11.71 -10.30 5.70
N ASN F 37 11.23 -10.81 4.57
CA ASN F 37 12.07 -11.06 3.40
C ASN F 37 11.56 -10.23 2.22
N VAL F 38 12.50 -9.90 1.33
CA VAL F 38 12.11 -9.22 0.10
C VAL F 38 11.20 -10.11 -0.73
N TRP F 39 11.38 -11.43 -0.64
CA TRP F 39 10.60 -12.38 -1.39
C TRP F 39 9.34 -12.83 -0.66
N ALA F 40 9.12 -12.33 0.56
CA ALA F 40 7.84 -12.41 1.26
C ALA F 40 7.27 -13.83 1.23
N THR F 41 8.03 -14.75 1.80
CA THR F 41 7.59 -16.14 1.87
C THR F 41 6.62 -16.42 3.00
N HIS F 42 6.31 -15.41 3.83
CA HIS F 42 5.27 -15.60 4.83
C HIS F 42 3.92 -15.85 4.18
N ALA F 43 3.60 -15.09 3.12
CA ALA F 43 2.37 -15.33 2.36
C ALA F 43 2.49 -16.53 1.44
N CYS F 44 3.71 -16.92 1.09
CA CYS F 44 3.93 -18.11 0.27
C CYS F 44 3.41 -19.33 1.01
N VAL F 45 2.54 -20.10 0.36
CA VAL F 45 1.87 -21.21 1.06
C VAL F 45 2.91 -22.26 1.43
N PRO F 46 2.81 -22.92 2.58
CA PRO F 46 3.78 -23.98 2.90
C PRO F 46 3.70 -25.12 1.89
N THR F 47 4.85 -25.74 1.67
CA THR F 47 4.93 -26.88 0.77
C THR F 47 4.55 -28.17 1.50
N ASP F 48 4.27 -29.21 0.72
CA ASP F 48 3.92 -30.51 1.27
C ASP F 48 5.18 -31.34 1.48
N PRO F 49 5.39 -31.95 2.65
CA PRO F 49 6.57 -32.80 2.84
C PRO F 49 6.52 -34.01 1.92
N ASN F 50 7.72 -34.51 1.59
CA ASN F 50 7.95 -35.60 0.65
C ASN F 50 7.00 -35.52 -0.55
N PRO F 51 7.13 -34.49 -1.39
CA PRO F 51 6.18 -34.31 -2.50
C PRO F 51 6.25 -35.47 -3.48
N GLN F 52 5.17 -35.61 -4.25
CA GLN F 52 5.01 -36.75 -5.17
C GLN F 52 5.92 -36.55 -6.38
N GLU F 53 7.18 -36.93 -6.19
CA GLU F 53 8.14 -37.03 -7.30
C GLU F 53 8.05 -38.45 -7.83
N ILE F 54 7.40 -38.62 -8.97
CA ILE F 54 7.06 -39.93 -9.51
C ILE F 54 7.54 -40.02 -10.95
N HIS F 55 8.21 -41.11 -11.29
CA HIS F 55 8.79 -41.28 -12.61
C HIS F 55 7.71 -41.67 -13.62
N LEU F 56 7.93 -41.26 -14.88
CA LEU F 56 7.09 -41.65 -16.00
C LEU F 56 7.95 -42.42 -16.99
N GLU F 57 7.58 -43.67 -17.24
CA GLU F 57 8.34 -44.54 -18.12
C GLU F 57 7.87 -44.42 -19.57
N ASN F 58 8.76 -44.77 -20.49
CA ASN F 58 8.46 -44.88 -21.91
C ASN F 58 8.00 -43.56 -22.53
N VAL F 59 8.16 -42.44 -21.85
CA VAL F 59 7.65 -41.15 -22.32
C VAL F 59 8.81 -40.29 -22.77
N THR F 60 8.71 -39.72 -23.96
CA THR F 60 9.68 -38.81 -24.52
C THR F 60 9.06 -37.42 -24.62
N GLU F 61 9.71 -36.43 -24.02
CA GLU F 61 9.23 -35.06 -24.00
C GLU F 61 10.33 -34.12 -24.43
N GLU F 62 9.98 -33.15 -25.26
CA GLU F 62 10.94 -32.19 -25.79
C GLU F 62 10.96 -30.96 -24.90
N PHE F 63 12.17 -30.53 -24.53
CA PHE F 63 12.38 -29.33 -23.73
C PHE F 63 13.10 -28.27 -24.56
N ASN F 64 12.99 -27.02 -24.10
CA ASN F 64 13.75 -25.93 -24.70
C ASN F 64 13.89 -24.84 -23.65
N MET F 65 15.07 -24.77 -23.02
CA MET F 65 15.27 -23.83 -21.92
C MET F 65 15.38 -22.39 -22.40
N TRP F 66 15.63 -22.16 -23.69
CA TRP F 66 15.93 -20.81 -24.16
C TRP F 66 14.66 -20.01 -24.46
N LYS F 67 13.62 -20.66 -24.98
CA LYS F 67 12.30 -20.05 -25.12
C LYS F 67 11.35 -20.49 -24.01
N ASN F 68 11.88 -21.04 -22.93
CA ASN F 68 11.06 -21.57 -21.85
C ASN F 68 10.23 -20.46 -21.21
N ASN F 69 9.03 -20.84 -20.79
CA ASN F 69 8.19 -19.98 -19.95
C ASN F 69 8.74 -20.11 -18.53
N MET F 70 8.01 -19.65 -17.52
CA MET F 70 8.39 -19.74 -16.10
C MET F 70 9.79 -19.17 -15.83
N VAL F 71 10.34 -18.42 -16.78
CA VAL F 71 11.53 -17.62 -16.58
C VAL F 71 11.25 -16.14 -16.79
N GLU F 72 10.44 -15.82 -17.81
CA GLU F 72 9.96 -14.47 -17.98
C GLU F 72 9.07 -14.06 -16.82
N GLN F 73 8.16 -14.94 -16.39
CA GLN F 73 7.27 -14.61 -15.29
C GLN F 73 7.94 -14.76 -13.94
N MET F 74 9.08 -15.45 -13.86
CA MET F 74 9.88 -15.38 -12.64
C MET F 74 10.65 -14.07 -12.58
N HIS F 75 11.08 -13.56 -13.74
CA HIS F 75 11.73 -12.26 -13.79
C HIS F 75 10.82 -11.17 -13.26
N THR F 76 9.54 -11.19 -13.67
CA THR F 76 8.60 -10.18 -13.20
C THR F 76 8.33 -10.32 -11.72
N ASP F 77 8.28 -11.56 -11.21
CA ASP F 77 7.98 -11.77 -9.81
C ASP F 77 9.03 -11.13 -8.91
N ILE F 78 10.31 -11.30 -9.24
CA ILE F 78 11.37 -10.68 -8.44
C ILE F 78 11.27 -9.16 -8.53
N ILE F 79 10.99 -8.64 -9.74
CA ILE F 79 10.85 -7.21 -9.90
C ILE F 79 9.71 -6.68 -9.05
N SER F 80 8.55 -7.35 -9.11
CA SER F 80 7.41 -6.92 -8.32
C SER F 80 7.60 -7.20 -6.84
N LEU F 81 8.32 -8.27 -6.50
CA LEU F 81 8.56 -8.58 -5.10
C LEU F 81 9.51 -7.58 -4.47
N TRP F 82 10.43 -7.02 -5.26
CA TRP F 82 11.31 -5.97 -4.77
C TRP F 82 10.59 -4.64 -4.63
N ASP F 83 9.56 -4.41 -5.45
CA ASP F 83 8.88 -3.12 -5.44
C ASP F 83 8.07 -2.94 -4.16
N GLN F 84 7.27 -3.94 -3.79
CA GLN F 84 6.45 -3.81 -2.59
C GLN F 84 7.27 -3.83 -1.31
N SER F 85 8.53 -4.27 -1.38
CA SER F 85 9.40 -4.21 -0.21
C SER F 85 9.89 -2.79 0.05
N LEU F 86 10.10 -2.00 -1.00
CA LEU F 86 10.64 -0.65 -0.87
C LEU F 86 9.57 0.41 -0.68
N LYS F 87 8.33 0.07 -0.93
CA LYS F 87 7.22 1.05 -0.88
C LYS F 87 7.06 1.68 0.51
N PRO F 88 7.00 0.88 1.58
CA PRO F 88 6.81 1.44 2.89
C PRO F 88 8.07 2.01 3.53
N CYS F 89 9.12 2.27 2.76
CA CYS F 89 10.39 2.66 3.42
C CYS F 89 10.78 4.10 3.14
N VAL F 90 11.67 4.67 3.95
CA VAL F 90 12.01 6.11 3.86
C VAL F 90 12.33 6.52 2.45
N LYS F 91 12.08 7.77 2.10
CA LYS F 91 12.44 8.34 0.80
C LYS F 91 13.46 9.38 1.15
N LEU F 92 14.66 9.17 0.69
CA LEU F 92 15.81 10.03 1.00
C LEU F 92 15.80 11.27 0.11
N THR F 93 14.63 11.91 -0.02
CA THR F 93 14.55 13.12 -0.84
C THR F 93 15.30 14.32 -0.24
N PRO F 94 15.42 14.48 1.08
CA PRO F 94 16.20 15.61 1.60
C PRO F 94 17.68 15.32 1.82
N LEU F 95 18.18 14.20 1.31
CA LEU F 95 19.52 13.77 1.67
C LEU F 95 20.59 14.44 0.82
N CYS F 96 20.32 14.66 -0.47
CA CYS F 96 21.33 15.21 -1.35
C CYS F 96 21.23 16.74 -1.33
N VAL F 97 22.20 17.36 -0.67
CA VAL F 97 22.41 18.79 -0.66
C VAL F 97 23.90 19.05 -0.81
N THR F 98 24.30 20.30 -0.73
CA THR F 98 25.71 20.64 -0.85
C THR F 98 26.47 20.06 0.33
N LEU F 99 27.23 18.99 0.09
CA LEU F 99 28.12 18.43 1.08
C LEU F 99 29.45 19.18 1.08
N GLN F 100 30.24 18.95 2.12
CA GLN F 100 31.60 19.52 2.24
C GLN F 100 32.50 18.39 2.71
N CYS F 101 33.10 17.68 1.76
CA CYS F 101 33.79 16.43 2.03
C CYS F 101 35.30 16.62 2.03
N THR F 102 35.97 15.83 2.87
CA THR F 102 37.42 15.75 2.92
C THR F 102 37.82 14.28 3.00
N ASN F 103 39.04 13.98 2.55
CA ASN F 103 39.50 12.60 2.54
C ASN F 103 39.60 12.07 3.97
N VAL F 104 39.37 10.77 4.09
CA VAL F 104 39.57 10.06 5.36
C VAL F 104 41.03 9.66 5.44
N THR F 105 41.68 9.97 6.57
CA THR F 105 43.09 9.70 6.77
C THR F 105 43.33 8.95 8.07
N ASN F 106 42.38 8.11 8.49
CA ASN F 106 42.52 7.32 9.71
C ASN F 106 43.37 6.10 9.40
N ASN F 107 44.68 6.33 9.34
CA ASN F 107 45.70 5.29 9.13
C ASN F 107 45.36 4.41 7.92
N ILE F 108 44.94 5.05 6.83
CA ILE F 108 44.53 4.33 5.64
C ILE F 108 45.70 3.59 5.02
N THR F 109 45.37 2.66 4.12
CA THR F 109 46.33 1.90 3.34
C THR F 109 46.45 2.50 1.93
N ASP F 110 47.51 2.11 1.22
CA ASP F 110 47.78 2.67 -0.09
C ASP F 110 46.74 2.26 -1.13
N ASP F 111 46.00 1.17 -0.89
CA ASP F 111 44.95 0.79 -1.82
C ASP F 111 43.72 1.69 -1.66
N MET F 112 43.35 2.00 -0.43
CA MET F 112 42.13 2.75 -0.12
C MET F 112 42.46 4.23 0.09
N ARG F 113 42.96 4.87 -0.97
CA ARG F 113 43.49 6.23 -0.82
C ARG F 113 42.38 7.27 -0.85
N GLY F 114 41.69 7.39 -1.98
CA GLY F 114 40.59 8.32 -2.14
C GLY F 114 39.22 7.67 -2.10
N GLU F 115 39.13 6.40 -1.71
CA GLU F 115 37.90 5.65 -1.82
C GLU F 115 36.88 5.99 -0.73
N LEU F 116 37.28 6.74 0.29
CA LEU F 116 36.39 7.13 1.38
C LEU F 116 36.46 8.63 1.57
N LYS F 117 35.29 9.27 1.63
CA LYS F 117 35.17 10.70 1.84
C LYS F 117 34.35 10.96 3.09
N ASN F 118 34.79 11.93 3.89
CA ASN F 118 34.15 12.30 5.14
C ASN F 118 33.39 13.61 4.90
N CYS F 119 32.07 13.53 4.83
CA CYS F 119 31.22 14.63 4.40
C CYS F 119 30.38 15.16 5.56
N SER F 120 30.13 16.46 5.52
CA SER F 120 29.27 17.13 6.49
C SER F 120 28.25 17.99 5.76
N PHE F 121 27.04 18.05 6.32
CA PHE F 121 25.93 18.72 5.65
C PHE F 121 24.93 19.18 6.70
N ASN F 122 24.08 20.12 6.29
CA ASN F 122 23.02 20.63 7.15
C ASN F 122 21.75 19.82 6.95
N MET F 123 21.08 19.50 8.06
CA MET F 123 19.87 18.71 8.03
C MET F 123 18.87 19.30 9.03
N THR F 124 17.59 19.19 8.69
CA THR F 124 16.54 19.67 9.57
C THR F 124 16.45 18.82 10.83
N THR F 125 16.21 19.48 11.96
CA THR F 125 16.03 18.79 13.23
C THR F 125 14.59 18.28 13.32
N GLU F 126 14.16 17.88 14.51
CA GLU F 126 12.77 17.45 14.67
C GLU F 126 11.80 18.59 14.40
N LEU F 127 12.25 19.83 14.57
CA LEU F 127 11.47 21.01 14.24
C LEU F 127 11.86 21.52 12.87
N ARG F 128 10.88 21.89 12.07
CA ARG F 128 11.13 22.40 10.73
C ARG F 128 11.77 23.79 10.75
N ASP F 129 11.84 24.45 11.89
CA ASP F 129 12.41 25.79 12.01
C ASP F 129 13.89 25.78 12.36
N LYS F 130 14.51 24.61 12.47
CA LYS F 130 15.89 24.50 12.91
C LYS F 130 16.67 23.55 12.02
N LYS F 131 17.90 23.91 11.69
CA LYS F 131 18.86 23.04 11.03
C LYS F 131 20.03 22.78 11.96
N GLN F 132 20.77 21.72 11.65
CA GLN F 132 21.96 21.37 12.42
C GLN F 132 22.95 20.69 11.49
N LYS F 133 24.23 20.84 11.80
CA LYS F 133 25.27 20.21 10.99
C LYS F 133 25.49 18.77 11.47
N VAL F 134 25.50 17.85 10.51
CA VAL F 134 25.76 16.43 10.77
C VAL F 134 26.75 15.96 9.71
N TYR F 135 27.42 14.85 10.02
CA TYR F 135 28.43 14.29 9.12
C TYR F 135 28.20 12.80 8.96
N SER F 136 28.72 12.28 7.84
CA SER F 136 28.62 10.86 7.53
C SER F 136 29.74 10.51 6.57
N LEU F 137 30.07 9.22 6.52
CA LEU F 137 31.09 8.71 5.62
C LEU F 137 30.43 8.10 4.39
N PHE F 138 30.90 8.49 3.21
CA PHE F 138 30.40 7.99 1.95
C PHE F 138 31.55 7.44 1.14
N TYR F 139 31.28 6.41 0.35
CA TYR F 139 32.28 5.89 -0.57
C TYR F 139 32.46 6.84 -1.74
N ARG F 140 33.63 6.78 -2.36
CA ARG F 140 33.94 7.67 -3.47
C ARG F 140 33.02 7.45 -4.65
N LEU F 141 32.53 6.21 -4.83
CA LEU F 141 31.69 5.89 -5.97
C LEU F 141 30.29 6.47 -5.86
N ASP F 142 29.91 7.01 -4.71
CA ASP F 142 28.55 7.49 -4.47
C ASP F 142 28.44 9.01 -4.42
N VAL F 143 29.52 9.74 -4.75
CA VAL F 143 29.52 11.19 -4.69
C VAL F 143 30.20 11.75 -5.93
N VAL F 144 29.84 12.99 -6.27
CA VAL F 144 30.49 13.74 -7.35
C VAL F 144 30.74 15.16 -6.88
N GLN F 145 31.72 15.81 -7.49
CA GLN F 145 31.98 17.22 -7.24
C GLN F 145 31.00 18.07 -8.04
N ILE F 146 30.64 19.22 -7.46
CA ILE F 146 29.74 20.17 -8.13
C ILE F 146 30.42 21.54 -8.15
N ASN F 147 31.73 21.54 -8.22
CA ASN F 147 32.50 22.78 -8.32
C ASN F 147 32.08 23.60 -9.54
N ASN F 158 37.65 22.38 -5.73
CA ASN F 158 36.87 22.65 -4.52
C ASN F 158 36.69 21.37 -3.72
N LYS F 159 35.89 21.45 -2.66
CA LYS F 159 35.61 20.30 -1.80
C LYS F 159 34.13 20.27 -1.41
N GLU F 160 33.25 20.54 -2.38
CA GLU F 160 31.82 20.42 -2.19
C GLU F 160 31.29 19.35 -3.15
N TYR F 161 30.47 18.45 -2.63
CA TYR F 161 30.02 17.27 -3.35
C TYR F 161 28.50 17.17 -3.30
N ARG F 162 27.97 16.21 -4.04
CA ARG F 162 26.58 15.80 -3.95
C ARG F 162 26.51 14.29 -4.17
N LEU F 163 25.38 13.70 -3.78
CA LEU F 163 25.19 12.28 -4.04
C LEU F 163 25.09 12.03 -5.54
N ILE F 164 25.58 10.86 -5.96
CA ILE F 164 25.77 10.56 -7.38
C ILE F 164 24.45 10.64 -8.14
N ASN F 165 23.37 10.12 -7.56
CA ASN F 165 22.18 9.79 -8.34
C ASN F 165 20.92 10.49 -7.83
N CYS F 166 20.98 11.80 -7.62
CA CYS F 166 19.78 12.56 -7.31
C CYS F 166 19.50 13.69 -8.28
N ASN F 167 20.33 13.86 -9.32
CA ASN F 167 19.95 14.70 -10.45
C ASN F 167 19.17 13.93 -11.51
N THR F 168 19.10 12.60 -11.39
CA THR F 168 18.22 11.78 -12.21
C THR F 168 16.94 11.43 -11.46
N SER F 169 17.11 10.83 -10.28
CA SER F 169 15.97 10.34 -9.47
C SER F 169 16.15 10.62 -8.00
N ALA F 170 15.47 9.87 -7.13
CA ALA F 170 15.70 9.97 -5.66
C ALA F 170 15.79 8.55 -5.11
N CYS F 171 16.49 8.34 -4.02
CA CYS F 171 16.78 6.96 -3.59
C CYS F 171 15.89 6.60 -2.41
N THR F 172 15.69 5.33 -2.14
CA THR F 172 14.86 4.85 -1.01
C THR F 172 15.79 4.16 -0.01
N GLN F 173 15.50 4.18 1.29
CA GLN F 173 16.35 3.43 2.23
C GLN F 173 15.72 2.09 2.51
N ALA F 174 16.40 1.05 2.09
CA ALA F 174 15.91 -0.31 2.33
C ALA F 174 15.62 -0.48 3.79
N CYS F 175 14.37 -0.69 4.17
CA CYS F 175 14.10 -0.74 5.63
C CYS F 175 15.13 -1.64 6.27
N PRO F 176 15.66 -1.30 7.45
CA PRO F 176 16.72 -2.10 8.00
C PRO F 176 16.22 -3.40 8.63
N LYS F 177 15.13 -3.93 8.10
CA LYS F 177 14.63 -5.24 8.57
C LYS F 177 14.54 -6.20 7.39
N VAL F 178 14.09 -5.73 6.24
CA VAL F 178 14.00 -6.59 5.03
C VAL F 178 15.34 -7.28 4.88
N SER F 179 15.36 -8.54 4.46
CA SER F 179 16.62 -9.30 4.41
C SER F 179 16.91 -9.79 3.00
N PHE F 180 17.85 -9.16 2.32
CA PHE F 180 18.17 -9.54 0.93
C PHE F 180 18.64 -10.99 0.85
N GLU F 181 18.97 -11.66 1.95
CA GLU F 181 19.50 -13.01 1.82
C GLU F 181 18.50 -13.87 1.06
N PRO F 182 18.88 -14.49 -0.05
CA PRO F 182 17.94 -15.35 -0.77
C PRO F 182 17.61 -16.61 0.01
N ILE F 183 16.38 -17.07 -0.16
CA ILE F 183 15.93 -18.35 0.39
C ILE F 183 15.33 -19.16 -0.75
N PRO F 184 15.30 -20.49 -0.66
CA PRO F 184 14.77 -21.27 -1.78
C PRO F 184 13.29 -21.01 -2.00
N ILE F 185 12.88 -21.05 -3.26
CA ILE F 185 11.49 -20.85 -3.65
C ILE F 185 11.09 -21.99 -4.59
N HIS F 186 9.96 -22.62 -4.30
CA HIS F 186 9.40 -23.66 -5.14
C HIS F 186 8.26 -23.08 -5.95
N TYR F 187 8.33 -23.22 -7.26
CA TYR F 187 7.30 -22.73 -8.16
C TYR F 187 6.35 -23.87 -8.51
N CYS F 188 5.12 -23.80 -8.00
CA CYS F 188 4.14 -24.86 -8.15
C CYS F 188 2.98 -24.43 -9.02
N ALA F 189 2.50 -25.36 -9.86
CA ALA F 189 1.40 -25.21 -10.79
C ALA F 189 0.07 -25.55 -10.13
N PRO F 190 -1.04 -24.99 -10.61
CA PRO F 190 -2.33 -25.26 -10.00
C PRO F 190 -2.91 -26.59 -10.48
N ALA F 191 -4.02 -26.97 -9.86
CA ALA F 191 -4.71 -28.20 -10.25
C ALA F 191 -5.08 -28.14 -11.72
N GLY F 192 -4.91 -29.27 -12.41
CA GLY F 192 -5.06 -29.32 -13.85
C GLY F 192 -3.80 -29.02 -14.62
N PHE F 193 -2.73 -28.64 -13.95
CA PHE F 193 -1.43 -28.40 -14.56
C PHE F 193 -0.38 -29.22 -13.83
N ALA F 194 0.66 -29.62 -14.57
CA ALA F 194 1.75 -30.41 -14.01
C ALA F 194 3.07 -29.89 -14.53
N ILE F 195 4.13 -30.12 -13.75
CA ILE F 195 5.48 -29.71 -14.10
C ILE F 195 6.30 -30.97 -14.38
N LEU F 196 6.88 -31.05 -15.57
CA LEU F 196 7.68 -32.19 -15.99
C LEU F 196 9.16 -31.83 -15.86
N LYS F 197 9.90 -32.66 -15.14
CA LYS F 197 11.32 -32.43 -14.87
C LYS F 197 12.15 -33.39 -15.70
N CYS F 198 13.14 -32.86 -16.41
CA CYS F 198 14.04 -33.68 -17.21
C CYS F 198 15.14 -34.24 -16.33
N LYS F 199 15.20 -35.58 -16.23
CA LYS F 199 16.22 -36.26 -15.45
C LYS F 199 17.43 -36.68 -16.27
N ASP F 200 17.41 -36.42 -17.58
CA ASP F 200 18.52 -36.87 -18.44
C ASP F 200 19.83 -36.23 -18.00
N LYS F 201 20.87 -37.06 -17.90
CA LYS F 201 22.16 -36.56 -17.44
C LYS F 201 22.82 -35.66 -18.48
N LYS F 202 22.85 -36.09 -19.74
CA LYS F 202 23.52 -35.35 -20.81
C LYS F 202 22.54 -34.41 -21.52
N PHE F 203 21.84 -33.58 -20.74
CA PHE F 203 20.83 -32.68 -21.29
C PHE F 203 21.49 -31.34 -21.59
N ASN F 204 21.44 -30.94 -22.86
CA ASN F 204 22.08 -29.71 -23.32
C ASN F 204 21.09 -28.57 -23.51
N GLY F 205 19.90 -28.67 -22.92
CA GLY F 205 18.93 -27.61 -22.92
C GLY F 205 17.88 -27.70 -24.01
N THR F 206 18.14 -28.49 -25.05
CA THR F 206 17.22 -28.61 -26.18
C THR F 206 17.14 -30.06 -26.61
N GLY F 207 16.01 -30.44 -27.20
CA GLY F 207 15.82 -31.76 -27.73
C GLY F 207 15.09 -32.68 -26.76
N PRO F 208 14.88 -33.92 -27.18
CA PRO F 208 14.15 -34.87 -26.32
C PRO F 208 14.93 -35.20 -25.05
N CYS F 209 14.18 -35.55 -24.00
CA CYS F 209 14.73 -35.94 -22.72
C CYS F 209 14.18 -37.33 -22.37
N PRO F 210 14.83 -38.41 -22.81
CA PRO F 210 14.23 -39.74 -22.63
C PRO F 210 14.00 -40.14 -21.18
N SER F 211 14.62 -39.46 -20.22
CA SER F 211 14.40 -39.73 -18.80
C SER F 211 13.72 -38.51 -18.19
N VAL F 212 12.38 -38.55 -18.11
CA VAL F 212 11.58 -37.43 -17.65
C VAL F 212 10.62 -37.93 -16.57
N SER F 213 10.29 -37.03 -15.64
CA SER F 213 9.36 -37.33 -14.56
C SER F 213 8.49 -36.11 -14.32
N THR F 214 7.43 -36.31 -13.54
CA THR F 214 6.53 -35.23 -13.13
C THR F 214 6.58 -35.10 -11.62
N VAL F 215 6.60 -33.85 -11.15
CA VAL F 215 6.78 -33.54 -9.74
C VAL F 215 5.66 -32.61 -9.29
N GLN F 216 5.39 -32.62 -7.98
CA GLN F 216 4.41 -31.69 -7.44
C GLN F 216 4.81 -30.26 -7.77
N CYS F 217 6.04 -29.89 -7.45
CA CYS F 217 6.61 -28.66 -7.97
C CYS F 217 8.12 -28.63 -7.70
N THR F 218 8.76 -27.59 -8.22
CA THR F 218 10.21 -27.57 -8.37
C THR F 218 10.91 -27.57 -7.01
N HIS F 219 12.19 -27.94 -7.04
CA HIS F 219 13.03 -27.82 -5.88
C HIS F 219 13.24 -26.36 -5.52
N GLY F 220 13.66 -26.12 -4.28
CA GLY F 220 13.92 -24.77 -3.84
C GLY F 220 15.01 -24.11 -4.64
N ILE F 221 14.69 -22.97 -5.26
CA ILE F 221 15.61 -22.22 -6.10
C ILE F 221 15.87 -20.89 -5.41
N LYS F 222 17.06 -20.73 -4.85
CA LYS F 222 17.42 -19.48 -4.20
C LYS F 222 17.69 -18.43 -5.28
N PRO F 223 16.96 -17.30 -5.31
CA PRO F 223 17.24 -16.30 -6.34
C PRO F 223 18.46 -15.47 -5.98
N VAL F 224 19.59 -15.74 -6.63
CA VAL F 224 20.84 -15.03 -6.37
C VAL F 224 21.08 -14.12 -7.56
N VAL F 225 20.97 -12.81 -7.33
CA VAL F 225 21.29 -11.84 -8.36
C VAL F 225 22.81 -11.69 -8.41
N SER F 226 23.39 -11.99 -9.56
CA SER F 226 24.82 -11.86 -9.72
C SER F 226 25.17 -11.86 -11.20
N THR F 227 26.20 -11.09 -11.53
CA THR F 227 26.83 -11.10 -12.85
C THR F 227 27.81 -12.28 -12.87
N GLN F 228 28.83 -12.19 -13.75
CA GLN F 228 29.83 -13.23 -13.99
C GLN F 228 30.11 -14.05 -12.73
N LEU F 229 30.18 -15.38 -12.89
CA LEU F 229 30.26 -16.31 -11.77
C LEU F 229 28.98 -16.34 -10.94
N LEU F 230 27.88 -16.77 -11.56
CA LEU F 230 26.66 -17.04 -10.81
C LEU F 230 26.94 -18.05 -9.70
N LEU F 231 26.45 -17.74 -8.49
CA LEU F 231 26.86 -18.42 -7.27
C LEU F 231 25.71 -19.22 -6.67
N ASN F 232 26.08 -20.15 -5.79
CA ASN F 232 25.14 -20.85 -4.90
C ASN F 232 24.04 -21.56 -5.69
N GLY F 233 24.32 -21.94 -6.93
CA GLY F 233 23.33 -22.58 -7.77
C GLY F 233 23.37 -24.09 -7.69
N SER F 234 22.69 -24.72 -8.64
CA SER F 234 22.69 -26.17 -8.75
C SER F 234 23.89 -26.65 -9.54
N LEU F 235 24.44 -27.78 -9.15
CA LEU F 235 25.63 -28.34 -9.76
C LEU F 235 25.25 -29.41 -10.79
N ALA F 236 26.16 -29.64 -11.73
CA ALA F 236 25.96 -30.67 -12.73
C ALA F 236 26.14 -32.05 -12.10
N GLU F 237 25.75 -33.07 -12.85
CA GLU F 237 25.67 -34.43 -12.32
C GLU F 237 27.00 -35.17 -12.38
N GLU F 238 27.56 -35.33 -13.59
CA GLU F 238 28.80 -36.08 -13.76
C GLU F 238 29.83 -35.39 -14.64
N GLU F 239 29.49 -34.31 -15.34
CA GLU F 239 30.42 -33.58 -16.18
C GLU F 239 30.09 -32.11 -16.13
N VAL F 240 30.92 -31.30 -16.77
CA VAL F 240 30.67 -29.87 -16.91
C VAL F 240 29.89 -29.65 -18.21
N MET F 241 28.76 -28.95 -18.10
CA MET F 241 27.83 -28.78 -19.21
C MET F 241 27.93 -27.38 -19.77
N ILE F 242 28.14 -27.28 -21.08
CA ILE F 242 28.16 -26.02 -21.81
C ILE F 242 26.86 -25.94 -22.59
N ARG F 243 26.00 -25.01 -22.21
CA ARG F 243 24.69 -24.82 -22.83
C ARG F 243 24.61 -23.44 -23.45
N SER F 244 24.23 -23.39 -24.73
CA SER F 244 24.10 -22.13 -25.43
C SER F 244 22.98 -22.27 -26.46
N GLU F 245 22.23 -21.18 -26.64
CA GLU F 245 21.14 -21.20 -27.62
C GLU F 245 21.66 -21.51 -29.01
N ASN F 246 22.83 -20.99 -29.35
CA ASN F 246 23.43 -21.21 -30.67
C ASN F 246 24.93 -21.01 -30.53
N ILE F 247 25.69 -22.10 -30.64
CA ILE F 247 27.13 -22.02 -30.43
C ILE F 247 27.78 -21.15 -31.51
N THR F 248 27.40 -21.36 -32.76
CA THR F 248 28.04 -20.67 -33.87
C THR F 248 27.79 -19.16 -33.87
N ASN F 249 26.83 -18.68 -33.09
CA ASN F 249 26.51 -17.26 -33.01
C ASN F 249 27.27 -16.66 -31.84
N ASN F 250 28.21 -15.75 -32.13
CA ASN F 250 29.00 -15.13 -31.07
C ASN F 250 28.16 -14.20 -30.20
N ALA F 251 27.04 -13.69 -30.70
CA ALA F 251 26.23 -12.73 -29.96
C ALA F 251 25.42 -13.36 -28.84
N LYS F 252 25.37 -14.69 -28.77
CA LYS F 252 24.64 -15.38 -27.72
C LYS F 252 25.58 -15.78 -26.58
N ASN F 253 25.06 -15.76 -25.36
CA ASN F 253 25.87 -16.11 -24.21
C ASN F 253 26.07 -17.61 -24.12
N ILE F 254 27.04 -18.00 -23.29
CA ILE F 254 27.36 -19.40 -23.04
C ILE F 254 27.22 -19.63 -21.54
N LEU F 255 26.23 -20.42 -21.15
CA LEU F 255 26.01 -20.75 -19.74
C LEU F 255 26.75 -22.05 -19.43
N VAL F 256 27.75 -21.96 -18.56
CA VAL F 256 28.58 -23.10 -18.18
C VAL F 256 28.24 -23.48 -16.75
N GLN F 257 28.00 -24.77 -16.52
CA GLN F 257 27.72 -25.31 -15.20
C GLN F 257 28.64 -26.50 -14.98
N PHE F 258 29.48 -26.43 -13.95
CA PHE F 258 30.42 -27.50 -13.65
C PHE F 258 30.01 -28.22 -12.37
N ASN F 259 30.31 -29.53 -12.33
CA ASN F 259 29.77 -30.40 -11.29
C ASN F 259 30.36 -30.07 -9.93
N THR F 260 31.67 -29.94 -9.84
CA THR F 260 32.31 -29.73 -8.54
C THR F 260 32.43 -28.24 -8.25
N PRO F 261 31.91 -27.74 -7.13
CA PRO F 261 32.00 -26.30 -6.86
C PRO F 261 33.42 -25.90 -6.48
N VAL F 262 33.71 -24.62 -6.69
CA VAL F 262 34.95 -24.01 -6.23
C VAL F 262 34.58 -22.89 -5.27
N GLN F 263 35.15 -22.93 -4.07
CA GLN F 263 34.76 -22.05 -2.98
C GLN F 263 35.39 -20.68 -3.15
N ILE F 264 34.60 -19.65 -2.87
CA ILE F 264 35.06 -18.26 -2.89
C ILE F 264 34.75 -17.63 -1.54
N ASN F 265 35.77 -17.06 -0.91
CA ASN F 265 35.64 -16.40 0.39
C ASN F 265 35.76 -14.90 0.16
N CYS F 266 34.65 -14.18 0.32
CA CYS F 266 34.62 -12.73 0.16
C CYS F 266 34.41 -12.07 1.51
N THR F 267 35.21 -11.05 1.80
CA THR F 267 35.14 -10.36 3.08
C THR F 267 35.24 -8.85 2.84
N ARG F 268 34.67 -8.09 3.77
CA ARG F 268 34.81 -6.63 3.82
C ARG F 268 35.48 -6.33 5.15
N PRO F 269 36.81 -6.22 5.19
CA PRO F 269 37.51 -6.23 6.49
C PRO F 269 37.14 -5.06 7.39
N ASN F 270 36.72 -3.93 6.83
CA ASN F 270 36.49 -2.73 7.63
C ASN F 270 35.43 -2.99 8.69
N ASN F 271 35.73 -2.58 9.93
CA ASN F 271 34.79 -2.71 11.04
C ASN F 271 33.92 -1.45 11.04
N ASN F 272 32.96 -1.43 10.12
CA ASN F 272 32.09 -0.29 9.97
C ASN F 272 31.15 -0.16 11.17
N THR F 273 30.74 1.07 11.45
CA THR F 273 29.77 1.38 12.48
C THR F 273 28.58 2.09 11.87
N ARG F 274 27.44 2.01 12.56
CA ARG F 274 26.17 2.55 12.08
C ARG F 274 25.75 3.71 12.95
N LYS F 275 25.33 4.81 12.32
CA LYS F 275 24.91 6.02 13.01
C LYS F 275 23.54 6.44 12.49
N SER F 276 22.76 7.05 13.36
CA SER F 276 21.40 7.49 13.04
C SER F 276 21.39 9.01 12.90
N ILE F 277 20.91 9.48 11.76
CA ILE F 277 20.73 10.91 11.50
C ILE F 277 19.25 11.15 11.26
N ARG F 278 18.69 12.13 11.96
CA ARG F 278 17.27 12.43 11.86
C ARG F 278 17.01 13.27 10.61
N ILE F 279 16.33 12.69 9.63
CA ILE F 279 15.90 13.46 8.46
C ILE F 279 14.87 14.50 8.88
N GLY F 280 13.91 14.08 9.69
CA GLY F 280 12.82 14.93 10.11
C GLY F 280 11.91 14.18 11.06
N PRO F 281 10.74 14.74 11.36
CA PRO F 281 9.83 14.07 12.30
C PRO F 281 9.37 12.71 11.80
N GLY F 282 9.80 11.64 12.47
CA GLY F 282 9.45 10.30 12.09
C GLY F 282 10.33 9.68 11.03
N GLN F 283 11.30 10.42 10.49
CA GLN F 283 12.20 9.94 9.45
C GLN F 283 13.61 9.84 10.01
N ALA F 284 14.24 8.69 9.81
CA ALA F 284 15.60 8.44 10.29
C ALA F 284 16.46 7.93 9.14
N PHE F 285 17.69 8.43 9.08
CA PHE F 285 18.66 8.05 8.06
C PHE F 285 19.81 7.32 8.72
N TYR F 286 20.17 6.16 8.17
CA TYR F 286 21.23 5.33 8.73
C TYR F 286 22.54 5.66 8.01
N ALA F 287 23.42 6.35 8.72
CA ALA F 287 24.69 6.82 8.17
C ALA F 287 25.83 5.93 8.63
N THR F 288 27.04 6.28 8.20
CA THR F 288 28.26 5.57 8.57
C THR F 288 29.07 6.44 9.52
N GLY F 289 29.24 5.96 10.76
CA GLY F 289 30.08 6.64 11.71
C GLY F 289 31.54 6.28 11.52
N ASP F 290 32.38 6.85 12.38
CA ASP F 290 33.82 6.66 12.25
C ASP F 290 34.18 5.19 12.26
N ILE F 291 35.11 4.82 11.38
CA ILE F 291 35.48 3.42 11.20
C ILE F 291 36.48 3.03 12.27
N ILE F 292 36.18 1.94 12.98
CA ILE F 292 37.05 1.46 14.05
C ILE F 292 38.12 0.56 13.43
N GLY F 293 39.36 0.74 13.88
CA GLY F 293 40.44 -0.10 13.42
C GLY F 293 41.15 0.44 12.20
N ASP F 294 41.63 -0.46 11.35
CA ASP F 294 42.39 -0.10 10.15
C ASP F 294 41.51 -0.15 8.92
N ILE F 295 42.02 0.43 7.84
CA ILE F 295 41.32 0.51 6.56
C ILE F 295 41.99 -0.49 5.61
N ARG F 296 41.17 -1.28 4.92
CA ARG F 296 41.67 -2.25 3.98
C ARG F 296 40.64 -2.51 2.89
N GLN F 297 41.14 -2.73 1.68
CA GLN F 297 40.27 -3.04 0.55
C GLN F 297 39.54 -4.35 0.79
N ALA F 298 38.27 -4.39 0.40
CA ALA F 298 37.54 -5.65 0.38
C ALA F 298 38.11 -6.55 -0.72
N HIS F 299 37.97 -7.86 -0.51
CA HIS F 299 38.61 -8.81 -1.41
C HIS F 299 37.87 -10.14 -1.34
N CYS F 300 38.13 -10.98 -2.34
CA CYS F 300 37.66 -12.35 -2.39
C CYS F 300 38.86 -13.27 -2.58
N ASN F 301 38.69 -14.54 -2.19
CA ASN F 301 39.75 -15.53 -2.24
C ASN F 301 39.23 -16.81 -2.87
N VAL F 302 40.00 -17.36 -3.81
CA VAL F 302 39.76 -18.69 -4.36
C VAL F 302 41.10 -19.40 -4.48
N SER F 303 41.03 -20.73 -4.47
CA SER F 303 42.24 -21.54 -4.59
C SER F 303 42.76 -21.50 -6.03
N LYS F 304 44.08 -21.36 -6.16
CA LYS F 304 44.69 -21.46 -7.48
C LYS F 304 44.57 -22.87 -8.04
N ALA F 305 44.74 -23.88 -7.18
CA ALA F 305 44.63 -25.27 -7.63
C ALA F 305 43.21 -25.60 -8.05
N THR F 306 42.23 -25.29 -7.20
CA THR F 306 40.85 -25.63 -7.51
C THR F 306 40.36 -24.91 -8.75
N TRP F 307 40.69 -23.62 -8.88
CA TRP F 307 40.26 -22.86 -10.04
C TRP F 307 40.90 -23.38 -11.32
N ASN F 308 42.18 -23.75 -11.26
CA ASN F 308 42.87 -24.17 -12.48
C ASN F 308 42.35 -25.52 -12.97
N GLU F 309 42.08 -26.45 -12.05
CA GLU F 309 41.52 -27.74 -12.49
C GLU F 309 40.14 -27.56 -13.08
N THR F 310 39.33 -26.66 -12.51
CA THR F 310 38.00 -26.42 -13.05
C THR F 310 38.08 -25.86 -14.46
N LEU F 311 38.99 -24.91 -14.70
CA LEU F 311 39.17 -24.40 -16.05
C LEU F 311 39.70 -25.48 -16.98
N GLY F 312 40.46 -26.44 -16.45
CA GLY F 312 40.91 -27.55 -17.27
C GLY F 312 39.76 -28.41 -17.74
N LYS F 313 38.75 -28.60 -16.89
CA LYS F 313 37.56 -29.35 -17.29
C LYS F 313 36.72 -28.56 -18.28
N VAL F 314 36.63 -27.23 -18.10
CA VAL F 314 35.81 -26.42 -18.98
C VAL F 314 36.40 -26.38 -20.39
N VAL F 315 37.73 -26.32 -20.48
CA VAL F 315 38.37 -26.26 -21.79
C VAL F 315 38.16 -27.56 -22.55
N LYS F 316 38.24 -28.70 -21.85
CA LYS F 316 37.99 -29.98 -22.50
C LYS F 316 36.59 -30.03 -23.10
N GLN F 317 35.59 -29.58 -22.34
CA GLN F 317 34.23 -29.59 -22.84
C GLN F 317 34.03 -28.57 -23.95
N LEU F 318 34.74 -27.44 -23.89
CA LEU F 318 34.63 -26.44 -24.95
C LEU F 318 35.22 -26.91 -26.26
N ARG F 319 36.14 -27.88 -26.23
CA ARG F 319 36.73 -28.36 -27.48
C ARG F 319 35.75 -29.21 -28.28
N LYS F 320 34.76 -29.82 -27.62
CA LYS F 320 33.79 -30.62 -28.34
C LYS F 320 33.02 -29.78 -29.35
N HIS F 321 32.64 -28.57 -28.97
CA HIS F 321 31.87 -27.68 -29.83
C HIS F 321 32.75 -26.77 -30.68
N PHE F 322 34.08 -26.80 -30.50
CA PHE F 322 34.98 -25.88 -31.19
C PHE F 322 36.18 -26.56 -31.85
N GLY F 323 36.51 -27.79 -31.49
CA GLY F 323 37.56 -28.53 -32.19
C GLY F 323 38.66 -29.04 -31.30
N ASN F 324 39.14 -30.25 -31.59
CA ASN F 324 40.23 -30.84 -30.81
C ASN F 324 41.50 -30.00 -30.93
N ASN F 325 41.84 -29.57 -32.14
CA ASN F 325 43.03 -28.77 -32.38
C ASN F 325 42.68 -27.29 -32.46
N THR F 326 42.46 -26.70 -31.29
CA THR F 326 42.09 -25.29 -31.17
C THR F 326 42.70 -24.71 -29.91
N ILE F 327 43.04 -23.43 -29.99
CA ILE F 327 43.63 -22.70 -28.87
C ILE F 327 42.51 -21.97 -28.15
N ILE F 328 42.33 -22.28 -26.86
CA ILE F 328 41.32 -21.65 -26.03
C ILE F 328 41.99 -20.59 -25.18
N ARG F 329 41.47 -19.37 -25.23
CA ARG F 329 42.06 -18.23 -24.54
C ARG F 329 41.02 -17.56 -23.65
N PHE F 330 41.44 -17.17 -22.46
CA PHE F 330 40.60 -16.46 -21.51
C PHE F 330 41.16 -15.06 -21.27
N ALA F 331 40.28 -14.07 -21.28
CA ALA F 331 40.65 -12.68 -21.06
C ALA F 331 39.60 -12.01 -20.21
N ASN F 332 39.98 -10.92 -19.55
CA ASN F 332 39.08 -10.23 -18.65
C ASN F 332 38.00 -9.50 -19.44
N SER F 333 37.08 -8.86 -18.72
CA SER F 333 35.89 -8.29 -19.33
C SER F 333 36.26 -7.28 -20.40
N SER F 334 35.38 -7.15 -21.39
CA SER F 334 35.66 -6.25 -22.51
C SER F 334 35.76 -4.81 -22.06
N GLY F 335 34.82 -4.36 -21.23
CA GLY F 335 34.77 -2.98 -20.79
C GLY F 335 33.41 -2.36 -21.01
N GLY F 336 32.93 -1.59 -20.03
CA GLY F 336 31.60 -1.01 -20.10
C GLY F 336 31.12 -0.51 -18.76
N ASP F 337 29.90 -0.86 -18.41
CA ASP F 337 29.31 -0.44 -17.14
C ASP F 337 29.86 -1.29 -16.00
N LEU F 338 29.99 -0.67 -14.83
CA LEU F 338 30.67 -1.33 -13.70
C LEU F 338 29.95 -2.61 -13.29
N GLU F 339 28.64 -2.69 -13.50
CA GLU F 339 27.86 -3.84 -13.08
C GLU F 339 27.91 -4.98 -14.10
N VAL F 340 28.76 -4.87 -15.13
CA VAL F 340 29.00 -5.98 -16.04
C VAL F 340 30.48 -6.25 -16.28
N THR F 341 31.37 -5.34 -15.91
CA THR F 341 32.80 -5.56 -16.02
C THR F 341 33.40 -6.20 -14.78
N THR F 342 32.59 -6.45 -13.75
CA THR F 342 33.07 -7.00 -12.49
C THR F 342 32.06 -8.03 -11.99
N HIS F 343 32.51 -8.84 -11.05
CA HIS F 343 31.63 -9.81 -10.39
C HIS F 343 30.78 -9.06 -9.37
N SER F 344 29.55 -8.72 -9.77
CA SER F 344 28.61 -8.06 -8.87
C SER F 344 27.80 -9.10 -8.12
N PHE F 345 27.57 -8.83 -6.83
CA PHE F 345 26.77 -9.71 -6.00
C PHE F 345 26.46 -8.98 -4.70
N ASN F 346 25.64 -9.60 -3.87
CA ASN F 346 25.27 -9.08 -2.57
C ASN F 346 25.69 -10.08 -1.50
N CYS F 347 26.44 -9.60 -0.51
CA CYS F 347 26.97 -10.44 0.56
C CYS F 347 26.70 -9.76 1.90
N GLY F 348 25.84 -10.36 2.70
CA GLY F 348 25.56 -9.83 4.03
C GLY F 348 24.98 -8.45 4.04
N GLY F 349 24.13 -8.12 3.07
CA GLY F 349 23.47 -6.83 3.01
C GLY F 349 24.27 -5.71 2.37
N GLU F 350 25.46 -6.00 1.84
CA GLU F 350 26.28 -5.01 1.18
C GLU F 350 26.64 -5.49 -0.22
N PHE F 351 26.86 -4.53 -1.12
CA PHE F 351 27.00 -4.79 -2.54
C PHE F 351 28.47 -4.71 -2.95
N PHE F 352 28.97 -5.76 -3.58
CA PHE F 352 30.37 -5.90 -3.94
C PHE F 352 30.54 -5.78 -5.45
N TYR F 353 31.72 -5.30 -5.86
CA TYR F 353 32.09 -5.18 -7.28
C TYR F 353 33.54 -5.61 -7.38
N CYS F 354 33.76 -6.87 -7.78
CA CYS F 354 35.06 -7.52 -7.68
C CYS F 354 35.71 -7.62 -9.05
N ASN F 355 37.01 -7.29 -9.09
CA ASN F 355 37.79 -7.26 -10.32
C ASN F 355 38.32 -8.66 -10.60
N THR F 356 37.75 -9.34 -11.60
CA THR F 356 38.05 -10.74 -11.88
C THR F 356 39.14 -10.93 -12.93
N SER F 357 40.04 -9.94 -13.08
CA SER F 357 41.10 -10.08 -14.07
C SER F 357 42.07 -11.20 -13.71
N GLY F 358 42.21 -11.51 -12.42
CA GLY F 358 43.13 -12.56 -12.03
C GLY F 358 42.61 -13.96 -12.27
N LEU F 359 41.30 -14.12 -12.46
CA LEU F 359 40.74 -15.43 -12.76
C LEU F 359 40.81 -15.73 -14.25
N PHE F 360 40.34 -14.80 -15.09
CA PHE F 360 40.20 -15.03 -16.52
C PHE F 360 41.39 -14.41 -17.24
N ASN F 361 42.50 -15.14 -17.20
CA ASN F 361 43.69 -14.78 -17.96
C ASN F 361 44.50 -16.06 -18.13
N SER F 362 44.42 -16.67 -19.31
CA SER F 362 45.10 -17.94 -19.55
C SER F 362 45.00 -18.28 -21.02
N THR F 363 45.90 -19.16 -21.46
CA THR F 363 45.89 -19.71 -22.80
C THR F 363 46.16 -21.20 -22.71
N TRP F 364 45.38 -21.99 -23.44
CA TRP F 364 45.43 -23.45 -23.36
C TRP F 364 45.73 -24.02 -24.73
N ILE F 365 46.83 -24.78 -24.81
CA ILE F 365 47.25 -25.42 -26.06
C ILE F 365 46.54 -26.76 -26.17
N SER F 366 46.29 -27.18 -27.42
CA SER F 366 45.54 -28.41 -27.64
C SER F 366 46.29 -29.63 -27.10
N ASN F 367 47.60 -29.68 -27.31
CA ASN F 367 48.40 -30.81 -26.85
C ASN F 367 48.50 -30.81 -25.33
N ASN F 379 47.59 -24.51 -3.17
CA ASN F 379 48.35 -23.99 -2.04
C ASN F 379 48.07 -22.51 -1.85
N ASP F 380 48.49 -21.69 -2.82
CA ASP F 380 48.21 -20.27 -2.80
C ASP F 380 46.82 -20.00 -3.37
N SER F 381 46.29 -18.83 -3.05
CA SER F 381 44.97 -18.40 -3.49
C SER F 381 45.09 -17.26 -4.48
N ILE F 382 43.95 -16.88 -5.05
CA ILE F 382 43.83 -15.71 -5.92
C ILE F 382 43.08 -14.64 -5.14
N THR F 383 43.76 -13.53 -4.85
CA THR F 383 43.16 -12.40 -4.15
C THR F 383 42.73 -11.39 -5.21
N LEU F 384 41.42 -11.26 -5.43
CA LEU F 384 40.87 -10.35 -6.42
C LEU F 384 40.17 -9.20 -5.72
N PRO F 385 40.60 -7.95 -5.90
CA PRO F 385 40.07 -6.85 -5.09
C PRO F 385 38.64 -6.49 -5.46
N CYS F 386 37.94 -5.90 -4.50
CA CYS F 386 36.53 -5.55 -4.67
C CYS F 386 36.30 -4.13 -4.17
N ARG F 387 35.26 -3.50 -4.72
CA ARG F 387 34.83 -2.15 -4.35
C ARG F 387 33.41 -2.21 -3.83
N ILE F 388 33.04 -1.21 -3.03
CA ILE F 388 31.75 -1.15 -2.37
C ILE F 388 30.99 0.07 -2.86
N LYS F 389 29.66 -0.04 -2.89
CA LYS F 389 28.78 1.07 -3.21
C LYS F 389 27.62 1.05 -2.24
N GLN F 390 27.08 2.24 -1.96
CA GLN F 390 25.92 2.41 -1.10
C GLN F 390 24.66 2.74 -1.87
N ILE F 391 24.76 3.55 -2.93
CA ILE F 391 23.65 3.86 -3.80
C ILE F 391 23.82 3.06 -5.09
N ILE F 392 22.86 2.18 -5.38
CA ILE F 392 22.96 1.26 -6.50
C ILE F 392 21.83 1.53 -7.49
N ASN F 393 22.16 1.53 -8.77
CA ASN F 393 21.15 1.61 -9.83
C ASN F 393 20.56 0.22 -10.00
N MET F 394 19.30 0.07 -9.61
CA MET F 394 18.71 -1.26 -9.54
C MET F 394 18.48 -1.82 -10.94
N TRP F 395 18.84 -3.09 -11.11
CA TRP F 395 18.61 -3.78 -12.37
C TRP F 395 17.14 -3.95 -12.71
N GLN F 396 16.25 -3.72 -11.75
CA GLN F 396 14.82 -3.85 -12.01
C GLN F 396 14.34 -2.81 -13.02
N ARG F 397 14.83 -1.57 -12.91
CA ARG F 397 14.42 -0.51 -13.80
C ARG F 397 15.61 0.40 -14.09
N ILE F 398 15.53 1.10 -15.23
CA ILE F 398 16.57 2.06 -15.60
C ILE F 398 16.53 3.31 -14.73
N GLY F 399 15.45 3.53 -13.99
CA GLY F 399 15.29 4.74 -13.21
C GLY F 399 15.66 4.58 -11.75
N GLN F 400 14.64 4.34 -10.92
CA GLN F 400 14.78 4.35 -9.47
C GLN F 400 15.99 3.53 -9.01
N CYS F 401 16.73 4.11 -8.05
CA CYS F 401 17.84 3.47 -7.37
C CYS F 401 17.39 3.04 -5.97
N MET F 402 18.34 2.64 -5.13
CA MET F 402 18.09 2.48 -3.71
C MET F 402 19.40 2.64 -2.96
N TYR F 403 19.28 2.89 -1.66
CA TYR F 403 20.43 3.15 -0.79
C TYR F 403 20.52 2.04 0.25
N ALA F 404 21.67 1.37 0.31
CA ALA F 404 21.87 0.27 1.23
C ALA F 404 22.46 0.79 2.54
N PRO F 405 21.78 0.66 3.67
CA PRO F 405 22.35 1.17 4.92
C PRO F 405 23.61 0.40 5.28
N PRO F 406 24.53 1.02 6.01
CA PRO F 406 25.74 0.30 6.42
C PRO F 406 25.43 -0.83 7.38
N ILE F 407 26.29 -1.84 7.37
CA ILE F 407 26.14 -3.04 8.19
C ILE F 407 27.15 -2.98 9.32
N GLN F 408 26.69 -3.26 10.53
CA GLN F 408 27.57 -3.23 11.70
C GLN F 408 28.55 -4.39 11.66
N GLY F 409 29.79 -4.12 12.05
CA GLY F 409 30.78 -5.17 12.19
C GLY F 409 31.55 -5.46 10.92
N VAL F 410 32.03 -6.69 10.80
CA VAL F 410 32.85 -7.12 9.68
C VAL F 410 32.10 -8.21 8.92
N ILE F 411 31.98 -8.05 7.61
CA ILE F 411 31.25 -8.97 6.77
C ILE F 411 32.20 -10.05 6.27
N ARG F 412 31.68 -11.28 6.18
CA ARG F 412 32.44 -12.39 5.62
C ARG F 412 31.44 -13.48 5.24
N CYS F 413 31.44 -13.88 3.97
CA CYS F 413 30.54 -14.90 3.47
C CYS F 413 31.30 -15.84 2.55
N VAL F 414 31.07 -17.14 2.72
CA VAL F 414 31.64 -18.17 1.87
C VAL F 414 30.54 -18.68 0.94
N SER F 415 30.86 -18.82 -0.34
CA SER F 415 29.87 -19.15 -1.35
C SER F 415 30.47 -20.15 -2.34
N ASN F 416 29.59 -20.87 -3.02
CA ASN F 416 29.97 -21.79 -4.09
C ASN F 416 29.86 -21.09 -5.42
N ILE F 417 30.91 -21.15 -6.22
CA ILE F 417 30.82 -20.83 -7.65
C ILE F 417 30.39 -22.10 -8.35
N THR F 418 29.23 -22.05 -9.00
CA THR F 418 28.65 -23.23 -9.65
C THR F 418 28.62 -23.13 -11.17
N GLY F 419 29.12 -22.06 -11.75
CA GLY F 419 29.08 -21.93 -13.20
C GLY F 419 29.70 -20.64 -13.65
N LEU F 420 29.53 -20.36 -14.95
CA LEU F 420 30.06 -19.16 -15.57
C LEU F 420 29.05 -18.65 -16.60
N ILE F 421 29.22 -17.38 -16.97
CA ILE F 421 28.55 -16.79 -18.12
C ILE F 421 29.63 -16.21 -19.01
N LEU F 422 29.79 -16.76 -20.21
CA LEU F 422 30.88 -16.39 -21.11
C LEU F 422 30.34 -15.78 -22.38
N THR F 423 31.20 -15.02 -23.06
CA THR F 423 30.92 -14.48 -24.38
C THR F 423 32.17 -14.68 -25.24
N ARG F 424 31.99 -15.31 -26.39
CA ARG F 424 33.10 -15.58 -27.29
C ARG F 424 33.39 -14.36 -28.15
N ASP F 425 34.67 -13.97 -28.23
CA ASP F 425 35.06 -12.86 -29.08
C ASP F 425 34.85 -13.21 -30.54
N GLY F 426 34.32 -12.27 -31.31
CA GLY F 426 34.10 -12.50 -32.72
C GLY F 426 35.41 -12.43 -33.49
N GLY F 427 35.68 -13.46 -34.30
CA GLY F 427 36.90 -13.51 -35.07
C GLY F 427 36.65 -14.17 -36.41
N SER F 428 37.53 -13.84 -37.36
CA SER F 428 37.41 -14.37 -38.71
C SER F 428 37.77 -15.86 -38.75
N THR F 429 37.43 -16.50 -39.86
CA THR F 429 37.74 -17.90 -40.04
C THR F 429 39.25 -18.09 -40.14
N ASN F 430 39.68 -19.35 -39.95
CA ASN F 430 41.08 -19.75 -39.97
C ASN F 430 41.89 -19.13 -38.84
N SER F 431 41.23 -18.53 -37.85
CA SER F 431 41.96 -17.94 -36.73
C SER F 431 42.62 -19.01 -35.87
N THR F 432 41.94 -20.13 -35.65
CA THR F 432 42.46 -21.24 -34.83
C THR F 432 42.77 -20.78 -33.41
N THR F 433 42.02 -19.80 -32.91
CA THR F 433 42.20 -19.33 -31.54
C THR F 433 40.90 -18.67 -31.11
N GLU F 434 40.16 -19.33 -30.24
CA GLU F 434 38.88 -18.83 -29.75
C GLU F 434 39.10 -18.19 -28.39
N THR F 435 38.71 -16.93 -28.26
CA THR F 435 38.87 -16.16 -27.03
C THR F 435 37.51 -15.91 -26.40
N PHE F 436 37.37 -16.28 -25.13
CA PHE F 436 36.14 -16.10 -24.39
C PHE F 436 36.32 -15.05 -23.31
N ARG F 437 35.28 -14.24 -23.11
CA ARG F 437 35.27 -13.20 -22.09
C ARG F 437 34.15 -13.47 -21.09
N PRO F 438 34.27 -12.97 -19.86
CA PRO F 438 33.16 -13.08 -18.91
C PRO F 438 32.21 -11.90 -19.01
N GLY F 439 30.91 -12.20 -18.91
CA GLY F 439 29.91 -11.15 -18.80
C GLY F 439 28.55 -11.69 -18.43
N GLY F 440 27.95 -11.13 -17.38
CA GLY F 440 26.64 -11.59 -16.93
C GLY F 440 25.49 -10.86 -17.58
N GLY F 441 25.44 -9.54 -17.40
CA GLY F 441 24.36 -8.75 -17.97
C GLY F 441 22.98 -9.16 -17.50
N ASP F 442 22.23 -9.78 -18.40
CA ASP F 442 20.83 -10.12 -18.13
C ASP F 442 20.73 -11.04 -16.91
N MET F 443 19.81 -10.71 -16.02
CA MET F 443 19.54 -11.55 -14.86
C MET F 443 18.65 -12.73 -15.19
N ARG F 444 18.01 -12.74 -16.37
CA ARG F 444 17.26 -13.91 -16.78
C ARG F 444 18.16 -15.13 -16.91
N ASP F 445 19.45 -14.92 -17.21
CA ASP F 445 20.39 -16.03 -17.30
C ASP F 445 20.66 -16.64 -15.94
N ASN F 446 20.57 -15.86 -14.86
CA ASN F 446 20.85 -16.38 -13.53
C ASN F 446 19.88 -17.50 -13.16
N TRP F 447 18.61 -17.34 -13.51
CA TRP F 447 17.60 -18.34 -13.20
C TRP F 447 17.33 -19.30 -14.35
N ARG F 448 17.64 -18.91 -15.59
CA ARG F 448 17.62 -19.87 -16.69
C ARG F 448 18.61 -21.01 -16.44
N SER F 449 19.63 -20.79 -15.63
CA SER F 449 20.55 -21.85 -15.24
C SER F 449 19.96 -22.80 -14.21
N GLU F 450 18.87 -22.39 -13.54
CA GLU F 450 18.23 -23.22 -12.53
C GLU F 450 16.93 -23.85 -13.00
N LEU F 451 16.26 -23.25 -13.98
CA LEU F 451 14.98 -23.76 -14.49
C LEU F 451 15.14 -24.49 -15.82
N TYR F 452 16.38 -24.84 -16.20
CA TYR F 452 16.58 -25.55 -17.45
C TYR F 452 15.89 -26.91 -17.44
N LYS F 453 15.71 -27.51 -16.26
CA LYS F 453 15.14 -28.84 -16.19
C LYS F 453 13.64 -28.83 -16.44
N TYR F 454 12.95 -27.79 -15.96
CA TYR F 454 11.51 -27.85 -15.78
C TYR F 454 10.76 -27.30 -16.99
N LYS F 455 9.47 -27.63 -17.04
CA LYS F 455 8.52 -27.05 -17.99
C LYS F 455 7.13 -27.25 -17.42
N VAL F 456 6.16 -26.56 -18.01
CA VAL F 456 4.77 -26.60 -17.57
C VAL F 456 3.91 -27.11 -18.71
N VAL F 457 2.96 -27.98 -18.38
CA VAL F 457 1.97 -28.50 -19.32
C VAL F 457 0.62 -28.51 -18.63
N LYS F 458 -0.43 -28.51 -19.45
CA LYS F 458 -1.81 -28.57 -18.98
C LYS F 458 -2.37 -29.96 -19.27
N ILE F 459 -3.00 -30.55 -18.26
CA ILE F 459 -3.57 -31.89 -18.40
C ILE F 459 -4.86 -31.80 -19.21
N GLU F 460 -4.97 -32.65 -20.23
CA GLU F 460 -6.09 -32.63 -21.17
C GLU F 460 -6.80 -33.99 -21.13
N PRO F 461 -7.71 -34.20 -20.18
CA PRO F 461 -8.51 -35.41 -20.19
C PRO F 461 -9.57 -35.37 -21.29
N LEU F 462 -10.51 -36.31 -21.28
CA LEU F 462 -11.55 -36.38 -22.30
C LEU F 462 -10.95 -36.61 -23.69
N GLY F 463 -10.34 -37.78 -23.83
CA GLY F 463 -9.98 -38.33 -25.13
C GLY F 463 -11.03 -39.31 -25.58
N VAL F 464 -11.31 -39.29 -26.89
CA VAL F 464 -12.36 -40.09 -27.50
C VAL F 464 -11.73 -41.20 -28.32
N ALA F 465 -12.16 -42.44 -28.08
CA ALA F 465 -11.66 -43.59 -28.80
C ALA F 465 -12.83 -44.52 -29.11
N PRO F 466 -12.72 -45.35 -30.15
CA PRO F 466 -13.79 -46.30 -30.45
C PRO F 466 -13.59 -47.63 -29.74
N THR F 467 -14.72 -48.30 -29.49
CA THR F 467 -14.75 -49.61 -28.87
C THR F 467 -15.99 -50.33 -29.38
N ARG F 468 -16.00 -51.66 -29.26
CA ARG F 468 -17.14 -52.49 -29.69
C ARG F 468 -18.24 -52.46 -28.64
N CYS F 469 -18.87 -51.30 -28.49
CA CYS F 469 -19.96 -51.11 -27.53
C CYS F 469 -20.94 -50.06 -28.03
N LYS F 470 -22.21 -50.30 -27.73
CA LYS F 470 -23.32 -49.46 -28.13
C LYS F 470 -24.12 -49.07 -26.89
N ARG F 471 -24.57 -47.82 -26.85
CA ARG F 471 -25.41 -47.36 -25.74
C ARG F 471 -26.78 -48.02 -25.81
N ARG F 472 -27.29 -48.41 -24.64
CA ARG F 472 -28.60 -49.03 -24.57
C ARG F 472 -29.69 -48.04 -24.97
N VAL F 473 -30.76 -48.57 -25.56
CA VAL F 473 -31.91 -47.76 -25.93
C VAL F 473 -33.08 -48.05 -24.99
N GLU G 1 6.51 -7.35 -31.66
CA GLU G 1 7.78 -7.64 -32.39
C GLU G 1 8.78 -6.51 -32.18
N VAL G 2 9.96 -6.87 -31.69
CA VAL G 2 10.99 -5.87 -31.41
C VAL G 2 11.54 -5.33 -32.73
N GLN G 3 11.64 -4.01 -32.82
CA GLN G 3 12.17 -3.36 -34.01
C GLN G 3 12.74 -2.00 -33.62
N LEU G 4 13.76 -1.58 -34.36
CA LEU G 4 14.43 -0.31 -34.14
C LEU G 4 14.41 0.50 -35.43
N VAL G 5 13.99 1.77 -35.33
CA VAL G 5 13.88 2.67 -36.47
C VAL G 5 14.77 3.88 -36.23
N GLU G 6 15.63 4.17 -37.20
CA GLU G 6 16.64 5.22 -37.07
C GLU G 6 16.23 6.47 -37.84
N SER G 7 17.03 7.52 -37.68
CA SER G 7 16.79 8.80 -38.34
C SER G 7 18.14 9.50 -38.51
N GLY G 8 18.12 10.82 -38.65
CA GLY G 8 19.33 11.60 -38.79
C GLY G 8 19.74 11.80 -40.24
N GLY G 9 20.21 10.75 -40.90
CA GLY G 9 20.63 10.84 -42.28
C GLY G 9 21.61 11.96 -42.55
N GLY G 10 22.83 11.82 -42.04
CA GLY G 10 23.79 12.93 -42.07
C GLY G 10 24.42 13.13 -43.43
N LEU G 11 24.33 14.37 -43.93
CA LEU G 11 24.99 14.80 -45.15
C LEU G 11 25.74 16.11 -44.94
N VAL G 12 26.14 16.38 -43.70
CA VAL G 12 26.72 17.67 -43.34
C VAL G 12 28.22 17.67 -43.63
N GLN G 13 28.79 18.86 -43.74
CA GLN G 13 30.21 19.04 -44.01
C GLN G 13 30.98 19.01 -42.69
N ALA G 14 32.26 19.39 -42.75
CA ALA G 14 33.10 19.38 -41.56
C ALA G 14 32.59 20.38 -40.53
N GLY G 15 32.74 20.02 -39.26
CA GLY G 15 32.25 20.87 -38.19
C GLY G 15 30.76 21.06 -38.22
N GLY G 16 30.01 19.99 -38.46
CA GLY G 16 28.57 20.04 -38.58
C GLY G 16 27.85 19.79 -37.29
N PHE G 17 26.59 19.35 -37.41
CA PHE G 17 25.74 19.12 -36.25
C PHE G 17 24.56 18.25 -36.69
N LEU G 18 24.28 17.22 -35.90
CA LEU G 18 23.20 16.30 -36.20
C LEU G 18 22.59 15.80 -34.89
N GLU G 19 21.49 15.06 -35.04
CA GLU G 19 20.80 14.44 -33.90
C GLU G 19 20.15 13.16 -34.40
N LEU G 20 20.84 12.03 -34.20
CA LEU G 20 20.29 10.74 -34.56
C LEU G 20 19.28 10.29 -33.52
N SER G 21 18.19 9.69 -33.99
CA SER G 21 17.13 9.20 -33.13
C SER G 21 16.90 7.71 -33.39
N CYS G 22 16.56 6.98 -32.34
CA CYS G 22 16.31 5.55 -32.44
C CYS G 22 15.15 5.19 -31.51
N GLU G 23 14.06 4.71 -32.10
CA GLU G 23 12.84 4.39 -31.36
C GLU G 23 12.75 2.89 -31.13
N LEU G 24 12.43 2.51 -29.90
CA LEU G 24 12.21 1.11 -29.53
C LEU G 24 10.71 0.84 -29.47
N ARG G 25 10.28 -0.19 -30.21
CA ARG G 25 8.86 -0.45 -30.42
C ARG G 25 8.36 -1.67 -29.65
N GLY G 26 8.96 -2.84 -29.84
CA GLY G 26 8.37 -4.07 -29.34
C GLY G 26 8.88 -4.52 -28.00
N SER G 27 9.45 -3.59 -27.21
CA SER G 27 10.01 -3.95 -25.92
C SER G 27 9.91 -2.76 -24.98
N ILE G 28 10.08 -3.04 -23.68
CA ILE G 28 9.99 -1.99 -22.67
C ILE G 28 11.26 -1.17 -22.70
N PHE G 29 11.10 0.16 -22.70
CA PHE G 29 12.26 1.04 -22.82
C PHE G 29 13.08 1.07 -21.54
N ASN G 30 12.42 1.09 -20.38
CA ASN G 30 13.12 1.16 -19.11
C ASN G 30 13.62 -0.19 -18.63
N GLN G 31 13.67 -1.19 -19.50
CA GLN G 31 14.20 -2.50 -19.17
C GLN G 31 15.53 -2.81 -19.84
N TYR G 32 15.93 -2.04 -20.85
CA TYR G 32 17.14 -2.31 -21.60
C TYR G 32 17.86 -1.00 -21.89
N ALA G 33 19.16 -1.11 -22.15
CA ALA G 33 19.99 0.01 -22.55
C ALA G 33 20.24 -0.06 -24.06
N MET G 34 20.50 1.11 -24.65
CA MET G 34 20.71 1.22 -26.09
C MET G 34 21.99 1.99 -26.36
N ALA G 35 22.75 1.54 -27.35
CA ALA G 35 24.04 2.12 -27.67
C ALA G 35 24.20 2.26 -29.17
N TRP G 36 25.11 3.15 -29.57
CA TRP G 36 25.37 3.45 -30.97
C TRP G 36 26.69 2.83 -31.39
N PHE G 37 26.67 2.13 -32.52
CA PHE G 37 27.87 1.52 -33.09
C PHE G 37 28.12 2.09 -34.48
N ARG G 38 29.36 1.99 -34.92
CA ARG G 38 29.82 2.65 -36.13
C ARG G 38 30.67 1.70 -36.96
N GLN G 39 30.53 1.80 -38.28
CA GLN G 39 31.24 0.94 -39.22
C GLN G 39 31.77 1.79 -40.36
N ALA G 40 33.04 2.16 -40.30
CA ALA G 40 33.70 2.78 -41.43
C ALA G 40 33.88 1.72 -42.54
N PRO G 41 33.95 2.14 -43.80
CA PRO G 41 34.09 1.16 -44.88
C PRO G 41 35.35 0.32 -44.72
N GLY G 42 35.23 -0.97 -44.97
CA GLY G 42 36.35 -1.87 -44.82
C GLY G 42 36.86 -2.00 -43.40
N LYS G 43 36.00 -1.88 -42.40
CA LYS G 43 36.39 -2.01 -41.00
C LYS G 43 35.37 -2.83 -40.23
N GLU G 44 35.54 -2.92 -38.92
CA GLU G 44 34.65 -3.65 -38.03
C GLU G 44 33.87 -2.68 -37.16
N ARG G 45 32.77 -3.19 -36.59
CA ARG G 45 31.92 -2.36 -35.74
C ARG G 45 32.71 -1.85 -34.54
N GLU G 46 32.45 -0.60 -34.16
CA GLU G 46 33.10 0.03 -33.02
C GLU G 46 32.04 0.68 -32.14
N PHE G 47 32.36 0.77 -30.85
CA PHE G 47 31.45 1.38 -29.89
C PHE G 47 31.58 2.89 -29.94
N VAL G 48 30.45 3.59 -30.04
CA VAL G 48 30.42 5.05 -30.08
C VAL G 48 29.93 5.62 -28.75
N ALA G 49 28.69 5.32 -28.38
CA ALA G 49 28.14 5.81 -27.13
C ALA G 49 26.91 5.01 -26.78
N GLY G 50 26.65 4.88 -25.48
CA GLY G 50 25.47 4.18 -25.00
C GLY G 50 25.13 4.64 -23.62
N MET G 51 23.87 4.41 -23.24
CA MET G 51 23.38 4.87 -21.95
C MET G 51 22.20 4.03 -21.51
N GLY G 52 22.32 3.45 -20.33
CA GLY G 52 21.19 2.87 -19.62
C GLY G 52 20.81 3.81 -18.49
N ALA G 53 21.27 3.50 -17.28
CA ALA G 53 21.18 4.46 -16.18
C ALA G 53 22.36 5.41 -16.12
N VAL G 54 23.46 5.09 -16.79
CA VAL G 54 24.65 5.94 -16.82
C VAL G 54 25.15 6.04 -18.26
N PRO G 55 25.63 7.19 -18.72
CA PRO G 55 26.17 7.28 -20.08
C PRO G 55 27.64 6.88 -20.17
N HIS G 56 27.98 6.25 -21.30
CA HIS G 56 29.35 5.91 -21.64
C HIS G 56 29.64 6.40 -23.05
N TYR G 57 30.89 6.83 -23.26
CA TYR G 57 31.33 7.34 -24.55
C TYR G 57 32.60 6.64 -24.98
N GLY G 58 32.76 6.51 -26.29
CA GLY G 58 33.95 5.87 -26.83
C GLY G 58 35.18 6.74 -26.71
N GLU G 59 36.33 6.11 -26.93
CA GLU G 59 37.59 6.82 -26.78
C GLU G 59 37.73 7.93 -27.82
N PHE G 60 37.34 7.66 -29.07
CA PHE G 60 37.43 8.67 -30.11
C PHE G 60 36.44 9.80 -29.92
N VAL G 61 35.46 9.65 -29.04
CA VAL G 61 34.50 10.73 -28.78
C VAL G 61 35.23 11.98 -28.32
N LYS G 62 36.11 11.84 -27.32
CA LYS G 62 36.81 12.99 -26.74
C LYS G 62 35.85 14.07 -26.28
N GLY G 63 34.66 13.66 -25.85
CA GLY G 63 33.69 14.61 -25.32
C GLY G 63 32.98 15.46 -26.35
N ARG G 64 32.96 15.03 -27.62
CA ARG G 64 32.21 15.77 -28.63
C ARG G 64 30.76 15.32 -28.69
N PHE G 65 30.51 14.02 -28.79
CA PHE G 65 29.17 13.49 -28.85
C PHE G 65 28.53 13.47 -27.47
N THR G 66 27.21 13.30 -27.45
CA THR G 66 26.46 13.28 -26.19
C THR G 66 25.21 12.45 -26.40
N ILE G 67 24.91 11.54 -25.47
CA ILE G 67 23.76 10.66 -25.57
C ILE G 67 22.75 11.04 -24.50
N SER G 68 21.47 10.83 -24.82
CA SER G 68 20.39 11.02 -23.88
C SER G 68 19.22 10.16 -24.32
N ARG G 69 18.34 9.83 -23.38
CA ARG G 69 17.16 9.01 -23.66
C ARG G 69 15.93 9.69 -23.08
N ASP G 70 14.88 9.80 -23.89
CA ASP G 70 13.60 10.36 -23.47
C ASP G 70 12.63 9.20 -23.31
N ASN G 71 12.45 8.75 -22.06
CA ASN G 71 11.57 7.61 -21.80
C ASN G 71 10.15 7.86 -22.25
N ALA G 72 9.72 9.13 -22.35
CA ALA G 72 8.36 9.42 -22.76
C ALA G 72 8.10 8.93 -24.18
N LYS G 73 9.02 9.23 -25.10
CA LYS G 73 8.91 8.77 -26.48
C LYS G 73 9.63 7.46 -26.73
N SER G 74 10.29 6.89 -25.72
CA SER G 74 11.03 5.64 -25.87
C SER G 74 12.10 5.75 -26.95
N THR G 75 12.82 6.87 -26.95
CA THR G 75 13.87 7.13 -27.91
C THR G 75 15.18 7.45 -27.20
N VAL G 76 16.28 7.17 -27.89
CA VAL G 76 17.62 7.57 -27.47
C VAL G 76 18.15 8.54 -28.53
N TYR G 77 18.58 9.71 -28.10
CA TYR G 77 19.03 10.77 -28.99
C TYR G 77 20.53 10.96 -28.83
N LEU G 78 21.25 10.95 -29.95
CA LEU G 78 22.70 11.15 -29.97
C LEU G 78 23.00 12.50 -30.61
N GLN G 79 23.41 13.46 -29.79
CA GLN G 79 23.92 14.72 -30.32
C GLN G 79 25.25 14.50 -31.01
N MET G 80 25.46 15.20 -32.11
CA MET G 80 26.71 15.15 -32.87
C MET G 80 27.24 16.56 -33.04
N SER G 81 28.52 16.75 -32.72
CA SER G 81 29.15 18.06 -32.79
C SER G 81 30.61 17.90 -33.20
N SER G 82 31.15 18.94 -33.84
CA SER G 82 32.55 18.98 -34.25
C SER G 82 32.91 17.76 -35.09
N LEU G 83 32.09 17.48 -36.09
CA LEU G 83 32.27 16.28 -36.90
C LEU G 83 33.49 16.45 -37.80
N GLU G 84 34.54 15.71 -37.48
CA GLU G 84 35.72 15.67 -38.33
C GLU G 84 35.49 14.75 -39.52
N PRO G 85 36.30 14.89 -40.58
CA PRO G 85 36.06 14.06 -41.78
C PRO G 85 36.12 12.57 -41.52
N GLU G 86 36.88 12.12 -40.53
CA GLU G 86 37.03 10.69 -40.27
C GLU G 86 35.78 10.06 -39.66
N ASP G 87 34.74 10.83 -39.38
CA ASP G 87 33.50 10.28 -38.86
C ASP G 87 32.65 9.61 -39.94
N THR G 88 33.06 9.68 -41.20
CA THR G 88 32.27 9.10 -42.28
C THR G 88 32.15 7.60 -42.11
N ALA G 89 30.95 7.14 -41.74
CA ALA G 89 30.73 5.72 -41.45
C ALA G 89 29.23 5.50 -41.32
N ILE G 90 28.85 4.24 -41.12
CA ILE G 90 27.46 3.85 -40.94
C ILE G 90 27.20 3.70 -39.45
N TYR G 91 26.30 4.53 -38.92
CA TYR G 91 25.99 4.56 -37.49
C TYR G 91 24.79 3.65 -37.23
N PHE G 92 25.01 2.61 -36.43
CA PHE G 92 24.00 1.61 -36.14
C PHE G 92 23.44 1.81 -34.73
N CYS G 93 22.18 1.41 -34.55
CA CYS G 93 21.51 1.46 -33.26
C CYS G 93 21.25 0.03 -32.80
N ALA G 94 21.59 -0.24 -31.54
CA ALA G 94 21.46 -1.56 -30.96
C ALA G 94 20.84 -1.47 -29.57
N ARG G 95 20.09 -2.52 -29.20
CA ARG G 95 19.50 -2.64 -27.88
C ARG G 95 20.25 -3.71 -27.10
N SER G 96 20.65 -3.38 -25.88
CA SER G 96 21.40 -4.32 -25.06
C SER G 96 20.46 -5.41 -24.51
N LYS G 97 21.06 -6.56 -24.20
CA LYS G 97 20.33 -7.66 -23.63
C LYS G 97 19.89 -7.38 -22.19
N SER G 98 20.42 -6.34 -21.56
CA SER G 98 20.11 -6.02 -20.18
C SER G 98 20.09 -4.50 -20.04
N THR G 99 20.08 -4.02 -18.80
CA THR G 99 20.07 -2.59 -18.52
C THR G 99 21.46 -1.97 -18.53
N TYR G 100 22.51 -2.75 -18.78
CA TYR G 100 23.89 -2.29 -18.66
C TYR G 100 24.53 -2.19 -20.03
N ILE G 101 25.49 -1.28 -20.14
CA ILE G 101 26.16 -0.96 -21.40
C ILE G 101 27.53 -1.62 -21.41
N SER G 102 27.83 -2.34 -22.49
CA SER G 102 29.14 -2.89 -22.75
C SER G 102 29.78 -2.16 -23.93
N TYR G 103 31.05 -2.46 -24.16
CA TYR G 103 31.78 -1.93 -25.30
C TYR G 103 31.95 -2.96 -26.42
N ASN G 104 31.52 -4.21 -26.20
CA ASN G 104 31.60 -5.25 -27.20
C ASN G 104 30.23 -5.50 -27.82
N SER G 105 30.24 -5.92 -29.08
CA SER G 105 29.00 -6.16 -29.80
C SER G 105 28.28 -7.42 -29.33
N ASN G 106 28.91 -8.24 -28.50
CA ASN G 106 28.24 -9.43 -27.98
C ASN G 106 27.18 -9.11 -26.94
N GLY G 107 27.11 -7.87 -26.47
CA GLY G 107 26.17 -7.48 -25.44
C GLY G 107 24.83 -6.98 -25.94
N TYR G 108 24.54 -7.14 -27.23
CA TYR G 108 23.33 -6.62 -27.84
C TYR G 108 22.74 -7.69 -28.76
N ASP G 109 21.41 -7.80 -28.76
CA ASP G 109 20.73 -8.82 -29.54
C ASP G 109 19.87 -8.28 -30.67
N TYR G 110 19.57 -6.98 -30.69
CA TYR G 110 18.79 -6.36 -31.74
C TYR G 110 19.55 -5.16 -32.27
N TRP G 111 19.53 -4.99 -33.60
CA TRP G 111 20.31 -3.97 -34.27
C TRP G 111 19.44 -3.19 -35.24
N GLY G 112 19.79 -1.93 -35.45
CA GLY G 112 19.09 -1.11 -36.40
C GLY G 112 19.52 -1.37 -37.83
N GLN G 113 18.69 -0.91 -38.77
CA GLN G 113 18.99 -1.12 -40.19
C GLN G 113 20.26 -0.41 -40.59
N GLY G 114 20.49 0.80 -40.07
CA GLY G 114 21.72 1.53 -40.31
C GLY G 114 21.51 2.91 -40.91
N THR G 115 22.44 3.81 -40.64
CA THR G 115 22.39 5.17 -41.18
C THR G 115 23.80 5.55 -41.63
N GLN G 116 23.96 5.87 -42.91
CA GLN G 116 25.25 6.25 -43.46
C GLN G 116 25.43 7.75 -43.30
N VAL G 117 26.34 8.15 -42.43
CA VAL G 117 26.64 9.55 -42.16
C VAL G 117 28.01 9.85 -42.76
N THR G 118 28.07 10.86 -43.62
CA THR G 118 29.28 11.21 -44.35
C THR G 118 29.62 12.67 -44.11
N VAL G 119 30.91 12.96 -44.02
CA VAL G 119 31.42 14.32 -43.82
C VAL G 119 32.41 14.62 -44.93
N SER G 120 32.19 15.72 -45.62
CA SER G 120 33.06 16.14 -46.73
C SER G 120 34.09 17.15 -46.25
N GLU H 1 -33.32 8.48 -3.08
CA GLU H 1 -34.17 9.69 -3.16
C GLU H 1 -33.36 10.93 -2.78
N VAL H 2 -33.28 11.88 -3.72
CA VAL H 2 -32.51 13.10 -3.54
C VAL H 2 -33.44 14.19 -3.04
N GLN H 3 -33.09 14.79 -1.90
CA GLN H 3 -33.85 15.88 -1.31
C GLN H 3 -32.89 17.01 -0.93
N LEU H 4 -33.44 18.23 -0.88
CA LEU H 4 -32.70 19.41 -0.47
C LEU H 4 -33.44 20.06 0.68
N VAL H 5 -32.72 20.32 1.78
CA VAL H 5 -33.29 20.92 2.98
C VAL H 5 -32.60 22.26 3.21
N GLU H 6 -33.40 23.30 3.41
CA GLU H 6 -32.90 24.66 3.54
C GLU H 6 -32.89 25.10 5.00
N SER H 7 -32.30 26.27 5.23
CA SER H 7 -32.23 26.83 6.57
C SER H 7 -31.97 28.33 6.45
N GLY H 8 -32.21 29.04 7.55
CA GLY H 8 -32.02 30.47 7.58
C GLY H 8 -33.19 31.22 6.96
N GLY H 9 -33.01 32.54 6.87
CA GLY H 9 -34.01 33.39 6.27
C GLY H 9 -35.10 33.78 7.26
N GLY H 10 -35.80 34.87 6.92
CA GLY H 10 -36.91 35.35 7.73
C GLY H 10 -36.95 36.85 7.87
N LEU H 11 -37.34 37.33 9.05
CA LEU H 11 -37.43 38.76 9.31
C LEU H 11 -36.03 39.29 9.60
N VAL H 12 -35.54 40.16 8.72
CA VAL H 12 -34.22 40.76 8.85
C VAL H 12 -34.33 42.25 8.60
N GLN H 13 -33.74 43.05 9.48
CA GLN H 13 -33.75 44.50 9.31
C GLN H 13 -32.89 44.88 8.10
N ALA H 14 -33.36 45.85 7.33
CA ALA H 14 -32.64 46.27 6.13
C ALA H 14 -31.24 46.73 6.48
N GLY H 15 -30.27 46.29 5.68
CA GLY H 15 -28.87 46.55 5.97
C GLY H 15 -28.23 45.62 6.96
N GLY H 16 -28.88 44.50 7.28
CA GLY H 16 -28.37 43.55 8.26
C GLY H 16 -27.56 42.45 7.63
N PHE H 17 -27.53 41.31 8.32
CA PHE H 17 -26.77 40.14 7.90
C PHE H 17 -27.65 38.90 8.01
N LEU H 18 -27.43 37.94 7.10
CA LEU H 18 -28.22 36.72 7.06
C LEU H 18 -27.40 35.65 6.36
N GLU H 19 -27.77 34.39 6.59
CA GLU H 19 -27.05 33.26 6.01
C GLU H 19 -28.03 32.12 5.76
N LEU H 20 -28.19 31.75 4.49
CA LEU H 20 -29.00 30.61 4.08
C LEU H 20 -28.11 29.41 3.82
N SER H 21 -28.56 28.24 4.27
CA SER H 21 -27.82 26.99 4.09
C SER H 21 -28.74 25.94 3.48
N CYS H 22 -28.26 25.28 2.42
CA CYS H 22 -28.96 24.20 1.77
C CYS H 22 -28.08 22.96 1.77
N GLU H 23 -28.63 21.83 2.19
CA GLU H 23 -27.89 20.60 2.38
C GLU H 23 -28.38 19.54 1.39
N LEU H 24 -27.45 18.75 0.87
CA LEU H 24 -27.75 17.66 -0.05
C LEU H 24 -27.53 16.33 0.65
N ARG H 25 -28.45 15.39 0.43
CA ARG H 25 -28.45 14.12 1.14
C ARG H 25 -28.41 12.90 0.24
N GLY H 26 -29.16 12.90 -0.86
CA GLY H 26 -29.37 11.67 -1.61
C GLY H 26 -28.35 11.33 -2.68
N SER H 27 -27.38 12.20 -2.94
CA SER H 27 -26.38 11.96 -3.98
C SER H 27 -25.02 12.45 -3.49
N ILE H 28 -24.04 12.37 -4.38
CA ILE H 28 -22.66 12.72 -4.04
C ILE H 28 -22.49 14.23 -4.13
N PHE H 29 -21.73 14.79 -3.20
CA PHE H 29 -21.56 16.24 -3.15
C PHE H 29 -20.50 16.74 -4.12
N ASN H 30 -19.41 15.99 -4.29
CA ASN H 30 -18.32 16.40 -5.15
C ASN H 30 -18.55 16.07 -6.61
N GLN H 31 -19.80 15.81 -7.01
CA GLN H 31 -20.15 15.53 -8.38
C GLN H 31 -21.08 16.55 -9.00
N TYR H 32 -21.75 17.39 -8.20
CA TYR H 32 -22.74 18.32 -8.70
C TYR H 32 -22.53 19.69 -8.06
N ALA H 33 -22.79 20.73 -8.85
CA ALA H 33 -22.74 22.10 -8.35
C ALA H 33 -24.06 22.47 -7.71
N MET H 34 -24.01 23.51 -6.88
CA MET H 34 -25.17 23.99 -6.13
C MET H 34 -25.45 25.44 -6.51
N ALA H 35 -26.73 25.79 -6.54
CA ALA H 35 -27.15 27.13 -6.96
C ALA H 35 -28.29 27.61 -6.08
N TRP H 36 -28.47 28.93 -6.08
CA TRP H 36 -29.55 29.59 -5.37
C TRP H 36 -30.39 30.40 -6.37
N PHE H 37 -31.70 30.37 -6.19
CA PHE H 37 -32.64 31.11 -7.01
C PHE H 37 -33.60 31.87 -6.11
N ARG H 38 -34.10 33.00 -6.61
CA ARG H 38 -35.11 33.78 -5.92
C ARG H 38 -36.24 34.12 -6.88
N GLN H 39 -37.45 34.20 -6.34
CA GLN H 39 -38.67 34.46 -7.13
C GLN H 39 -39.53 35.46 -6.37
N ALA H 40 -39.37 36.74 -6.70
CA ALA H 40 -40.17 37.77 -6.06
C ALA H 40 -41.64 37.58 -6.43
N PRO H 41 -42.57 38.03 -5.60
CA PRO H 41 -43.99 37.90 -5.95
C PRO H 41 -44.29 38.61 -7.26
N GLY H 42 -45.05 37.93 -8.12
CA GLY H 42 -45.35 38.47 -9.43
C GLY H 42 -44.21 38.43 -10.41
N LYS H 43 -43.10 37.77 -10.07
CA LYS H 43 -41.92 37.69 -10.93
C LYS H 43 -41.52 36.23 -11.08
N GLU H 44 -40.58 35.98 -11.98
CA GLU H 44 -40.08 34.65 -12.28
C GLU H 44 -38.78 34.39 -11.53
N ARG H 45 -38.37 33.12 -11.55
CA ARG H 45 -37.13 32.73 -10.89
C ARG H 45 -35.93 33.37 -11.59
N GLU H 46 -34.97 33.83 -10.79
CA GLU H 46 -33.75 34.41 -11.32
C GLU H 46 -32.55 33.87 -10.55
N PHE H 47 -31.42 33.78 -11.25
CA PHE H 47 -30.20 33.27 -10.66
C PHE H 47 -29.70 34.22 -9.58
N VAL H 48 -29.22 33.65 -8.47
CA VAL H 48 -28.68 34.44 -7.36
C VAL H 48 -27.20 34.14 -7.20
N ALA H 49 -26.86 32.89 -6.91
CA ALA H 49 -25.48 32.49 -6.71
C ALA H 49 -25.33 31.00 -6.95
N GLY H 50 -24.19 30.60 -7.48
CA GLY H 50 -23.92 29.20 -7.74
C GLY H 50 -22.45 28.90 -7.55
N MET H 51 -22.17 27.67 -7.13
CA MET H 51 -20.81 27.28 -6.77
C MET H 51 -20.62 25.81 -7.10
N GLY H 52 -19.84 25.54 -8.14
CA GLY H 52 -19.29 24.21 -8.38
C GLY H 52 -17.84 24.21 -7.95
N ALA H 53 -16.93 24.36 -8.91
CA ALA H 53 -15.54 24.67 -8.63
C ALA H 53 -15.24 26.16 -8.71
N VAL H 54 -16.18 26.97 -9.21
CA VAL H 54 -15.99 28.41 -9.37
C VAL H 54 -17.25 29.12 -8.87
N PRO H 55 -17.14 30.16 -8.05
CA PRO H 55 -18.35 30.89 -7.64
C PRO H 55 -18.86 31.84 -8.72
N HIS H 56 -20.18 31.82 -8.91
CA HIS H 56 -20.86 32.70 -9.85
C HIS H 56 -21.96 33.45 -9.11
N TYR H 57 -22.29 34.64 -9.61
CA TYR H 57 -23.22 35.54 -8.93
C TYR H 57 -24.12 36.21 -9.94
N GLY H 58 -25.27 36.69 -9.45
CA GLY H 58 -26.18 37.46 -10.26
C GLY H 58 -25.72 38.90 -10.42
N GLU H 59 -26.33 39.57 -11.41
CA GLU H 59 -25.93 40.94 -11.71
C GLU H 59 -26.33 41.89 -10.59
N PHE H 60 -27.43 41.62 -9.89
CA PHE H 60 -27.92 42.51 -8.85
C PHE H 60 -27.18 42.34 -7.53
N VAL H 61 -26.33 41.32 -7.39
CA VAL H 61 -25.60 41.10 -6.15
C VAL H 61 -24.66 42.27 -5.89
N LYS H 62 -23.84 42.61 -6.89
CA LYS H 62 -22.91 43.73 -6.78
C LYS H 62 -21.97 43.58 -5.59
N GLY H 63 -21.43 42.38 -5.41
CA GLY H 63 -20.44 42.14 -4.38
C GLY H 63 -20.97 42.06 -2.97
N ARG H 64 -22.29 41.96 -2.79
CA ARG H 64 -22.87 41.92 -1.45
C ARG H 64 -22.92 40.51 -0.86
N PHE H 65 -22.75 39.47 -1.68
CA PHE H 65 -23.02 38.10 -1.29
C PHE H 65 -21.72 37.32 -1.16
N THR H 66 -21.85 36.06 -0.74
CA THR H 66 -20.71 35.15 -0.66
C THR H 66 -21.25 33.73 -0.57
N ILE H 67 -20.88 32.89 -1.54
CA ILE H 67 -21.32 31.50 -1.61
C ILE H 67 -20.13 30.60 -1.33
N SER H 68 -20.34 29.61 -0.45
CA SER H 68 -19.30 28.66 -0.11
C SER H 68 -19.96 27.31 0.13
N ARG H 69 -19.19 26.25 -0.06
CA ARG H 69 -19.66 24.89 0.15
C ARG H 69 -18.65 24.13 0.98
N ASP H 70 -19.12 23.52 2.06
CA ASP H 70 -18.28 22.76 2.98
C ASP H 70 -18.51 21.28 2.72
N ASN H 71 -17.51 20.62 2.13
CA ASN H 71 -17.63 19.21 1.81
C ASN H 71 -17.75 18.35 3.06
N ALA H 72 -17.34 18.87 4.23
CA ALA H 72 -17.38 18.08 5.45
C ALA H 72 -18.79 17.60 5.76
N LYS H 73 -19.78 18.45 5.53
CA LYS H 73 -21.18 18.12 5.81
C LYS H 73 -22.07 18.16 4.58
N SER H 74 -21.48 18.39 3.39
CA SER H 74 -22.24 18.41 2.13
C SER H 74 -23.31 19.49 2.17
N THR H 75 -22.89 20.73 2.42
CA THR H 75 -23.79 21.88 2.48
C THR H 75 -23.21 23.03 1.68
N VAL H 76 -24.09 23.91 1.22
CA VAL H 76 -23.71 25.14 0.55
C VAL H 76 -24.35 26.30 1.31
N TYR H 77 -23.54 27.30 1.63
CA TYR H 77 -23.98 28.49 2.35
C TYR H 77 -24.09 29.67 1.40
N LEU H 78 -24.84 30.68 1.85
CA LEU H 78 -24.97 31.94 1.12
C LEU H 78 -25.05 33.07 2.15
N GLN H 79 -23.93 33.75 2.38
CA GLN H 79 -23.89 34.85 3.33
C GLN H 79 -24.49 36.10 2.68
N MET H 80 -25.56 36.61 3.28
CA MET H 80 -26.27 37.78 2.78
C MET H 80 -25.88 38.97 3.66
N SER H 81 -25.39 40.04 3.04
CA SER H 81 -24.95 41.21 3.78
C SER H 81 -25.40 42.47 3.04
N SER H 82 -25.50 43.56 3.81
CA SER H 82 -25.99 44.84 3.28
C SER H 82 -27.35 44.66 2.61
N LEU H 83 -28.23 43.91 3.27
CA LEU H 83 -29.54 43.61 2.71
C LEU H 83 -30.35 44.89 2.52
N GLU H 84 -31.24 44.85 1.54
CA GLU H 84 -32.10 45.97 1.19
C GLU H 84 -33.52 45.45 1.02
N PRO H 85 -34.52 46.35 1.02
CA PRO H 85 -35.91 45.89 0.85
C PRO H 85 -36.16 45.17 -0.46
N GLU H 86 -35.33 45.37 -1.48
CA GLU H 86 -35.55 44.75 -2.79
C GLU H 86 -35.19 43.27 -2.82
N ASP H 87 -34.77 42.68 -1.70
CA ASP H 87 -34.40 41.28 -1.62
C ASP H 87 -35.47 40.42 -0.98
N THR H 88 -36.75 40.79 -1.13
CA THR H 88 -37.86 40.04 -0.54
C THR H 88 -38.38 39.06 -1.58
N ALA H 89 -38.26 37.77 -1.29
CA ALA H 89 -38.68 36.72 -2.22
C ALA H 89 -38.50 35.38 -1.53
N ILE H 90 -38.98 34.33 -2.20
CA ILE H 90 -38.77 32.96 -1.76
C ILE H 90 -37.49 32.45 -2.42
N TYR H 91 -36.52 32.05 -1.61
CA TYR H 91 -35.20 31.65 -2.09
C TYR H 91 -35.15 30.13 -2.17
N PHE H 92 -34.81 29.61 -3.36
CA PHE H 92 -34.73 28.18 -3.60
C PHE H 92 -33.30 27.78 -3.89
N CYS H 93 -32.92 26.59 -3.39
CA CYS H 93 -31.65 25.97 -3.73
C CYS H 93 -31.90 24.79 -4.64
N ALA H 94 -30.97 24.55 -5.56
CA ALA H 94 -31.11 23.51 -6.57
C ALA H 94 -29.80 22.76 -6.71
N ARG H 95 -29.89 21.57 -7.30
CA ARG H 95 -28.73 20.74 -7.61
C ARG H 95 -28.56 20.67 -9.12
N SER H 96 -27.36 20.99 -9.58
CA SER H 96 -27.08 21.00 -11.01
C SER H 96 -27.03 19.57 -11.54
N LYS H 97 -27.28 19.44 -12.84
CA LYS H 97 -27.15 18.17 -13.52
C LYS H 97 -25.69 17.76 -13.73
N SER H 98 -24.74 18.65 -13.45
CA SER H 98 -23.33 18.39 -13.66
C SER H 98 -22.53 19.19 -12.63
N THR H 99 -21.22 19.23 -12.83
CA THR H 99 -20.33 20.02 -11.99
C THR H 99 -20.31 21.50 -12.36
N TYR H 100 -20.99 21.89 -13.43
CA TYR H 100 -20.91 23.24 -13.98
C TYR H 100 -22.19 24.00 -13.69
N ILE H 101 -22.07 25.32 -13.63
CA ILE H 101 -23.17 26.22 -13.26
C ILE H 101 -23.66 26.91 -14.52
N SER H 102 -24.98 26.88 -14.73
CA SER H 102 -25.64 27.62 -15.79
C SER H 102 -26.65 28.57 -15.16
N TYR H 103 -26.67 29.81 -15.67
CA TYR H 103 -27.55 30.82 -15.10
C TYR H 103 -29.03 30.52 -15.37
N ASN H 104 -29.34 29.80 -16.43
CA ASN H 104 -30.73 29.58 -16.80
C ASN H 104 -31.25 28.32 -16.10
N SER H 105 -32.51 28.38 -15.67
CA SER H 105 -33.00 27.47 -14.63
C SER H 105 -32.96 26.00 -15.04
N ASN H 106 -33.03 25.68 -16.32
CA ASN H 106 -33.18 24.29 -16.74
C ASN H 106 -31.86 23.53 -16.76
N GLY H 107 -30.80 24.09 -16.17
CA GLY H 107 -29.56 23.37 -15.95
C GLY H 107 -29.51 22.61 -14.65
N TYR H 108 -30.63 22.57 -13.92
CA TYR H 108 -30.71 21.90 -12.63
C TYR H 108 -31.95 21.01 -12.62
N ASP H 109 -31.84 19.85 -11.95
CA ASP H 109 -32.90 18.85 -11.96
C ASP H 109 -33.52 18.58 -10.60
N TYR H 110 -33.03 19.19 -9.53
CA TYR H 110 -33.60 19.06 -8.20
C TYR H 110 -33.74 20.44 -7.57
N TRP H 111 -34.80 20.61 -6.79
CA TRP H 111 -35.12 21.88 -6.15
C TRP H 111 -35.49 21.65 -4.69
N GLY H 112 -35.78 22.74 -3.99
CA GLY H 112 -36.21 22.69 -2.61
C GLY H 112 -37.63 23.21 -2.45
N GLN H 113 -38.08 23.22 -1.20
CA GLN H 113 -39.44 23.69 -0.91
C GLN H 113 -39.53 25.21 -1.02
N GLY H 114 -38.53 25.91 -0.49
CA GLY H 114 -38.51 27.36 -0.48
C GLY H 114 -38.14 27.90 0.89
N THR H 115 -37.76 29.18 0.88
CA THR H 115 -37.34 29.86 2.11
C THR H 115 -37.74 31.33 1.99
N GLN H 116 -38.91 31.67 2.53
CA GLN H 116 -39.39 33.05 2.46
C GLN H 116 -38.42 33.98 3.18
N VAL H 117 -38.08 35.08 2.52
CA VAL H 117 -37.20 36.10 3.07
C VAL H 117 -37.94 37.43 3.05
N THR H 118 -37.90 38.14 4.17
CA THR H 118 -38.56 39.43 4.31
C THR H 118 -37.54 40.45 4.82
N VAL H 119 -37.65 41.68 4.31
CA VAL H 119 -36.75 42.77 4.67
C VAL H 119 -37.59 44.02 4.88
N SER H 120 -37.33 44.74 5.97
CA SER H 120 -38.07 45.95 6.30
C SER H 120 -37.20 47.19 6.12
N GLN I 1 46.64 39.01 20.89
CA GLN I 1 47.12 40.19 20.13
C GLN I 1 46.05 41.29 20.06
N VAL I 2 44.80 40.91 20.31
CA VAL I 2 43.72 41.90 20.29
C VAL I 2 43.91 42.93 21.39
N GLN I 3 43.29 44.08 21.22
CA GLN I 3 43.40 45.18 22.18
C GLN I 3 42.57 44.89 23.41
N LEU I 4 43.18 45.05 24.58
CA LEU I 4 42.50 44.91 25.86
C LEU I 4 42.69 46.20 26.66
N VAL I 5 41.58 46.74 27.16
CA VAL I 5 41.57 48.01 27.91
C VAL I 5 40.99 47.73 29.29
N GLU I 6 41.69 48.19 30.32
CA GLU I 6 41.25 48.05 31.70
C GLU I 6 41.20 49.41 32.36
N SER I 7 40.10 49.70 33.06
CA SER I 7 39.91 50.99 33.70
C SER I 7 38.96 50.80 34.89
N GLY I 8 38.58 51.91 35.51
CA GLY I 8 37.68 51.89 36.65
C GLY I 8 38.35 51.74 38.00
N GLY I 9 39.67 51.60 38.04
CA GLY I 9 40.37 51.49 39.30
C GLY I 9 40.57 52.83 39.98
N GLY I 10 41.04 52.77 41.21
CA GLY I 10 41.27 53.98 41.99
C GLY I 10 41.54 53.64 43.44
N VAL I 11 41.54 54.69 44.25
CA VAL I 11 41.79 54.59 45.70
C VAL I 11 40.45 54.78 46.40
N VAL I 12 40.04 53.78 47.18
CA VAL I 12 38.79 53.81 47.92
C VAL I 12 39.05 53.34 49.34
N GLN I 13 38.17 53.77 50.25
CA GLN I 13 38.29 53.39 51.65
C GLN I 13 37.76 51.97 51.87
N PRO I 14 38.17 51.32 52.96
CA PRO I 14 37.64 49.98 53.25
C PRO I 14 36.13 50.03 53.49
N GLY I 15 35.46 48.96 53.09
CA GLY I 15 34.03 48.84 53.28
C GLY I 15 33.19 49.56 52.24
N THR I 16 33.81 50.20 51.25
CA THR I 16 33.09 50.91 50.21
C THR I 16 32.86 49.98 49.02
N SER I 17 32.35 50.53 47.92
CA SER I 17 32.06 49.76 46.71
C SER I 17 32.63 50.47 45.50
N LEU I 18 33.00 49.68 44.49
CA LEU I 18 33.58 50.22 43.27
C LEU I 18 33.24 49.29 42.12
N ARG I 19 33.34 49.83 40.90
CA ARG I 19 33.08 49.08 39.69
C ARG I 19 34.25 49.24 38.72
N LEU I 20 34.65 48.14 38.09
CA LEU I 20 35.74 48.12 37.13
C LEU I 20 35.20 47.75 35.75
N SER I 21 35.64 48.48 34.74
CA SER I 21 35.18 48.31 33.37
C SER I 21 36.33 47.82 32.50
N CYS I 22 36.10 46.71 31.78
CA CYS I 22 37.04 46.17 30.81
C CYS I 22 36.39 46.15 29.45
N ALA I 23 37.06 46.74 28.46
CA ALA I 23 36.53 46.85 27.11
C ALA I 23 37.14 45.79 26.20
N ALA I 24 36.37 45.37 25.21
CA ALA I 24 36.78 44.35 24.25
C ALA I 24 36.75 44.92 22.85
N SER I 25 37.77 44.60 22.05
CA SER I 25 37.85 45.06 20.68
C SER I 25 38.60 44.04 19.84
N GLN I 26 38.34 44.07 18.53
CA GLN I 26 38.96 43.21 17.54
C GLN I 26 38.60 41.74 17.70
N PHE I 27 37.59 41.43 18.51
CA PHE I 27 37.12 40.06 18.63
C PHE I 27 35.69 40.08 19.19
N ARG I 28 35.00 38.95 19.03
CA ARG I 28 33.63 38.82 19.48
C ARG I 28 33.61 38.60 20.99
N PHE I 29 33.18 39.62 21.74
CA PHE I 29 33.11 39.49 23.19
C PHE I 29 32.09 38.44 23.61
N ASP I 30 30.96 38.37 22.90
CA ASP I 30 29.92 37.42 23.27
C ASP I 30 30.37 35.98 23.10
N GLY I 31 31.36 35.75 22.23
CA GLY I 31 31.84 34.42 21.95
C GLY I 31 32.91 33.90 22.89
N TYR I 32 33.24 34.65 23.95
CA TYR I 32 34.27 34.24 24.89
C TYR I 32 33.83 34.57 26.31
N GLY I 33 34.25 33.73 27.26
CA GLY I 33 34.04 34.02 28.66
C GLY I 33 35.04 35.03 29.19
N MET I 34 34.84 35.43 30.45
CA MET I 34 35.70 36.41 31.10
C MET I 34 36.08 35.92 32.49
N HIS I 35 37.28 36.27 32.90
CA HIS I 35 37.81 35.90 34.21
C HIS I 35 38.51 37.10 34.83
N TRP I 36 38.60 37.09 36.15
CA TRP I 36 39.29 38.13 36.91
C TRP I 36 40.36 37.49 37.77
N VAL I 37 41.58 37.99 37.67
CA VAL I 37 42.74 37.45 38.39
C VAL I 37 43.32 38.57 39.25
N ARG I 38 43.55 38.27 40.52
CA ARG I 38 44.10 39.21 41.48
C ARG I 38 45.53 38.82 41.82
N GLN I 39 46.44 39.80 41.76
CA GLN I 39 47.85 39.57 42.03
C GLN I 39 48.38 40.74 42.85
N ALA I 40 48.77 40.49 44.09
CA ALA I 40 49.34 41.54 44.92
C ALA I 40 50.74 41.88 44.45
N PRO I 41 51.25 43.07 44.80
CA PRO I 41 52.62 43.42 44.40
C PRO I 41 53.64 42.48 45.01
N GLY I 42 54.42 41.83 44.14
CA GLY I 42 55.47 40.93 44.59
C GLY I 42 55.00 39.54 44.97
N LYS I 43 53.72 39.22 44.77
CA LYS I 43 53.15 37.92 45.12
C LYS I 43 52.63 37.24 43.86
N GLY I 44 52.12 36.03 44.03
CA GLY I 44 51.63 35.23 42.93
C GLY I 44 50.21 35.60 42.52
N LEU I 45 49.75 34.93 41.46
CA LEU I 45 48.42 35.15 40.94
C LEU I 45 47.38 34.45 41.82
N GLU I 46 46.13 34.89 41.68
CA GLU I 46 45.02 34.32 42.44
C GLU I 46 43.74 34.51 41.63
N TRP I 47 43.19 33.42 41.11
CA TRP I 47 41.92 33.49 40.40
C TRP I 47 40.82 33.95 41.35
N VAL I 48 39.95 34.83 40.85
CA VAL I 48 38.88 35.43 41.64
C VAL I 48 37.50 34.94 41.19
N ALA I 49 37.15 35.19 39.93
CA ALA I 49 35.84 34.84 39.42
C ALA I 49 35.95 34.47 37.95
N SER I 50 34.95 33.73 37.48
CA SER I 50 34.88 33.30 36.09
C SER I 50 33.42 33.28 35.66
N ILE I 51 33.16 33.72 34.43
CA ILE I 51 31.81 33.80 33.88
C ILE I 51 31.79 33.16 32.50
N SER I 52 30.71 32.46 32.20
CA SER I 52 30.54 31.81 30.91
C SER I 52 30.23 32.85 29.83
N HIS I 53 30.12 32.38 28.58
CA HIS I 53 29.84 33.29 27.48
C HIS I 53 28.49 33.95 27.63
N ASP I 54 27.49 33.20 28.09
CA ASP I 54 26.12 33.69 28.20
C ASP I 54 25.79 34.24 29.59
N GLY I 55 26.74 34.21 30.52
CA GLY I 55 26.51 34.77 31.84
C GLY I 55 25.64 33.94 32.75
N ILE I 56 25.38 32.68 32.41
CA ILE I 56 24.53 31.85 33.25
C ILE I 56 25.34 31.20 34.36
N LYS I 57 26.47 30.57 34.01
CA LYS I 57 27.31 29.91 35.00
C LYS I 57 28.27 30.93 35.61
N LYS I 58 28.27 31.02 36.94
CA LYS I 58 29.11 31.96 37.68
C LYS I 58 29.95 31.19 38.68
N TYR I 59 31.24 31.52 38.74
CA TYR I 59 32.18 30.92 39.67
C TYR I 59 32.87 32.01 40.47
N HIS I 60 33.11 31.73 41.75
CA HIS I 60 33.80 32.67 42.63
C HIS I 60 34.74 31.89 43.53
N ALA I 61 35.79 32.56 43.99
CA ALA I 61 36.77 31.94 44.86
C ALA I 61 36.28 31.95 46.32
N GLU I 62 36.94 31.13 47.14
CA GLU I 62 36.54 31.02 48.54
C GLU I 62 36.72 32.35 49.27
N LYS I 63 37.81 33.05 49.00
CA LYS I 63 38.08 34.31 49.69
C LYS I 63 37.08 35.41 49.34
N VAL I 64 36.36 35.28 48.23
CA VAL I 64 35.46 36.33 47.76
C VAL I 64 34.04 35.80 47.65
N TRP I 65 33.68 34.83 48.48
CA TRP I 65 32.32 34.30 48.47
C TRP I 65 31.37 35.28 49.15
N GLY I 66 30.27 35.60 48.45
CA GLY I 66 29.23 36.43 49.02
C GLY I 66 29.49 37.91 49.01
N ARG I 67 30.60 38.37 48.41
CA ARG I 67 30.92 39.79 48.35
C ARG I 67 31.32 40.28 46.97
N PHE I 68 31.77 39.42 46.07
CA PHE I 68 32.16 39.80 44.72
C PHE I 68 31.07 39.35 43.74
N THR I 69 30.62 40.28 42.89
CA THR I 69 29.61 40.00 41.88
C THR I 69 30.18 40.36 40.52
N ILE I 70 30.01 39.46 39.56
CA ILE I 70 30.53 39.62 38.20
C ILE I 70 29.36 39.50 37.23
N SER I 71 29.30 40.44 36.28
CA SER I 71 28.28 40.43 35.25
C SER I 71 28.89 40.96 33.95
N ARG I 72 28.27 40.57 32.83
CA ARG I 72 28.76 40.94 31.51
C ARG I 72 27.61 41.47 30.67
N ASP I 73 27.96 42.36 29.73
CA ASP I 73 27.00 42.95 28.79
C ASP I 73 27.58 42.78 27.39
N ASN I 74 27.07 41.77 26.67
CA ASN I 74 27.59 41.50 25.33
C ASN I 74 27.22 42.61 24.34
N SER I 75 26.06 43.25 24.53
CA SER I 75 25.64 44.31 23.62
C SER I 75 26.62 45.48 23.64
N LYS I 76 27.06 45.88 24.83
CA LYS I 76 27.97 47.00 24.97
C LYS I 76 29.44 46.60 24.94
N ASN I 77 29.75 45.30 24.90
CA ASN I 77 31.13 44.81 24.92
C ASN I 77 31.87 45.36 26.13
N THR I 78 31.19 45.41 27.28
CA THR I 78 31.74 45.93 28.52
C THR I 78 31.54 44.92 29.63
N LEU I 79 32.56 44.79 30.48
CA LEU I 79 32.54 43.86 31.60
C LEU I 79 32.35 44.66 32.89
N TYR I 80 31.43 44.18 33.73
CA TYR I 80 31.10 44.84 35.00
C TYR I 80 31.50 43.91 36.15
N LEU I 81 32.26 44.45 37.10
CA LEU I 81 32.65 43.74 38.31
C LEU I 81 32.32 44.62 39.50
N GLN I 82 31.35 44.18 40.31
CA GLN I 82 30.92 44.92 41.48
C GLN I 82 31.62 44.38 42.71
N MET I 83 32.19 45.28 43.51
CA MET I 83 32.92 44.92 44.72
C MET I 83 32.18 45.45 45.94
N ASN I 84 32.03 44.61 46.96
CA ASN I 84 31.34 44.96 48.19
C ASN I 84 32.16 44.49 49.38
N SER I 85 32.06 45.24 50.48
CA SER I 85 32.76 44.91 51.72
C SER I 85 34.27 44.79 51.49
N LEU I 86 34.85 45.88 50.99
CA LEU I 86 36.27 45.91 50.71
C LEU I 86 37.07 45.83 52.01
N ARG I 87 38.27 45.26 51.90
CA ARG I 87 39.19 45.09 53.00
C ARG I 87 40.57 45.56 52.58
N PRO I 88 41.45 45.90 53.54
CA PRO I 88 42.79 46.36 53.16
C PRO I 88 43.57 45.36 52.34
N GLU I 89 43.36 44.06 52.55
CA GLU I 89 44.07 43.03 51.81
C GLU I 89 43.73 43.02 50.33
N ASP I 90 42.63 43.66 49.93
CA ASP I 90 42.23 43.67 48.52
C ASP I 90 43.11 44.55 47.64
N THR I 91 44.01 45.34 48.23
CA THR I 91 44.91 46.19 47.45
C THR I 91 45.82 45.31 46.63
N ALA I 92 45.60 45.28 45.31
CA ALA I 92 46.37 44.43 44.41
C ALA I 92 46.09 44.90 42.98
N LEU I 93 46.60 44.15 42.01
CA LEU I 93 46.42 44.45 40.59
C LEU I 93 45.48 43.41 39.99
N TYR I 94 44.49 43.89 39.22
CA TYR I 94 43.48 43.04 38.60
C TYR I 94 43.75 42.94 37.11
N TYR I 95 43.66 41.72 36.58
CA TYR I 95 43.95 41.43 35.18
C TYR I 95 42.67 41.01 34.46
N CYS I 96 42.53 41.46 33.22
CA CYS I 96 41.37 41.15 32.38
C CYS I 96 41.80 40.20 31.28
N ALA I 97 41.06 39.09 31.12
CA ALA I 97 41.41 38.06 30.17
C ALA I 97 40.13 37.51 29.52
N LYS I 98 40.33 36.67 28.51
CA LYS I 98 39.24 36.07 27.76
C LYS I 98 39.40 34.56 27.68
N ASP I 99 38.52 33.89 26.93
CA ASP I 99 38.56 32.45 26.75
C ASP I 99 39.16 32.10 25.40
N LEU I 100 39.27 30.79 25.12
CA LEU I 100 39.92 30.29 23.92
C LEU I 100 39.12 29.26 23.13
N ARG I 101 38.05 28.71 23.70
CA ARG I 101 37.38 27.59 23.07
C ARG I 101 36.72 27.95 21.73
N GLU I 102 36.42 29.23 21.51
CA GLU I 102 35.84 29.69 20.24
C GLU I 102 34.50 28.97 19.98
N ASP I 103 33.54 29.28 20.84
CA ASP I 103 32.23 28.64 20.77
C ASP I 103 31.59 28.89 19.40
N GLU I 104 30.87 27.87 18.92
CA GLU I 104 30.20 27.89 17.63
C GLU I 104 28.69 27.79 17.85
N CYS I 105 27.95 27.66 16.75
CA CYS I 105 26.50 27.57 16.77
C CYS I 105 26.06 26.13 16.58
N GLU I 106 25.30 25.61 17.54
CA GLU I 106 24.75 24.27 17.40
C GLU I 106 23.58 24.25 16.42
N GLU I 107 22.72 25.26 16.46
CA GLU I 107 21.53 25.32 15.64
C GLU I 107 21.42 26.68 14.96
N TRP I 108 20.74 26.68 13.81
CA TRP I 108 20.39 27.90 13.10
C TRP I 108 18.91 27.84 12.76
N TRP I 109 18.31 29.02 12.63
CA TRP I 109 16.92 29.09 12.19
C TRP I 109 16.81 28.70 10.73
N SER I 110 15.71 28.04 10.39
CA SER I 110 15.54 27.43 9.07
C SER I 110 14.26 27.92 8.41
N ASP I 111 14.29 27.94 7.08
CA ASP I 111 13.12 28.12 6.25
C ASP I 111 12.99 26.89 5.37
N TYS I 112 12.08 25.98 5.74
CA TYS I 112 12.00 24.67 5.10
CB TYS I 112 10.77 23.94 5.63
CG TYS I 112 10.79 22.48 5.22
CD1 TYS I 112 10.18 22.08 4.05
CD2 TYS I 112 11.40 21.54 6.04
CE1 TYS I 112 10.19 20.74 3.67
CE2 TYS I 112 11.41 20.21 5.67
CZ TYS I 112 10.80 19.80 4.48
OH TYS I 112 10.81 18.48 4.12
S TYS I 112 12.07 17.85 3.52
O1 TYS I 112 13.35 18.22 4.46
O2 TYS I 112 12.27 18.35 2.19
O3 TYS I 112 11.90 16.43 3.48
C TYS I 112 11.93 24.74 3.61
O TYS I 112 12.64 23.97 2.92
N TYS I 113 11.11 25.64 3.07
CA TYS I 113 10.94 25.70 1.62
CB TYS I 113 9.52 26.13 1.28
CG TYS I 113 8.56 25.02 1.66
CD1 TYS I 113 7.66 25.20 2.69
CD2 TYS I 113 8.60 23.81 0.98
CE1 TYS I 113 6.78 24.17 3.04
CE2 TYS I 113 7.74 22.78 1.32
CZ TYS I 113 6.82 22.97 2.34
OH TYS I 113 5.97 21.95 2.67
S TYS I 113 4.77 21.65 1.77
O1 TYS I 113 3.84 20.82 2.46
O2 TYS I 113 4.14 22.89 1.40
O3 TYS I 113 5.28 20.88 0.42
C TYS I 113 11.95 26.63 0.99
O TYS I 113 11.75 27.05 -0.17
N ASP I 114 13.02 26.95 1.70
CA ASP I 114 14.17 27.60 1.11
C ASP I 114 15.42 26.79 1.47
N PHE I 115 15.85 26.89 2.72
CA PHE I 115 16.95 26.08 3.26
C PHE I 115 18.31 26.50 2.75
N GLY I 116 18.37 27.43 1.80
CA GLY I 116 19.59 28.04 1.36
C GLY I 116 19.82 29.41 1.93
N ALA I 117 18.87 29.93 2.70
CA ALA I 117 18.99 31.26 3.27
C ALA I 117 19.85 31.25 4.52
N GLN I 118 20.71 32.26 4.64
CA GLN I 118 21.51 32.44 5.85
C GLN I 118 20.63 33.14 6.88
N LEU I 119 20.27 32.41 7.94
CA LEU I 119 19.42 32.91 9.00
C LEU I 119 20.19 33.01 10.31
N PRO I 120 19.66 33.74 11.30
CA PRO I 120 20.41 33.93 12.54
C PRO I 120 20.60 32.63 13.30
N CYS I 121 21.54 32.67 14.24
CA CYS I 121 21.78 31.54 15.12
C CYS I 121 20.66 31.41 16.15
N ALA I 122 20.25 30.18 16.41
CA ALA I 122 19.18 29.88 17.37
C ALA I 122 19.72 29.41 18.72
N LYS I 123 20.59 28.40 18.71
CA LYS I 123 21.13 27.81 19.92
C LYS I 123 22.65 27.78 19.81
N SER I 124 23.31 27.67 20.96
CA SER I 124 24.76 27.65 21.00
C SER I 124 25.23 26.85 22.20
N ARG I 125 26.48 26.38 22.13
CA ARG I 125 27.13 25.69 23.22
C ARG I 125 28.46 26.37 23.48
N GLY I 126 28.82 26.48 24.76
CA GLY I 126 30.08 27.10 25.12
C GLY I 126 30.15 27.38 26.60
N GLY I 127 31.15 28.18 26.97
CA GLY I 127 31.37 28.56 28.36
C GLY I 127 32.49 27.77 28.99
N LEU I 128 32.73 28.09 30.27
CA LEU I 128 33.76 27.44 31.07
C LEU I 128 35.11 27.70 30.42
N VAL I 129 35.87 26.68 30.01
CA VAL I 129 37.21 26.80 29.42
C VAL I 129 38.01 27.86 30.16
N GLY I 130 38.35 27.59 31.40
CA GLY I 130 39.08 28.54 32.22
C GLY I 130 40.56 28.62 31.88
N ILE I 131 40.86 28.98 30.63
CA ILE I 131 42.24 29.14 30.15
C ILE I 131 42.36 30.52 29.54
N ALA I 132 43.38 31.27 29.96
CA ALA I 132 43.63 32.62 29.48
C ALA I 132 44.95 32.65 28.72
N ASP I 133 44.93 33.29 27.55
CA ASP I 133 46.11 33.46 26.72
C ASP I 133 46.52 34.91 26.52
N ASN I 134 45.57 35.83 26.51
CA ASN I 134 45.84 37.26 26.34
C ASN I 134 45.51 37.98 27.64
N TRP I 135 46.49 38.71 28.18
CA TRP I 135 46.35 39.43 29.42
C TRP I 135 46.50 40.92 29.16
N GLY I 136 45.56 41.72 29.66
CA GLY I 136 45.61 43.15 29.49
C GLY I 136 46.58 43.81 30.46
N GLN I 137 46.74 45.12 30.29
CA GLN I 137 47.63 45.88 31.15
C GLN I 137 47.14 45.87 32.60
N GLY I 138 45.82 45.77 32.80
CA GLY I 138 45.25 45.71 34.13
C GLY I 138 44.98 47.09 34.71
N THR I 139 44.37 47.08 35.89
CA THR I 139 44.05 48.29 36.63
C THR I 139 44.53 48.16 38.06
N MET I 140 44.87 49.29 38.66
CA MET I 140 45.44 49.33 40.01
C MET I 140 44.36 49.81 40.98
N VAL I 141 44.07 48.99 41.98
CA VAL I 141 43.04 49.27 42.98
C VAL I 141 43.71 49.33 44.35
N THR I 142 43.41 50.38 45.10
CA THR I 142 44.01 50.63 46.41
C THR I 142 42.91 50.66 47.48
N VAL I 143 43.17 49.99 48.59
CA VAL I 143 42.29 50.02 49.76
C VAL I 143 43.14 50.43 50.95
N SER I 144 42.73 51.51 51.62
CA SER I 144 43.47 52.03 52.76
C SER I 144 42.60 52.94 53.61
N GLU J 1 4.75 -19.12 19.63
CA GLU J 1 5.50 -19.31 20.91
C GLU J 1 6.25 -18.03 21.28
N VAL J 2 5.68 -17.27 22.22
CA VAL J 2 6.29 -16.01 22.65
C VAL J 2 7.39 -16.32 23.64
N GLN J 3 8.61 -15.92 23.33
CA GLN J 3 9.78 -16.19 24.16
C GLN J 3 10.59 -14.92 24.33
N LEU J 4 11.11 -14.72 25.54
CA LEU J 4 11.89 -13.54 25.90
C LEU J 4 13.30 -13.97 26.26
N VAL J 5 14.28 -13.35 25.61
CA VAL J 5 15.69 -13.64 25.86
C VAL J 5 16.41 -12.33 26.15
N GLU J 6 17.28 -12.37 27.16
CA GLU J 6 17.90 -11.16 27.70
C GLU J 6 19.41 -11.17 27.52
N SER J 7 20.07 -10.17 28.11
CA SER J 7 21.53 -10.06 28.09
C SER J 7 21.92 -9.12 29.23
N GLY J 8 23.18 -8.71 29.24
CA GLY J 8 23.66 -7.80 30.25
C GLY J 8 23.87 -8.48 31.59
N GLY J 9 24.26 -7.67 32.57
CA GLY J 9 24.53 -8.13 33.92
C GLY J 9 26.02 -8.27 34.18
N GLY J 10 26.33 -8.60 35.42
CA GLY J 10 27.69 -8.78 35.88
C GLY J 10 28.16 -7.60 36.71
N LEU J 11 29.36 -7.76 37.25
CA LEU J 11 29.92 -6.76 38.15
C LEU J 11 30.27 -5.47 37.42
N VAL J 12 29.98 -4.34 38.06
CA VAL J 12 30.49 -3.05 37.64
C VAL J 12 30.68 -2.21 38.91
N GLN J 13 31.74 -1.40 38.91
CA GLN J 13 31.99 -0.55 40.07
C GLN J 13 30.91 0.51 40.18
N ALA J 14 30.69 0.98 41.40
CA ALA J 14 29.67 2.01 41.65
C ALA J 14 29.97 3.24 40.81
N GLY J 15 28.91 3.79 40.21
CA GLY J 15 29.06 4.88 39.26
C GLY J 15 29.37 4.46 37.85
N GLY J 16 29.37 3.16 37.56
CA GLY J 16 29.71 2.67 36.25
C GLY J 16 28.53 2.71 35.29
N PHE J 17 28.77 2.17 34.10
CA PHE J 17 27.78 2.16 33.02
C PHE J 17 27.51 0.71 32.62
N LEU J 18 26.23 0.35 32.55
CA LEU J 18 25.81 -0.96 32.06
C LEU J 18 24.56 -0.78 31.20
N GLU J 19 24.43 -1.66 30.21
CA GLU J 19 23.27 -1.66 29.34
C GLU J 19 22.70 -3.07 29.29
N LEU J 20 21.40 -3.19 29.51
CA LEU J 20 20.68 -4.45 29.43
C LEU J 20 19.83 -4.47 28.15
N SER J 21 19.40 -5.66 27.77
CA SER J 21 18.58 -5.81 26.56
C SER J 21 17.64 -6.99 26.73
N CYS J 22 16.58 -6.99 25.92
CA CYS J 22 15.62 -8.08 25.90
C CYS J 22 14.81 -7.99 24.62
N GLU J 23 14.84 -9.04 23.82
CA GLU J 23 14.17 -9.06 22.52
C GLU J 23 12.92 -9.93 22.59
N LEU J 24 11.99 -9.64 21.70
CA LEU J 24 10.73 -10.39 21.57
C LEU J 24 10.74 -11.13 20.24
N ARG J 25 10.43 -12.42 20.29
CA ARG J 25 10.56 -13.30 19.14
C ARG J 25 9.22 -13.74 18.57
N GLY J 26 8.31 -14.24 19.40
CA GLY J 26 7.12 -14.91 18.92
C GLY J 26 5.90 -14.03 18.70
N SER J 27 6.03 -12.71 18.76
CA SER J 27 4.89 -11.83 18.60
C SER J 27 5.35 -10.49 18.04
N ILE J 28 4.38 -9.71 17.58
CA ILE J 28 4.67 -8.43 16.93
C ILE J 28 5.19 -7.44 17.97
N PHE J 29 6.26 -6.72 17.61
CA PHE J 29 6.88 -5.78 18.54
C PHE J 29 6.04 -4.53 18.73
N ASN J 30 5.45 -4.01 17.65
CA ASN J 30 4.70 -2.76 17.72
C ASN J 30 3.27 -2.94 18.22
N GLN J 31 2.96 -4.09 18.83
CA GLN J 31 1.64 -4.33 19.41
C GLN J 31 1.67 -4.42 20.93
N TYR J 32 2.85 -4.56 21.54
CA TYR J 32 2.96 -4.76 22.97
C TYR J 32 4.08 -3.89 23.52
N ALA J 33 3.90 -3.44 24.75
CA ALA J 33 4.92 -2.68 25.46
C ALA J 33 5.83 -3.62 26.25
N MET J 34 6.91 -3.06 26.78
CA MET J 34 7.90 -3.82 27.53
C MET J 34 8.20 -3.11 28.84
N ALA J 35 8.67 -3.89 29.82
CA ALA J 35 8.95 -3.36 31.15
C ALA J 35 10.13 -4.11 31.74
N TRP J 36 10.77 -3.47 32.72
CA TRP J 36 11.86 -4.05 33.49
C TRP J 36 11.44 -4.10 34.95
N PHE J 37 11.56 -5.28 35.55
CA PHE J 37 11.25 -5.50 36.95
C PHE J 37 12.49 -6.07 37.64
N ARG J 38 12.77 -5.59 38.85
CA ARG J 38 13.88 -6.08 39.64
C ARG J 38 13.38 -6.60 40.98
N GLN J 39 13.93 -7.74 41.41
CA GLN J 39 13.58 -8.38 42.67
C GLN J 39 14.84 -8.48 43.51
N ALA J 40 14.96 -7.61 44.51
CA ALA J 40 16.09 -7.67 45.42
C ALA J 40 15.99 -8.95 46.25
N PRO J 41 17.11 -9.44 46.78
CA PRO J 41 17.08 -10.72 47.51
C PRO J 41 16.21 -10.63 48.76
N GLY J 42 15.16 -11.42 48.79
CA GLY J 42 14.23 -11.44 49.90
C GLY J 42 13.09 -10.46 49.79
N LYS J 43 13.08 -9.59 48.78
CA LYS J 43 12.03 -8.62 48.57
C LYS J 43 11.12 -9.09 47.44
N GLU J 44 10.16 -8.26 47.04
CA GLU J 44 9.23 -8.55 45.97
C GLU J 44 9.56 -7.71 44.75
N ARG J 45 9.04 -8.15 43.60
CA ARG J 45 9.31 -7.47 42.34
C ARG J 45 8.78 -6.05 42.39
N GLU J 46 9.59 -5.11 41.89
CA GLU J 46 9.23 -3.70 41.83
C GLU J 46 9.52 -3.16 40.44
N PHE J 47 8.67 -2.24 40.00
CA PHE J 47 8.79 -1.68 38.66
C PHE J 47 10.05 -0.83 38.56
N VAL J 48 10.81 -1.02 37.49
CA VAL J 48 12.03 -0.25 37.22
C VAL J 48 11.80 0.73 36.07
N ALA J 49 11.53 0.21 34.87
CA ALA J 49 11.29 1.04 33.71
C ALA J 49 10.51 0.25 32.68
N GLY J 50 9.83 0.97 31.80
CA GLY J 50 9.05 0.34 30.75
C GLY J 50 8.59 1.35 29.73
N MET J 51 8.59 0.97 28.45
CA MET J 51 8.23 1.87 27.38
C MET J 51 7.28 1.18 26.41
N GLY J 52 6.15 1.82 26.15
CA GLY J 52 5.31 1.51 25.01
C GLY J 52 5.51 2.60 23.97
N ALA J 53 4.59 3.56 23.94
CA ALA J 53 4.80 4.80 23.21
C ALA J 53 5.29 5.93 24.12
N VAL J 54 5.46 5.67 25.42
CA VAL J 54 5.87 6.69 26.38
C VAL J 54 6.79 6.03 27.41
N PRO J 55 7.91 6.65 27.78
CA PRO J 55 8.79 6.02 28.79
C PRO J 55 8.32 6.33 30.21
N HIS J 56 8.32 5.30 31.05
CA HIS J 56 7.98 5.42 32.46
C HIS J 56 9.12 4.85 33.29
N TYR J 57 9.32 5.42 34.48
CA TYR J 57 10.42 5.05 35.35
C TYR J 57 9.92 4.87 36.78
N GLY J 58 10.62 4.03 37.53
CA GLY J 58 10.28 3.84 38.93
C GLY J 58 10.67 5.04 39.77
N GLU J 59 10.08 5.08 40.98
CA GLU J 59 10.32 6.21 41.86
C GLU J 59 11.76 6.27 42.35
N PHE J 60 12.49 5.16 42.33
CA PHE J 60 13.87 5.12 42.82
C PHE J 60 14.90 5.35 41.73
N VAL J 61 14.50 5.42 40.45
CA VAL J 61 15.47 5.63 39.38
C VAL J 61 16.12 7.00 39.51
N LYS J 62 15.32 8.03 39.80
CA LYS J 62 15.84 9.40 39.96
C LYS J 62 16.53 9.89 38.69
N GLY J 63 16.02 9.47 37.53
CA GLY J 63 16.51 9.98 36.27
C GLY J 63 17.84 9.41 35.82
N ARG J 64 18.37 8.40 36.50
CA ARG J 64 19.65 7.81 36.09
C ARG J 64 19.49 6.94 34.85
N PHE J 65 18.45 6.12 34.80
CA PHE J 65 18.31 5.11 33.76
C PHE J 65 17.62 5.70 32.53
N THR J 66 17.58 4.89 31.46
CA THR J 66 17.01 5.34 30.20
C THR J 66 16.62 4.11 29.39
N ILE J 67 15.36 4.07 28.95
CA ILE J 67 14.81 2.93 28.21
C ILE J 67 14.50 3.38 26.79
N SER J 68 14.80 2.51 25.83
CA SER J 68 14.50 2.76 24.42
C SER J 68 14.14 1.43 23.76
N ARG J 69 13.46 1.52 22.63
CA ARG J 69 13.13 0.37 21.81
C ARG J 69 13.62 0.61 20.40
N ASP J 70 14.23 -0.41 19.80
CA ASP J 70 14.69 -0.37 18.42
C ASP J 70 13.83 -1.35 17.63
N ASN J 71 12.92 -0.81 16.81
CA ASN J 71 11.99 -1.66 16.08
C ASN J 71 12.68 -2.53 15.05
N ALA J 72 13.89 -2.14 14.62
CA ALA J 72 14.58 -2.89 13.57
C ALA J 72 14.86 -4.32 14.01
N LYS J 73 15.33 -4.51 15.24
CA LYS J 73 15.59 -5.82 15.81
C LYS J 73 14.70 -6.14 16.98
N SER J 74 13.69 -5.31 17.26
CA SER J 74 12.66 -5.59 18.26
C SER J 74 13.27 -5.92 19.62
N THR J 75 14.11 -5.00 20.10
CA THR J 75 14.79 -5.15 21.39
C THR J 75 14.62 -3.86 22.18
N VAL J 76 14.49 -4.02 23.49
CA VAL J 76 14.34 -2.89 24.42
C VAL J 76 15.58 -2.83 25.29
N TYR J 77 16.19 -1.65 25.37
CA TYR J 77 17.42 -1.44 26.10
C TYR J 77 17.14 -0.69 27.40
N LEU J 78 18.16 -0.68 28.27
CA LEU J 78 18.07 0.04 29.54
C LEU J 78 19.48 0.54 29.87
N GLN J 79 19.75 1.80 29.55
CA GLN J 79 21.08 2.38 29.75
C GLN J 79 21.22 2.77 31.21
N MET J 80 21.75 1.85 32.00
CA MET J 80 21.99 2.11 33.41
C MET J 80 23.21 3.01 33.57
N SER J 81 23.07 4.08 34.35
CA SER J 81 24.16 5.00 34.63
C SER J 81 24.15 5.35 36.11
N SER J 82 25.32 5.69 36.63
CA SER J 82 25.49 6.06 38.03
C SER J 82 24.92 4.98 38.94
N LEU J 83 25.30 3.73 38.67
CA LEU J 83 24.76 2.58 39.39
C LEU J 83 25.23 2.63 40.84
N GLU J 84 24.30 2.99 41.74
CA GLU J 84 24.58 2.97 43.15
C GLU J 84 24.60 1.52 43.66
N PRO J 85 25.19 1.26 44.83
CA PRO J 85 25.29 -0.12 45.31
C PRO J 85 23.97 -0.70 45.79
N GLU J 86 22.91 0.10 45.91
CA GLU J 86 21.61 -0.40 46.35
C GLU J 86 20.77 -0.94 45.20
N ASP J 87 21.27 -0.88 43.96
CA ASP J 87 20.52 -1.35 42.80
C ASP J 87 20.71 -2.83 42.52
N THR J 88 21.56 -3.53 43.28
CA THR J 88 21.83 -4.94 43.00
C THR J 88 20.56 -5.76 43.18
N ALA J 89 20.24 -6.55 42.16
CA ALA J 89 19.05 -7.40 42.18
C ALA J 89 19.00 -8.26 40.93
N ILE J 90 18.00 -9.12 40.81
CA ILE J 90 17.74 -9.89 39.61
C ILE J 90 16.74 -9.11 38.77
N TYR J 91 17.11 -8.78 37.55
CA TYR J 91 16.31 -7.93 36.68
C TYR J 91 15.58 -8.78 35.65
N PHE J 92 14.26 -8.68 35.63
CA PHE J 92 13.41 -9.46 34.75
C PHE J 92 12.90 -8.64 33.58
N CYS J 93 12.60 -9.32 32.48
CA CYS J 93 12.00 -8.70 31.31
C CYS J 93 10.57 -9.23 31.15
N ALA J 94 9.63 -8.32 30.95
CA ALA J 94 8.22 -8.65 30.88
C ALA J 94 7.58 -8.02 29.64
N ARG J 95 6.68 -8.77 29.01
CA ARG J 95 5.88 -8.29 27.89
C ARG J 95 4.49 -7.95 28.39
N SER J 96 4.04 -6.73 28.16
CA SER J 96 2.72 -6.32 28.58
C SER J 96 1.65 -6.97 27.71
N LYS J 97 0.43 -7.00 28.24
CA LYS J 97 -0.70 -7.58 27.53
C LYS J 97 -1.29 -6.63 26.50
N SER J 98 -0.82 -5.38 26.44
CA SER J 98 -1.35 -4.39 25.52
C SER J 98 -0.23 -3.44 25.13
N THR J 99 -0.58 -2.33 24.49
CA THR J 99 0.37 -1.29 24.15
C THR J 99 0.69 -0.37 25.31
N TYR J 100 0.03 -0.54 26.45
CA TYR J 100 0.13 0.37 27.58
C TYR J 100 0.94 -0.28 28.69
N ILE J 101 1.48 0.57 29.57
CA ILE J 101 2.38 0.16 30.65
C ILE J 101 1.66 0.36 31.97
N SER J 102 1.72 -0.66 32.83
CA SER J 102 1.22 -0.58 34.19
C SER J 102 2.38 -0.79 35.16
N TYR J 103 2.29 -0.13 36.32
CA TYR J 103 3.31 -0.27 37.34
C TYR J 103 3.14 -1.53 38.17
N ASN J 104 2.02 -2.23 38.05
CA ASN J 104 1.78 -3.46 38.80
C ASN J 104 2.33 -4.66 38.05
N SER J 105 2.50 -5.76 38.78
CA SER J 105 3.12 -6.95 38.22
C SER J 105 2.17 -7.81 37.40
N ASN J 106 0.87 -7.57 37.50
CA ASN J 106 -0.13 -8.39 36.81
C ASN J 106 -0.68 -7.71 35.56
N GLY J 107 -0.04 -6.65 35.08
CA GLY J 107 -0.31 -6.09 33.78
C GLY J 107 0.51 -6.71 32.67
N TYR J 108 1.21 -7.81 32.97
CA TYR J 108 2.08 -8.48 32.02
C TYR J 108 1.84 -9.98 32.12
N ASP J 109 2.09 -10.69 31.01
CA ASP J 109 1.76 -12.11 30.92
C ASP J 109 2.95 -13.01 30.62
N TYR J 110 4.00 -12.50 29.97
CA TYR J 110 5.19 -13.28 29.66
C TYR J 110 6.38 -12.66 30.38
N TRP J 111 7.15 -13.50 31.06
CA TRP J 111 8.27 -13.05 31.87
C TRP J 111 9.55 -13.74 31.43
N GLY J 112 10.68 -13.07 31.67
CA GLY J 112 11.98 -13.65 31.40
C GLY J 112 12.49 -14.48 32.56
N GLN J 113 13.53 -15.27 32.28
CA GLN J 113 14.06 -16.17 33.30
C GLN J 113 14.80 -15.41 34.40
N GLY J 114 15.44 -14.30 34.07
CA GLY J 114 16.14 -13.49 35.05
C GLY J 114 17.59 -13.21 34.68
N THR J 115 18.18 -12.21 35.31
CA THR J 115 19.56 -11.84 35.04
C THR J 115 20.09 -11.07 36.25
N GLN J 116 21.02 -11.68 36.98
CA GLN J 116 21.57 -11.06 38.17
C GLN J 116 22.52 -9.94 37.79
N VAL J 117 22.28 -8.75 38.34
CA VAL J 117 23.14 -7.58 38.14
C VAL J 117 23.56 -7.13 39.53
N THR J 118 24.86 -7.24 39.81
CA THR J 118 25.40 -7.01 41.15
C THR J 118 26.44 -5.91 41.11
N VAL J 119 26.42 -5.05 42.13
CA VAL J 119 27.42 -4.00 42.31
C VAL J 119 27.86 -4.04 43.77
N SER J 120 29.16 -4.19 44.00
CA SER J 120 29.69 -4.37 45.34
C SER J 120 30.96 -3.55 45.53
N SER J 121 31.00 -2.33 44.98
CA SER J 121 32.16 -1.47 45.18
C SER J 121 32.29 -1.07 46.64
N GLY J 122 31.17 -0.75 47.30
CA GLY J 122 31.22 -0.34 48.69
C GLY J 122 32.02 0.93 48.93
N GLY J 123 31.98 1.87 47.99
CA GLY J 123 32.71 3.11 48.13
C GLY J 123 34.19 3.01 47.87
N SER J 124 34.67 1.87 47.37
CA SER J 124 36.10 1.71 47.11
C SER J 124 36.57 2.66 46.01
N GLY J 125 35.75 2.89 44.98
CA GLY J 125 36.16 3.77 43.91
C GLY J 125 36.40 5.20 44.37
N GLY J 126 35.53 5.70 45.24
CA GLY J 126 35.65 7.05 45.75
C GLY J 126 36.21 7.11 47.15
N GLY J 127 35.35 7.35 48.14
CA GLY J 127 35.77 7.41 49.53
C GLY J 127 35.86 8.83 50.04
N GLY J 128 36.37 9.74 49.22
CA GLY J 128 36.47 11.13 49.63
C GLY J 128 37.43 11.29 50.80
N SER J 129 37.08 12.24 51.67
CA SER J 129 37.87 12.54 52.88
C SER J 129 39.31 12.93 52.49
N GLY J 130 39.41 14.03 51.77
CA GLY J 130 40.69 14.55 51.31
C GLY J 130 41.10 14.09 49.94
N GLY J 131 40.89 12.80 49.64
CA GLY J 131 41.20 12.26 48.33
C GLY J 131 39.98 12.21 47.43
N GLY J 132 39.88 13.17 46.53
CA GLY J 132 38.75 13.26 45.60
C GLY J 132 37.58 14.05 46.13
N GLY J 133 37.27 13.90 47.42
CA GLY J 133 36.16 14.61 48.02
C GLY J 133 36.54 15.97 48.55
N SER J 134 36.25 17.01 47.77
CA SER J 134 36.51 18.41 48.13
C SER J 134 37.99 18.76 48.03
N GLY J 135 38.85 17.78 47.77
CA GLY J 135 40.27 18.03 47.58
C GLY J 135 40.99 18.68 48.75
N GLY J 136 40.33 18.79 49.90
CA GLY J 136 40.94 19.47 51.03
C GLY J 136 41.33 20.89 50.66
N GLN J 137 42.58 21.25 50.94
CA GLN J 137 43.15 22.54 50.54
C GLN J 137 44.57 22.26 50.06
N SER J 138 44.71 22.01 48.76
CA SER J 138 45.97 21.64 48.15
C SER J 138 46.61 22.87 47.51
N VAL J 139 47.90 23.05 47.78
CA VAL J 139 48.69 24.15 47.22
C VAL J 139 49.90 23.55 46.53
N LEU J 140 50.17 24.00 45.31
CA LEU J 140 51.29 23.47 44.54
C LEU J 140 52.62 23.89 45.15
N THR J 141 53.61 23.02 45.00
CA THR J 141 54.95 23.25 45.53
C THR J 141 55.92 23.43 44.37
N GLN J 142 56.68 24.52 44.41
CA GLN J 142 57.67 24.84 43.39
C GLN J 142 58.94 25.31 44.08
N PRO J 143 60.09 25.17 43.41
CA PRO J 143 61.34 25.67 44.01
C PRO J 143 61.33 27.19 44.08
N PRO J 144 62.10 27.78 45.00
CA PRO J 144 62.07 29.24 45.13
C PRO J 144 62.61 29.95 43.89
N SER J 145 63.77 29.52 43.38
CA SER J 145 64.35 30.15 42.21
C SER J 145 65.33 29.17 41.56
N VAL J 146 65.68 29.44 40.31
CA VAL J 146 66.63 28.65 39.55
C VAL J 146 67.61 29.58 38.87
N SER J 147 68.78 29.04 38.55
CA SER J 147 69.84 29.81 37.90
C SER J 147 70.72 28.87 37.10
N ALA J 148 71.11 29.31 35.91
CA ALA J 148 71.99 28.53 35.05
C ALA J 148 72.67 29.47 34.06
N ALA J 149 73.75 29.00 33.46
CA ALA J 149 74.49 29.80 32.51
C ALA J 149 73.67 30.00 31.24
N PRO J 150 73.95 31.05 30.46
CA PRO J 150 73.21 31.25 29.21
C PRO J 150 73.41 30.09 28.25
N GLY J 151 72.33 29.74 27.55
CA GLY J 151 72.38 28.66 26.59
C GLY J 151 72.26 27.27 27.17
N GLN J 152 72.09 27.15 28.49
CA GLN J 152 71.99 25.86 29.14
C GLN J 152 70.54 25.43 29.26
N LYS J 153 70.32 24.26 29.86
CA LYS J 153 68.99 23.69 30.03
C LYS J 153 68.60 23.75 31.51
N VAL J 154 67.38 24.18 31.77
CA VAL J 154 66.85 24.31 33.13
C VAL J 154 65.55 23.52 33.22
N THR J 155 65.26 23.04 34.42
CA THR J 155 64.07 22.25 34.70
C THR J 155 63.30 22.88 35.85
N ILE J 156 61.97 22.94 35.70
CA ILE J 156 61.08 23.49 36.72
C ILE J 156 60.09 22.39 37.10
N SER J 157 59.99 22.13 38.40
CA SER J 157 59.12 21.08 38.93
C SER J 157 57.90 21.72 39.58
N CYS J 158 56.72 21.22 39.20
CA CYS J 158 55.44 21.70 39.75
C CYS J 158 54.68 20.49 40.26
N SER J 159 54.78 20.22 41.55
CA SER J 159 54.16 19.07 42.19
C SER J 159 52.97 19.53 43.03
N GLY J 160 51.83 18.85 42.88
CA GLY J 160 50.63 19.18 43.61
C GLY J 160 49.95 17.96 44.21
N ASN J 161 48.67 17.79 43.90
CA ASN J 161 47.87 16.68 44.40
C ASN J 161 47.35 15.86 43.21
N THR J 162 46.56 14.84 43.51
CA THR J 162 45.99 14.00 42.46
C THR J 162 44.86 14.70 41.73
N SER J 163 44.04 15.47 42.45
CA SER J 163 42.88 16.09 41.83
C SER J 163 43.28 17.23 40.89
N ASN J 164 44.25 18.05 41.29
CA ASN J 164 44.57 19.24 40.51
C ASN J 164 45.45 18.92 39.31
N ILE J 165 46.47 18.08 39.50
CA ILE J 165 47.42 17.73 38.44
C ILE J 165 47.19 16.31 37.93
N GLY J 166 47.02 15.36 38.86
CA GLY J 166 46.88 13.97 38.45
C GLY J 166 45.65 13.72 37.61
N ASN J 167 44.53 14.32 37.97
CA ASN J 167 43.24 14.08 37.32
C ASN J 167 42.84 15.19 36.37
N ASN J 168 43.72 16.17 36.12
CA ASN J 168 43.36 17.29 35.26
C ASN J 168 44.61 17.80 34.55
N PHE J 169 44.39 18.51 33.45
CA PHE J 169 45.48 19.08 32.68
C PHE J 169 46.11 20.24 33.43
N VAL J 170 47.33 20.59 33.02
CA VAL J 170 48.13 21.64 33.66
C VAL J 170 48.53 22.65 32.59
N SER J 171 48.40 23.94 32.93
CA SER J 171 48.78 25.04 32.06
C SER J 171 49.86 25.87 32.73
N TRP J 172 50.78 26.38 31.92
CA TRP J 172 51.91 27.18 32.41
C TRP J 172 51.79 28.62 31.95
N TYR J 173 52.15 29.55 32.82
CA TYR J 173 52.12 30.97 32.54
C TYR J 173 53.47 31.59 32.84
N GLN J 174 53.84 32.59 32.03
CA GLN J 174 55.09 33.32 32.19
C GLN J 174 54.77 34.78 32.46
N GLN J 175 55.36 35.33 33.53
CA GLN J 175 55.15 36.72 33.93
C GLN J 175 56.50 37.43 33.88
N ARG J 176 56.73 38.22 32.83
CA ARG J 176 57.94 39.01 32.74
C ARG J 176 57.88 40.17 33.75
N PRO J 177 59.04 40.69 34.15
CA PRO J 177 59.03 41.82 35.11
C PRO J 177 58.32 43.03 34.52
N GLY J 178 57.34 43.53 35.25
CA GLY J 178 56.60 44.72 34.81
C GLY J 178 55.88 44.52 33.49
N ARG J 179 55.28 43.35 33.28
CA ARG J 179 54.59 43.06 32.04
C ARG J 179 53.47 42.07 32.32
N ALA J 180 52.51 42.01 31.41
CA ALA J 180 51.36 41.15 31.59
C ALA J 180 51.77 39.68 31.42
N PRO J 181 51.07 38.75 32.07
CA PRO J 181 51.38 37.34 31.88
C PRO J 181 51.07 36.88 30.46
N GLN J 182 51.78 35.84 30.03
CA GLN J 182 51.60 35.25 28.71
C GLN J 182 51.52 33.74 28.83
N LEU J 183 50.64 33.14 28.04
CA LEU J 183 50.49 31.69 28.02
C LEU J 183 51.56 31.06 27.15
N LEU J 184 52.15 29.98 27.65
CA LEU J 184 53.20 29.24 26.94
C LEU J 184 52.81 27.80 26.65
N ILE J 185 52.29 27.08 27.65
CA ILE J 185 51.93 25.68 27.51
C ILE J 185 50.50 25.49 27.98
N TYR J 186 49.70 24.78 27.18
CA TYR J 186 48.35 24.38 27.56
C TYR J 186 48.21 22.88 27.36
N GLU J 187 47.61 22.23 28.36
CA GLU J 187 47.56 20.77 28.51
C GLU J 187 48.89 20.09 28.18
N THR J 188 49.99 20.73 28.53
CA THR J 188 51.32 20.12 28.67
C THR J 188 51.87 19.55 27.36
N ASP J 189 51.18 19.71 26.24
CA ASP J 189 51.66 19.13 24.99
C ASP J 189 51.46 20.03 23.78
N LYS J 190 51.10 21.30 23.95
CA LYS J 190 50.89 22.21 22.85
C LYS J 190 51.36 23.61 23.24
N ARG J 191 51.69 24.40 22.22
CA ARG J 191 52.16 25.76 22.37
C ARG J 191 51.42 26.66 21.40
N PRO J 192 51.34 27.96 21.68
CA PRO J 192 50.72 28.90 20.74
C PRO J 192 51.65 29.25 19.60
N SER J 193 51.11 30.01 18.65
CA SER J 193 51.90 30.39 17.47
C SER J 193 53.05 31.31 17.85
N GLY J 194 52.83 32.22 18.80
CA GLY J 194 53.84 33.20 19.14
C GLY J 194 55.00 32.69 19.97
N ILE J 195 54.92 31.48 20.49
CA ILE J 195 55.97 30.90 21.33
C ILE J 195 56.76 29.90 20.48
N PRO J 196 58.10 29.95 20.49
CA PRO J 196 58.86 28.94 19.71
C PRO J 196 58.82 27.57 20.35
N ASP J 197 59.55 26.62 19.78
CA ASP J 197 59.60 25.25 20.27
C ASP J 197 60.66 25.03 21.33
N ARG J 198 61.36 26.09 21.77
CA ARG J 198 62.40 25.93 22.77
C ARG J 198 61.84 25.46 24.11
N PHE J 199 60.54 25.62 24.35
CA PHE J 199 59.91 25.22 25.60
C PHE J 199 59.20 23.89 25.42
N SER J 200 59.43 22.97 26.34
CA SER J 200 58.80 21.66 26.33
C SER J 200 58.31 21.32 27.73
N ALA J 201 57.21 20.56 27.78
CA ALA J 201 56.59 20.19 29.04
C ALA J 201 56.15 18.73 28.99
N SER J 202 56.06 18.14 30.18
CA SER J 202 55.60 16.76 30.32
C SER J 202 55.04 16.58 31.71
N LYS J 203 54.24 15.54 31.88
CA LYS J 203 53.61 15.22 33.16
C LYS J 203 53.81 13.74 33.46
N SER J 204 53.86 13.44 34.76
CA SER J 204 54.03 12.06 35.22
C SER J 204 53.45 11.96 36.62
N GLY J 205 52.36 11.20 36.76
CA GLY J 205 51.71 11.06 38.05
C GLY J 205 51.02 12.33 38.49
N THR J 206 51.55 12.95 39.55
CA THR J 206 51.00 14.18 40.10
C THR J 206 52.01 15.34 40.06
N SER J 207 53.07 15.21 39.28
CA SER J 207 54.11 16.23 39.19
C SER J 207 54.32 16.58 37.72
N GLY J 208 54.33 17.88 37.43
CA GLY J 208 54.57 18.38 36.09
C GLY J 208 55.97 18.96 35.97
N THR J 209 56.62 18.67 34.84
CA THR J 209 57.99 19.10 34.59
C THR J 209 58.03 19.92 33.31
N LEU J 210 58.72 21.05 33.36
CA LEU J 210 58.90 21.94 32.22
C LEU J 210 60.37 21.96 31.85
N ALA J 211 60.66 21.72 30.58
CA ALA J 211 62.03 21.71 30.05
C ALA J 211 62.22 22.91 29.14
N ILE J 212 63.27 23.69 29.41
CA ILE J 212 63.60 24.88 28.65
C ILE J 212 65.00 24.73 28.09
N THR J 213 65.14 24.91 26.78
CA THR J 213 66.42 24.79 26.10
C THR J 213 66.79 26.13 25.48
N GLY J 214 68.10 26.40 25.41
CA GLY J 214 68.57 27.64 24.84
C GLY J 214 68.12 28.86 25.62
N LEU J 215 68.23 28.79 26.94
CA LEU J 215 67.82 29.92 27.78
C LEU J 215 68.67 31.15 27.46
N GLN J 216 68.01 32.31 27.41
CA GLN J 216 68.65 33.58 27.08
C GLN J 216 68.20 34.63 28.09
N THR J 217 68.79 35.82 27.97
CA THR J 217 68.46 36.90 28.89
C THR J 217 67.00 37.30 28.78
N GLY J 218 66.46 37.30 27.56
CA GLY J 218 65.08 37.71 27.36
C GLY J 218 64.06 36.79 28.02
N ASP J 219 64.46 35.58 28.39
CA ASP J 219 63.57 34.62 29.04
C ASP J 219 63.49 34.82 30.55
N GLU J 220 64.21 35.78 31.10
CA GLU J 220 64.18 36.02 32.54
C GLU J 220 62.78 36.49 32.94
N ALA J 221 62.04 35.64 33.64
CA ALA J 221 60.68 35.96 34.04
C ALA J 221 60.25 34.99 35.13
N ASP J 222 59.05 35.19 35.64
CA ASP J 222 58.47 34.34 36.68
C ASP J 222 57.48 33.38 36.05
N TYR J 223 57.66 32.09 36.32
CA TYR J 223 56.85 31.03 35.71
C TYR J 223 55.84 30.52 36.73
N TYR J 224 54.59 30.40 36.31
CA TYR J 224 53.51 29.88 37.14
C TYR J 224 52.87 28.68 36.45
N CYS J 225 52.60 27.64 37.24
CA CYS J 225 51.88 26.46 36.77
C CYS J 225 50.48 26.47 37.38
N ALA J 226 49.47 26.36 36.52
CA ALA J 226 48.08 26.46 36.95
C ALA J 226 47.27 25.30 36.38
N THR J 227 46.26 24.89 37.14
CA THR J 227 45.33 23.85 36.72
C THR J 227 43.91 24.37 36.87
N TRP J 228 43.02 23.91 36.00
CA TRP J 228 41.63 24.33 36.00
C TRP J 228 40.73 23.11 35.83
N ALA J 229 39.60 23.11 36.53
CA ALA J 229 38.62 22.04 36.41
C ALA J 229 37.31 22.53 37.01
N ALA J 230 36.24 22.46 36.23
CA ALA J 230 34.92 22.89 36.71
C ALA J 230 34.28 21.87 37.64
N SER J 231 34.74 20.61 37.61
CA SER J 231 34.13 19.60 38.46
C SER J 231 34.36 19.90 39.93
N LEU J 232 35.56 20.36 40.29
CA LEU J 232 35.90 20.66 41.68
C LEU J 232 36.65 21.98 41.74
N SER J 233 36.30 22.80 42.73
CA SER J 233 36.96 24.09 42.89
C SER J 233 38.36 23.97 43.46
N SER J 234 38.65 22.91 44.23
CA SER J 234 39.97 22.75 44.81
C SER J 234 41.04 22.56 43.73
N ALA J 235 40.67 21.94 42.60
CA ALA J 235 41.62 21.75 41.51
C ALA J 235 42.07 23.07 40.90
N ARG J 236 41.31 24.14 41.09
CA ARG J 236 41.66 25.46 40.55
C ARG J 236 42.65 26.12 41.50
N VAL J 237 43.94 25.94 41.22
CA VAL J 237 45.01 26.44 42.06
C VAL J 237 46.15 26.94 41.18
N PHE J 238 46.83 27.98 41.66
CA PHE J 238 47.98 28.55 40.98
C PHE J 238 49.23 28.27 41.80
N GLY J 239 50.34 28.04 41.10
CA GLY J 239 51.58 27.71 41.77
C GLY J 239 52.23 28.90 42.45
N THR J 240 53.15 28.60 43.37
CA THR J 240 53.85 29.65 44.08
C THR J 240 54.71 30.49 43.14
N GLY J 241 55.39 29.84 42.21
CA GLY J 241 56.20 30.53 41.21
C GLY J 241 57.67 30.20 41.30
N THR J 242 58.36 30.24 40.16
CA THR J 242 59.79 30.01 40.06
C THR J 242 60.44 31.21 39.40
N GLN J 243 61.55 31.68 39.98
CA GLN J 243 62.27 32.84 39.48
C GLN J 243 63.42 32.36 38.61
N VAL J 244 63.46 32.83 37.36
CA VAL J 244 64.49 32.45 36.40
C VAL J 244 65.52 33.58 36.35
N ILE J 245 66.77 33.26 36.69
CA ILE J 245 67.86 34.21 36.69
C ILE J 245 68.96 33.68 35.76
N VAL J 246 69.42 34.54 34.85
CA VAL J 246 70.46 34.18 33.89
C VAL J 246 71.73 34.92 34.26
N LEU J 247 72.81 34.17 34.44
CA LEU J 247 74.09 34.75 34.83
C LEU J 247 74.78 35.39 33.62
C1 NAG K . 11.21 13.05 22.38
C2 NAG K . 12.42 12.24 22.88
C3 NAG K . 12.23 11.86 24.35
C4 NAG K . 11.95 13.09 25.19
C5 NAG K . 10.74 13.81 24.63
C6 NAG K . 10.42 15.10 25.35
C7 NAG K . 13.55 10.97 21.11
C8 NAG K . 13.63 9.67 20.38
N2 NAG K . 12.62 11.05 22.07
O3 NAG K . 13.41 11.20 24.82
O4 NAG K . 11.73 12.73 26.55
O5 NAG K . 10.98 14.16 23.27
O6 NAG K . 11.58 15.92 25.47
O7 NAG K . 14.31 11.90 20.85
C1 NAG K . 12.74 13.36 27.36
C2 NAG K . 12.21 13.51 28.80
C3 NAG K . 13.29 14.14 29.68
C4 NAG K . 14.60 13.38 29.58
C5 NAG K . 15.00 13.19 28.12
C6 NAG K . 16.21 12.29 27.95
C7 NAG K . 10.06 14.17 29.76
C8 NAG K . 8.87 15.08 29.64
N2 NAG K . 10.99 14.30 28.82
O3 NAG K . 12.83 14.15 31.03
O4 NAG K . 15.62 14.09 30.24
O5 NAG K . 13.93 12.58 27.38
O6 NAG K . 16.47 12.02 26.58
O7 NAG K . 10.18 13.37 30.69
C1 BMA K . 15.86 13.52 31.55
C2 BMA K . 17.28 13.97 31.98
C3 BMA K . 17.55 13.61 33.45
C4 BMA K . 16.38 14.04 34.34
C5 BMA K . 15.07 13.44 33.81
C6 BMA K . 13.87 13.81 34.65
O2 BMA K . 17.42 15.38 31.90
O3 BMA K . 18.76 14.18 33.92
O4 BMA K . 16.59 13.58 35.67
O5 BMA K . 14.87 13.94 32.48
O6 BMA K . 14.18 13.55 36.02
C1 NAG L . -16.42 -22.56 34.61
C2 NAG L . -15.26 -22.72 35.57
C3 NAG L . -14.60 -24.08 35.38
C4 NAG L . -15.63 -25.20 35.46
C5 NAG L . -16.83 -24.91 34.55
C6 NAG L . -17.96 -25.88 34.73
C7 NAG L . -13.57 -21.13 36.40
C8 NAG L . -12.61 -20.04 36.02
N2 NAG L . -14.28 -21.65 35.39
O3 NAG L . -13.61 -24.28 36.40
O4 NAG L . -15.04 -26.42 35.04
O5 NAG L . -17.36 -23.61 34.82
O6 NAG L . -19.20 -25.21 34.91
O7 NAG L . -13.69 -21.52 37.56
C1 NAG L . -14.71 -27.25 36.16
C2 NAG L . -14.31 -28.62 35.61
C3 NAG L . -13.90 -29.55 36.75
C4 NAG L . -12.81 -28.90 37.59
C5 NAG L . -13.26 -27.52 38.06
C6 NAG L . -12.19 -26.76 38.81
C7 NAG L . -15.52 -29.06 33.52
C8 NAG L . -16.70 -29.73 32.88
N2 NAG L . -15.39 -29.21 34.84
O3 NAG L . -13.42 -30.78 36.21
O4 NAG L . -12.52 -29.71 38.73
O5 NAG L . -13.62 -26.71 36.93
O6 NAG L . -11.88 -25.53 38.17
O7 NAG L . -14.71 -28.40 32.86
C1 NAG M . -23.33 5.18 24.03
C2 NAG M . -22.30 6.17 23.50
C3 NAG M . -22.88 7.58 23.47
C4 NAG M . -24.18 7.60 22.69
C5 NAG M . -25.14 6.56 23.26
C6 NAG M . -26.41 6.42 22.46
C7 NAG M . -19.86 5.95 23.81
C8 NAG M . -18.74 5.94 24.80
N2 NAG M . -21.09 6.14 24.31
O3 NAG M . -21.94 8.47 22.88
O4 NAG M . -24.79 8.88 22.76
O5 NAG M . -24.51 5.27 23.24
O6 NAG M . -26.54 5.13 21.89
O7 NAG M . -19.67 5.79 22.61
C1 NAG M . -24.66 9.55 21.47
C2 NAG M . -25.94 10.32 21.15
C3 NAG M . -25.79 11.07 19.83
C4 NAG M . -24.55 11.95 19.86
C5 NAG M . -23.33 11.11 20.23
C6 NAG M . -22.07 11.94 20.39
C7 NAG M . -28.16 9.55 21.89
C8 NAG M . -29.24 8.54 21.69
N2 NAG M . -27.09 9.42 21.10
O3 NAG M . -26.95 11.86 19.61
O4 NAG M . -24.34 12.52 18.57
O5 NAG M . -23.55 10.45 21.48
O6 NAG M . -22.17 12.80 21.52
O7 NAG M . -28.25 10.44 22.73
C1 BMA M . -24.42 13.96 18.65
C2 BMA M . -24.13 14.51 17.23
C3 BMA M . -24.37 16.02 17.19
C4 BMA M . -25.71 16.41 17.84
C5 BMA M . -25.80 15.80 19.24
C6 BMA M . -27.13 16.10 19.93
O2 BMA M . -25.00 13.94 16.29
O3 BMA M . -24.32 16.51 15.86
O4 BMA M . -25.81 17.82 17.93
O5 BMA M . -25.69 14.38 19.12
O6 BMA M . -27.10 15.52 21.23
C1 MAN M . -23.02 17.06 15.59
C2 MAN M . -23.17 18.13 14.48
C3 MAN M . -23.45 17.47 13.13
C4 MAN M . -22.42 16.37 12.85
C5 MAN M . -22.46 15.35 13.98
C6 MAN M . -21.45 14.23 13.80
O2 MAN M . -21.96 18.87 14.31
O3 MAN M . -23.45 18.43 12.07
O4 MAN M . -22.74 15.71 11.62
O5 MAN M . -22.13 16.02 15.22
O6 MAN M . -20.14 14.78 13.85
C1 NAG N . -28.08 11.66 33.23
C2 NAG N . -28.64 11.78 34.66
C3 NAG N . -30.09 11.32 34.69
C4 NAG N . -30.91 12.04 33.63
C5 NAG N . -30.25 11.88 32.27
C6 NAG N . -30.96 12.66 31.17
C7 NAG N . -26.78 11.53 36.24
C8 NAG N . -26.08 10.60 37.17
N2 NAG N . -27.84 11.02 35.59
O3 NAG N . -30.63 11.56 35.98
O4 NAG N . -32.24 11.52 33.59
O5 NAG N . -28.91 12.37 32.32
O6 NAG N . -30.04 13.10 30.19
O7 NAG N . -26.41 12.68 36.08
C1 NAG N . -33.14 12.56 34.03
C2 NAG N . -34.55 12.21 33.55
C3 NAG N . -35.53 13.26 34.04
C4 NAG N . -35.43 13.42 35.55
C5 NAG N . -33.99 13.71 35.95
C6 NAG N . -33.79 13.77 37.45
C7 NAG N . -34.23 11.01 31.43
C8 NAG N . -34.33 11.08 29.94
N2 NAG N . -34.60 12.11 32.10
O3 NAG N . -36.86 12.86 33.69
O4 NAG N . -36.26 14.50 35.99
O5 NAG N . -33.13 12.68 35.46
O6 NAG N . -34.71 14.66 38.07
O7 NAG N . -33.83 10.00 32.01
C1 NAG O . -22.11 28.65 22.09
C2 NAG O . -23.51 28.86 22.65
C3 NAG O . -24.50 29.13 21.52
C4 NAG O . -24.00 30.28 20.65
C5 NAG O . -22.58 30.00 20.17
C6 NAG O . -21.98 31.16 19.40
C7 NAG O . -23.68 27.58 24.74
C8 NAG O . -24.20 26.33 25.39
N2 NAG O . -23.94 27.71 23.44
O3 NAG O . -25.77 29.46 22.07
O4 NAG O . -24.85 30.44 19.51
O5 NAG O . -21.73 29.78 21.31
O6 NAG O . -21.98 32.35 20.16
O7 NAG O . -23.05 28.42 25.37
C1 NAG O . -25.81 31.48 19.76
C2 NAG O . -25.70 32.53 18.67
C3 NAG O . -26.76 33.62 18.88
C4 NAG O . -28.14 33.00 19.00
C5 NAG O . -28.16 31.93 20.07
C6 NAG O . -29.46 31.19 20.15
C7 NAG O . -23.86 33.70 17.54
C8 NAG O . -22.47 34.25 17.68
N2 NAG O . -24.38 33.12 18.63
O3 NAG O . -26.72 34.53 17.78
O4 NAG O . -29.10 34.00 19.33
O5 NAG O . -27.14 30.94 19.79
O6 NAG O . -29.65 30.33 19.04
O7 NAG O . -24.49 33.76 16.48
C1 BMA O . -29.95 34.25 18.19
C2 BMA O . -31.19 35.03 18.69
C3 BMA O . -32.05 35.46 17.49
C4 BMA O . -31.21 36.15 16.42
C5 BMA O . -30.04 35.23 16.01
C6 BMA O . -29.14 35.86 14.97
O2 BMA O . -30.80 36.22 19.36
O3 BMA O . -33.12 36.32 17.91
O4 BMA O . -32.01 36.42 15.28
O5 BMA O . -29.26 34.98 17.18
O6 BMA O . -28.09 34.95 14.69
C1 MAN O . -28.13 34.61 13.29
C2 MAN O . -28.50 33.10 13.17
C3 MAN O . -27.31 32.22 13.58
C4 MAN O . -26.03 32.66 12.87
C5 MAN O . -25.77 34.14 13.16
C6 MAN O . -24.52 34.68 12.48
O2 MAN O . -28.80 32.73 11.83
O3 MAN O . -27.56 30.85 13.34
O4 MAN O . -24.93 31.90 13.32
O5 MAN O . -26.89 34.91 12.67
O6 MAN O . -23.45 33.78 12.75
C1 NAG P . -23.12 16.46 37.99
C2 NAG P . -23.68 17.52 37.06
C3 NAG P . -23.25 18.91 37.52
C4 NAG P . -23.59 19.12 39.00
C5 NAG P . -23.09 17.96 39.84
C6 NAG P . -23.57 18.03 41.28
C7 NAG P . -23.86 16.41 34.88
C8 NAG P . -23.29 16.29 33.50
N2 NAG P . -23.26 17.29 35.69
O3 NAG P . -23.91 19.89 36.72
O4 NAG P . -22.96 20.30 39.45
O5 NAG P . -23.57 16.71 39.32
O6 NAG P . -23.07 19.18 41.94
O7 NAG P . -24.82 15.73 35.25
C1 NAG P . -23.89 21.36 39.73
C2 NAG P . -23.08 22.64 39.90
C3 NAG P . -24.02 23.82 40.18
C4 NAG P . -25.08 23.92 39.10
C5 NAG P . -25.80 22.59 38.95
C6 NAG P . -26.79 22.58 37.79
C7 NAG P . -22.40 22.17 42.21
C8 NAG P . -21.25 22.07 43.17
N2 NAG P . -22.10 22.51 40.96
O3 NAG P . -23.25 25.02 40.23
O4 NAG P . -26.02 24.94 39.44
O5 NAG P . -24.86 21.54 38.68
O6 NAG P . -27.34 23.88 37.59
O7 NAG P . -23.56 21.95 42.56
C1 NAG Q . -8.05 11.17 41.34
C2 NAG Q . -6.63 11.72 41.38
C3 NAG Q . -6.05 11.64 42.79
C4 NAG Q . -6.99 12.33 43.78
C5 NAG Q . -8.38 11.71 43.67
C6 NAG Q . -9.40 12.38 44.56
C7 NAG Q . -4.79 11.58 39.75
C8 NAG Q . -4.02 10.68 38.84
N2 NAG Q . -5.78 10.99 40.44
O3 NAG Q . -4.78 12.27 42.82
O4 NAG Q . -6.49 12.16 45.10
O5 NAG Q . -8.85 11.85 42.33
O6 NAG Q . -10.71 11.93 44.26
O7 NAG Q . -4.54 12.77 39.87
C1 NAG Q . -6.19 13.46 45.65
C2 NAG Q . -6.00 13.30 47.16
C3 NAG Q . -5.61 14.64 47.78
C4 NAG Q . -4.40 15.23 47.07
C5 NAG Q . -4.68 15.32 45.57
C6 NAG Q . -3.49 15.82 44.78
C7 NAG Q . -7.46 11.47 47.85
C8 NAG Q . -8.74 11.09 48.54
N2 NAG Q . -7.19 12.77 47.79
O3 NAG Q . -5.30 14.44 49.17
O4 NAG Q . -4.13 16.54 47.58
O5 NAG Q . -5.01 14.03 45.07
O6 NAG Q . -2.66 16.68 45.56
O7 NAG Q . -6.71 10.62 47.38
C1 NAG R . -12.43 7.21 49.83
C2 NAG R . -12.42 8.72 49.69
C3 NAG R . -11.86 9.35 50.96
C4 NAG R . -12.61 8.84 52.19
C5 NAG R . -12.68 7.32 52.19
C6 NAG R . -13.58 6.77 53.28
C7 NAG R . -12.20 9.33 47.32
C8 NAG R . -11.24 9.74 46.24
N2 NAG R . -11.65 9.13 48.53
O3 NAG R . -12.01 10.77 50.87
O4 NAG R . -11.93 9.26 53.36
O5 NAG R . -13.22 6.84 50.95
O6 NAG R . -14.64 6.01 52.73
O7 NAG R . -13.40 9.19 47.12
C1 NAG R . -12.63 10.36 53.98
C2 NAG R . -12.24 10.39 55.45
C3 NAG R . -12.92 11.57 56.15
C4 NAG R . -12.63 12.86 55.42
C5 NAG R . -12.99 12.73 53.94
C6 NAG R . -12.62 13.94 53.12
C7 NAG R . -11.86 8.65 57.13
C8 NAG R . -12.34 7.35 57.69
N2 NAG R . -12.56 9.14 56.11
O3 NAG R . -12.45 11.66 57.49
O4 NAG R . -13.38 13.93 55.99
O5 NAG R . -12.32 11.61 53.36
O6 NAG R . -11.24 14.26 53.28
O7 NAG R . -10.88 9.23 57.59
C1 NAG S . 7.60 34.41 13.04
C2 NAG S . 7.75 35.87 12.63
C3 NAG S . 8.98 36.47 13.31
C4 NAG S . 8.97 36.18 14.81
C5 NAG S . 8.62 34.72 15.12
C6 NAG S . 8.38 34.47 16.59
C7 NAG S . 8.77 35.37 10.44
C8 NAG S . 8.71 35.64 8.97
N2 NAG S . 7.85 36.01 11.19
O3 NAG S . 9.01 37.87 13.08
O4 NAG S . 10.28 36.42 15.34
O5 NAG S . 7.43 34.33 14.41
O6 NAG S . 7.57 33.31 16.78
O7 NAG S . 9.60 34.63 10.94
C1 NAG S . 10.46 37.80 15.70
C2 NAG S . 11.70 37.86 16.59
C3 NAG S . 11.99 39.30 17.00
C4 NAG S . 12.09 40.18 15.75
C5 NAG S . 10.85 40.02 14.89
C6 NAG S . 10.95 40.77 13.57
C7 NAG S . 12.55 36.55 18.48
C8 NAG S . 12.19 35.70 19.67
N2 NAG S . 11.53 37.02 17.77
O3 NAG S . 13.20 39.35 17.73
O4 NAG S . 12.23 41.54 16.14
O5 NAG S . 10.66 38.63 14.56
O6 NAG S . 12.15 40.46 12.89
O7 NAG S . 13.72 36.80 18.19
C1 NAG T . -4.89 6.60 43.95
C2 NAG T . -4.38 7.71 43.04
C3 NAG T . -3.07 8.29 43.56
C4 NAG T . -3.22 8.71 45.02
C5 NAG T . -3.77 7.56 45.85
C6 NAG T . -4.06 7.93 47.28
C7 NAG T . -5.14 7.22 40.75
C8 NAG T . -4.77 6.67 39.41
N2 NAG T . -4.19 7.21 41.68
O3 NAG T . -2.72 9.42 42.78
O4 NAG T . -1.94 9.06 45.54
O5 NAG T . -5.01 7.11 45.28
O6 NAG T . -3.76 6.88 48.17
O7 NAG T . -6.27 7.66 40.98
C1 NAG T . -1.76 10.49 45.59
C2 NAG T . -0.50 10.77 46.40
C3 NAG T . -0.23 12.27 46.45
C4 NAG T . -0.17 12.85 45.03
C5 NAG T . -1.44 12.47 44.26
C6 NAG T . -1.39 12.89 42.81
C7 NAG T . -0.40 8.95 48.04
C8 NAG T . -0.56 8.55 49.47
N2 NAG T . -0.62 10.23 47.75
O3 NAG T . 1.00 12.51 47.11
O4 NAG T . -0.05 14.26 45.09
O5 NAG T . -1.62 11.05 44.28
O6 NAG T . -2.49 13.71 42.47
O7 NAG T . -0.09 8.13 47.17
C1 BMA T . 1.26 14.66 44.63
C2 BMA T . 1.23 16.19 44.38
C3 BMA T . 2.64 16.70 44.08
C4 BMA T . 3.66 16.18 45.09
C5 BMA T . 3.59 14.65 45.18
C6 BMA T . 4.55 14.07 46.21
O2 BMA T . 0.80 16.87 45.55
O3 BMA T . 2.68 18.13 44.03
O4 BMA T . 4.97 16.57 44.69
O5 BMA T . 2.25 14.30 45.58
O6 BMA T . 3.86 14.03 47.45
C1 MAN T . 2.84 18.56 42.66
C2 MAN T . 3.75 19.81 42.67
C3 MAN T . 3.00 21.01 43.25
C4 MAN T . 1.64 21.18 42.56
C5 MAN T . 0.83 19.90 42.68
C6 MAN T . -0.51 19.96 41.99
O2 MAN T . 4.12 20.19 41.34
O3 MAN T . 3.77 22.21 43.14
O4 MAN T . 0.93 22.25 43.17
O5 MAN T . 1.58 18.82 42.08
O6 MAN T . -0.29 20.09 40.59
C1 MAN T . 4.84 13.91 48.52
C2 MAN T . 4.48 12.65 49.33
C3 MAN T . 3.18 12.87 50.10
C4 MAN T . 3.24 14.17 50.91
C5 MAN T . 3.58 15.34 49.98
C6 MAN T . 3.71 16.66 50.73
O2 MAN T . 5.48 12.37 50.32
O3 MAN T . 2.89 11.77 50.96
O4 MAN T . 1.99 14.41 51.54
O5 MAN T . 4.83 15.08 49.32
O6 MAN T . 3.82 17.70 49.76
C1 NAG U . 1.84 29.73 33.72
C2 NAG U . 1.44 29.66 35.18
C3 NAG U . 2.49 28.89 35.98
C4 NAG U . 2.74 27.53 35.34
C5 NAG U . 3.03 27.68 33.85
C6 NAG U . 3.13 26.34 33.13
C7 NAG U . 2.19 31.95 35.71
C8 NAG U . 1.82 33.26 36.32
N2 NAG U . 1.25 30.99 35.74
O3 NAG U . 2.03 28.73 37.32
O4 NAG U . 3.85 26.92 35.96
O5 NAG U . 1.99 28.42 33.20
O6 NAG U . 4.22 26.32 32.22
O7 NAG U . 3.29 31.76 35.19
C1 NAG U . 3.40 25.90 36.88
C2 NAG U . 4.64 25.27 37.53
C3 NAG U . 4.21 24.21 38.55
C4 NAG U . 3.23 24.81 39.55
C5 NAG U . 2.06 25.47 38.82
C6 NAG U . 1.11 26.18 39.76
C7 NAG U . 6.64 25.29 36.12
C8 NAG U . 7.43 24.56 35.08
N2 NAG U . 5.52 24.70 36.54
O3 NAG U . 5.36 23.72 39.23
O4 NAG U . 2.74 23.78 40.41
O5 NAG U . 2.55 26.45 37.90
O6 NAG U . 1.80 27.11 40.59
O7 NAG U . 7.00 26.38 36.55
C1 NAG V . -4.06 -21.28 37.04
C2 NAG V . -3.08 -22.17 36.26
C3 NAG V . -2.30 -23.05 37.23
C4 NAG V . -1.62 -22.21 38.30
C5 NAG V . -2.65 -21.31 38.99
C6 NAG V . -2.02 -20.34 39.96
C7 NAG V . -4.79 -23.81 35.58
C8 NAG V . -5.38 -24.57 34.43
N2 NAG V . -3.78 -22.99 35.28
O3 NAG V . -1.32 -23.79 36.51
O4 NAG V . -0.99 -23.04 39.26
O5 NAG V . -3.33 -20.52 38.01
O6 NAG V . -1.45 -19.23 39.27
O7 NAG V . -5.19 -23.95 36.73
C1 NAG V . 0.42 -22.79 39.27
C2 NAG V . 0.99 -23.23 40.62
C3 NAG V . 2.50 -23.02 40.65
C4 NAG V . 3.16 -23.70 39.47
C5 NAG V . 2.51 -23.26 38.17
C6 NAG V . 3.04 -24.00 36.96
C7 NAG V . -0.10 -23.11 42.82
C8 NAG V . -0.73 -22.22 43.84
N2 NAG V . 0.34 -22.51 41.71
O3 NAG V . 3.01 -23.55 41.88
O4 NAG V . 4.55 -23.38 39.44
O5 NAG V . 1.09 -23.50 38.22
O6 NAG V . 4.30 -23.51 36.56
O7 NAG V . 0.00 -24.33 43.00
C1 BMA V . 5.34 -24.58 39.61
C2 BMA V . 6.83 -24.18 39.45
C3 BMA V . 7.74 -25.37 39.78
C4 BMA V . 7.34 -26.01 41.12
C5 BMA V . 5.86 -26.38 41.11
C6 BMA V . 5.38 -27.01 42.40
O2 BMA V . 7.17 -23.13 40.34
O3 BMA V . 9.11 -24.99 39.81
O4 BMA V . 8.12 -27.18 41.35
O5 BMA V . 5.10 -25.17 40.88
O6 BMA V . 4.06 -27.51 42.20
C1 NAG W . -34.65 -34.86 22.78
C2 NAG W . -35.09 -35.56 21.48
C3 NAG W . -36.60 -35.55 21.34
C4 NAG W . -37.27 -36.12 22.59
C5 NAG W . -36.80 -35.34 23.82
C6 NAG W . -37.34 -35.90 25.11
C7 NAG W . -34.71 -33.69 19.91
C8 NAG W . -33.99 -33.24 18.69
N2 NAG W . -34.47 -34.94 20.32
O3 NAG W . -36.99 -36.30 20.20
O4 NAG W . -38.69 -36.03 22.48
O5 NAG W . -35.36 -35.41 23.91
O6 NAG W . -37.24 -37.32 25.15
O7 NAG W . -35.47 -32.95 20.52
C1 NAG W . -39.21 -37.30 22.10
C2 NAG W . -40.60 -37.46 22.71
C3 NAG W . -41.23 -38.78 22.28
C4 NAG W . -41.21 -38.91 20.77
C5 NAG W . -39.79 -38.71 20.23
C6 NAG W . -39.71 -38.70 18.73
C7 NAG W . -41.48 -36.75 24.89
C8 NAG W . -41.26 -36.74 26.37
N2 NAG W . -40.55 -37.36 24.16
O3 NAG W . -42.57 -38.84 22.75
O4 NAG W . -41.67 -40.20 20.38
O5 NAG W . -39.29 -37.43 20.68
O6 NAG W . -40.84 -39.35 18.15
O7 NAG W . -42.47 -36.21 24.37
C1 NAG X . -4.52 34.31 22.57
C2 NAG X . -5.81 35.00 23.02
C3 NAG X . -6.34 35.90 21.91
C4 NAG X . -5.27 36.86 21.44
C5 NAG X . -4.00 36.09 21.05
C6 NAG X . -2.84 36.99 20.69
C7 NAG X . -6.93 33.55 24.65
C8 NAG X . -8.02 32.54 24.87
N2 NAG X . -6.81 34.02 23.40
O3 NAG X . -7.47 36.62 22.39
O4 NAG X . -5.73 37.60 20.32
O5 NAG X . -3.57 35.30 22.16
O6 NAG X . -1.98 36.36 19.75
O7 NAG X . -6.19 33.90 25.56
C1 NAG X . -5.90 38.98 20.72
C2 NAG X . -5.68 39.89 19.50
C3 NAG X . -5.89 41.34 19.89
C4 NAG X . -7.24 41.54 20.55
C5 NAG X . -7.42 40.56 21.70
C6 NAG X . -8.80 40.60 22.31
C7 NAG X . -4.11 38.90 17.89
C8 NAG X . -2.68 38.81 17.45
N2 NAG X . -4.35 39.69 18.94
O3 NAG X . -5.79 42.16 18.73
O4 NAG X . -7.34 42.87 21.05
O5 NAG X . -7.22 39.21 21.25
O6 NAG X . -9.80 40.24 21.36
O7 NAG X . -5.00 38.28 17.32
C1 BMA X . -8.38 43.58 20.34
C2 BMA X . -8.55 44.95 21.02
C3 BMA X . -9.52 45.84 20.22
C4 BMA X . -9.16 45.84 18.72
C5 BMA X . -9.04 44.40 18.20
C6 BMA X . -8.64 44.34 16.74
O2 BMA X . -7.31 45.64 21.08
O3 BMA X . -9.52 47.18 20.71
O4 BMA X . -10.16 46.53 18.00
O5 BMA X . -8.05 43.73 18.97
O6 BMA X . -7.32 44.87 16.62
C1 MAN X . -10.20 47.23 21.98
C2 MAN X . -11.38 48.24 21.85
C3 MAN X . -10.85 49.66 21.77
C4 MAN X . -9.86 49.95 22.91
C5 MAN X . -8.72 48.91 22.87
C6 MAN X . -7.71 49.08 23.98
O2 MAN X . -12.22 48.20 23.00
O3 MAN X . -11.91 50.62 21.79
O4 MAN X . -9.32 51.25 22.77
O5 MAN X . -9.30 47.60 23.00
O6 MAN X . -6.60 48.25 23.70
C1 MAN X . -6.91 44.80 15.24
C2 MAN X . -5.39 44.48 15.23
C3 MAN X . -4.59 45.69 15.70
C4 MAN X . -5.00 46.95 14.91
C5 MAN X . -6.51 47.18 15.07
C6 MAN X . -7.02 48.38 14.30
O2 MAN X . -4.93 44.19 13.91
O3 MAN X . -3.19 45.48 15.57
O4 MAN X . -4.30 48.08 15.41
O5 MAN X . -7.20 46.01 14.58
O6 MAN X . -6.95 48.06 12.91
C1 NAG Y . -29.01 1.64 27.97
C2 NAG Y . -29.35 1.76 26.49
C3 NAG Y . -30.85 1.92 26.31
C4 NAG Y . -31.59 0.77 26.99
C5 NAG Y . -31.16 0.68 28.45
C6 NAG Y . -31.74 -0.52 29.16
C7 NAG Y . -27.56 2.70 25.10
C8 NAG Y . -26.95 3.95 24.56
N2 NAG Y . -28.63 2.87 25.88
O3 NAG Y . -31.16 1.94 24.92
O4 NAG Y . -32.99 0.97 26.91
O5 NAG Y . -29.73 0.55 28.54
O6 NAG Y . -31.00 -1.70 28.85
O7 NAG Y . -27.10 1.59 24.84
C1 NAG Y . -33.55 -0.14 26.20
C2 NAG Y . -35.01 -0.34 26.62
C3 NAG Y . -35.62 -1.50 25.83
C4 NAG Y . -35.44 -1.27 24.33
C5 NAG Y . -33.98 -1.01 24.01
C6 NAG Y . -33.74 -0.66 22.55
C7 NAG Y . -35.37 0.30 28.99
C8 NAG Y . -35.57 1.72 28.53
N2 NAG Y . -35.11 -0.61 28.05
O3 NAG Y . -37.00 -1.60 26.14
O4 NAG Y . -35.90 -2.40 23.60
O5 NAG Y . -33.49 0.08 24.79
O6 NAG Y . -33.72 -1.83 21.73
O7 NAG Y . -35.43 0.01 30.18
C1 BMA Y . -36.81 -1.93 22.58
C2 BMA Y . -37.03 -3.07 21.55
C3 BMA Y . -38.07 -2.63 20.53
C4 BMA Y . -39.34 -2.11 21.23
C5 BMA Y . -38.99 -1.01 22.23
C6 BMA Y . -40.19 -0.51 23.02
O2 BMA Y . -37.53 -4.23 22.18
O3 BMA Y . -38.41 -3.67 19.62
O4 BMA Y . -40.24 -1.60 20.25
O5 BMA Y . -38.05 -1.55 23.17
O6 BMA Y . -40.24 -1.24 24.24
C1 MAN Y . -37.33 -3.95 18.71
C2 MAN Y . -37.51 -3.09 17.43
C3 MAN Y . -38.70 -3.59 16.63
C4 MAN Y . -38.60 -5.10 16.38
C5 MAN Y . -38.47 -5.83 17.73
C6 MAN Y . -38.30 -7.33 17.56
O2 MAN Y . -36.38 -3.22 16.56
O3 MAN Y . -38.84 -2.90 15.39
O4 MAN Y . -39.77 -5.55 15.71
O5 MAN Y . -37.29 -5.33 18.41
O6 MAN Y . -39.31 -7.79 16.66
C1 MAN Y . -41.62 -1.59 24.51
C2 MAN Y . -41.93 -1.15 25.97
C3 MAN Y . -41.20 -2.05 26.97
C4 MAN Y . -41.48 -3.53 26.65
C5 MAN Y . -41.08 -3.84 25.21
C6 MAN Y . -41.36 -5.27 24.81
O2 MAN Y . -43.32 -1.27 26.26
O3 MAN Y . -41.56 -1.74 28.31
O4 MAN Y . -40.75 -4.36 27.55
O5 MAN Y . -41.82 -2.99 24.33
O6 MAN Y . -40.72 -5.52 23.56
C1 NAG Z . 10.00 36.82 -21.07
C2 NAG Z . 10.59 37.08 -22.46
C3 NAG Z . 12.06 36.65 -22.50
C4 NAG Z . 12.84 37.25 -21.34
C5 NAG Z . 12.13 36.97 -20.01
C6 NAG Z . 12.79 37.63 -18.83
C7 NAG Z . 8.66 36.81 -23.95
C8 NAG Z . 8.02 35.97 -25.01
N2 NAG Z . 9.83 36.39 -23.48
O3 NAG Z . 12.63 37.08 -23.73
O4 NAG Z . 14.13 36.63 -21.27
O5 NAG Z . 10.79 37.46 -20.08
O6 NAG Z . 12.65 39.04 -18.88
O7 NAG Z . 8.11 37.83 -23.52
C1 NAG Z . 15.17 37.41 -21.88
C2 NAG Z . 16.34 36.44 -22.04
C3 NAG Z . 17.52 37.12 -22.73
C4 NAG Z . 17.05 37.71 -24.05
C5 NAG Z . 15.90 38.68 -23.80
C6 NAG Z . 15.34 39.28 -25.06
C7 NAG Z . 16.50 34.64 -20.37
C8 NAG Z . 16.98 34.26 -19.01
N2 NAG Z . 16.74 35.90 -20.75
O3 NAG Z . 18.55 36.18 -22.95
O4 NAG Z . 18.12 38.34 -24.76
O5 NAG Z . 14.83 37.97 -23.16
O6 NAG Z . 13.98 39.66 -24.90
O7 NAG Z . 15.93 33.84 -21.11
C1 BMA Z . 18.82 39.37 -24.04
C2 BMA Z . 20.32 38.99 -24.05
C3 BMA Z . 21.18 40.15 -23.56
C4 BMA Z . 20.78 41.46 -24.23
C5 BMA Z . 19.30 41.71 -24.00
C6 BMA Z . 18.82 43.02 -24.62
O2 BMA Z . 20.73 38.71 -25.39
O3 BMA Z . 22.57 39.89 -23.78
O4 BMA Z . 21.54 42.54 -23.69
O5 BMA Z . 18.57 40.64 -24.61
O6 BMA Z . 19.66 44.07 -24.15
C1 NAG AA . -9.57 31.34 -4.44
C2 NAG AA . -10.78 31.84 -3.64
C3 NAG AA . -11.84 32.41 -4.58
C4 NAG AA . -11.23 33.48 -5.45
C5 NAG AA . -10.06 32.89 -6.23
C6 NAG AA . -9.35 33.91 -7.10
C7 NAG AA . -10.92 30.51 -1.58
C8 NAG AA . -11.61 29.38 -0.88
N2 NAG AA . -11.34 30.77 -2.83
O3 NAG AA . -12.90 32.94 -3.82
O4 NAG AA . -12.20 34.02 -6.34
O5 NAG AA . -9.08 32.38 -5.32
O6 NAG AA . -8.95 35.05 -6.34
O7 NAG AA . -10.02 31.16 -1.05
C1 NAG AA . -12.18 35.47 -6.22
C2 NAG AA . -13.20 36.07 -7.19
C3 NAG AA . -13.21 37.59 -7.06
C4 NAG AA . -13.43 38.01 -5.61
C5 NAG AA . -12.42 37.30 -4.70
C6 NAG AA . -12.67 37.57 -3.23
C7 NAG AA . -11.74 35.91 -9.17
C8 NAG AA . -11.65 35.43 -10.59
N2 NAG AA . -12.91 35.67 -8.56
O3 NAG AA . -14.25 38.13 -7.88
O4 NAG AA . -13.25 39.41 -5.48
O5 NAG AA . -12.50 35.88 -4.88
O6 NAG AA . -13.88 36.97 -2.79
O7 NAG AA . -10.83 36.50 -8.61
C1 BMA AA . -14.53 40.06 -5.37
C2 BMA AA . -14.58 40.77 -3.99
C3 BMA AA . -15.80 41.68 -3.90
C4 BMA AA . -15.93 42.57 -5.14
C5 BMA AA . -15.94 41.70 -6.39
C6 BMA AA . -16.07 42.50 -7.68
O2 BMA AA . -13.43 41.59 -3.81
O3 BMA AA . -15.76 42.49 -2.73
O4 BMA AA . -17.12 43.34 -5.07
O5 BMA AA . -14.71 40.97 -6.44
O6 BMA AA . -16.32 41.59 -8.75
C1 NAG BA . -41.02 7.55 -28.41
C2 NAG BA . -41.93 8.71 -28.05
C3 NAG BA . -43.01 8.24 -27.08
C4 NAG BA . -43.75 7.04 -27.66
C5 NAG BA . -42.77 5.96 -28.09
C6 NAG BA . -43.43 4.81 -28.82
C7 NAG BA . -40.68 10.82 -28.21
C8 NAG BA . -39.94 11.87 -27.45
N2 NAG BA . -41.18 9.81 -27.48
O3 NAG BA . -43.93 9.30 -26.84
O4 NAG BA . -44.62 6.50 -26.66
O5 NAG BA . -41.79 6.50 -28.99
O6 NAG BA . -43.38 5.00 -30.23
O7 NAG BA . -40.83 10.87 -29.42
C1 NAG BA . -46.01 6.82 -26.89
C2 NAG BA . -46.72 6.68 -25.54
C3 NAG BA . -48.21 7.01 -25.70
C4 NAG BA . -48.38 8.37 -26.36
C5 NAG BA . -47.60 8.44 -27.66
C6 NAG BA . -47.63 9.81 -28.30
C7 NAG BA . -45.73 5.10 -23.96
C8 NAG BA . -45.66 3.66 -23.52
N2 NAG BA . -46.55 5.36 -24.99
O3 NAG BA . -48.83 6.99 -24.42
O4 NAG BA . -49.76 8.60 -26.63
O5 NAG BA . -46.21 8.14 -27.42
O6 NAG BA . -46.52 10.60 -27.90
O7 NAG BA . -45.04 5.97 -23.43
C1 NAG CA . -11.67 12.94 -33.95
C2 NAG CA . -10.69 13.63 -33.00
C3 NAG CA . -9.50 14.17 -33.79
C4 NAG CA . -8.86 13.07 -34.62
C5 NAG CA . -9.91 12.38 -35.49
C6 NAG CA . -9.36 11.19 -36.23
C7 NAG CA . -11.52 14.68 -30.94
C8 NAG CA . -12.21 15.87 -30.35
N2 NAG CA . -11.34 14.69 -32.26
O3 NAG CA . -8.55 14.72 -32.88
O4 NAG CA . -7.85 13.63 -35.44
O5 NAG CA . -11.00 11.92 -34.67
O6 NAG CA . -9.84 9.97 -35.66
O7 NAG CA . -11.13 13.74 -30.25
C1 NAG CA . -6.55 13.12 -35.07
C2 NAG CA . -5.60 13.31 -36.25
C3 NAG CA . -4.21 12.82 -35.88
C4 NAG CA . -3.73 13.48 -34.60
C5 NAG CA . -4.75 13.30 -33.49
C6 NAG CA . -4.41 14.06 -32.22
C7 NAG CA . -6.51 13.27 -38.52
C8 NAG CA . -6.99 12.39 -39.65
N2 NAG CA . -6.10 12.63 -37.43
O3 NAG CA . -3.31 13.10 -36.94
O4 NAG CA . -2.49 12.91 -34.19
O5 NAG CA . -6.04 13.79 -33.92
O6 NAG CA . -5.54 14.73 -31.70
O7 NAG CA . -6.52 14.49 -38.60
C1 BMA CA . -1.42 13.85 -34.43
C2 BMA CA . -0.17 13.32 -33.67
C3 BMA CA . 1.06 14.16 -34.02
C4 BMA CA . 1.20 14.34 -35.53
C5 BMA CA . -0.10 14.89 -36.12
C6 BMA CA . -0.04 15.07 -37.63
O2 BMA CA . 0.12 11.99 -34.06
O3 BMA CA . 2.24 13.58 -33.49
O4 BMA CA . 2.26 15.23 -35.82
O5 BMA CA . -1.16 13.98 -35.82
O6 BMA CA . -1.24 15.69 -38.05
C1 MAN CA . 2.58 14.23 -32.25
C2 MAN CA . 4.09 13.99 -32.00
C3 MAN CA . 4.34 12.53 -31.65
C4 MAN CA . 3.40 12.07 -30.51
C5 MAN CA . 1.95 12.32 -30.92
C6 MAN CA . 0.96 11.95 -29.83
O2 MAN CA . 4.55 14.74 -30.86
O3 MAN CA . 5.69 12.29 -31.29
O4 MAN CA . 3.60 10.68 -30.26
O5 MAN CA . 1.78 13.73 -31.19
O6 MAN CA . 1.23 12.77 -28.69
C1 NAG DA . -11.16 21.20 -43.22
C2 NAG DA . -11.80 21.89 -44.42
C3 NAG DA . -11.86 20.92 -45.60
C4 NAG DA . -10.50 20.32 -45.88
C5 NAG DA . -9.91 19.72 -44.61
C6 NAG DA . -8.49 19.22 -44.79
C7 NAG DA . -13.34 23.59 -43.56
C8 NAG DA . -14.77 23.94 -43.29
N2 NAG DA . -13.12 22.38 -44.09
O3 NAG DA . -12.34 21.62 -46.74
O4 NAG DA . -10.61 19.32 -46.88
O5 NAG DA . -9.87 20.69 -43.57
O6 NAG DA . -7.56 20.12 -44.22
O7 NAG DA . -12.42 24.36 -43.29
C1 NAG DA . -10.03 19.80 -48.11
C2 NAG DA . -9.52 18.60 -48.91
C3 NAG DA . -8.94 19.07 -50.25
C4 NAG DA . -9.96 19.91 -51.00
C5 NAG DA . -10.46 21.05 -50.12
C6 NAG DA . -11.58 21.85 -50.76
C7 NAG DA . -8.70 16.63 -47.70
C8 NAG DA . -7.56 16.03 -46.93
N2 NAG DA . -8.51 17.87 -48.14
O3 NAG DA . -8.57 17.94 -51.01
O4 NAG DA . -9.38 20.45 -52.18
O5 NAG DA . -10.99 20.52 -48.89
O6 NAG DA . -11.51 21.78 -52.18
O7 NAG DA . -9.74 16.01 -47.89
C1 NAG EA . 8.13 25.87 -35.84
C2 NAG EA . 8.02 25.58 -37.34
C3 NAG EA . 9.03 24.49 -37.74
C4 NAG EA . 10.43 24.87 -37.27
C5 NAG EA . 10.42 25.19 -35.78
C6 NAG EA . 11.76 25.68 -35.27
C7 NAG EA . 5.82 25.98 -38.34
C8 NAG EA . 4.47 25.41 -38.64
N2 NAG EA . 6.68 25.18 -37.70
O3 NAG EA . 9.01 24.32 -39.15
O4 NAG EA . 11.33 23.80 -37.52
O5 NAG EA . 9.46 26.22 -35.50
O6 NAG EA . 12.66 25.98 -36.34
O7 NAG EA . 6.11 27.14 -38.65
C1 NAG EA . 12.10 24.08 -38.70
C2 NAG EA . 13.55 23.67 -38.45
C3 NAG EA . 14.40 23.89 -39.69
C4 NAG EA . 13.78 23.18 -40.89
C5 NAG EA . 12.33 23.61 -41.05
C6 NAG EA . 11.60 22.86 -42.15
C7 NAG EA . 14.83 23.82 -36.34
C8 NAG EA . 15.32 24.73 -35.26
N2 NAG EA . 14.11 24.40 -37.31
O3 NAG EA . 15.72 23.39 -39.46
O4 NAG EA . 14.50 23.50 -42.07
O5 NAG EA . 11.60 23.36 -39.84
O6 NAG EA . 11.66 21.46 -41.94
O7 NAG EA . 15.08 22.62 -36.35
C1 BMA EA . 15.15 22.31 -42.57
C2 BMA EA . 15.46 22.52 -44.07
C3 BMA EA . 16.29 21.36 -44.61
C4 BMA EA . 17.51 21.08 -43.70
C5 BMA EA . 17.04 20.87 -42.26
C6 BMA EA . 18.19 20.62 -41.30
O2 BMA EA . 16.23 23.70 -44.27
O3 BMA EA . 16.73 21.60 -45.94
O4 BMA EA . 18.19 19.92 -44.15
O5 BMA EA . 16.35 22.06 -41.83
O6 BMA EA . 17.66 20.56 -39.98
C1 MAN EA . 18.33 19.50 -39.26
C2 MAN EA . 17.34 18.29 -39.19
C3 MAN EA . 16.20 18.58 -38.23
C4 MAN EA . 16.73 19.07 -36.88
C5 MAN EA . 17.62 20.30 -37.09
C6 MAN EA . 18.21 20.84 -35.81
O2 MAN EA . 17.99 17.12 -38.70
O3 MAN EA . 15.36 17.44 -38.05
O4 MAN EA . 15.65 19.40 -36.02
O5 MAN EA . 18.70 19.93 -37.96
O6 MAN EA . 17.16 20.98 -34.86
C1 NAG FA . -10.42 29.36 -41.19
C2 NAG FA . -8.96 29.12 -41.59
C3 NAG FA . -8.21 30.44 -41.68
C4 NAG FA . -8.95 31.44 -42.56
C5 NAG FA . -10.40 31.57 -42.10
C6 NAG FA . -11.23 32.45 -43.00
C7 NAG FA . -8.40 26.88 -40.74
C8 NAG FA . -7.66 26.10 -39.70
N2 NAG FA . -8.31 28.22 -40.67
O3 NAG FA . -6.91 30.21 -42.19
O4 NAG FA . -8.32 32.71 -42.48
O5 NAG FA . -11.03 30.28 -42.09
O6 NAG FA . -11.67 33.61 -42.32
O7 NAG FA . -9.05 26.33 -41.63
C1 NAG FA . -7.61 33.01 -43.69
C2 NAG FA . -6.77 34.25 -43.43
C3 NAG FA . -5.94 34.61 -44.67
C4 NAG FA . -5.13 33.41 -45.13
C5 NAG FA . -6.04 32.21 -45.33
C6 NAG FA . -5.28 30.94 -45.67
C7 NAG FA . -8.61 35.85 -43.76
C8 NAG FA . -9.35 37.01 -43.19
N2 NAG FA . -7.60 35.38 -43.03
O3 NAG FA . -5.08 35.70 -44.37
O4 NAG FA . -4.48 33.71 -46.36
O5 NAG FA . -6.76 31.93 -44.11
O6 NAG FA . -3.88 31.18 -45.75
O7 NAG FA . -8.91 35.35 -44.84
C1 NAG GA . -19.04 35.26 -28.89
C2 NAG GA . -18.71 36.25 -27.78
C3 NAG GA . -19.67 37.44 -27.81
C4 NAG GA . -19.69 38.07 -29.19
C5 NAG GA . -20.02 37.01 -30.24
C6 NAG GA . -19.98 37.53 -31.65
C7 NAG GA . -17.92 35.91 -25.48
C8 NAG GA . -18.10 35.14 -24.21
N2 NAG GA . -18.75 35.60 -26.48
O3 NAG GA . -19.27 38.40 -26.85
O4 NAG GA . -20.67 39.11 -29.25
O5 NAG GA . -19.06 35.94 -30.15
O6 NAG GA . -19.44 36.57 -32.55
O7 NAG GA . -17.06 36.78 -25.59
C1 NAG GA . -20.01 40.36 -29.57
C2 NAG GA . -21.07 41.33 -30.08
C3 NAG GA . -20.45 42.68 -30.38
C4 NAG GA . -19.67 43.19 -29.17
C5 NAG GA . -18.67 42.14 -28.71
C6 NAG GA . -17.93 42.53 -27.45
C7 NAG GA . -22.89 40.12 -31.20
C8 NAG GA . -23.44 39.66 -32.51
N2 NAG GA . -21.75 40.81 -31.25
O3 NAG GA . -21.46 43.62 -30.72
O4 NAG GA . -18.98 44.39 -29.49
O5 NAG GA . -19.35 40.91 -28.43
O6 NAG GA . -17.51 43.88 -27.48
O7 NAG GA . -23.44 39.87 -30.13
C1 NAG HA . -26.33 37.08 -35.32
C2 NAG HA . -25.06 37.70 -35.88
C3 NAG HA . -25.24 39.22 -36.02
C4 NAG HA . -26.48 39.52 -36.85
C5 NAG HA . -27.69 38.80 -36.27
C6 NAG HA . -28.92 38.95 -37.13
C7 NAG HA . -22.83 36.74 -35.44
C8 NAG HA . -21.76 36.52 -34.43
N2 NAG HA . -23.92 37.41 -35.02
O3 NAG HA . -24.09 39.77 -36.65
O4 NAG HA . -26.72 40.92 -36.85
O5 NAG HA . -27.43 37.39 -36.17
O6 NAG HA . -29.03 37.88 -38.06
O7 NAG HA . -22.73 36.34 -36.60
C1 NAG HA . -26.41 41.45 -38.16
C2 NAG HA . -27.22 42.73 -38.36
C3 NAG HA . -26.89 43.37 -39.70
C4 NAG HA . -25.38 43.59 -39.82
C5 NAG HA . -24.64 42.29 -39.56
C6 NAG HA . -23.14 42.45 -39.56
C7 NAG HA . -29.53 43.31 -37.72
C8 NAG HA . -30.96 42.85 -37.71
N2 NAG HA . -28.65 42.45 -38.27
O3 NAG HA . -27.58 44.61 -39.82
O4 NAG HA . -25.06 44.07 -41.12
O5 NAG HA . -25.01 41.76 -38.28
O6 NAG HA . -22.76 43.81 -39.51
O7 NAG HA . -29.19 44.38 -37.26
C1 NAG IA . -16.47 11.34 -40.25
C2 NAG IA . -15.60 10.14 -39.93
C3 NAG IA . -15.13 9.46 -41.21
C4 NAG IA . -16.33 9.12 -42.09
C5 NAG IA . -17.18 10.36 -42.33
C6 NAG IA . -18.45 10.07 -43.08
C7 NAG IA . -13.60 11.48 -39.45
C8 NAG IA . -12.49 11.74 -38.48
N2 NAG IA . -14.46 10.52 -39.11
O3 NAG IA . -14.42 8.27 -40.89
O4 NAG IA . -15.88 8.62 -43.34
O5 NAG IA . -17.57 10.94 -41.08
O6 NAG IA . -19.49 9.66 -42.21
O7 NAG IA . -13.71 12.12 -40.50
C1 NAG IA . -16.28 7.23 -43.44
C2 NAG IA . -16.02 6.76 -44.88
C3 NAG IA . -16.37 5.28 -45.01
C4 NAG IA . -15.63 4.46 -43.96
C5 NAG IA . -15.90 5.03 -42.58
C6 NAG IA . -15.10 4.34 -41.49
C7 NAG IA . -16.36 8.73 -46.30
C8 NAG IA . -17.28 9.41 -47.27
N2 NAG IA . -16.78 7.55 -45.83
O3 NAG IA . -16.02 4.83 -46.32
O4 NAG IA . -16.07 3.11 -44.01
O5 NAG IA . -15.53 6.42 -42.53
O6 NAG IA . -13.73 4.73 -41.53
O7 NAG IA . -15.30 9.22 -45.95
C1 NAG JA . 14.18 35.24 -6.92
C2 NAG JA . 15.22 36.01 -7.70
C3 NAG JA . 15.87 37.05 -6.79
C4 NAG JA . 14.82 37.89 -6.07
C5 NAG JA . 13.65 37.07 -5.54
C6 NAG JA . 12.45 37.92 -5.17
C7 NAG JA . 16.97 34.28 -7.58
C8 NAG JA . 17.95 33.47 -8.36
N2 NAG JA . 16.22 35.14 -8.29
O3 NAG JA . 16.73 37.88 -7.56
O4 NAG JA . 15.44 38.48 -4.93
O5 NAG JA . 13.17 36.12 -6.52
O6 NAG JA . 11.78 38.40 -6.33
O7 NAG JA . 16.84 34.15 -6.37
C1 NAG JA . 15.44 39.94 -4.81
C2 NAG JA . 16.82 40.40 -5.27
C3 NAG JA . 16.93 41.91 -5.14
C4 NAG JA . 15.78 42.59 -5.88
C5 NAG JA . 14.44 42.03 -5.41
C6 NAG JA . 13.27 42.59 -6.18
C7 NAG JA . 19.04 39.38 -5.05
C8 NAG JA . 20.01 38.71 -4.12
N2 NAG JA . 17.87 39.74 -4.51
O3 NAG JA . 18.17 42.35 -5.67
O4 NAG JA . 15.81 44.00 -5.63
O5 NAG JA . 14.41 40.61 -5.58
O6 NAG JA . 13.08 41.89 -7.41
O7 NAG JA . 19.31 39.59 -6.23
C1 NAG KA . -24.50 35.31 -26.17
C2 NAG KA . -23.10 35.69 -25.75
C3 NAG KA . -23.14 36.92 -24.83
C4 NAG KA . -23.87 38.05 -25.53
C5 NAG KA . -25.25 37.58 -25.99
C6 NAG KA . -26.00 38.62 -26.80
C7 NAG KA . -22.94 33.96 -24.01
C8 NAG KA . -22.11 32.83 -23.46
N2 NAG KA . -22.43 34.58 -25.08
O3 NAG KA . -21.81 37.32 -24.54
O4 NAG KA . -24.03 39.15 -24.64
O5 NAG KA . -25.12 36.43 -26.83
O6 NAG KA . -26.25 38.16 -28.12
O7 NAG KA . -23.99 34.28 -23.51
C1 NAG KA . -23.12 40.21 -24.99
C2 NAG KA . -23.63 41.51 -24.39
C3 NAG KA . -22.66 42.66 -24.70
C4 NAG KA . -21.25 42.29 -24.26
C5 NAG KA . -20.84 40.96 -24.88
C6 NAG KA . -19.49 40.47 -24.41
C7 NAG KA . -26.07 41.49 -24.21
C8 NAG KA . -27.37 41.90 -24.85
N2 NAG KA . -24.96 41.84 -24.87
O3 NAG KA . -23.09 43.83 -24.02
O4 NAG KA . -20.34 43.30 -24.64
O5 NAG KA . -21.79 39.94 -24.53
O6 NAG KA . -19.34 40.63 -23.00
O7 NAG KA . -26.04 40.88 -23.14
C1 BMA KA . -19.82 43.96 -23.47
C2 BMA KA . -18.42 44.51 -23.80
C3 BMA KA . -17.90 45.37 -22.64
C4 BMA KA . -18.95 46.40 -22.21
C5 BMA KA . -20.27 45.68 -21.87
C6 BMA KA . -21.37 46.64 -21.44
O2 BMA KA . -18.46 45.34 -24.94
O3 BMA KA . -16.69 46.03 -22.99
O4 BMA KA . -18.49 47.12 -21.08
O5 BMA KA . -20.70 44.99 -23.05
O6 BMA KA . -22.43 45.88 -20.88
C1 NAG LA . -1.33 44.20 -19.81
C2 NAG LA . -1.60 45.65 -20.23
C3 NAG LA . -2.74 46.25 -19.40
C4 NAG LA . -3.97 45.35 -19.46
C5 NAG LA . -3.60 43.93 -19.03
C6 NAG LA . -4.74 42.96 -19.14
C7 NAG LA . 0.51 46.55 -21.09
C8 NAG LA . 1.68 47.43 -20.81
N2 NAG LA . -0.41 46.46 -20.12
O3 NAG LA . -3.06 47.54 -19.90
O4 NAG LA . -4.98 45.86 -18.60
O5 NAG LA . -2.55 43.44 -19.88
O6 NAG LA . -5.47 43.15 -20.35
O7 NAG LA . 0.40 45.93 -22.15
C1 NAG LA . -5.98 46.58 -19.37
C2 NAG LA . -6.81 47.42 -18.40
C3 NAG LA . -7.85 48.21 -19.17
C4 NAG LA . -7.21 49.03 -20.28
C5 NAG LA . -6.35 48.12 -21.16
C6 NAG LA . -5.58 48.88 -22.22
C7 NAG LA . -7.29 46.78 -16.08
C8 NAG LA . -8.01 45.82 -15.19
N2 NAG LA . -7.44 46.59 -17.39
O3 NAG LA . -8.54 49.08 -18.27
O4 NAG LA . -8.20 49.66 -21.08
O5 NAG LA . -5.39 47.43 -20.37
O6 NAG LA . -4.81 49.93 -21.65
O7 NAG LA . -6.60 47.70 -15.64
C1 NAG MA . -43.33 15.59 -18.72
C2 NAG MA . -43.91 14.98 -17.46
C3 NAG MA . -45.30 15.55 -17.17
C4 NAG MA . -45.24 17.08 -17.13
C5 NAG MA . -44.60 17.61 -18.41
C6 NAG MA . -44.38 19.10 -18.38
C7 NAG MA . -44.62 12.88 -18.51
C8 NAG MA . -44.57 11.38 -18.45
N2 NAG MA . -43.97 13.52 -17.55
O3 NAG MA . -45.77 15.06 -15.93
O4 NAG MA . -46.55 17.60 -17.02
O5 NAG MA . -43.31 17.02 -18.60
O6 NAG MA . -44.58 19.69 -19.66
O7 NAG MA . -45.23 13.47 -19.40
C1 NAG MA . -46.65 18.37 -15.79
C2 NAG MA . -47.74 19.43 -15.96
C3 NAG MA . -47.90 20.23 -14.67
C4 NAG MA . -48.13 19.29 -13.49
C5 NAG MA . -47.02 18.23 -13.42
C6 NAG MA . -47.27 17.20 -12.35
C7 NAG MA . -47.70 20.00 -18.34
C8 NAG MA . -47.32 21.03 -19.37
N2 NAG MA . -47.44 20.32 -17.07
O3 NAG MA . -48.99 21.13 -14.80
O4 NAG MA . -48.13 20.03 -12.28
O5 NAG MA . -46.95 17.53 -14.67
O6 NAG MA . -47.10 17.75 -11.06
O7 NAG MA . -48.19 18.92 -18.66
C1 BMA MA . -49.47 20.38 -11.91
C2 BMA MA . -49.63 20.19 -10.39
C3 BMA MA . -50.98 20.72 -9.91
C4 BMA MA . -51.25 22.12 -10.46
C5 BMA MA . -51.12 22.13 -11.97
C6 BMA MA . -51.35 23.50 -12.58
O2 BMA MA . -48.63 20.92 -9.69
O3 BMA MA . -51.08 20.70 -8.50
O4 BMA MA . -52.56 22.54 -10.09
O5 BMA MA . -49.77 21.72 -12.30
O6 BMA MA . -51.39 23.36 -14.00
C1 NAG NA . 23.66 14.05 -13.62
C2 NAG NA . 23.58 14.41 -15.12
C3 NAG NA . 24.65 13.64 -15.91
C4 NAG NA . 26.02 13.86 -15.30
C5 NAG NA . 26.00 13.47 -13.83
C6 NAG NA . 27.30 13.73 -13.12
C7 NAG NA . 21.84 14.60 -16.82
C8 NAG NA . 20.44 14.21 -17.21
N2 NAG NA . 22.25 14.14 -15.64
O3 NAG NA . 24.64 14.08 -17.26
O4 NAG NA . 26.99 13.08 -15.99
O5 NAG NA . 25.00 14.25 -13.15
O6 NAG NA . 27.52 15.12 -12.92
O7 NAG NA . 22.55 15.29 -17.55
C1 NAG NA . 28.10 13.93 -16.38
C2 NAG NA . 29.18 13.08 -17.04
C3 NAG NA . 30.34 13.96 -17.50
C4 NAG NA . 29.84 15.11 -18.37
C5 NAG NA . 28.70 15.86 -17.68
C6 NAG NA . 28.07 16.90 -18.57
C7 NAG NA . 30.20 12.27 -14.96
C8 NAG NA . 30.63 11.08 -14.17
N2 NAG NA . 29.65 12.03 -16.15
O3 NAG NA . 31.28 13.17 -18.23
O4 NAG NA . 30.90 16.02 -18.61
O5 NAG NA . 27.67 14.94 -17.30
O6 NAG NA . 28.28 18.21 -18.06
O7 NAG NA . 30.35 13.42 -14.53
C1 BMA NA . 31.36 15.93 -19.97
C2 BMA NA . 31.28 17.36 -20.58
C3 BMA NA . 32.05 17.45 -21.90
C4 BMA NA . 33.44 16.83 -21.75
C5 BMA NA . 33.28 15.38 -21.31
C6 BMA NA . 34.61 14.64 -21.21
O2 BMA NA . 31.87 18.31 -19.70
O3 BMA NA . 32.15 18.79 -22.35
O4 BMA NA . 34.12 16.90 -22.99
O5 BMA NA . 32.68 15.40 -20.01
O6 BMA NA . 34.34 13.26 -21.01
C1 NAG OA . 21.66 -30.12 -28.20
C2 NAG OA . 22.40 -29.63 -29.44
C3 NAG OA . 21.50 -29.76 -30.67
C4 NAG OA . 21.00 -31.20 -30.80
C5 NAG OA . 20.35 -31.66 -29.49
C6 NAG OA . 19.98 -33.13 -29.50
C7 NAG OA . 24.10 -27.89 -29.14
C8 NAG OA . 24.37 -26.42 -28.97
N2 NAG OA . 22.82 -28.24 -29.27
O3 NAG OA . 22.23 -29.40 -31.84
O4 NAG OA . 20.04 -31.27 -31.84
O5 NAG OA . 21.26 -31.48 -28.39
O6 NAG OA . 20.93 -33.91 -28.80
O7 NAG OA . 25.02 -28.71 -29.13
C1 NAG OA . 20.59 -31.91 -33.02
C2 NAG OA . 19.64 -31.61 -34.19
C3 NAG OA . 20.18 -32.23 -35.46
C4 NAG OA . 21.61 -31.79 -35.71
C5 NAG OA . 22.48 -32.06 -34.48
C6 NAG OA . 23.88 -31.52 -34.61
C7 NAG OA . 17.21 -31.33 -34.04
C8 NAG OA . 15.90 -31.99 -33.71
N2 NAG OA . 18.30 -32.09 -33.90
O3 NAG OA . 19.36 -31.86 -36.57
O4 NAG OA . 22.16 -32.48 -36.83
O5 NAG OA . 21.90 -31.42 -33.33
O6 NAG OA . 24.09 -30.40 -33.76
O7 NAG OA . 17.26 -30.16 -34.40
C1 NAG PA . 25.73 -18.57 -0.56
C2 NAG PA . 25.53 -17.14 -0.07
C3 NAG PA . 26.22 -16.93 1.28
C4 NAG PA . 25.76 -17.99 2.28
C5 NAG PA . 26.00 -19.37 1.69
C6 NAG PA . 25.49 -20.48 2.59
C7 NAG PA . 25.26 -15.21 -1.57
C8 NAG PA . 25.95 -14.32 -2.56
N2 NAG PA . 26.02 -16.19 -1.05
O3 NAG PA . 25.90 -15.63 1.76
O4 NAG PA . 26.49 -17.85 3.50
O5 NAG PA . 25.31 -19.49 0.45
O6 NAG PA . 24.68 -21.40 1.85
O7 NAG PA . 24.09 -15.05 -1.26
C1 NAG PA . 25.63 -17.22 4.47
C2 NAG PA . 25.89 -17.85 5.84
C3 NAG PA . 25.04 -17.14 6.91
C4 NAG PA . 25.28 -15.64 6.87
C5 NAG PA . 25.05 -15.11 5.46
C6 NAG PA . 25.36 -13.65 5.32
C7 NAG PA . 26.56 -20.21 5.68
C8 NAG PA . 26.09 -21.63 5.71
N2 NAG PA . 25.61 -19.27 5.83
O3 NAG PA . 25.39 -17.66 8.20
O4 NAG PA . 24.40 -14.98 7.77
O5 NAG PA . 25.88 -15.82 4.53
O6 NAG PA . 26.71 -13.44 4.92
O7 NAG PA . 27.74 -19.91 5.55
C1 BMA PA . 25.19 -14.35 8.80
C2 BMA PA . 24.28 -13.39 9.59
C3 BMA PA . 25.01 -12.85 10.82
C4 BMA PA . 25.71 -13.95 11.60
C5 BMA PA . 26.60 -14.79 10.67
C6 BMA PA . 27.30 -15.93 11.38
O2 BMA PA . 23.14 -14.08 10.08
O3 BMA PA . 24.13 -12.14 11.68
O4 BMA PA . 26.52 -13.39 12.64
O5 BMA PA . 25.77 -15.33 9.65
O6 BMA PA . 28.21 -16.54 10.47
C1 MAN PA . 24.08 -10.76 11.30
C2 MAN PA . 23.78 -9.93 12.58
C3 MAN PA . 22.34 -10.15 13.03
C4 MAN PA . 21.36 -9.93 11.86
C5 MAN PA . 21.74 -10.85 10.70
C6 MAN PA . 20.85 -10.68 9.49
O2 MAN PA . 23.90 -8.53 12.34
O3 MAN PA . 22.00 -9.31 14.12
O4 MAN PA . 20.04 -10.21 12.28
O5 MAN PA . 23.09 -10.56 10.30
O6 MAN PA . 20.93 -9.32 9.07
C1 NAG QA . 37.42 -20.22 2.98
C2 NAG QA . 38.69 -20.97 2.62
C3 NAG QA . 38.64 -22.39 3.15
C4 NAG QA . 38.31 -22.40 4.64
C5 NAG QA . 37.06 -21.57 4.91
C6 NAG QA . 36.75 -21.43 6.39
C7 NAG QA . 39.59 -20.05 0.52
C8 NAG QA . 39.69 -20.22 -0.96
N2 NAG QA . 38.89 -20.99 1.17
O3 NAG QA . 39.88 -23.03 2.92
O4 NAG QA . 38.08 -23.74 5.09
O5 NAG QA . 37.23 -20.26 4.39
O6 NAG QA . 35.76 -20.43 6.60
O7 NAG QA . 40.13 -19.11 1.11
C1 NAG QA . 39.18 -24.16 5.91
C2 NAG QA . 38.71 -25.37 6.73
C3 NAG QA . 39.85 -25.90 7.60
C4 NAG QA . 41.08 -26.19 6.73
C5 NAG QA . 41.45 -24.95 5.91
C6 NAG QA . 42.58 -25.21 4.95
C7 NAG QA . 36.31 -25.04 7.10
C8 NAG QA . 35.25 -24.65 8.09
N2 NAG QA . 37.56 -25.02 7.55
O3 NAG QA . 39.44 -27.08 8.26
O4 NAG QA . 42.18 -26.55 7.56
O5 NAG QA . 40.33 -24.53 5.13
O6 NAG QA . 43.84 -25.09 5.59
O7 NAG QA . 36.04 -25.36 5.95
C1 NAG RA . 34.41 -4.21 15.70
C2 NAG RA . 35.01 -5.45 16.36
C3 NAG RA . 34.22 -5.81 17.63
C4 NAG RA . 34.12 -4.59 18.55
C5 NAG RA . 33.54 -3.41 17.79
C6 NAG RA . 33.51 -2.14 18.61
C7 NAG RA . 36.10 -7.38 15.29
C8 NAG RA . 35.94 -8.48 14.30
N2 NAG RA . 35.04 -6.57 15.45
O3 NAG RA . 34.87 -6.88 18.29
O4 NAG RA . 33.30 -4.90 19.67
O5 NAG RA . 34.35 -3.13 16.64
O6 NAG RA . 34.81 -1.63 18.84
O7 NAG RA . 37.13 -7.21 15.93
C1 NAG RA . 34.15 -5.04 20.83
C2 NAG RA . 33.37 -4.61 22.06
C3 NAG RA . 34.22 -4.80 23.31
C4 NAG RA . 34.74 -6.22 23.39
C5 NAG RA . 35.46 -6.60 22.10
C6 NAG RA . 35.90 -8.04 22.06
C7 NAG RA . 31.74 -2.80 22.37
C8 NAG RA . 31.46 -1.34 22.17
N2 NAG RA . 32.93 -3.22 21.94
O3 NAG RA . 33.44 -4.50 24.47
O4 NAG RA . 35.66 -6.34 24.48
O5 NAG RA . 34.58 -6.40 20.98
O6 NAG RA . 34.78 -8.92 22.17
O7 NAG RA . 30.93 -3.55 22.90
C1 BMA RA . 35.02 -7.05 25.56
C2 BMA RA . 36.03 -8.09 26.11
C3 BMA RA . 35.47 -8.75 27.37
C4 BMA RA . 34.94 -7.70 28.37
C5 BMA RA . 33.92 -6.79 27.67
C6 BMA RA . 33.37 -5.71 28.58
O2 BMA RA . 37.24 -7.45 26.49
O3 BMA RA . 36.44 -9.58 28.01
O4 BMA RA . 34.32 -8.35 29.47
O5 BMA RA . 34.59 -6.15 26.58
O6 BMA RA . 32.62 -4.79 27.80
C1 MAN RA . 31.36 -4.55 28.45
C2 MAN RA . 30.27 -5.31 27.64
C3 MAN RA . 30.00 -4.61 26.31
C4 MAN RA . 29.76 -3.10 26.52
C5 MAN RA . 30.95 -2.49 27.25
C6 MAN RA . 30.79 -1.02 27.53
O2 MAN RA . 29.01 -5.30 28.33
O3 MAN RA . 28.91 -5.18 25.61
O4 MAN RA . 29.60 -2.47 25.26
O5 MAN RA . 31.11 -3.16 28.52
O6 MAN RA . 30.29 -0.39 26.35
C1 NAG SA . 42.65 -14.04 1.47
C2 NAG SA . 42.33 -13.84 2.95
C3 NAG SA . 43.28 -12.83 3.56
C4 NAG SA . 44.73 -13.23 3.29
C5 NAG SA . 44.95 -13.48 1.80
C6 NAG SA . 46.32 -14.02 1.49
C7 NAG SA . 39.92 -14.27 3.21
C8 NAG SA . 38.57 -13.65 3.39
N2 NAG SA . 40.95 -13.42 3.13
O3 NAG SA . 43.06 -12.75 4.96
O4 NAG SA . 45.60 -12.18 3.71
O5 NAG SA . 44.00 -14.46 1.33
O6 NAG SA . 47.09 -13.07 0.76
O7 NAG SA . 40.08 -15.48 3.15
C1 NAG SA . 46.46 -12.67 4.76
C2 NAG SA . 47.46 -11.57 5.11
C3 NAG SA . 48.35 -12.02 6.26
C4 NAG SA . 47.51 -12.47 7.44
C5 NAG SA . 46.50 -13.53 7.00
C6 NAG SA . 45.55 -13.93 8.11
C7 NAG SA . 48.99 -12.08 3.26
C8 NAG SA . 49.75 -11.52 2.09
N2 NAG SA . 48.25 -11.20 3.95
O3 NAG SA . 49.20 -10.94 6.64
O4 NAG SA . 48.34 -13.01 8.45
O5 NAG SA . 45.70 -13.02 5.93
O6 NAG SA . 46.00 -13.48 9.38
O7 NAG SA . 49.05 -13.27 3.55
C1 NAG TA . 41.90 -5.39 -12.32
C2 NAG TA . 41.94 -3.96 -12.85
C3 NAG TA . 43.00 -3.84 -13.94
C4 NAG TA . 44.34 -4.37 -13.46
C5 NAG TA . 44.18 -5.77 -12.88
C6 NAG TA . 45.45 -6.31 -12.26
C7 NAG TA . 40.18 -2.31 -13.29
C8 NAG TA . 38.82 -2.07 -13.86
N2 NAG TA . 40.64 -3.56 -13.36
O3 NAG TA . 43.14 -2.47 -14.32
O4 NAG TA . 45.26 -4.42 -14.54
O5 NAG TA . 43.18 -5.76 -11.86
O6 NAG TA . 45.39 -7.72 -12.11
O7 NAG TA . 40.82 -1.40 -12.77
C1 NAG TA . 46.39 -3.58 -14.29
C2 NAG TA . 47.51 -4.00 -15.25
C3 NAG TA . 48.72 -3.10 -15.08
C4 NAG TA . 48.32 -1.63 -15.19
C5 NAG TA . 47.19 -1.32 -14.23
C6 NAG TA . 46.66 0.09 -14.35
C7 NAG TA . 47.20 -6.41 -15.63
C8 NAG TA . 47.70 -7.78 -15.32
N2 NAG TA . 47.86 -5.39 -15.06
O3 NAG TA . 49.70 -3.42 -16.06
O4 NAG TA . 49.44 -0.80 -14.90
O5 NAG TA . 46.08 -2.20 -14.47
O6 NAG TA . 47.26 0.77 -15.45
O7 NAG TA . 46.23 -6.21 -16.35
C1 NAG UA . 48.22 -13.27 -16.77
C2 NAG UA . 48.77 -12.30 -17.81
C3 NAG UA . 50.29 -12.34 -17.81
C4 NAG UA . 50.85 -12.12 -16.40
C5 NAG UA . 50.19 -13.08 -15.41
C6 NAG UA . 50.56 -12.79 -13.98
C7 NAG UA . 47.87 -11.65 -20.00
C8 NAG UA . 47.36 -12.15 -21.32
N2 NAG UA . 48.25 -12.59 -19.13
O3 NAG UA . 50.79 -11.33 -18.68
O4 NAG UA . 52.25 -12.37 -16.39
O5 NAG UA . 48.76 -12.96 -15.49
O6 NAG UA . 49.89 -11.65 -13.49
O7 NAG UA . 47.91 -10.46 -19.72
C1 NAG UA . 52.98 -11.18 -16.71
C2 NAG UA . 54.05 -10.96 -15.65
C3 NAG UA . 54.90 -9.75 -15.98
C4 NAG UA . 55.46 -9.86 -17.40
C5 NAG UA . 54.33 -10.12 -18.39
C6 NAG UA . 54.83 -10.36 -19.80
C7 NAG UA . 54.08 -11.18 -13.20
C8 NAG UA . 53.32 -10.96 -11.93
N2 NAG UA . 53.46 -10.83 -14.33
O3 NAG UA . 55.96 -9.64 -15.05
O4 NAG UA . 56.14 -8.66 -17.75
O5 NAG UA . 53.59 -11.28 -18.00
O6 NAG UA . 53.75 -10.48 -20.72
O7 NAG UA . 55.22 -11.65 -13.21
C1 NAG VA . 28.53 -25.88 -1.68
C2 NAG VA . 27.39 -25.76 -0.69
C3 NAG VA . 27.45 -26.89 0.34
C4 NAG VA . 27.53 -28.24 -0.36
C5 NAG VA . 28.67 -28.25 -1.37
C6 NAG VA . 28.73 -29.52 -2.20
C7 NAG VA . 28.45 -24.01 0.67
C8 NAG VA . 28.28 -22.66 1.30
N2 NAG VA . 27.40 -24.47 -0.02
O3 NAG VA . 26.32 -26.84 1.18
O4 NAG VA . 27.75 -29.27 0.59
O5 NAG VA . 28.51 -27.16 -2.30
O6 NAG VA . 28.65 -29.22 -3.59
O7 NAG VA . 29.48 -24.66 0.80
C1 NAG VA . 26.62 -30.16 0.59
C2 NAG VA . 27.00 -31.42 1.37
C3 NAG VA . 25.82 -32.39 1.45
C4 NAG VA . 24.61 -31.67 2.02
C5 NAG VA . 24.31 -30.41 1.21
C6 NAG VA . 23.19 -29.58 1.80
C7 NAG VA . 29.42 -31.79 1.09
C8 NAG VA . 30.48 -32.56 0.37
N2 NAG VA . 28.16 -32.08 0.76
O3 NAG VA . 26.17 -33.50 2.26
O4 NAG VA . 23.47 -32.53 1.96
O5 NAG VA . 25.48 -29.56 1.20
O6 NAG VA . 23.67 -28.63 2.75
O7 NAG VA . 29.69 -30.95 1.94
C1 NAG WA . 25.23 24.95 6.92
C2 NAG WA . 26.18 25.20 5.77
C3 NAG WA . 27.24 26.22 6.17
C4 NAG WA . 26.59 27.49 6.69
C5 NAG WA . 25.58 27.16 7.79
C6 NAG WA . 24.77 28.36 8.23
C7 NAG WA . 26.79 23.52 4.07
C8 NAG WA . 27.50 22.22 3.82
N2 NAG WA . 26.82 23.96 5.34
O3 NAG WA . 28.07 26.51 5.05
O4 NAG WA . 27.57 28.37 7.20
O5 NAG WA . 24.63 26.18 7.32
O6 NAG WA . 23.47 28.33 7.66
O7 NAG WA . 26.25 24.15 3.17
C1 NAG WA . 27.93 29.35 6.20
C2 NAG WA . 28.25 30.67 6.91
C3 NAG WA . 28.73 31.71 5.90
C4 NAG WA . 29.87 31.17 5.07
C5 NAG WA . 29.47 29.84 4.43
C6 NAG WA . 30.59 29.19 3.65
C7 NAG WA . 26.98 31.06 8.98
C8 NAG WA . 25.72 31.63 9.56
N2 NAG WA . 27.11 31.16 7.65
O3 NAG WA . 29.14 32.89 6.59
O4 NAG WA . 30.20 32.11 4.04
O5 NAG WA . 29.07 28.92 5.45
O6 NAG WA . 31.79 29.16 4.41
O7 NAG WA . 27.84 30.54 9.67
C1 BMA WA . 31.50 32.71 4.26
C2 BMA WA . 31.59 33.94 3.31
C3 BMA WA . 32.87 34.73 3.57
C4 BMA WA . 33.12 34.96 5.08
C5 BMA WA . 33.01 33.64 5.84
C6 BMA WA . 33.19 33.80 7.34
O2 BMA WA . 30.52 34.84 3.56
O3 BMA WA . 32.86 35.98 2.89
O4 BMA WA . 34.41 35.53 5.27
O5 BMA WA . 31.70 33.10 5.61
O6 BMA WA . 31.94 34.17 7.91
C1 MAN WA . 34.02 36.06 2.03
C2 MAN WA . 34.35 37.56 1.83
C3 MAN WA . 33.30 38.23 0.95
C4 MAN WA . 33.09 37.42 -0.35
C5 MAN WA . 32.70 35.98 0.01
C6 MAN WA . 32.51 35.10 -1.21
O2 MAN WA . 35.59 37.74 1.15
O3 MAN WA . 33.64 39.58 0.64
O4 MAN WA . 32.05 38.01 -1.12
O5 MAN WA . 33.76 35.40 0.79
O6 MAN WA . 31.96 33.87 -0.79
C1 MAN WA . 31.90 33.71 9.28
C2 MAN WA . 30.42 33.66 9.73
C3 MAN WA . 29.86 35.08 9.87
C4 MAN WA . 30.79 35.93 10.76
C5 MAN WA . 32.21 35.91 10.18
C6 MAN WA . 33.21 36.68 11.03
O2 MAN WA . 30.27 33.05 11.00
O3 MAN WA . 28.55 35.09 10.40
O4 MAN WA . 30.32 37.26 10.81
O5 MAN WA . 32.68 34.55 10.10
O6 MAN WA . 34.46 36.69 10.35
C1 NAG XA . 41.33 -5.89 -18.49
C2 NAG XA . 40.95 -4.56 -17.85
C3 NAG XA . 41.65 -3.41 -18.57
C4 NAG XA . 43.15 -3.68 -18.68
C5 NAG XA . 43.43 -5.06 -19.24
C6 NAG XA . 44.89 -5.44 -19.21
C7 NAG XA . 38.72 -4.63 -16.82
C8 NAG XA . 37.26 -4.35 -17.02
N2 NAG XA . 39.52 -4.36 -17.87
O3 NAG XA . 41.43 -2.21 -17.87
O4 NAG XA . 43.74 -2.72 -19.57
O5 NAG XA . 42.73 -6.05 -18.47
O6 NAG XA . 45.06 -6.86 -19.16
O7 NAG XA . 39.16 -5.06 -15.76
C1 NAG XA . 44.69 -1.90 -18.89
C2 NAG XA . 45.59 -1.27 -19.96
C3 NAG XA . 46.59 -0.31 -19.32
C4 NAG XA . 45.86 0.71 -18.47
C5 NAG XA . 44.97 0.01 -17.45
C6 NAG XA . 44.13 0.96 -16.64
C7 NAG XA . 45.75 -2.94 -21.76
C8 NAG XA . 46.61 -3.97 -22.42
N2 NAG XA . 46.29 -2.30 -20.72
O3 NAG XA . 47.34 0.34 -20.34
O4 NAG XA . 46.80 1.53 -17.79
O5 NAG XA . 44.07 -0.87 -18.13
O6 NAG XA . 44.87 2.13 -16.29
O7 NAG XA . 44.61 -2.69 -22.15
C1 BMA XA . 47.02 2.79 -18.47
C2 BMA XA . 48.40 3.34 -18.02
C3 BMA XA . 48.74 4.61 -18.79
C4 BMA XA . 48.54 4.43 -20.31
C5 BMA XA . 47.12 3.90 -20.58
C6 BMA XA . 46.84 3.67 -22.05
O2 BMA XA . 49.43 2.40 -18.29
O3 BMA XA . 50.08 5.03 -18.53
O4 BMA XA . 48.73 5.66 -20.97
O5 BMA XA . 46.98 2.65 -19.89
O6 BMA XA . 45.43 3.73 -22.25
C1 NAG YA . 34.87 12.92 9.98
C2 NAG YA . 35.79 12.27 11.01
C3 NAG YA . 35.28 12.53 12.43
C4 NAG YA . 35.04 14.02 12.66
C5 NAG YA . 34.14 14.58 11.55
C6 NAG YA . 33.97 16.07 11.64
C7 NAG YA . 36.90 10.28 10.09
C8 NAG YA . 36.85 8.79 9.96
N2 NAG YA . 35.90 10.83 10.78
O3 NAG YA . 36.23 12.05 13.36
O4 NAG YA . 34.39 14.21 13.91
O5 NAG YA . 34.74 14.31 10.27
O6 NAG YA . 35.01 16.76 10.95
O7 NAG YA . 37.81 10.95 9.60
C1 NAG YA . 35.20 15.01 14.78
C2 NAG YA . 34.49 15.07 16.13
C3 NAG YA . 35.32 15.89 17.13
C4 NAG YA . 36.72 15.32 17.22
C5 NAG YA . 37.35 15.24 15.83
C6 NAG YA . 38.71 14.58 15.83
C7 NAG YA . 32.91 16.85 15.49
C8 NAG YA . 31.47 17.27 15.43
N2 NAG YA . 33.15 15.64 16.00
O3 NAG YA . 34.69 15.84 18.40
O4 NAG YA . 37.53 16.15 18.06
O5 NAG YA . 36.51 14.47 14.96
O6 NAG YA . 38.66 13.29 16.45
O7 NAG YA . 33.81 17.59 15.11
C1 BMA YA . 37.91 15.37 19.21
C2 BMA YA . 39.29 15.89 19.70
C3 BMA YA . 39.67 15.18 21.00
C4 BMA YA . 38.53 15.22 22.02
C5 BMA YA . 37.23 14.69 21.39
C6 BMA YA . 36.04 14.73 22.33
O2 BMA YA . 39.24 17.28 19.99
O3 BMA YA . 40.85 15.74 21.59
O4 BMA YA . 38.86 14.44 23.15
O5 BMA YA . 36.94 15.48 20.24
O6 BMA YA . 36.03 16.00 22.97
C1 MAN YA . 42.00 15.32 20.83
C2 MAN YA . 42.85 14.39 21.75
C3 MAN YA . 43.50 15.21 22.86
C4 MAN YA . 44.24 16.42 22.29
C5 MAN YA . 43.27 17.26 21.45
C6 MAN YA . 43.94 18.46 20.80
O2 MAN YA . 43.92 13.78 21.02
O3 MAN YA . 44.39 14.41 23.64
O4 MAN YA . 44.75 17.22 23.35
O5 MAN YA . 42.74 16.44 20.40
O6 MAN YA . 42.92 19.27 20.21
C1 MAN YA . 35.17 16.90 22.24
C2 MAN YA . 35.89 18.26 22.13
C3 MAN YA . 35.94 18.94 23.51
C4 MAN YA . 34.54 18.98 24.14
C5 MAN YA . 33.97 17.56 24.21
C6 MAN YA . 32.55 17.52 24.78
O2 MAN YA . 35.18 19.17 21.28
O3 MAN YA . 36.48 20.26 23.43
O4 MAN YA . 34.62 19.53 25.46
O5 MAN YA . 33.92 17.01 22.88
O6 MAN YA . 32.15 16.15 24.86
C1 NAG ZA . -11.97 -55.63 9.25
C2 NAG ZA . -11.07 -56.16 8.14
C3 NAG ZA . -9.99 -57.07 8.72
C4 NAG ZA . -9.23 -56.35 9.83
C5 NAG ZA . -10.20 -55.82 10.87
C6 NAG ZA . -9.52 -54.99 11.94
C7 NAG ZA . -12.34 -56.27 6.04
C8 NAG ZA . -13.12 -57.14 5.12
N2 NAG ZA . -11.85 -56.86 7.14
O3 NAG ZA . -9.10 -57.45 7.68
O4 NAG ZA . -8.32 -57.25 10.45
O5 NAG ZA . -11.17 -54.96 10.25
O6 NAG ZA . -10.47 -54.28 12.72
O7 NAG ZA . -12.17 -55.07 5.82
C1 NAG AB . -8.50 -43.01 17.22
C2 NAG AB . -8.77 -43.47 18.65
C3 NAG AB . -7.89 -42.71 19.64
C4 NAG AB . -6.43 -42.80 19.23
C5 NAG AB . -6.24 -42.36 17.79
C6 NAG AB . -4.84 -42.55 17.28
C7 NAG AB . -10.89 -44.28 19.57
C8 NAG AB . -12.33 -43.94 19.85
N2 NAG AB . -10.17 -43.32 18.99
O3 NAG AB . -8.07 -43.25 20.94
O4 NAG AB . -5.63 -41.98 20.07
O5 NAG AB . -7.10 -43.14 16.93
O6 NAG AB . -4.82 -43.19 16.00
O7 NAG AB . -10.43 -45.37 19.86
C1 NAG BB . -29.11 -56.72 19.31
C2 NAG BB . -29.32 -56.74 20.82
C3 NAG BB . -29.33 -58.18 21.34
C4 NAG BB . -30.34 -59.01 20.56
C5 NAG BB . -30.08 -58.90 19.06
C6 NAG BB . -31.12 -59.61 18.23
C7 NAG BB . -28.60 -54.97 22.37
C8 NAG BB . -27.41 -54.27 22.98
N2 NAG BB . -28.30 -55.96 21.51
O3 NAG BB . -29.66 -58.18 22.72
O4 NAG BB . -30.23 -60.37 20.94
O5 NAG BB . -30.10 -57.51 18.66
O6 NAG BB . -32.22 -58.75 17.94
O7 NAG BB . -29.75 -54.66 22.64
C1 NAG CB . -17.37 -39.97 -42.90
C2 NAG CB . -18.77 -39.87 -43.49
C3 NAG CB . -18.69 -39.53 -44.97
C4 NAG CB . -17.85 -38.29 -45.18
C5 NAG CB . -16.49 -38.45 -44.51
C6 NAG CB . -15.64 -37.20 -44.57
C7 NAG CB . -20.32 -41.31 -42.24
C8 NAG CB . -21.01 -42.64 -42.20
N2 NAG CB . -19.52 -41.11 -43.29
O3 NAG CB . -20.01 -39.32 -45.48
O4 NAG CB . -17.65 -38.06 -46.57
O5 NAG CB . -16.67 -38.76 -43.12
O6 NAG CB . -14.34 -37.47 -45.07
O7 NAG CB . -20.50 -40.47 -41.38
C1 NAG DB . -4.92 -30.49 -39.39
C2 NAG DB . -4.00 -31.35 -40.24
C3 NAG DB . -2.77 -30.55 -40.66
C4 NAG DB . -3.18 -29.25 -41.33
C5 NAG DB . -4.14 -28.47 -40.44
C6 NAG DB . -4.69 -27.22 -41.10
C7 NAG DB . -4.03 -33.78 -39.88
C8 NAG DB . -3.52 -34.91 -39.05
N2 NAG DB . -3.61 -32.56 -39.54
O3 NAG DB . -1.97 -31.32 -41.55
O4 NAG DB . -2.03 -28.45 -41.60
O5 NAG DB . -5.27 -29.29 -40.10
O6 NAG DB . -5.78 -27.53 -41.96
O7 NAG DB . -4.78 -33.96 -40.83
C1 NAG EB . -4.11 -54.94 -37.76
C2 NAG EB . -3.47 -56.03 -36.90
C3 NAG EB . -2.02 -56.26 -37.31
C4 NAG EB . -1.91 -56.51 -38.80
C5 NAG EB . -2.59 -55.38 -39.57
C6 NAG EB . -2.63 -55.62 -41.06
C7 NAG EB . -3.41 -56.63 -34.52
C8 NAG EB . -3.53 -56.11 -33.11
N2 NAG EB . -3.56 -55.71 -35.49
O3 NAG EB . -1.48 -57.36 -36.60
O4 NAG EB . -0.54 -56.60 -39.20
O5 NAG EB . -3.95 -55.26 -39.15
O6 NAG EB . -1.39 -56.16 -41.53
O7 NAG EB . -3.20 -57.81 -34.77
C1 NAG FB . -24.03 1.47 50.40
C2 NAG FB . -23.51 2.58 51.32
C3 NAG FB . -23.23 2.02 52.70
C4 NAG FB . -24.44 1.30 53.25
C5 NAG FB . -24.93 0.26 52.25
C6 NAG FB . -26.21 -0.42 52.68
C7 NAG FB . -22.34 4.33 50.04
C8 NAG FB . -21.00 4.81 49.55
N2 NAG FB . -22.31 3.20 50.76
O3 NAG FB . -22.86 3.09 53.57
O4 NAG FB . -24.12 0.67 54.48
O5 NAG FB . -25.18 0.88 50.98
O6 NAG FB . -26.39 -1.67 52.01
O7 NAG FB . -23.37 4.94 49.82
C1 NAG GB . -20.46 -19.57 52.06
C2 NAG GB . -21.08 -20.96 52.18
C3 NAG GB . -22.28 -21.09 51.25
C4 NAG GB . -23.26 -19.95 51.49
C5 NAG GB . -22.56 -18.60 51.41
C6 NAG GB . -23.46 -17.44 51.77
C7 NAG GB . -19.41 -22.63 52.84
C8 NAG GB . -18.44 -23.67 52.36
N2 NAG GB . -20.10 -21.99 51.89
O3 NAG GB . -22.91 -22.34 51.45
O4 NAG GB . -24.30 -20.00 50.52
O5 NAG GB . -21.45 -18.58 52.33
O6 NAG GB . -24.80 -17.86 51.92
O7 NAG GB . -19.57 -22.39 54.04
C1 NAG HB . -14.54 36.38 31.24
C2 NAG HB . -15.16 37.77 31.25
C3 NAG HB . -16.05 37.96 30.02
C4 NAG HB . -15.25 37.65 28.75
C5 NAG HB . -14.61 36.27 28.85
C6 NAG HB . -13.71 35.95 27.68
C7 NAG HB . -15.42 38.53 33.57
C8 NAG HB . -16.36 38.69 34.73
N2 NAG HB . -15.94 37.99 32.46
O3 NAG HB . -16.52 39.29 29.97
O4 NAG HB . -16.10 37.69 27.62
O5 NAG HB . -13.80 36.18 30.03
O6 NAG HB . -14.19 34.83 26.94
O7 NAG HB . -14.24 38.88 33.63
C1 NAG IB . 1.45 -14.95 59.12
C2 NAG IB . 1.29 -16.39 59.62
C3 NAG IB . 1.73 -16.50 61.08
C4 NAG IB . 3.15 -15.96 61.24
C5 NAG IB . 3.23 -14.54 60.69
C6 NAG IB . 4.64 -13.98 60.72
C7 NAG IB . -1.13 -16.22 60.05
C8 NAG IB . -2.47 -16.83 59.79
N2 NAG IB . -0.09 -16.83 59.48
O3 NAG IB . 1.68 -17.86 61.49
O4 NAG IB . 3.51 -15.95 62.62
O5 NAG IB . 2.81 -14.53 59.32
O6 NAG IB . 4.97 -13.35 59.48
O7 NAG IB . -1.00 -15.21 60.74
C1 NAG JB . -54.22 -25.90 -6.97
C2 NAG JB . -54.10 -26.69 -5.65
C3 NAG JB . -55.24 -26.32 -4.71
C4 NAG JB . -55.32 -24.81 -4.52
C5 NAG JB . -55.41 -24.11 -5.87
C6 NAG JB . -55.36 -22.61 -5.75
C7 NAG JB . -52.94 -28.84 -5.89
C8 NAG JB . -53.10 -30.30 -6.16
N2 NAG JB . -54.07 -28.11 -5.90
O3 NAG JB . -55.04 -26.96 -3.45
O4 NAG JB . -56.45 -24.48 -3.73
O5 NAG JB . -54.29 -24.49 -6.68
O6 NAG JB . -54.30 -22.06 -6.51
O7 NAG JB . -51.84 -28.34 -5.68
C1 NAG KB . -49.99 -12.76 -8.52
C2 NAG KB . -50.51 -11.44 -9.09
C3 NAG KB . -51.02 -10.55 -7.97
C4 NAG KB . -52.04 -11.29 -7.12
C5 NAG KB . -51.46 -12.62 -6.63
C6 NAG KB . -52.46 -13.47 -5.88
C7 NAG KB . -49.29 -10.93 -11.15
C8 NAG KB . -48.17 -10.14 -11.78
N2 NAG KB . -49.47 -10.75 -9.85
O3 NAG KB . -51.61 -9.38 -8.51
O4 NAG KB . -52.41 -10.51 -5.99
O5 NAG KB . -51.02 -13.40 -7.75
O6 NAG KB . -52.75 -14.67 -6.58
O7 NAG KB . -49.99 -11.70 -11.82
C1 NAG LB . -59.41 -25.88 -26.40
C2 NAG LB . -60.02 -24.78 -27.28
C3 NAG LB . -61.54 -24.92 -27.30
C4 NAG LB . -61.94 -26.33 -27.71
C5 NAG LB . -61.26 -27.36 -26.83
C6 NAG LB . -61.52 -28.78 -27.26
C7 NAG LB . -59.52 -22.41 -27.61
C8 NAG LB . -59.11 -21.12 -26.96
N2 NAG LB . -59.63 -23.47 -26.81
O3 NAG LB . -62.09 -23.96 -28.20
O4 NAG LB . -63.36 -26.49 -27.59
O5 NAG LB . -59.83 -27.17 -26.88
O6 NAG LB . -60.40 -29.32 -27.96
O7 NAG LB . -59.76 -22.48 -28.82
C1 NAG MB . -41.60 -16.25 -36.82
C2 NAG MB . -40.95 -17.61 -37.00
C3 NAG MB . -41.27 -18.17 -38.38
C4 NAG MB . -42.78 -18.18 -38.61
C5 NAG MB . -43.36 -16.79 -38.35
C6 NAG MB . -44.86 -16.76 -38.43
C7 NAG MB . -38.74 -18.60 -36.59
C8 NAG MB . -37.27 -18.34 -36.40
N2 NAG MB . -39.51 -17.53 -36.80
O3 NAG MB . -40.76 -19.49 -38.49
O4 NAG MB . -43.06 -18.55 -39.95
O5 NAG MB . -43.01 -16.35 -37.03
O6 NAG MB . -45.46 -16.68 -37.14
O7 NAG MB . -39.20 -19.74 -36.56
C1 NAG NB . -30.40 28.41 -44.73
C2 NAG NB . -30.24 29.90 -45.03
C3 NAG NB . -31.60 30.57 -45.06
C4 NAG NB . -32.53 29.86 -46.04
C5 NAG NB . -32.59 28.37 -45.72
C6 NAG NB . -33.37 27.58 -46.73
C7 NAG NB . -28.08 30.81 -44.27
C8 NAG NB . -27.35 31.48 -43.14
N2 NAG NB . -29.37 30.54 -44.04
O3 NAG NB . -31.44 31.93 -45.44
O4 NAG NB . -33.84 30.41 -45.95
O5 NAG NB . -31.26 27.82 -45.71
O6 NAG NB . -32.57 26.60 -47.37
O7 NAG NB . -27.53 30.52 -45.32
C1 NAG OB . -46.87 19.02 -40.89
C2 NAG OB . -48.23 18.34 -40.81
C3 NAG OB . -48.10 16.85 -41.15
C4 NAG OB . -47.41 16.67 -42.50
C5 NAG OB . -46.07 17.43 -42.50
C6 NAG OB . -45.39 17.39 -43.84
C7 NAG OB . -50.12 18.65 -39.28
C8 NAG OB . -50.56 18.81 -37.86
N2 NAG OB . -48.82 18.51 -39.49
O3 NAG OB . -49.39 16.27 -41.19
O4 NAG OB . -47.16 15.30 -42.74
O5 NAG OB . -46.30 18.80 -42.19
O6 NAG OB . -44.52 18.50 -44.01
O7 NAG OB . -50.93 18.65 -40.21
C1 NAG PB . 7.38 40.04 -35.17
C2 NAG PB . 8.58 40.44 -36.02
C3 NAG PB . 9.44 39.22 -36.32
C4 NAG PB . 9.82 38.50 -35.03
C5 NAG PB . 8.57 38.19 -34.21
C6 NAG PB . 8.87 37.58 -32.86
C7 NAG PB . 8.10 42.41 -37.41
C8 NAG PB . 7.65 42.89 -38.75
N2 NAG PB . 8.16 41.08 -37.26
O3 NAG PB . 10.63 39.62 -37.01
O4 NAG PB . 10.50 37.29 -35.32
O5 NAG PB . 7.82 39.39 -33.98
O6 NAG PB . 9.98 36.69 -32.93
O7 NAG PB . 8.38 43.18 -36.49
C1 NAG QB . -49.75 37.64 -25.03
C2 NAG QB . -50.73 38.04 -23.93
C3 NAG QB . -50.28 39.35 -23.28
C4 NAG QB . -48.84 39.23 -22.80
C5 NAG QB . -47.93 38.77 -23.95
C6 NAG QB . -46.51 38.52 -23.51
C7 NAG QB . -53.02 37.22 -24.29
C8 NAG QB . -54.36 37.52 -24.89
N2 NAG QB . -52.09 38.16 -24.44
O3 NAG QB . -51.13 39.65 -22.18
O4 NAG QB . -48.38 40.49 -22.33
O5 NAG QB . -48.43 37.54 -24.50
O6 NAG QB . -46.30 38.93 -22.17
O7 NAG QB . -52.79 36.17 -23.70
C1 NAG RB . 7.25 -49.68 -21.65
C2 NAG RB . 6.18 -50.19 -20.70
C3 NAG RB . 6.45 -51.65 -20.33
C4 NAG RB . 6.59 -52.50 -21.59
C5 NAG RB . 7.63 -51.89 -22.53
C6 NAG RB . 7.72 -52.60 -23.85
C7 NAG RB . 5.03 -49.27 -18.74
C8 NAG RB . 5.14 -48.38 -17.54
N2 NAG RB . 6.12 -49.36 -19.49
O3 NAG RB . 5.39 -52.14 -19.52
O4 NAG RB . 6.97 -53.81 -21.24
O5 NAG RB . 7.30 -50.52 -22.81
O6 NAG RB . 6.66 -52.19 -24.72
O7 NAG RB . 3.99 -49.88 -19.00
C1 NAG SB . 42.12 13.37 -1.58
C2 NAG SB . 43.42 14.12 -1.83
C3 NAG SB . 43.54 14.50 -3.31
C4 NAG SB . 43.39 13.26 -4.18
C5 NAG SB . 42.08 12.53 -3.84
C6 NAG SB . 41.92 11.23 -4.58
C7 NAG SB . 42.59 16.27 -0.98
C8 NAG SB . 42.86 17.41 -0.05
N2 NAG SB . 43.52 15.30 -1.00
O3 NAG SB . 44.81 15.10 -3.54
O4 NAG SB . 43.36 13.63 -5.55
O5 NAG SB . 42.06 12.21 -2.43
O6 NAG SB . 40.71 11.19 -5.31
O7 NAG SB . 41.59 16.23 -1.69
C1 NAG TB . 23.23 -19.89 -35.42
C2 NAG TB . 22.04 -20.20 -36.32
C3 NAG TB . 22.50 -20.30 -37.77
C4 NAG TB . 23.26 -19.04 -38.18
C5 NAG TB . 24.39 -18.77 -37.20
C6 NAG TB . 25.10 -17.47 -37.46
C7 NAG TB . 20.07 -21.51 -35.66
C8 NAG TB . 19.57 -22.86 -35.25
N2 NAG TB . 21.38 -21.43 -35.91
O3 NAG TB . 21.36 -20.47 -38.62
O4 NAG TB . 23.79 -19.19 -39.49
O5 NAG TB . 23.87 -18.69 -35.87
O6 NAG TB . 24.86 -16.53 -36.42
O7 NAG TB . 19.33 -20.54 -35.75
C1 NAG UB . 47.13 -25.14 -14.63
C2 NAG UB . 48.50 -24.48 -14.74
C3 NAG UB . 49.11 -24.77 -16.10
C4 NAG UB . 49.13 -26.28 -16.36
C5 NAG UB . 47.74 -26.88 -16.15
C6 NAG UB . 47.72 -28.38 -16.24
C7 NAG UB . 48.51 -22.48 -13.31
C8 NAG UB . 48.39 -20.98 -13.28
N2 NAG UB . 48.40 -23.05 -14.52
O3 NAG UB . 50.43 -24.25 -16.16
O4 NAG UB . 49.54 -26.53 -17.69
O5 NAG UB . 47.25 -26.54 -14.84
O6 NAG UB . 46.84 -28.95 -15.28
O7 NAG UB . 48.69 -23.14 -12.30
C1 NAG VB . 38.36 -35.36 -30.77
C2 NAG VB . 38.13 -36.48 -31.77
C3 NAG VB . 37.21 -37.54 -31.17
C4 NAG VB . 37.76 -38.02 -29.83
C5 NAG VB . 38.02 -36.83 -28.91
C6 NAG VB . 38.67 -37.22 -27.61
C7 NAG VB . 38.32 -35.69 -34.09
C8 NAG VB . 37.58 -35.17 -35.28
N2 NAG VB . 37.57 -35.97 -33.01
O3 NAG VB . 37.10 -38.63 -32.07
O4 NAG VB . 36.83 -38.90 -29.21
O5 NAG VB . 38.89 -35.89 -29.55
O6 NAG VB . 40.08 -37.01 -27.66
O7 NAG VB . 39.54 -35.85 -34.10
C1 NAG WB . 44.93 4.34 13.25
C2 NAG WB . 46.40 4.10 13.62
C3 NAG WB . 46.73 4.81 14.92
C4 NAG WB . 46.34 6.28 14.83
C5 NAG WB . 44.89 6.42 14.40
C6 NAG WB . 44.46 7.86 14.18
C7 NAG WB . 47.92 2.18 13.45
C8 NAG WB . 48.06 0.69 13.59
N2 NAG WB . 46.70 2.68 13.71
O3 NAG WB . 48.13 4.70 15.19
O4 NAG WB . 46.51 6.90 16.11
O5 NAG WB . 44.68 5.73 13.15
O6 NAG WB . 43.13 8.09 14.65
O7 NAG WB . 48.86 2.89 13.11
C1 NAG XB . 41.61 -21.41 -44.53
C2 NAG XB . 40.57 -21.18 -45.63
C3 NAG XB . 40.64 -22.30 -46.66
C4 NAG XB . 42.06 -22.44 -47.19
C5 NAG XB . 43.04 -22.63 -46.03
C6 NAG XB . 44.48 -22.66 -46.48
C7 NAG XB . 38.22 -20.47 -45.70
C8 NAG XB . 36.91 -20.47 -44.98
N2 NAG XB . 39.24 -21.09 -45.07
O3 NAG XB . 39.75 -22.01 -47.73
O4 NAG XB . 42.14 -23.58 -48.05
O5 NAG XB . 42.92 -21.53 -45.11
O6 NAG XB . 44.84 -21.46 -47.16
O7 NAG XB . 38.36 -19.94 -46.79
#